data_2KNE
#
_entry.id   2KNE
#
_cell.length_a   1.000
_cell.length_b   1.000
_cell.length_c   1.000
_cell.angle_alpha   90.00
_cell.angle_beta   90.00
_cell.angle_gamma   90.00
#
_symmetry.space_group_name_H-M   'P 1'
#
loop_
_entity.id
_entity.type
_entity.pdbx_description
1 polymer Calmodulin
2 polymer 'ATPase, Ca++ transporting, plasma membrane 4'
3 non-polymer 'CALCIUM ION'
#
loop_
_entity_poly.entity_id
_entity_poly.type
_entity_poly.pdbx_seq_one_letter_code
_entity_poly.pdbx_strand_id
1 'polypeptide(L)'
;ADQLTEEQIAEFKEAFSLFDKDGDGTITTKELGTVMRSLGQNPTEAELQDMINEVDADGNGTIDFPEFLTMMARKMKDTD
SEEEIREAFRVFDKDGNGYISAAELRHVMTNLGEKLTDEEVDEMIREADIDGDGQVNYEEFVQMMTAK
;
A
2 'polypeptide(L)' LRRGQILWFRGLNRIQTQIKVVKAFHSS B
#
loop_
_chem_comp.id
_chem_comp.type
_chem_comp.name
_chem_comp.formula
CA non-polymer 'CALCIUM ION' 'Ca 2'
#
# COMPACT_ATOMS: atom_id res chain seq x y z
N ALA A 1 3.22 -6.14 23.62
CA ALA A 1 4.64 -6.31 23.17
C ALA A 1 4.96 -7.79 23.05
N ASP A 2 4.54 -8.41 21.95
CA ASP A 2 4.78 -9.84 21.73
C ASP A 2 6.09 -10.05 20.97
N GLN A 3 6.80 -8.96 20.71
CA GLN A 3 8.08 -9.01 20.00
C GLN A 3 9.23 -8.88 20.99
N LEU A 4 9.88 -10.00 21.28
CA LEU A 4 11.02 -10.03 22.21
C LEU A 4 12.32 -10.39 21.47
N THR A 5 12.24 -10.92 20.26
CA THR A 5 13.47 -11.26 19.54
C THR A 5 14.07 -10.01 18.90
N GLU A 6 15.39 -9.86 19.00
CA GLU A 6 16.06 -8.69 18.42
C GLU A 6 15.66 -8.52 16.96
N GLU A 7 15.85 -9.61 16.22
CA GLU A 7 15.56 -9.66 14.78
C GLU A 7 14.37 -8.77 14.43
N GLN A 8 13.39 -8.70 15.32
CA GLN A 8 12.20 -7.88 15.09
C GLN A 8 12.57 -6.39 15.16
N ILE A 9 13.45 -5.93 16.04
CA ILE A 9 13.81 -4.52 15.97
C ILE A 9 14.35 -4.31 14.55
N ALA A 10 15.20 -5.22 14.12
CA ALA A 10 15.80 -5.08 12.79
C ALA A 10 14.73 -4.85 11.73
N GLU A 11 13.70 -5.68 11.72
CA GLU A 11 12.63 -5.57 10.75
C GLU A 11 11.90 -4.23 10.85
N PHE A 12 11.58 -3.86 12.08
CA PHE A 12 10.88 -2.60 12.34
C PHE A 12 11.68 -1.40 11.80
N LYS A 13 12.98 -1.41 12.01
CA LYS A 13 13.81 -0.30 11.53
C LYS A 13 13.50 0.01 10.07
N GLU A 14 13.66 -0.98 9.20
CA GLU A 14 13.42 -0.75 7.77
C GLU A 14 12.04 -0.12 7.58
N ALA A 15 11.05 -0.66 8.28
CA ALA A 15 9.68 -0.18 8.17
C ALA A 15 9.58 1.31 8.48
N PHE A 16 10.34 1.79 9.46
CA PHE A 16 10.27 3.19 9.84
C PHE A 16 10.58 4.15 8.69
N SER A 17 11.60 3.80 7.89
CA SER A 17 12.00 4.61 6.75
C SER A 17 10.90 4.66 5.68
N LEU A 18 9.93 3.76 5.79
CA LEU A 18 8.84 3.70 4.81
C LEU A 18 7.98 4.96 4.83
N PHE A 19 7.65 5.47 6.04
CA PHE A 19 6.79 6.67 6.15
C PHE A 19 7.59 7.91 6.54
N ASP A 20 8.81 7.71 7.01
CA ASP A 20 9.65 8.84 7.40
C ASP A 20 10.19 9.54 6.16
N LYS A 21 9.49 10.58 5.74
CA LYS A 21 9.90 11.35 4.56
C LYS A 21 11.20 12.12 4.79
N ASP A 22 11.31 12.84 5.91
CA ASP A 22 12.51 13.65 6.19
C ASP A 22 13.44 12.98 7.21
N GLY A 23 13.23 11.70 7.46
CA GLY A 23 14.07 10.97 8.41
C GLY A 23 14.49 11.84 9.60
N ASP A 24 13.53 12.57 10.17
CA ASP A 24 13.79 13.45 11.32
C ASP A 24 13.74 12.68 12.63
N GLY A 25 13.38 11.40 12.54
CA GLY A 25 13.29 10.55 13.73
C GLY A 25 11.90 10.61 14.36
N THR A 26 11.01 11.42 13.78
CA THR A 26 9.64 11.56 14.29
C THR A 26 8.66 11.57 13.13
N ILE A 27 7.45 11.12 13.41
CA ILE A 27 6.39 11.14 12.40
C ILE A 27 5.60 12.43 12.52
N THR A 28 5.52 13.18 11.42
CA THR A 28 4.83 14.48 11.41
C THR A 28 3.59 14.47 10.54
N THR A 29 2.78 15.50 10.74
CA THR A 29 1.52 15.65 10.03
C THR A 29 1.73 15.69 8.51
N LYS A 30 2.82 16.31 8.10
CA LYS A 30 3.12 16.44 6.67
C LYS A 30 3.26 15.08 6.00
N GLU A 31 4.24 14.30 6.45
CA GLU A 31 4.48 12.97 5.88
C GLU A 31 3.29 12.04 6.08
N LEU A 32 2.53 12.21 7.15
CA LEU A 32 1.38 11.33 7.37
C LEU A 32 0.40 11.48 6.18
N GLY A 33 0.00 12.72 5.98
CA GLY A 33 -0.98 13.08 4.95
C GLY A 33 -0.49 12.71 3.54
N THR A 34 0.78 12.85 3.24
CA THR A 34 1.25 12.46 1.91
C THR A 34 0.94 10.98 1.69
N VAL A 35 1.36 10.10 2.59
CA VAL A 35 1.13 8.67 2.38
C VAL A 35 -0.36 8.37 2.17
N MET A 36 -1.27 8.89 2.99
CA MET A 36 -2.68 8.60 2.83
C MET A 36 -3.12 9.06 1.43
N ARG A 37 -2.62 10.21 1.00
CA ARG A 37 -2.97 10.75 -0.31
C ARG A 37 -2.76 9.68 -1.39
N SER A 38 -1.68 8.91 -1.22
CA SER A 38 -1.33 7.83 -2.14
C SER A 38 -2.42 6.75 -2.13
N LEU A 39 -3.20 6.73 -1.06
CA LEU A 39 -4.28 5.75 -0.95
C LEU A 39 -5.42 6.14 -1.88
N GLY A 40 -5.27 7.28 -2.57
CA GLY A 40 -6.29 7.71 -3.52
C GLY A 40 -7.38 8.52 -2.86
N GLN A 41 -7.16 8.97 -1.62
CA GLN A 41 -8.16 9.77 -0.91
C GLN A 41 -7.69 11.22 -0.84
N ASN A 42 -8.64 12.14 -0.64
CA ASN A 42 -8.33 13.57 -0.54
C ASN A 42 -8.65 14.09 0.86
N PRO A 43 -7.96 13.61 1.87
CA PRO A 43 -8.22 14.05 3.28
C PRO A 43 -7.96 15.55 3.48
N THR A 44 -8.78 16.17 4.31
CA THR A 44 -8.65 17.60 4.58
C THR A 44 -7.55 17.83 5.61
N GLU A 45 -7.14 19.08 5.75
CA GLU A 45 -6.08 19.43 6.69
C GLU A 45 -6.47 19.02 8.12
N ALA A 46 -7.70 19.29 8.49
CA ALA A 46 -8.18 18.96 9.84
C ALA A 46 -7.99 17.47 10.15
N GLU A 47 -7.92 16.63 9.12
CA GLU A 47 -7.74 15.20 9.34
C GLU A 47 -6.37 14.93 9.95
N LEU A 48 -5.36 15.67 9.49
CA LEU A 48 -4.00 15.49 9.99
C LEU A 48 -3.99 15.68 11.52
N GLN A 49 -4.74 16.69 11.97
CA GLN A 49 -4.80 17.03 13.39
C GLN A 49 -5.54 15.98 14.20
N ASP A 50 -6.78 15.71 13.81
CA ASP A 50 -7.60 14.75 14.53
C ASP A 50 -6.92 13.38 14.69
N MET A 51 -6.41 12.85 13.59
CA MET A 51 -5.77 11.53 13.62
C MET A 51 -4.49 11.49 14.47
N ILE A 52 -3.59 12.45 14.21
CA ILE A 52 -2.32 12.47 14.96
C ILE A 52 -2.61 12.61 16.46
N ASN A 53 -3.47 13.53 16.84
CA ASN A 53 -3.78 13.76 18.26
C ASN A 53 -4.27 12.48 18.96
N GLU A 54 -5.01 11.65 18.26
CA GLU A 54 -5.54 10.42 18.86
C GLU A 54 -4.41 9.44 19.22
N VAL A 55 -3.41 9.31 18.37
CA VAL A 55 -2.31 8.38 18.64
C VAL A 55 -1.23 9.02 19.50
N ASP A 56 -1.19 10.35 19.53
CA ASP A 56 -0.13 11.07 20.23
C ASP A 56 -0.28 11.17 21.74
N ALA A 57 0.22 10.11 22.38
CA ALA A 57 0.09 9.95 23.83
C ALA A 57 0.77 11.03 24.64
N ASP A 58 1.93 11.49 24.20
CA ASP A 58 2.67 12.51 24.93
C ASP A 58 2.23 13.93 24.58
N GLY A 59 1.29 14.09 23.63
CA GLY A 59 0.80 15.41 23.26
C GLY A 59 1.90 16.31 22.69
N ASN A 60 2.97 15.71 22.16
CA ASN A 60 4.07 16.49 21.56
C ASN A 60 3.78 16.79 20.10
N GLY A 61 2.63 16.39 19.58
CA GLY A 61 2.25 16.72 18.21
C GLY A 61 2.82 15.79 17.15
N THR A 62 3.55 14.78 17.59
CA THR A 62 4.16 13.81 16.68
C THR A 62 4.19 12.44 17.33
N ILE A 63 4.44 11.40 16.53
CA ILE A 63 4.46 10.03 17.06
C ILE A 63 5.90 9.51 17.07
N ASP A 64 6.35 9.03 18.24
CA ASP A 64 7.71 8.51 18.41
C ASP A 64 7.69 6.97 18.44
N PHE A 65 8.86 6.38 18.66
CA PHE A 65 8.98 4.92 18.65
C PHE A 65 8.06 4.23 19.67
N PRO A 66 8.16 4.51 20.95
CA PRO A 66 7.27 3.85 21.96
C PRO A 66 5.81 3.87 21.51
N GLU A 67 5.33 5.04 21.11
CA GLU A 67 3.95 5.17 20.64
C GLU A 67 3.72 4.31 19.39
N PHE A 68 4.82 3.96 18.74
CA PHE A 68 4.76 3.11 17.55
C PHE A 68 4.46 1.68 17.93
N LEU A 69 5.29 1.08 18.76
CA LEU A 69 5.12 -0.32 19.13
C LEU A 69 3.76 -0.62 19.77
N THR A 70 3.31 0.22 20.69
CA THR A 70 2.00 -0.03 21.31
C THR A 70 0.98 -0.41 20.22
N MET A 71 0.90 0.37 19.15
CA MET A 71 -0.07 0.10 18.09
C MET A 71 0.25 -1.20 17.34
N MET A 72 1.52 -1.38 17.01
CA MET A 72 1.94 -2.57 16.25
C MET A 72 1.57 -3.88 16.97
N ALA A 73 1.72 -3.89 18.28
CA ALA A 73 1.42 -5.08 19.07
C ALA A 73 -0.07 -5.39 19.07
N ARG A 74 -0.91 -4.35 19.05
CA ARG A 74 -2.37 -4.55 19.05
C ARG A 74 -2.94 -4.53 17.64
N LYS A 75 -2.11 -4.17 16.66
CA LYS A 75 -2.57 -4.11 15.26
C LYS A 75 -2.44 -5.48 14.61
N MET A 76 -3.20 -6.45 15.12
CA MET A 76 -3.16 -7.82 14.58
C MET A 76 -4.45 -8.11 13.81
N LYS A 77 -5.16 -7.06 13.46
CA LYS A 77 -6.44 -7.19 12.76
C LYS A 77 -6.31 -8.14 11.58
N ASP A 78 -7.30 -9.03 11.47
CA ASP A 78 -7.31 -10.02 10.39
C ASP A 78 -8.04 -9.46 9.17
N THR A 79 -7.27 -9.18 8.12
CA THR A 79 -7.84 -8.71 6.85
C THR A 79 -8.03 -9.95 5.97
N ASP A 80 -9.30 -10.17 5.61
CA ASP A 80 -9.64 -11.25 4.67
C ASP A 80 -9.03 -10.83 3.32
N SER A 81 -8.03 -11.60 2.87
CA SER A 81 -7.35 -11.33 1.58
C SER A 81 -8.34 -10.86 0.52
N GLU A 82 -9.63 -11.13 0.72
CA GLU A 82 -10.66 -10.76 -0.26
C GLU A 82 -10.92 -9.25 -0.26
N GLU A 83 -10.75 -8.62 0.89
CA GLU A 83 -11.00 -7.18 1.01
C GLU A 83 -10.28 -6.38 -0.07
N GLU A 84 -9.04 -6.77 -0.41
CA GLU A 84 -8.26 -6.05 -1.43
C GLU A 84 -8.50 -6.59 -2.84
N ILE A 85 -9.17 -7.73 -2.92
CA ILE A 85 -9.44 -8.34 -4.23
C ILE A 85 -10.31 -7.42 -5.09
N ARG A 86 -11.59 -7.35 -4.77
CA ARG A 86 -12.53 -6.53 -5.54
C ARG A 86 -12.17 -5.05 -5.52
N GLU A 87 -11.76 -4.56 -4.36
CA GLU A 87 -11.41 -3.15 -4.21
C GLU A 87 -10.24 -2.76 -5.09
N ALA A 88 -9.25 -3.63 -5.17
CA ALA A 88 -8.07 -3.36 -6.01
C ALA A 88 -8.45 -3.22 -7.47
N PHE A 89 -9.60 -3.76 -7.84
CA PHE A 89 -10.08 -3.68 -9.21
C PHE A 89 -10.57 -2.26 -9.53
N ARG A 90 -11.41 -1.73 -8.65
CA ARG A 90 -11.99 -0.39 -8.85
C ARG A 90 -10.92 0.67 -9.07
N VAL A 91 -9.82 0.59 -8.32
CA VAL A 91 -8.75 1.56 -8.47
C VAL A 91 -8.12 1.42 -9.85
N PHE A 92 -7.87 0.20 -10.28
CA PHE A 92 -7.24 -0.03 -11.58
C PHE A 92 -8.18 0.34 -12.72
N ASP A 93 -9.45 0.04 -12.55
CA ASP A 93 -10.44 0.44 -13.56
C ASP A 93 -10.88 1.87 -13.24
N LYS A 94 -10.07 2.84 -13.66
CA LYS A 94 -10.32 4.25 -13.36
C LYS A 94 -11.66 4.77 -13.87
N ASP A 95 -11.99 4.50 -15.15
CA ASP A 95 -13.26 4.98 -15.71
C ASP A 95 -14.36 3.94 -15.55
N GLY A 96 -14.05 2.86 -14.85
CA GLY A 96 -15.04 1.81 -14.64
C GLY A 96 -15.67 1.38 -15.97
N ASN A 97 -14.83 1.12 -16.96
CA ASN A 97 -15.29 0.71 -18.29
C ASN A 97 -15.39 -0.81 -18.37
N GLY A 98 -15.17 -1.49 -17.24
CA GLY A 98 -15.24 -2.93 -17.20
C GLY A 98 -13.92 -3.59 -17.58
N TYR A 99 -12.90 -2.76 -17.84
CA TYR A 99 -11.58 -3.28 -18.23
C TYR A 99 -10.45 -2.45 -17.64
N ILE A 100 -9.29 -3.08 -17.52
CA ILE A 100 -8.11 -2.39 -17.01
C ILE A 100 -7.32 -1.87 -18.22
N SER A 101 -7.22 -0.55 -18.34
CA SER A 101 -6.52 0.05 -19.47
C SER A 101 -5.03 0.25 -19.21
N ALA A 102 -4.19 0.23 -20.23
CA ALA A 102 -2.76 0.40 -20.03
C ALA A 102 -2.47 1.71 -19.32
N ALA A 103 -3.08 2.79 -19.76
CA ALA A 103 -2.85 4.10 -19.15
C ALA A 103 -3.10 4.04 -17.64
N GLU A 104 -4.15 3.32 -17.26
CA GLU A 104 -4.49 3.15 -15.84
C GLU A 104 -3.38 2.38 -15.13
N LEU A 105 -2.84 1.34 -15.74
CA LEU A 105 -1.77 0.55 -15.12
C LEU A 105 -0.52 1.41 -14.88
N ARG A 106 -0.16 2.19 -15.89
CA ARG A 106 1.03 3.04 -15.79
C ARG A 106 1.12 3.75 -14.44
N HIS A 107 -0.01 4.30 -13.98
CA HIS A 107 -0.05 5.01 -12.70
C HIS A 107 0.29 4.07 -11.55
N VAL A 108 -0.04 2.80 -11.68
CA VAL A 108 0.22 1.85 -10.59
C VAL A 108 1.70 1.84 -10.23
N MET A 109 2.58 1.88 -11.22
CA MET A 109 4.02 1.82 -10.98
C MET A 109 4.45 2.85 -9.93
N THR A 110 3.92 4.05 -10.12
CA THR A 110 4.26 5.18 -9.27
C THR A 110 3.96 4.86 -7.81
N ASN A 111 2.84 4.21 -7.58
CA ASN A 111 2.46 3.84 -6.22
C ASN A 111 3.43 2.80 -5.66
N LEU A 112 3.82 1.82 -6.47
CA LEU A 112 4.71 0.76 -5.99
C LEU A 112 6.18 1.21 -5.98
N GLY A 113 6.49 2.30 -6.69
CA GLY A 113 7.86 2.79 -6.75
C GLY A 113 8.69 1.91 -7.68
N GLU A 114 8.14 1.29 -8.71
CA GLU A 114 8.97 0.41 -9.56
C GLU A 114 9.66 1.24 -10.65
N LYS A 115 9.11 2.39 -10.97
CA LYS A 115 9.72 3.22 -12.01
C LYS A 115 10.11 2.36 -13.23
N LEU A 116 9.09 1.74 -13.79
CA LEU A 116 9.22 0.86 -14.97
C LEU A 116 9.32 1.66 -16.28
N THR A 117 10.09 1.11 -17.23
CA THR A 117 10.26 1.74 -18.55
C THR A 117 9.07 1.37 -19.44
N ASP A 118 9.06 1.97 -20.63
CA ASP A 118 8.01 1.67 -21.61
C ASP A 118 8.05 0.16 -21.87
N GLU A 119 9.27 -0.37 -22.04
CA GLU A 119 9.45 -1.78 -22.35
C GLU A 119 8.81 -2.70 -21.31
N GLU A 120 9.06 -2.41 -20.05
CA GLU A 120 8.51 -3.25 -18.99
C GLU A 120 6.99 -3.04 -18.85
N VAL A 121 6.52 -1.86 -19.20
CA VAL A 121 5.08 -1.57 -19.11
C VAL A 121 4.34 -2.49 -20.09
N ASP A 122 4.92 -2.62 -21.28
CA ASP A 122 4.35 -3.46 -22.32
C ASP A 122 4.55 -4.93 -21.97
N GLU A 123 5.68 -5.24 -21.36
CA GLU A 123 6.00 -6.62 -21.02
C GLU A 123 4.97 -7.28 -20.11
N MET A 124 4.66 -6.59 -19.00
CA MET A 124 3.70 -7.09 -18.02
C MET A 124 2.37 -7.36 -18.72
N ILE A 125 1.96 -6.43 -19.57
CA ILE A 125 0.68 -6.55 -20.26
C ILE A 125 0.64 -7.84 -21.09
N ARG A 126 1.72 -8.14 -21.79
CA ARG A 126 1.78 -9.34 -22.60
C ARG A 126 1.56 -10.60 -21.75
N GLU A 127 2.13 -10.60 -20.56
CA GLU A 127 2.02 -11.76 -19.66
C GLU A 127 0.56 -12.11 -19.37
N ALA A 128 -0.28 -11.10 -19.16
CA ALA A 128 -1.70 -11.35 -18.83
C ALA A 128 -2.58 -11.39 -20.09
N ASP A 129 -2.08 -10.81 -21.16
CA ASP A 129 -2.85 -10.72 -22.41
C ASP A 129 -2.95 -12.07 -23.12
N ILE A 130 -3.97 -12.82 -22.74
CA ILE A 130 -4.16 -14.16 -23.29
C ILE A 130 -4.60 -14.15 -24.76
N ASP A 131 -5.03 -12.94 -25.16
CA ASP A 131 -5.49 -12.64 -26.52
C ASP A 131 -5.03 -11.23 -26.89
N GLY A 132 -4.70 -11.03 -28.16
CA GLY A 132 -4.22 -9.73 -28.64
C GLY A 132 -5.31 -8.67 -28.71
N ASP A 133 -6.03 -8.48 -27.61
CA ASP A 133 -7.09 -7.45 -27.58
C ASP A 133 -6.52 -6.13 -27.08
N GLY A 134 -5.28 -6.15 -26.62
CA GLY A 134 -4.61 -4.92 -26.19
C GLY A 134 -5.07 -4.38 -24.84
N GLN A 135 -6.00 -5.09 -24.18
CA GLN A 135 -6.50 -4.65 -22.87
C GLN A 135 -6.56 -5.82 -21.91
N VAL A 136 -6.47 -5.53 -20.61
CA VAL A 136 -6.50 -6.61 -19.61
C VAL A 136 -7.90 -6.72 -19.00
N ASN A 137 -8.53 -7.88 -19.18
CA ASN A 137 -9.87 -8.10 -18.64
C ASN A 137 -9.82 -8.54 -17.19
N TYR A 138 -11.00 -8.66 -16.57
CA TYR A 138 -11.09 -9.09 -15.17
C TYR A 138 -10.50 -10.49 -15.01
N GLU A 139 -10.79 -11.37 -15.97
CA GLU A 139 -10.29 -12.73 -15.90
C GLU A 139 -8.76 -12.75 -15.91
N GLU A 140 -8.16 -11.96 -16.79
CA GLU A 140 -6.71 -11.91 -16.88
C GLU A 140 -6.12 -11.34 -15.59
N PHE A 141 -6.82 -10.38 -14.99
CA PHE A 141 -6.37 -9.75 -13.76
C PHE A 141 -6.25 -10.79 -12.64
N VAL A 142 -7.26 -11.64 -12.54
CA VAL A 142 -7.27 -12.68 -11.51
C VAL A 142 -6.14 -13.70 -11.73
N GLN A 143 -6.00 -14.15 -12.96
CA GLN A 143 -4.96 -15.13 -13.28
C GLN A 143 -3.62 -14.65 -12.72
N MET A 144 -3.35 -13.35 -12.85
CA MET A 144 -2.08 -12.79 -12.40
C MET A 144 -1.97 -12.65 -10.88
N MET A 145 -3.07 -12.28 -10.24
CA MET A 145 -3.14 -12.13 -8.79
C MET A 145 -3.34 -13.49 -8.09
N THR A 146 -3.32 -14.57 -8.88
CA THR A 146 -3.51 -15.91 -8.32
C THR A 146 -2.23 -16.43 -7.65
N ALA A 147 -1.46 -15.54 -7.02
CA ALA A 147 -0.22 -15.95 -6.36
C ALA A 147 -0.43 -17.20 -5.51
N LYS A 148 -0.63 -17.02 -4.20
CA LYS A 148 -0.83 -18.13 -3.30
C LYS A 148 -2.30 -18.58 -3.33
N LEU B 1 6.74 -14.40 -19.82
CA LEU B 1 7.74 -14.81 -18.80
C LEU B 1 7.12 -15.83 -17.85
N ARG B 2 7.89 -16.85 -17.50
CA ARG B 2 7.40 -17.89 -16.59
C ARG B 2 7.42 -17.39 -15.15
N ARG B 3 6.44 -17.84 -14.36
CA ARG B 3 6.35 -17.44 -12.96
C ARG B 3 6.16 -15.92 -12.89
N GLY B 4 5.34 -15.37 -13.77
CA GLY B 4 5.09 -13.92 -13.76
C GLY B 4 4.41 -13.49 -12.47
N GLN B 5 4.23 -14.44 -11.57
CA GLN B 5 3.55 -14.18 -10.29
C GLN B 5 4.31 -13.16 -9.46
N ILE B 6 5.62 -13.29 -9.37
CA ILE B 6 6.43 -12.39 -8.55
C ILE B 6 6.19 -10.93 -8.91
N LEU B 7 6.38 -10.60 -10.18
CA LEU B 7 6.24 -9.20 -10.60
C LEU B 7 4.86 -8.63 -10.24
N TRP B 8 3.81 -9.31 -10.67
CA TRP B 8 2.45 -8.83 -10.40
C TRP B 8 2.16 -8.74 -8.90
N PHE B 9 2.29 -9.89 -8.25
CA PHE B 9 1.93 -10.05 -6.84
C PHE B 9 2.66 -9.12 -5.88
N ARG B 10 3.98 -8.99 -6.06
CA ARG B 10 4.79 -8.17 -5.18
C ARG B 10 4.09 -6.88 -4.74
N GLY B 11 3.61 -6.13 -5.74
CA GLY B 11 2.91 -4.87 -5.49
C GLY B 11 1.63 -5.10 -4.69
N LEU B 12 0.89 -6.16 -4.98
CA LEU B 12 -0.35 -6.38 -4.24
C LEU B 12 -0.06 -6.43 -2.74
N ASN B 13 1.03 -7.12 -2.41
CA ASN B 13 1.41 -7.35 -1.03
C ASN B 13 1.58 -6.07 -0.22
N ARG B 14 2.24 -5.07 -0.83
CA ARG B 14 2.47 -3.78 -0.18
C ARG B 14 1.17 -3.03 0.11
N ILE B 15 0.20 -3.14 -0.79
CA ILE B 15 -1.05 -2.42 -0.59
C ILE B 15 -1.73 -2.91 0.70
N GLN B 16 -1.73 -4.20 0.96
CA GLN B 16 -2.33 -4.66 2.22
C GLN B 16 -1.70 -3.84 3.36
N THR B 17 -0.39 -3.67 3.37
CA THR B 17 0.26 -2.91 4.43
C THR B 17 -0.20 -1.45 4.44
N GLN B 18 -0.18 -0.81 3.27
CA GLN B 18 -0.51 0.61 3.15
C GLN B 18 -1.47 1.08 4.23
N ILE B 19 -2.61 0.39 4.25
CA ILE B 19 -3.73 0.61 5.15
C ILE B 19 -3.56 -0.13 6.49
N LYS B 20 -2.65 -1.09 6.61
CA LYS B 20 -2.47 -1.72 7.92
C LYS B 20 -2.04 -0.62 8.91
N VAL B 21 -1.12 0.24 8.52
CA VAL B 21 -0.63 1.27 9.44
C VAL B 21 -1.71 2.24 9.90
N VAL B 22 -2.46 2.75 8.93
CA VAL B 22 -3.52 3.73 9.21
C VAL B 22 -4.67 3.13 10.03
N LYS B 23 -5.02 1.87 9.80
CA LYS B 23 -6.14 1.27 10.55
C LYS B 23 -5.93 1.52 12.05
N ALA B 24 -4.68 1.41 12.46
CA ALA B 24 -4.37 1.61 13.87
C ALA B 24 -4.94 2.95 14.32
N PHE B 25 -4.75 3.99 13.51
CA PHE B 25 -5.24 5.33 13.85
C PHE B 25 -6.78 5.39 13.92
N HIS B 26 -7.46 4.87 12.92
CA HIS B 26 -8.92 4.94 12.91
C HIS B 26 -9.57 4.07 13.98
N SER B 27 -9.05 2.85 14.17
CA SER B 27 -9.64 1.93 15.14
C SER B 27 -11.01 1.51 14.60
N SER B 28 -11.18 0.90 13.42
CA SER B 28 -12.56 0.54 13.03
C SER B 28 -13.53 1.71 13.17
CA CA C . 9.78 11.38 9.63
CA CA D . 4.92 11.39 20.77
CA CA E . -10.56 1.31 -17.78
CA CA F . -6.86 -9.42 -22.93
N ALA A 1 7.64 -14.04 23.44
CA ALA A 1 6.46 -13.92 22.52
C ALA A 1 6.88 -13.22 21.24
N ASP A 2 5.90 -12.90 20.39
CA ASP A 2 6.19 -12.23 19.11
C ASP A 2 7.26 -11.18 19.32
N GLN A 3 6.90 -10.01 19.82
CA GLN A 3 7.87 -8.93 20.00
C GLN A 3 8.72 -9.17 21.24
N LEU A 4 10.05 -9.13 21.03
CA LEU A 4 11.02 -9.39 22.11
C LEU A 4 12.36 -9.87 21.52
N THR A 5 12.35 -10.61 20.41
CA THR A 5 13.61 -11.08 19.85
C THR A 5 14.33 -9.93 19.16
N GLU A 6 15.65 -9.86 19.33
CA GLU A 6 16.42 -8.80 18.72
C GLU A 6 16.06 -8.65 17.23
N GLU A 7 16.23 -9.79 16.53
CA GLU A 7 15.97 -9.89 15.09
C GLU A 7 14.80 -9.00 14.68
N GLN A 8 13.77 -8.92 15.54
CA GLN A 8 12.61 -8.09 15.25
C GLN A 8 12.97 -6.62 15.31
N ILE A 9 13.82 -6.16 16.20
CA ILE A 9 14.17 -4.74 16.14
C ILE A 9 14.74 -4.53 14.74
N ALA A 10 15.63 -5.41 14.31
CA ALA A 10 16.25 -5.25 12.99
C ALA A 10 15.18 -5.07 11.91
N GLU A 11 14.18 -5.94 11.88
CA GLU A 11 13.12 -5.87 10.88
C GLU A 11 12.32 -4.56 10.97
N PHE A 12 11.93 -4.21 12.18
CA PHE A 12 11.17 -3.00 12.43
C PHE A 12 11.94 -1.75 11.98
N LYS A 13 13.24 -1.71 12.23
CA LYS A 13 14.03 -0.56 11.82
C LYS A 13 13.78 -0.25 10.34
N GLU A 14 14.01 -1.23 9.46
CA GLU A 14 13.82 -0.99 8.04
C GLU A 14 12.44 -0.38 7.80
N ALA A 15 11.43 -0.94 8.45
CA ALA A 15 10.06 -0.46 8.29
C ALA A 15 9.93 1.03 8.58
N PHE A 16 10.65 1.53 9.58
CA PHE A 16 10.55 2.94 9.95
C PHE A 16 10.90 3.89 8.78
N SER A 17 11.93 3.52 8.01
CA SER A 17 12.36 4.32 6.86
C SER A 17 11.29 4.37 5.76
N LEU A 18 10.31 3.47 5.84
CA LEU A 18 9.25 3.41 4.83
C LEU A 18 8.39 4.67 4.83
N PHE A 19 8.05 5.19 6.02
CA PHE A 19 7.19 6.39 6.10
C PHE A 19 8.00 7.64 6.50
N ASP A 20 9.20 7.44 6.98
CA ASP A 20 10.03 8.57 7.37
C ASP A 20 10.59 9.28 6.14
N LYS A 21 9.87 10.32 5.70
CA LYS A 21 10.28 11.08 4.52
C LYS A 21 11.59 11.86 4.77
N ASP A 22 11.65 12.63 5.85
CA ASP A 22 12.84 13.44 6.17
C ASP A 22 13.72 12.81 7.24
N GLY A 23 13.51 11.52 7.51
CA GLY A 23 14.31 10.84 8.53
C GLY A 23 14.62 11.74 9.72
N ASP A 24 13.60 12.35 10.30
CA ASP A 24 13.77 13.25 11.45
C ASP A 24 13.70 12.47 12.77
N GLY A 25 13.39 11.18 12.67
CA GLY A 25 13.30 10.31 13.86
C GLY A 25 11.88 10.29 14.42
N THR A 26 10.98 11.04 13.78
CA THR A 26 9.57 11.09 14.22
C THR A 26 8.64 11.12 13.01
N ILE A 27 7.39 10.71 13.24
CA ILE A 27 6.38 10.76 12.18
C ILE A 27 5.66 12.10 12.24
N THR A 28 5.68 12.82 11.12
CA THR A 28 5.07 14.17 11.03
C THR A 28 3.83 14.18 10.16
N THR A 29 3.03 15.22 10.34
CA THR A 29 1.78 15.39 9.61
C THR A 29 2.00 15.46 8.11
N LYS A 30 3.08 16.13 7.71
CA LYS A 30 3.38 16.30 6.28
C LYS A 30 3.58 14.96 5.58
N GLU A 31 4.55 14.19 6.05
CA GLU A 31 4.84 12.88 5.47
C GLU A 31 3.65 11.92 5.63
N LEU A 32 2.83 12.08 6.66
CA LEU A 32 1.69 11.18 6.80
C LEU A 32 0.78 11.32 5.59
N GLY A 33 0.37 12.57 5.35
CA GLY A 33 -0.54 12.93 4.26
C GLY A 33 0.02 12.53 2.89
N THR A 34 1.32 12.69 2.66
CA THR A 34 1.85 12.30 1.34
C THR A 34 1.53 10.81 1.12
N VAL A 35 1.94 9.93 2.02
CA VAL A 35 1.70 8.50 1.80
C VAL A 35 0.22 8.21 1.54
N MET A 36 -0.70 8.75 2.32
CA MET A 36 -2.12 8.48 2.07
C MET A 36 -2.49 8.93 0.65
N ARG A 37 -1.95 10.06 0.22
CA ARG A 37 -2.24 10.56 -1.13
C ARG A 37 -2.01 9.47 -2.18
N SER A 38 -1.01 8.61 -1.91
CA SER A 38 -0.65 7.51 -2.81
C SER A 38 -1.80 6.49 -2.91
N LEU A 39 -2.69 6.52 -1.91
CA LEU A 39 -3.82 5.59 -1.92
C LEU A 39 -4.87 6.05 -2.92
N GLY A 40 -4.58 7.13 -3.65
CA GLY A 40 -5.52 7.62 -4.66
C GLY A 40 -6.61 8.49 -4.06
N GLN A 41 -6.32 9.16 -2.95
CA GLN A 41 -7.32 10.02 -2.30
C GLN A 41 -6.69 11.37 -1.97
N ASN A 42 -7.52 12.34 -1.57
CA ASN A 42 -7.03 13.67 -1.22
C ASN A 42 -7.60 14.12 0.13
N PRO A 43 -7.04 13.63 1.20
CA PRO A 43 -7.49 13.98 2.58
C PRO A 43 -7.36 15.46 2.86
N THR A 44 -8.28 15.99 3.66
CA THR A 44 -8.25 17.41 4.01
C THR A 44 -7.18 17.69 5.07
N GLU A 45 -6.82 18.95 5.22
CA GLU A 45 -5.81 19.33 6.19
C GLU A 45 -6.22 18.92 7.59
N ALA A 46 -7.48 19.18 7.94
CA ALA A 46 -7.99 18.85 9.27
C ALA A 46 -7.80 17.36 9.60
N GLU A 47 -7.70 16.53 8.56
CA GLU A 47 -7.52 15.09 8.78
C GLU A 47 -6.16 14.83 9.44
N LEU A 48 -5.14 15.56 8.99
CA LEU A 48 -3.79 15.40 9.53
C LEU A 48 -3.81 15.61 11.06
N GLN A 49 -4.57 16.62 11.47
CA GLN A 49 -4.65 16.99 12.89
C GLN A 49 -5.43 15.96 13.70
N ASP A 50 -6.67 15.73 13.29
CA ASP A 50 -7.55 14.79 13.99
C ASP A 50 -6.94 13.39 14.16
N MET A 51 -6.45 12.83 13.07
CA MET A 51 -5.88 11.48 13.11
C MET A 51 -4.62 11.41 14.00
N ILE A 52 -3.68 12.32 13.76
CA ILE A 52 -2.44 12.32 14.54
C ILE A 52 -2.77 12.45 16.03
N ASN A 53 -3.67 13.35 16.39
CA ASN A 53 -4.00 13.54 17.80
C ASN A 53 -4.46 12.25 18.48
N GLU A 54 -5.15 11.39 17.74
CA GLU A 54 -5.66 10.15 18.32
C GLU A 54 -4.53 9.20 18.71
N VAL A 55 -3.51 9.09 17.86
CA VAL A 55 -2.40 8.17 18.14
C VAL A 55 -1.34 8.83 19.02
N ASP A 56 -1.32 10.16 19.05
CA ASP A 56 -0.28 10.89 19.77
C ASP A 56 -0.47 10.99 21.28
N ALA A 57 -0.03 9.95 21.95
CA ALA A 57 -0.19 9.81 23.39
C ALA A 57 0.48 10.91 24.20
N ASP A 58 1.65 11.36 23.77
CA ASP A 58 2.36 12.40 24.52
C ASP A 58 1.90 13.81 24.16
N GLY A 59 0.98 13.94 23.20
CA GLY A 59 0.48 15.25 22.79
C GLY A 59 1.58 16.17 22.24
N ASN A 60 2.68 15.59 21.78
CA ASN A 60 3.78 16.38 21.22
C ASN A 60 3.54 16.66 19.74
N GLY A 61 2.41 16.25 19.18
CA GLY A 61 2.08 16.57 17.80
C GLY A 61 2.69 15.62 16.77
N THR A 62 3.39 14.60 17.26
CA THR A 62 4.03 13.63 16.38
C THR A 62 4.06 12.28 17.07
N ILE A 63 4.37 11.22 16.32
CA ILE A 63 4.42 9.86 16.89
C ILE A 63 5.87 9.38 16.97
N ASP A 64 6.28 8.93 18.16
CA ASP A 64 7.65 8.43 18.37
C ASP A 64 7.66 6.91 18.41
N PHE A 65 8.84 6.32 18.65
CA PHE A 65 8.97 4.87 18.65
C PHE A 65 8.05 4.18 19.68
N PRO A 66 7.98 4.64 20.89
CA PRO A 66 7.10 4.01 21.92
C PRO A 66 5.65 3.94 21.45
N GLU A 67 5.11 5.09 21.03
CA GLU A 67 3.74 5.16 20.52
C GLU A 67 3.57 4.30 19.28
N PHE A 68 4.69 3.97 18.66
CA PHE A 68 4.67 3.13 17.45
C PHE A 68 4.42 1.67 17.83
N LEU A 69 5.28 1.09 18.64
CA LEU A 69 5.17 -0.32 19.02
C LEU A 69 3.82 -0.66 19.64
N THR A 70 3.35 0.14 20.59
CA THR A 70 2.04 -0.14 21.20
C THR A 70 1.03 -0.44 20.09
N MET A 71 1.04 0.36 19.01
CA MET A 71 0.09 0.19 17.92
C MET A 71 0.26 -1.11 17.14
N MET A 72 1.50 -1.41 16.76
CA MET A 72 1.76 -2.60 15.96
C MET A 72 1.38 -3.89 16.69
N ALA A 73 1.67 -3.95 17.99
CA ALA A 73 1.38 -5.14 18.79
C ALA A 73 -0.12 -5.40 18.88
N ARG A 74 -0.91 -4.33 18.90
CA ARG A 74 -2.37 -4.46 18.99
C ARG A 74 -3.01 -4.50 17.60
N LYS A 75 -2.28 -3.99 16.60
CA LYS A 75 -2.80 -3.96 15.24
C LYS A 75 -2.65 -5.33 14.59
N MET A 76 -3.40 -6.31 15.09
CA MET A 76 -3.35 -7.67 14.56
C MET A 76 -4.61 -7.98 13.77
N LYS A 77 -5.35 -6.93 13.43
CA LYS A 77 -6.62 -7.09 12.71
C LYS A 77 -6.46 -8.02 11.51
N ASP A 78 -7.39 -8.95 11.40
CA ASP A 78 -7.37 -9.93 10.31
C ASP A 78 -8.14 -9.41 9.09
N THR A 79 -7.39 -9.06 8.05
CA THR A 79 -7.98 -8.60 6.79
C THR A 79 -8.10 -9.84 5.89
N ASP A 80 -9.35 -10.13 5.50
CA ASP A 80 -9.62 -11.20 4.54
C ASP A 80 -9.07 -10.73 3.19
N SER A 81 -8.02 -11.39 2.72
CA SER A 81 -7.40 -11.05 1.43
C SER A 81 -8.44 -10.64 0.39
N GLU A 82 -9.69 -11.04 0.61
CA GLU A 82 -10.77 -10.75 -0.35
C GLU A 82 -11.10 -9.25 -0.38
N GLU A 83 -11.04 -8.62 0.77
CA GLU A 83 -11.37 -7.20 0.87
C GLU A 83 -10.63 -6.40 -0.20
N GLU A 84 -9.39 -6.79 -0.52
CA GLU A 84 -8.58 -6.08 -1.52
C GLU A 84 -8.83 -6.62 -2.94
N ILE A 85 -9.41 -7.79 -3.02
CA ILE A 85 -9.67 -8.39 -4.33
C ILE A 85 -10.61 -7.51 -5.15
N ARG A 86 -11.90 -7.52 -4.80
CA ARG A 86 -12.89 -6.74 -5.53
C ARG A 86 -12.62 -5.23 -5.47
N GLU A 87 -12.22 -4.75 -4.30
CA GLU A 87 -11.96 -3.32 -4.13
C GLU A 87 -10.84 -2.82 -5.03
N ALA A 88 -9.78 -3.62 -5.15
CA ALA A 88 -8.64 -3.27 -5.99
C ALA A 88 -9.06 -3.12 -7.45
N PHE A 89 -10.22 -3.67 -7.78
CA PHE A 89 -10.71 -3.57 -9.14
C PHE A 89 -11.19 -2.15 -9.44
N ARG A 90 -12.04 -1.61 -8.57
CA ARG A 90 -12.59 -0.26 -8.76
C ARG A 90 -11.50 0.80 -8.94
N VAL A 91 -10.42 0.73 -8.15
CA VAL A 91 -9.34 1.71 -8.26
C VAL A 91 -8.67 1.58 -9.61
N PHE A 92 -8.40 0.36 -10.04
CA PHE A 92 -7.73 0.14 -11.31
C PHE A 92 -8.63 0.50 -12.48
N ASP A 93 -9.91 0.20 -12.35
CA ASP A 93 -10.88 0.58 -13.39
C ASP A 93 -11.34 2.01 -13.09
N LYS A 94 -10.52 2.97 -13.48
CA LYS A 94 -10.79 4.39 -13.20
C LYS A 94 -12.13 4.88 -13.75
N ASP A 95 -12.42 4.61 -15.03
CA ASP A 95 -13.66 5.07 -15.64
C ASP A 95 -14.77 4.02 -15.48
N GLY A 96 -14.48 2.96 -14.75
CA GLY A 96 -15.46 1.90 -14.55
C GLY A 96 -16.05 1.44 -15.88
N ASN A 97 -15.19 1.20 -16.86
CA ASN A 97 -15.61 0.75 -18.19
C ASN A 97 -15.67 -0.78 -18.26
N GLY A 98 -15.48 -1.43 -17.11
CA GLY A 98 -15.51 -2.88 -17.04
C GLY A 98 -14.16 -3.49 -17.41
N TYR A 99 -13.17 -2.65 -17.69
CA TYR A 99 -11.85 -3.14 -18.09
C TYR A 99 -10.73 -2.30 -17.47
N ILE A 100 -9.58 -2.94 -17.30
CA ILE A 100 -8.41 -2.25 -16.77
C ILE A 100 -7.59 -1.74 -17.95
N SER A 101 -7.47 -0.41 -18.06
CA SER A 101 -6.74 0.20 -19.18
C SER A 101 -5.27 0.39 -18.86
N ALA A 102 -4.39 0.33 -19.86
CA ALA A 102 -2.97 0.50 -19.60
C ALA A 102 -2.69 1.82 -18.89
N ALA A 103 -3.29 2.91 -19.39
CA ALA A 103 -3.07 4.22 -18.77
C ALA A 103 -3.38 4.18 -17.27
N GLU A 104 -4.44 3.46 -16.90
CA GLU A 104 -4.83 3.32 -15.50
C GLU A 104 -3.76 2.54 -14.73
N LEU A 105 -3.21 1.50 -15.32
CA LEU A 105 -2.18 0.71 -14.65
C LEU A 105 -0.93 1.56 -14.39
N ARG A 106 -0.50 2.30 -15.41
CA ARG A 106 0.70 3.14 -15.29
C ARG A 106 0.75 3.89 -13.96
N HIS A 107 -0.38 4.47 -13.55
CA HIS A 107 -0.43 5.22 -12.29
C HIS A 107 -0.19 4.29 -11.10
N VAL A 108 -0.55 3.02 -11.24
CA VAL A 108 -0.39 2.08 -10.14
C VAL A 108 1.07 2.01 -9.68
N MET A 109 2.00 1.98 -10.64
CA MET A 109 3.42 1.84 -10.32
C MET A 109 3.87 2.87 -9.28
N THR A 110 3.45 4.11 -9.54
CA THR A 110 3.83 5.25 -8.71
C THR A 110 3.48 4.98 -7.25
N ASN A 111 2.36 4.29 -7.02
CA ASN A 111 1.96 3.99 -5.66
C ASN A 111 2.94 2.99 -5.02
N LEU A 112 3.39 2.00 -5.80
CA LEU A 112 4.30 0.98 -5.27
C LEU A 112 5.75 1.48 -5.23
N GLY A 113 6.01 2.59 -5.91
CA GLY A 113 7.37 3.13 -5.95
C GLY A 113 8.25 2.29 -6.88
N GLU A 114 7.72 1.67 -7.93
CA GLU A 114 8.59 0.85 -8.79
C GLU A 114 9.23 1.70 -9.89
N LYS A 115 8.59 2.81 -10.23
CA LYS A 115 9.13 3.67 -11.30
C LYS A 115 9.57 2.80 -12.50
N LEU A 116 8.56 2.17 -13.09
CA LEU A 116 8.76 1.30 -14.27
C LEU A 116 8.87 2.08 -15.57
N THR A 117 9.65 1.55 -16.51
CA THR A 117 9.84 2.17 -17.82
C THR A 117 8.67 1.80 -18.73
N ASP A 118 8.68 2.40 -19.93
CA ASP A 118 7.65 2.08 -20.92
C ASP A 118 7.71 0.58 -21.18
N GLU A 119 8.92 0.06 -21.36
CA GLU A 119 9.12 -1.37 -21.68
C GLU A 119 8.48 -2.29 -20.65
N GLU A 120 8.73 -2.03 -19.38
CA GLU A 120 8.19 -2.87 -18.32
C GLU A 120 6.69 -2.69 -18.15
N VAL A 121 6.20 -1.50 -18.44
CA VAL A 121 4.77 -1.23 -18.33
C VAL A 121 4.01 -2.08 -19.35
N ASP A 122 4.57 -2.13 -20.55
CA ASP A 122 3.99 -2.91 -21.64
C ASP A 122 4.15 -4.40 -21.35
N GLU A 123 5.26 -4.74 -20.72
CA GLU A 123 5.57 -6.14 -20.44
C GLU A 123 4.51 -6.82 -19.55
N MET A 124 4.19 -6.12 -18.46
CA MET A 124 3.19 -6.61 -17.51
C MET A 124 1.89 -6.95 -18.24
N ILE A 125 1.45 -6.05 -19.10
CA ILE A 125 0.21 -6.25 -19.85
C ILE A 125 0.27 -7.54 -20.66
N ARG A 126 1.39 -7.79 -21.34
CA ARG A 126 1.53 -8.99 -22.14
C ARG A 126 1.33 -10.26 -21.30
N GLU A 127 1.87 -10.23 -20.08
CA GLU A 127 1.78 -11.40 -19.19
C GLU A 127 0.32 -11.80 -18.91
N ALA A 128 -0.55 -10.83 -18.72
CA ALA A 128 -1.96 -11.13 -18.42
C ALA A 128 -2.82 -11.18 -19.70
N ASP A 129 -2.29 -10.61 -20.77
CA ASP A 129 -3.04 -10.56 -22.02
C ASP A 129 -3.09 -11.91 -22.71
N ILE A 130 -4.13 -12.66 -22.36
CA ILE A 130 -4.32 -14.00 -22.89
C ILE A 130 -4.72 -14.00 -24.38
N ASP A 131 -5.17 -12.82 -24.80
CA ASP A 131 -5.61 -12.54 -26.17
C ASP A 131 -5.16 -11.13 -26.55
N GLY A 132 -4.80 -10.94 -27.82
CA GLY A 132 -4.31 -9.64 -28.29
C GLY A 132 -5.42 -8.59 -28.39
N ASP A 133 -6.17 -8.39 -27.30
CA ASP A 133 -7.24 -7.38 -27.30
C ASP A 133 -6.70 -6.04 -26.80
N GLY A 134 -5.47 -6.05 -26.30
CA GLY A 134 -4.84 -4.80 -25.87
C GLY A 134 -5.33 -4.27 -24.51
N GLN A 135 -6.24 -5.02 -23.88
CA GLN A 135 -6.79 -4.60 -22.58
C GLN A 135 -6.82 -5.77 -21.61
N VAL A 136 -6.78 -5.48 -20.31
CA VAL A 136 -6.79 -6.56 -19.31
C VAL A 136 -8.21 -6.71 -18.73
N ASN A 137 -8.81 -7.87 -18.91
CA ASN A 137 -10.16 -8.11 -18.40
C ASN A 137 -10.13 -8.54 -16.95
N TYR A 138 -11.31 -8.67 -16.34
CA TYR A 138 -11.41 -9.09 -14.95
C TYR A 138 -10.82 -10.48 -14.77
N GLU A 139 -11.07 -11.36 -15.73
CA GLU A 139 -10.55 -12.72 -15.64
C GLU A 139 -9.02 -12.73 -15.65
N GLU A 140 -8.42 -11.95 -16.54
CA GLU A 140 -6.96 -11.88 -16.61
C GLU A 140 -6.38 -11.29 -15.33
N PHE A 141 -7.05 -10.28 -14.79
CA PHE A 141 -6.60 -9.62 -13.57
C PHE A 141 -6.54 -10.62 -12.40
N VAL A 142 -7.58 -11.43 -12.30
CA VAL A 142 -7.67 -12.43 -11.23
C VAL A 142 -6.59 -13.50 -11.38
N GLN A 143 -6.45 -14.00 -12.61
CA GLN A 143 -5.46 -15.05 -12.86
C GLN A 143 -4.10 -14.65 -12.25
N MET A 144 -3.69 -13.40 -12.47
CA MET A 144 -2.38 -12.92 -12.00
C MET A 144 -2.35 -12.66 -10.49
N MET A 145 -3.43 -12.13 -9.95
CA MET A 145 -3.50 -11.83 -8.53
C MET A 145 -3.61 -13.11 -7.71
N THR A 146 -4.51 -14.02 -8.14
CA THR A 146 -4.71 -15.27 -7.42
C THR A 146 -3.75 -16.36 -7.92
N ALA A 147 -2.54 -15.94 -8.32
CA ALA A 147 -1.53 -16.89 -8.81
C ALA A 147 -0.62 -17.35 -7.66
N LYS A 148 -0.94 -18.51 -7.08
CA LYS A 148 -0.13 -19.04 -5.98
C LYS A 148 -0.36 -20.55 -5.83
N LEU B 1 11.74 -17.21 -18.95
CA LEU B 1 11.79 -18.12 -17.78
C LEU B 1 11.57 -17.32 -16.50
N ARG B 2 11.15 -16.07 -16.65
CA ARG B 2 10.90 -15.20 -15.51
C ARG B 2 9.57 -15.55 -14.85
N ARG B 3 9.56 -15.57 -13.53
CA ARG B 3 8.33 -15.87 -12.79
C ARG B 3 7.46 -14.62 -12.68
N GLY B 4 6.48 -14.50 -13.58
CA GLY B 4 5.60 -13.34 -13.56
C GLY B 4 4.99 -13.16 -12.18
N GLN B 5 5.25 -14.12 -11.30
CA GLN B 5 4.70 -14.08 -9.95
C GLN B 5 5.22 -12.88 -9.16
N ILE B 6 6.52 -12.71 -9.17
CA ILE B 6 7.15 -11.61 -8.43
C ILE B 6 6.63 -10.24 -8.88
N LEU B 7 6.65 -10.00 -10.17
CA LEU B 7 6.21 -8.69 -10.68
C LEU B 7 4.79 -8.34 -10.22
N TRP B 8 3.81 -9.15 -10.62
CA TRP B 8 2.42 -8.88 -10.24
C TRP B 8 2.23 -8.89 -8.72
N PHE B 9 2.63 -10.01 -8.11
CA PHE B 9 2.41 -10.27 -6.69
C PHE B 9 3.00 -9.23 -5.74
N ARG B 10 4.26 -8.85 -5.98
CA ARG B 10 4.94 -7.90 -5.10
C ARG B 10 4.05 -6.75 -4.65
N GLY B 11 3.45 -6.10 -5.65
CA GLY B 11 2.57 -4.96 -5.42
C GLY B 11 1.36 -5.35 -4.56
N LEU B 12 0.77 -6.51 -4.84
CA LEU B 12 -0.39 -6.93 -4.06
C LEU B 12 -0.02 -6.96 -2.57
N ASN B 13 1.14 -7.55 -2.28
CA ASN B 13 1.59 -7.73 -0.90
C ASN B 13 1.73 -6.43 -0.11
N ARG B 14 2.40 -5.44 -0.71
CA ARG B 14 2.61 -4.14 -0.09
C ARG B 14 1.30 -3.37 0.14
N ILE B 15 0.38 -3.47 -0.80
CA ILE B 15 -0.88 -2.74 -0.67
C ILE B 15 -1.61 -3.20 0.58
N GLN B 16 -1.65 -4.49 0.86
CA GLN B 16 -2.30 -4.92 2.10
C GLN B 16 -1.72 -4.10 3.26
N THR B 17 -0.40 -3.97 3.31
CA THR B 17 0.22 -3.22 4.39
C THR B 17 -0.19 -1.74 4.38
N GLN B 18 -0.09 -1.11 3.20
CA GLN B 18 -0.40 0.33 3.06
C GLN B 18 -1.39 0.83 4.10
N ILE B 19 -2.57 0.20 4.03
CA ILE B 19 -3.71 0.47 4.91
C ILE B 19 -3.59 -0.24 6.26
N LYS B 20 -2.71 -1.21 6.42
CA LYS B 20 -2.61 -1.82 7.75
C LYS B 20 -2.25 -0.72 8.75
N VAL B 21 -1.34 0.16 8.38
CA VAL B 21 -0.90 1.23 9.30
C VAL B 21 -2.03 2.17 9.68
N VAL B 22 -2.78 2.59 8.66
CA VAL B 22 -3.87 3.53 8.83
C VAL B 22 -5.02 2.93 9.66
N LYS B 23 -5.36 1.67 9.44
CA LYS B 23 -6.46 1.05 10.17
C LYS B 23 -6.30 1.32 11.66
N ALA B 24 -5.05 1.27 12.09
CA ALA B 24 -4.75 1.51 13.49
C ALA B 24 -5.36 2.85 13.92
N PHE B 25 -5.14 3.88 13.12
CA PHE B 25 -5.66 5.22 13.42
C PHE B 25 -7.19 5.25 13.48
N HIS B 26 -7.86 4.71 12.46
CA HIS B 26 -9.31 4.75 12.43
C HIS B 26 -9.94 3.85 13.50
N SER B 27 -9.37 2.67 13.71
CA SER B 27 -9.94 1.73 14.66
C SER B 27 -11.30 1.26 14.09
N SER B 28 -11.47 0.64 12.91
CA SER B 28 -12.82 0.24 12.49
C SER B 28 -13.81 1.39 12.61
CA CA C . 10.03 11.65 9.54
CA CA D . 4.78 11.31 20.46
CA CA E . -10.87 1.43 -17.60
CA CA F . -7.12 -9.38 -22.63
N ALA A 1 6.90 -6.10 24.33
CA ALA A 1 6.12 -7.34 24.10
C ALA A 1 5.89 -7.52 22.60
N ASP A 2 5.34 -8.68 22.23
CA ASP A 2 5.06 -8.96 20.82
C ASP A 2 6.33 -8.86 19.98
N GLN A 3 7.49 -9.12 20.62
CA GLN A 3 8.81 -9.04 19.95
C GLN A 3 9.91 -9.09 21.02
N LEU A 4 10.33 -10.31 21.34
CA LEU A 4 11.41 -10.53 22.30
C LEU A 4 12.71 -10.83 21.57
N THR A 5 12.67 -11.37 20.35
CA THR A 5 13.91 -11.64 19.63
C THR A 5 14.46 -10.37 18.99
N GLU A 6 15.78 -10.18 19.08
CA GLU A 6 16.40 -8.99 18.50
C GLU A 6 16.01 -8.83 17.03
N GLU A 7 16.18 -9.95 16.31
CA GLU A 7 15.90 -10.02 14.88
C GLU A 7 14.68 -9.18 14.50
N GLN A 8 13.67 -9.17 15.38
CA GLN A 8 12.45 -8.43 15.12
C GLN A 8 12.71 -6.92 15.23
N ILE A 9 13.57 -6.44 16.11
CA ILE A 9 13.84 -5.00 16.08
C ILE A 9 14.37 -4.73 14.68
N ALA A 10 15.30 -5.57 14.22
CA ALA A 10 15.89 -5.34 12.90
C ALA A 10 14.81 -5.15 11.84
N GLU A 11 13.83 -6.05 11.80
CA GLU A 11 12.76 -5.96 10.81
C GLU A 11 11.98 -4.65 10.90
N PHE A 12 11.60 -4.30 12.13
CA PHE A 12 10.84 -3.08 12.38
C PHE A 12 11.63 -1.83 11.94
N LYS A 13 12.93 -1.81 12.22
CA LYS A 13 13.74 -0.65 11.84
C LYS A 13 13.51 -0.30 10.38
N GLU A 14 13.79 -1.23 9.48
CA GLU A 14 13.62 -0.94 8.05
C GLU A 14 12.26 -0.29 7.80
N ALA A 15 11.23 -0.81 8.45
CA ALA A 15 9.88 -0.29 8.30
C ALA A 15 9.79 1.21 8.60
N PHE A 16 10.52 1.67 9.62
CA PHE A 16 10.46 3.08 10.00
C PHE A 16 10.83 4.02 8.85
N SER A 17 11.85 3.65 8.08
CA SER A 17 12.30 4.46 6.96
C SER A 17 11.24 4.53 5.86
N LEU A 18 10.22 3.66 5.95
CA LEU A 18 9.16 3.62 4.93
C LEU A 18 8.37 4.93 4.88
N PHE A 19 8.01 5.47 6.05
CA PHE A 19 7.21 6.72 6.09
C PHE A 19 8.05 7.93 6.53
N ASP A 20 9.25 7.68 7.04
CA ASP A 20 10.11 8.78 7.46
C ASP A 20 10.74 9.44 6.24
N LYS A 21 10.10 10.50 5.76
CA LYS A 21 10.60 11.21 4.59
C LYS A 21 11.92 11.94 4.86
N ASP A 22 11.98 12.68 5.98
CA ASP A 22 13.18 13.46 6.33
C ASP A 22 14.03 12.78 7.40
N GLY A 23 13.76 11.50 7.66
CA GLY A 23 14.52 10.77 8.69
C GLY A 23 14.88 11.65 9.88
N ASP A 24 13.89 12.37 10.43
CA ASP A 24 14.11 13.24 11.58
C ASP A 24 13.98 12.48 12.88
N GLY A 25 13.59 11.21 12.80
CA GLY A 25 13.43 10.37 13.98
C GLY A 25 12.01 10.46 14.54
N THR A 26 11.17 11.29 13.91
CA THR A 26 9.79 11.45 14.35
C THR A 26 8.84 11.48 13.15
N ILE A 27 7.61 11.04 13.38
CA ILE A 27 6.60 11.07 12.33
C ILE A 27 5.80 12.37 12.43
N THR A 28 5.75 13.12 11.33
CA THR A 28 5.07 14.42 11.30
C THR A 28 3.84 14.41 10.40
N THR A 29 3.02 15.44 10.58
CA THR A 29 1.78 15.59 9.83
C THR A 29 2.03 15.65 8.33
N LYS A 30 3.14 16.27 7.95
CA LYS A 30 3.48 16.43 6.54
C LYS A 30 3.64 15.07 5.85
N GLU A 31 4.60 14.29 6.32
CA GLU A 31 4.87 12.96 5.75
C GLU A 31 3.67 12.03 5.92
N LEU A 32 2.87 12.21 6.95
CA LEU A 32 1.70 11.33 7.12
C LEU A 32 0.79 11.50 5.90
N GLY A 33 0.38 12.75 5.68
CA GLY A 33 -0.54 13.11 4.60
C GLY A 33 0.01 12.73 3.22
N THR A 34 1.30 12.89 2.98
CA THR A 34 1.82 12.51 1.66
C THR A 34 1.51 11.02 1.42
N VAL A 35 1.92 10.13 2.32
CA VAL A 35 1.70 8.70 2.09
C VAL A 35 0.22 8.40 1.85
N MET A 36 -0.70 8.91 2.64
CA MET A 36 -2.12 8.62 2.42
C MET A 36 -2.53 9.09 1.02
N ARG A 37 -2.04 10.25 0.63
CA ARG A 37 -2.35 10.81 -0.69
C ARG A 37 -2.07 9.77 -1.78
N SER A 38 -0.97 9.05 -1.60
CA SER A 38 -0.56 8.01 -2.54
C SER A 38 -1.60 6.88 -2.57
N LEU A 39 -2.39 6.83 -1.49
CA LEU A 39 -3.43 5.80 -1.42
C LEU A 39 -4.58 6.16 -2.35
N GLY A 40 -4.48 7.30 -3.02
CA GLY A 40 -5.50 7.72 -3.98
C GLY A 40 -6.62 8.50 -3.32
N GLN A 41 -6.42 8.95 -2.08
CA GLN A 41 -7.43 9.73 -1.38
C GLN A 41 -7.01 11.19 -1.31
N ASN A 42 -8.00 12.08 -1.16
CA ASN A 42 -7.73 13.52 -1.07
C ASN A 42 -8.13 14.06 0.31
N PRO A 43 -7.48 13.61 1.36
CA PRO A 43 -7.80 14.06 2.74
C PRO A 43 -7.55 15.55 2.94
N THR A 44 -8.40 16.19 3.74
CA THR A 44 -8.26 17.61 4.01
C THR A 44 -7.19 17.85 5.08
N GLU A 45 -6.78 19.10 5.23
CA GLU A 45 -5.76 19.44 6.21
C GLU A 45 -6.19 19.03 7.61
N ALA A 46 -7.44 19.31 7.96
CA ALA A 46 -7.96 18.98 9.27
C ALA A 46 -7.78 17.50 9.60
N GLU A 47 -7.67 16.66 8.56
CA GLU A 47 -7.50 15.23 8.78
C GLU A 47 -6.14 14.95 9.45
N LEU A 48 -5.12 15.69 9.03
CA LEU A 48 -3.78 15.52 9.60
C LEU A 48 -3.82 15.73 11.11
N GLN A 49 -4.57 16.76 11.52
CA GLN A 49 -4.68 17.12 12.94
C GLN A 49 -5.47 16.08 13.73
N ASP A 50 -6.70 15.85 13.32
CA ASP A 50 -7.57 14.92 14.02
C ASP A 50 -6.95 13.53 14.20
N MET A 51 -6.42 12.98 13.11
CA MET A 51 -5.83 11.64 13.15
C MET A 51 -4.57 11.59 14.04
N ILE A 52 -3.64 12.50 13.81
CA ILE A 52 -2.39 12.51 14.60
C ILE A 52 -2.72 12.64 16.08
N ASN A 53 -3.60 13.57 16.43
CA ASN A 53 -3.95 13.80 17.84
C ASN A 53 -4.45 12.53 18.53
N GLU A 54 -5.16 11.69 17.78
CA GLU A 54 -5.71 10.47 18.37
C GLU A 54 -4.62 9.49 18.79
N VAL A 55 -3.58 9.36 17.97
CA VAL A 55 -2.50 8.43 18.28
C VAL A 55 -1.43 9.07 19.18
N ASP A 56 -1.39 10.40 19.21
CA ASP A 56 -0.35 11.11 19.93
C ASP A 56 -0.52 11.20 21.44
N ALA A 57 -0.04 10.14 22.09
CA ALA A 57 -0.19 9.96 23.52
C ALA A 57 0.48 11.05 24.34
N ASP A 58 1.66 11.53 23.93
CA ASP A 58 2.36 12.55 24.69
C ASP A 58 1.91 13.97 24.34
N GLY A 59 1.01 14.13 23.38
CA GLY A 59 0.52 15.45 22.98
C GLY A 59 1.63 16.35 22.45
N ASN A 60 2.72 15.77 21.97
CA ASN A 60 3.83 16.56 21.43
C ASN A 60 3.60 16.86 19.95
N GLY A 61 2.47 16.44 19.39
CA GLY A 61 2.15 16.79 18.00
C GLY A 61 2.75 15.85 16.97
N THR A 62 3.46 14.83 17.43
CA THR A 62 4.11 13.85 16.56
C THR A 62 4.13 12.49 17.22
N ILE A 63 4.48 11.44 16.45
CA ILE A 63 4.53 10.08 17.01
C ILE A 63 5.98 9.58 17.05
N ASP A 64 6.39 9.10 18.22
CA ASP A 64 7.75 8.57 18.39
C ASP A 64 7.75 7.04 18.41
N PHE A 65 8.91 6.45 18.65
CA PHE A 65 9.04 4.99 18.65
C PHE A 65 8.07 4.30 19.64
N PRO A 66 8.09 4.62 20.91
CA PRO A 66 7.17 3.96 21.89
C PRO A 66 5.71 3.99 21.39
N GLU A 67 5.24 5.17 20.99
CA GLU A 67 3.87 5.31 20.47
C GLU A 67 3.68 4.46 19.19
N PHE A 68 4.80 4.10 18.59
CA PHE A 68 4.76 3.28 17.37
C PHE A 68 4.43 1.83 17.72
N LEU A 69 5.25 1.21 18.56
CA LEU A 69 5.05 -0.19 18.90
C LEU A 69 3.66 -0.48 19.49
N THR A 70 3.20 0.35 20.42
CA THR A 70 1.87 0.12 21.00
C THR A 70 0.87 -0.23 19.88
N MET A 71 0.83 0.58 18.82
CA MET A 71 -0.12 0.33 17.72
C MET A 71 0.19 -0.98 16.98
N MET A 72 1.45 -1.21 16.68
CA MET A 72 1.84 -2.40 15.94
C MET A 72 1.39 -3.68 16.64
N ALA A 73 1.45 -3.70 17.96
CA ALA A 73 1.07 -4.86 18.76
C ALA A 73 -0.44 -5.10 18.76
N ARG A 74 -1.22 -4.03 18.73
CA ARG A 74 -2.69 -4.15 18.74
C ARG A 74 -3.27 -4.14 17.33
N LYS A 75 -2.48 -3.69 16.37
CA LYS A 75 -2.95 -3.62 14.98
C LYS A 75 -2.88 -5.01 14.33
N MET A 76 -3.71 -5.92 14.80
CA MET A 76 -3.75 -7.29 14.27
C MET A 76 -5.02 -7.52 13.46
N LYS A 77 -5.68 -6.42 13.11
CA LYS A 77 -6.94 -6.48 12.37
C LYS A 77 -6.80 -7.34 11.11
N ASP A 78 -7.76 -8.24 10.95
CA ASP A 78 -7.78 -9.15 9.81
C ASP A 78 -9.16 -9.19 9.15
N THR A 79 -9.17 -9.31 7.82
CA THR A 79 -10.41 -9.39 7.04
C THR A 79 -10.32 -10.64 6.17
N ASP A 80 -9.13 -10.78 5.55
CA ASP A 80 -8.80 -11.89 4.62
C ASP A 80 -8.30 -11.31 3.29
N SER A 81 -7.21 -11.87 2.77
CA SER A 81 -6.61 -11.42 1.52
C SER A 81 -7.67 -11.02 0.48
N GLU A 82 -8.91 -11.44 0.70
CA GLU A 82 -9.99 -11.15 -0.24
C GLU A 82 -10.35 -9.67 -0.25
N GLU A 83 -10.30 -9.05 0.93
CA GLU A 83 -10.65 -7.63 1.05
C GLU A 83 -9.95 -6.80 -0.02
N GLU A 84 -8.71 -7.16 -0.37
CA GLU A 84 -7.95 -6.40 -1.37
C GLU A 84 -8.20 -6.92 -2.79
N ILE A 85 -8.74 -8.12 -2.89
CA ILE A 85 -9.00 -8.71 -4.20
C ILE A 85 -9.99 -7.84 -4.99
N ARG A 86 -11.26 -7.88 -4.62
CA ARG A 86 -12.29 -7.12 -5.32
C ARG A 86 -12.05 -5.61 -5.27
N GLU A 87 -11.64 -5.13 -4.10
CA GLU A 87 -11.42 -3.69 -3.90
C GLU A 87 -10.33 -3.16 -4.84
N ALA A 88 -9.27 -3.94 -5.01
CA ALA A 88 -8.17 -3.56 -5.89
C ALA A 88 -8.65 -3.40 -7.33
N PHE A 89 -9.79 -3.99 -7.64
CA PHE A 89 -10.34 -3.89 -8.98
C PHE A 89 -10.89 -2.49 -9.26
N ARG A 90 -11.73 -2.01 -8.34
CA ARG A 90 -12.36 -0.68 -8.49
C ARG A 90 -11.30 0.43 -8.67
N VAL A 91 -10.22 0.37 -7.91
CA VAL A 91 -9.18 1.40 -8.03
C VAL A 91 -8.53 1.31 -9.41
N PHE A 92 -8.25 0.11 -9.86
CA PHE A 92 -7.61 -0.06 -11.17
C PHE A 92 -8.55 0.30 -12.31
N ASP A 93 -9.83 -0.03 -12.15
CA ASP A 93 -10.83 0.36 -13.14
C ASP A 93 -11.40 1.72 -12.71
N LYS A 94 -10.69 2.79 -13.07
CA LYS A 94 -11.09 4.14 -12.65
C LYS A 94 -12.46 4.59 -13.17
N ASP A 95 -12.74 4.33 -14.46
CA ASP A 95 -14.02 4.75 -15.04
C ASP A 95 -15.07 3.65 -14.91
N GLY A 96 -14.71 2.57 -14.23
CA GLY A 96 -15.64 1.46 -14.04
C GLY A 96 -16.25 1.03 -15.38
N ASN A 97 -15.39 0.82 -16.38
CA ASN A 97 -15.82 0.40 -17.71
C ASN A 97 -15.81 -1.12 -17.81
N GLY A 98 -15.54 -1.80 -16.69
CA GLY A 98 -15.50 -3.26 -16.66
C GLY A 98 -14.16 -3.79 -17.13
N TYR A 99 -13.22 -2.90 -17.47
CA TYR A 99 -11.91 -3.33 -17.96
C TYR A 99 -10.78 -2.48 -17.36
N ILE A 100 -9.61 -3.09 -17.24
CA ILE A 100 -8.44 -2.37 -16.75
C ILE A 100 -7.66 -1.88 -17.97
N SER A 101 -7.58 -0.56 -18.12
CA SER A 101 -6.89 0.02 -19.28
C SER A 101 -5.42 0.30 -19.00
N ALA A 102 -4.57 0.32 -20.00
CA ALA A 102 -3.15 0.57 -19.79
C ALA A 102 -2.93 1.88 -19.05
N ALA A 103 -3.56 2.96 -19.51
CA ALA A 103 -3.39 4.26 -18.87
C ALA A 103 -3.63 4.16 -17.36
N GLU A 104 -4.66 3.40 -16.99
CA GLU A 104 -5.00 3.19 -15.58
C GLU A 104 -3.88 2.42 -14.86
N LEU A 105 -3.32 1.41 -15.50
CA LEU A 105 -2.26 0.62 -14.88
C LEU A 105 -1.00 1.48 -14.61
N ARG A 106 -0.60 2.26 -15.61
CA ARG A 106 0.59 3.10 -15.47
C ARG A 106 0.63 3.82 -14.12
N HIS A 107 -0.53 4.23 -13.61
CA HIS A 107 -0.57 4.93 -12.32
C HIS A 107 -0.17 3.98 -11.20
N VAL A 108 -0.38 2.68 -11.40
CA VAL A 108 -0.07 1.71 -10.37
C VAL A 108 1.41 1.77 -9.99
N MET A 109 2.28 1.90 -10.98
CA MET A 109 3.73 1.92 -10.74
C MET A 109 4.10 2.95 -9.66
N THR A 110 3.52 4.13 -9.82
CA THR A 110 3.78 5.26 -8.93
C THR A 110 3.45 4.89 -7.49
N ASN A 111 2.34 4.21 -7.31
CA ASN A 111 1.92 3.80 -5.98
C ASN A 111 2.90 2.80 -5.39
N LEU A 112 3.36 1.84 -6.20
CA LEU A 112 4.26 0.80 -5.72
C LEU A 112 5.70 1.29 -5.67
N GLY A 113 6.00 2.40 -6.34
CA GLY A 113 7.37 2.92 -6.36
C GLY A 113 8.24 2.04 -7.27
N GLU A 114 7.72 1.41 -8.32
CA GLU A 114 8.58 0.56 -9.15
C GLU A 114 9.29 1.38 -10.23
N LYS A 115 8.72 2.52 -10.60
CA LYS A 115 9.33 3.35 -11.64
C LYS A 115 9.77 2.48 -12.83
N LEU A 116 8.78 1.82 -13.41
CA LEU A 116 9.00 0.94 -14.58
C LEU A 116 9.13 1.73 -15.88
N THR A 117 9.92 1.20 -16.81
CA THR A 117 10.13 1.83 -18.11
C THR A 117 8.98 1.46 -19.04
N ASP A 118 8.98 2.06 -20.22
CA ASP A 118 7.98 1.74 -21.24
C ASP A 118 8.07 0.24 -21.51
N GLU A 119 9.30 -0.25 -21.67
CA GLU A 119 9.53 -1.66 -22.00
C GLU A 119 8.93 -2.61 -20.98
N GLU A 120 9.19 -2.37 -19.71
CA GLU A 120 8.67 -3.24 -18.66
C GLU A 120 7.16 -3.13 -18.52
N VAL A 121 6.63 -1.96 -18.84
CA VAL A 121 5.18 -1.75 -18.77
C VAL A 121 4.50 -2.66 -19.79
N ASP A 122 5.12 -2.74 -20.96
CA ASP A 122 4.62 -3.59 -22.03
C ASP A 122 4.73 -5.06 -21.63
N GLU A 123 5.81 -5.38 -20.93
CA GLU A 123 6.05 -6.77 -20.55
C GLU A 123 4.92 -7.36 -19.68
N MET A 124 4.63 -6.62 -18.60
CA MET A 124 3.58 -7.03 -17.65
C MET A 124 2.26 -7.24 -18.41
N ILE A 125 1.96 -6.31 -19.30
CA ILE A 125 0.69 -6.37 -20.04
C ILE A 125 0.64 -7.66 -20.86
N ARG A 126 1.74 -8.01 -21.51
CA ARG A 126 1.78 -9.22 -22.32
C ARG A 126 1.51 -10.47 -21.47
N GLU A 127 2.04 -10.47 -20.25
CA GLU A 127 1.87 -11.62 -19.36
C GLU A 127 0.40 -11.94 -19.09
N ALA A 128 -0.42 -10.92 -18.88
CA ALA A 128 -1.85 -11.13 -18.58
C ALA A 128 -2.69 -11.16 -19.85
N ASP A 129 -2.17 -10.57 -20.92
CA ASP A 129 -2.91 -10.48 -22.18
C ASP A 129 -2.97 -11.83 -22.90
N ILE A 130 -3.97 -12.61 -22.55
CA ILE A 130 -4.15 -13.94 -23.12
C ILE A 130 -4.55 -13.92 -24.60
N ASP A 131 -4.99 -12.72 -25.00
CA ASP A 131 -5.42 -12.41 -26.37
C ASP A 131 -4.96 -11.00 -26.73
N GLY A 132 -4.60 -10.79 -27.99
CA GLY A 132 -4.12 -9.48 -28.44
C GLY A 132 -5.23 -8.43 -28.53
N ASP A 133 -5.99 -8.25 -27.46
CA ASP A 133 -7.06 -7.25 -27.43
C ASP A 133 -6.52 -5.91 -26.92
N GLY A 134 -5.29 -5.93 -26.41
CA GLY A 134 -4.66 -4.69 -25.96
C GLY A 134 -5.16 -4.18 -24.60
N GLN A 135 -6.07 -4.92 -23.98
CA GLN A 135 -6.64 -4.51 -22.68
C GLN A 135 -6.68 -5.69 -21.73
N VAL A 136 -6.65 -5.42 -20.43
CA VAL A 136 -6.67 -6.50 -19.44
C VAL A 136 -8.08 -6.67 -18.87
N ASN A 137 -8.67 -7.84 -19.06
CA ASN A 137 -10.01 -8.10 -18.57
C ASN A 137 -9.99 -8.55 -17.11
N TYR A 138 -11.17 -8.68 -16.52
CA TYR A 138 -11.28 -9.11 -15.12
C TYR A 138 -10.68 -10.51 -14.96
N GLU A 139 -10.93 -11.38 -15.94
CA GLU A 139 -10.42 -12.74 -15.88
C GLU A 139 -8.89 -12.75 -15.87
N GLU A 140 -8.28 -11.96 -16.75
CA GLU A 140 -6.83 -11.91 -16.82
C GLU A 140 -6.24 -11.35 -15.52
N PHE A 141 -6.91 -10.35 -14.97
CA PHE A 141 -6.46 -9.73 -13.72
C PHE A 141 -6.42 -10.75 -12.58
N VAL A 142 -7.47 -11.55 -12.50
CA VAL A 142 -7.57 -12.58 -11.45
C VAL A 142 -6.49 -13.64 -11.61
N GLN A 143 -6.33 -14.13 -12.83
CA GLN A 143 -5.34 -15.17 -13.08
C GLN A 143 -3.98 -14.77 -12.48
N MET A 144 -3.58 -13.52 -12.67
CA MET A 144 -2.28 -13.03 -12.19
C MET A 144 -2.25 -12.77 -10.69
N MET A 145 -3.33 -12.23 -10.15
CA MET A 145 -3.38 -11.92 -8.72
C MET A 145 -3.56 -13.20 -7.90
N THR A 146 -4.50 -14.05 -8.29
CA THR A 146 -4.74 -15.31 -7.55
C THR A 146 -3.87 -16.45 -8.08
N ALA A 147 -2.66 -16.12 -8.53
CA ALA A 147 -1.75 -17.13 -9.06
C ALA A 147 -1.07 -17.90 -7.92
N LYS A 148 -1.73 -18.94 -7.43
CA LYS A 148 -1.17 -19.75 -6.35
C LYS A 148 -1.80 -21.15 -6.37
N LEU B 1 8.44 -12.33 -18.80
CA LEU B 1 9.46 -13.38 -18.50
C LEU B 1 8.82 -14.44 -17.59
N ARG B 2 9.61 -15.46 -17.26
CA ARG B 2 9.13 -16.53 -16.40
C ARG B 2 9.05 -16.08 -14.95
N ARG B 3 8.17 -16.70 -14.18
CA ARG B 3 8.02 -16.34 -12.78
C ARG B 3 7.49 -14.92 -12.65
N GLY B 4 6.55 -14.54 -13.50
CA GLY B 4 5.98 -13.21 -13.45
C GLY B 4 5.32 -12.95 -12.10
N GLN B 5 5.43 -13.92 -11.20
CA GLN B 5 4.81 -13.80 -9.88
C GLN B 5 5.33 -12.60 -9.10
N ILE B 6 6.64 -12.42 -9.12
CA ILE B 6 7.27 -11.32 -8.39
C ILE B 6 6.72 -9.96 -8.81
N LEU B 7 6.72 -9.70 -10.11
CA LEU B 7 6.26 -8.40 -10.60
C LEU B 7 4.81 -8.08 -10.16
N TRP B 8 3.86 -8.90 -10.59
CA TRP B 8 2.46 -8.67 -10.24
C TRP B 8 2.22 -8.68 -8.73
N PHE B 9 2.60 -9.80 -8.12
CA PHE B 9 2.33 -10.07 -6.70
C PHE B 9 2.92 -9.04 -5.73
N ARG B 10 4.17 -8.65 -5.95
CA ARG B 10 4.83 -7.71 -5.06
C ARG B 10 3.93 -6.58 -4.58
N GLY B 11 3.29 -5.94 -5.57
CA GLY B 11 2.39 -4.81 -5.31
C GLY B 11 1.20 -5.25 -4.47
N LEU B 12 0.62 -6.40 -4.77
CA LEU B 12 -0.54 -6.84 -4.00
C LEU B 12 -0.18 -6.90 -2.51
N ASN B 13 0.98 -7.49 -2.24
CA ASN B 13 1.43 -7.69 -0.87
C ASN B 13 1.58 -6.38 -0.06
N ARG B 14 2.27 -5.40 -0.64
CA ARG B 14 2.49 -4.11 -0.01
C ARG B 14 1.20 -3.32 0.20
N ILE B 15 0.29 -3.38 -0.77
CA ILE B 15 -0.95 -2.62 -0.65
C ILE B 15 -1.72 -3.07 0.59
N GLN B 16 -1.79 -4.36 0.86
CA GLN B 16 -2.48 -4.80 2.08
C GLN B 16 -1.90 -3.99 3.24
N THR B 17 -0.59 -3.84 3.30
CA THR B 17 0.04 -3.09 4.39
C THR B 17 -0.37 -1.61 4.39
N GLN B 18 -0.28 -0.97 3.21
CA GLN B 18 -0.59 0.45 3.07
C GLN B 18 -1.59 0.95 4.12
N ILE B 19 -2.77 0.31 4.03
CA ILE B 19 -3.91 0.58 4.90
C ILE B 19 -3.80 -0.15 6.25
N LYS B 20 -2.92 -1.13 6.39
CA LYS B 20 -2.81 -1.76 7.73
C LYS B 20 -2.43 -0.66 8.73
N VAL B 21 -1.47 0.19 8.38
CA VAL B 21 -1.01 1.23 9.31
C VAL B 21 -2.12 2.20 9.71
N VAL B 22 -2.83 2.71 8.71
CA VAL B 22 -3.88 3.69 8.97
C VAL B 22 -5.06 3.11 9.75
N LYS B 23 -5.42 1.85 9.51
CA LYS B 23 -6.55 1.25 10.25
C LYS B 23 -6.39 1.49 11.73
N ALA B 24 -5.15 1.41 12.19
CA ALA B 24 -4.87 1.63 13.60
C ALA B 24 -5.47 2.97 14.04
N PHE B 25 -5.25 4.00 13.25
CA PHE B 25 -5.77 5.34 13.56
C PHE B 25 -7.29 5.37 13.60
N HIS B 26 -7.96 4.84 12.58
CA HIS B 26 -9.42 4.88 12.54
C HIS B 26 -10.05 3.98 13.60
N SER B 27 -9.50 2.80 13.79
CA SER B 27 -10.09 1.85 14.74
C SER B 27 -11.44 1.40 14.17
N SER B 28 -11.59 0.79 12.99
CA SER B 28 -12.95 0.39 12.57
C SER B 28 -13.93 1.56 12.66
CA CA C . 10.08 11.46 9.63
CA CA D . 4.81 11.50 20.62
CA CA E . -11.14 1.26 -17.34
CA CA F . -7.00 -9.28 -22.80
N ALA A 1 5.18 -6.06 25.12
CA ALA A 1 5.23 -6.25 23.64
C ALA A 1 5.56 -7.70 23.33
N ASP A 2 4.98 -8.23 22.26
CA ASP A 2 5.21 -9.60 21.86
C ASP A 2 6.55 -9.74 21.13
N GLN A 3 7.21 -8.61 20.88
CA GLN A 3 8.50 -8.57 20.20
C GLN A 3 9.62 -8.46 21.23
N LEU A 4 10.21 -9.61 21.56
CA LEU A 4 11.31 -9.67 22.53
C LEU A 4 12.62 -10.08 21.84
N THR A 5 12.58 -10.66 20.65
CA THR A 5 13.83 -11.04 19.98
C THR A 5 14.47 -9.81 19.34
N GLU A 6 15.80 -9.70 19.50
CA GLU A 6 16.52 -8.57 18.93
C GLU A 6 16.21 -8.42 17.45
N GLU A 7 16.45 -9.52 16.74
CA GLU A 7 16.24 -9.60 15.28
C GLU A 7 15.05 -8.76 14.85
N GLN A 8 14.01 -8.73 15.69
CA GLN A 8 12.81 -7.96 15.37
C GLN A 8 13.10 -6.46 15.45
N ILE A 9 13.95 -5.98 16.32
CA ILE A 9 14.24 -4.55 16.27
C ILE A 9 14.80 -4.29 14.87
N ALA A 10 15.71 -5.14 14.44
CA ALA A 10 16.31 -4.94 13.12
C ALA A 10 15.25 -4.79 12.04
N GLU A 11 14.30 -5.73 11.98
CA GLU A 11 13.25 -5.70 10.96
C GLU A 11 12.40 -4.43 11.04
N PHE A 12 11.98 -4.11 12.26
CA PHE A 12 11.14 -2.94 12.51
C PHE A 12 11.88 -1.65 12.13
N LYS A 13 13.16 -1.58 12.41
CA LYS A 13 13.92 -0.38 12.08
C LYS A 13 13.72 -0.02 10.61
N GLU A 14 13.97 -0.95 9.71
CA GLU A 14 13.82 -0.64 8.30
C GLU A 14 12.44 -0.04 8.03
N ALA A 15 11.43 -0.59 8.69
CA ALA A 15 10.06 -0.11 8.53
C ALA A 15 9.93 1.38 8.83
N PHE A 16 10.64 1.86 9.84
CA PHE A 16 10.53 3.27 10.22
C PHE A 16 10.87 4.23 9.06
N SER A 17 11.91 3.89 8.30
CA SER A 17 12.34 4.70 7.17
C SER A 17 11.27 4.74 6.07
N LEU A 18 10.30 3.83 6.15
CA LEU A 18 9.25 3.75 5.13
C LEU A 18 8.38 5.02 5.11
N PHE A 19 8.01 5.53 6.29
CA PHE A 19 7.15 6.73 6.35
C PHE A 19 7.93 7.98 6.77
N ASP A 20 9.14 7.79 7.28
CA ASP A 20 9.95 8.93 7.69
C ASP A 20 10.55 9.62 6.46
N LYS A 21 9.86 10.65 5.99
CA LYS A 21 10.33 11.40 4.82
C LYS A 21 11.61 12.18 5.09
N ASP A 22 11.67 12.90 6.22
CA ASP A 22 12.85 13.72 6.55
C ASP A 22 13.74 13.05 7.59
N GLY A 23 13.53 11.77 7.84
CA GLY A 23 14.35 11.04 8.83
C GLY A 23 14.71 11.93 10.03
N ASP A 24 13.73 12.65 10.57
CA ASP A 24 13.95 13.53 11.71
C ASP A 24 13.84 12.76 13.03
N GLY A 25 13.48 11.49 12.93
CA GLY A 25 13.34 10.64 14.13
C GLY A 25 11.93 10.70 14.68
N THR A 26 11.06 11.49 14.05
CA THR A 26 9.67 11.62 14.49
C THR A 26 8.74 11.64 13.30
N ILE A 27 7.50 11.18 13.52
CA ILE A 27 6.50 11.19 12.47
C ILE A 27 5.70 12.48 12.54
N THR A 28 5.67 13.21 11.43
CA THR A 28 4.99 14.52 11.37
C THR A 28 3.76 14.49 10.47
N THR A 29 2.91 15.50 10.66
CA THR A 29 1.67 15.62 9.92
C THR A 29 1.90 15.70 8.41
N LYS A 30 2.99 16.36 8.02
CA LYS A 30 3.30 16.53 6.60
C LYS A 30 3.52 15.18 5.92
N GLU A 31 4.50 14.43 6.39
CA GLU A 31 4.81 13.13 5.82
C GLU A 31 3.65 12.16 5.96
N LEU A 32 2.82 12.29 6.98
CA LEU A 32 1.69 11.38 7.12
C LEU A 32 0.77 11.52 5.90
N GLY A 33 0.37 12.76 5.65
CA GLY A 33 -0.55 13.10 4.57
C GLY A 33 0.01 12.71 3.19
N THR A 34 1.31 12.87 2.97
CA THR A 34 1.85 12.48 1.66
C THR A 34 1.54 10.99 1.43
N VAL A 35 1.93 10.12 2.34
CA VAL A 35 1.73 8.69 2.11
C VAL A 35 0.25 8.37 1.83
N MET A 36 -0.69 8.90 2.60
CA MET A 36 -2.09 8.62 2.33
C MET A 36 -2.46 9.06 0.91
N ARG A 37 -1.91 10.21 0.50
CA ARG A 37 -2.18 10.74 -0.84
C ARG A 37 -1.90 9.67 -1.91
N SER A 38 -0.81 8.94 -1.69
CA SER A 38 -0.42 7.86 -2.61
C SER A 38 -1.49 6.77 -2.65
N LEU A 39 -2.30 6.75 -1.59
CA LEU A 39 -3.38 5.75 -1.52
C LEU A 39 -4.49 6.13 -2.49
N GLY A 40 -4.34 7.26 -3.19
CA GLY A 40 -5.33 7.67 -4.17
C GLY A 40 -6.45 8.50 -3.55
N GLN A 41 -6.18 9.13 -2.41
CA GLN A 41 -7.19 9.95 -1.73
C GLN A 41 -6.64 11.36 -1.50
N ASN A 42 -7.52 12.28 -1.14
CA ASN A 42 -7.12 13.67 -0.88
C ASN A 42 -7.71 14.17 0.44
N PRO A 43 -7.13 13.75 1.54
CA PRO A 43 -7.61 14.15 2.90
C PRO A 43 -7.47 15.65 3.15
N THR A 44 -8.37 16.20 3.94
CA THR A 44 -8.34 17.62 4.26
C THR A 44 -7.27 17.89 5.32
N GLU A 45 -6.92 19.16 5.48
CA GLU A 45 -5.91 19.55 6.45
C GLU A 45 -6.31 19.12 7.86
N ALA A 46 -7.56 19.36 8.21
CA ALA A 46 -8.06 19.01 9.55
C ALA A 46 -7.87 17.52 9.84
N GLU A 47 -7.80 16.69 8.80
CA GLU A 47 -7.61 15.25 9.00
C GLU A 47 -6.26 14.98 9.65
N LEU A 48 -5.24 15.70 9.20
CA LEU A 48 -3.88 15.53 9.74
C LEU A 48 -3.92 15.68 11.27
N GLN A 49 -4.73 16.63 11.71
CA GLN A 49 -4.84 16.94 13.14
C GLN A 49 -5.59 15.85 13.90
N ASP A 50 -6.80 15.55 13.45
CA ASP A 50 -7.65 14.56 14.12
C ASP A 50 -6.95 13.21 14.29
N MET A 51 -6.40 12.68 13.21
CA MET A 51 -5.75 11.37 13.26
C MET A 51 -4.48 11.37 14.13
N ILE A 52 -3.60 12.33 13.89
CA ILE A 52 -2.35 12.38 14.65
C ILE A 52 -2.65 12.50 16.14
N ASN A 53 -3.54 13.41 16.51
CA ASN A 53 -3.86 13.62 17.93
C ASN A 53 -4.37 12.34 18.60
N GLU A 54 -5.06 11.49 17.87
CA GLU A 54 -5.59 10.26 18.45
C GLU A 54 -4.47 9.29 18.84
N VAL A 55 -3.44 9.18 18.01
CA VAL A 55 -2.35 8.25 18.31
C VAL A 55 -1.30 8.91 19.21
N ASP A 56 -1.27 10.24 19.23
CA ASP A 56 -0.23 10.98 19.97
C ASP A 56 -0.44 11.07 21.47
N ALA A 57 0.06 10.02 22.14
CA ALA A 57 -0.11 9.85 23.56
C ALA A 57 0.51 10.96 24.40
N ASP A 58 1.67 11.48 23.98
CA ASP A 58 2.35 12.52 24.74
C ASP A 58 1.86 13.92 24.39
N GLY A 59 0.94 14.05 23.44
CA GLY A 59 0.41 15.36 23.04
C GLY A 59 1.50 16.31 22.52
N ASN A 60 2.61 15.76 22.05
CA ASN A 60 3.70 16.59 21.52
C ASN A 60 3.48 16.88 20.04
N GLY A 61 2.36 16.46 19.47
CA GLY A 61 2.04 16.79 18.09
C GLY A 61 2.66 15.85 17.06
N THR A 62 3.38 14.84 17.54
CA THR A 62 4.04 13.88 16.66
C THR A 62 4.10 12.53 17.34
N ILE A 63 4.47 11.49 16.59
CA ILE A 63 4.54 10.13 17.16
C ILE A 63 6.00 9.65 17.20
N ASP A 64 6.43 9.18 18.36
CA ASP A 64 7.80 8.68 18.53
C ASP A 64 7.83 7.15 18.57
N PHE A 65 9.00 6.58 18.84
CA PHE A 65 9.14 5.12 18.85
C PHE A 65 8.19 4.43 19.86
N PRO A 66 8.22 4.76 21.13
CA PRO A 66 7.30 4.10 22.11
C PRO A 66 5.85 4.11 21.62
N GLU A 67 5.37 5.30 21.21
CA GLU A 67 3.99 5.42 20.70
C GLU A 67 3.81 4.58 19.44
N PHE A 68 4.93 4.21 18.83
CA PHE A 68 4.90 3.39 17.62
C PHE A 68 4.52 1.95 18.00
N LEU A 69 5.29 1.32 18.87
CA LEU A 69 5.02 -0.07 19.24
C LEU A 69 3.62 -0.32 19.81
N THR A 70 3.17 0.54 20.72
CA THR A 70 1.81 0.37 21.31
C THR A 70 0.81 -0.09 20.23
N MET A 71 0.56 0.75 19.23
CA MET A 71 -0.44 0.41 18.20
C MET A 71 -0.06 -0.83 17.39
N MET A 72 1.21 -0.94 17.01
CA MET A 72 1.66 -2.08 16.20
C MET A 72 1.39 -3.42 16.90
N ALA A 73 1.63 -3.47 18.20
CA ALA A 73 1.44 -4.70 18.98
C ALA A 73 -0.03 -5.12 19.01
N ARG A 74 -0.93 -4.13 19.00
CA ARG A 74 -2.36 -4.42 19.02
C ARG A 74 -2.95 -4.44 17.61
N LYS A 75 -2.15 -3.99 16.64
CA LYS A 75 -2.63 -3.95 15.25
C LYS A 75 -2.44 -5.31 14.59
N MET A 76 -3.19 -6.31 15.09
CA MET A 76 -3.11 -7.67 14.54
C MET A 76 -4.37 -8.01 13.75
N LYS A 77 -5.13 -6.97 13.41
CA LYS A 77 -6.38 -7.15 12.68
C LYS A 77 -6.20 -8.06 11.48
N ASP A 78 -7.12 -9.01 11.34
CA ASP A 78 -7.08 -9.97 10.25
C ASP A 78 -7.88 -9.46 9.04
N THR A 79 -7.14 -9.06 8.00
CA THR A 79 -7.76 -8.60 6.75
C THR A 79 -7.87 -9.84 5.85
N ASP A 80 -9.12 -10.16 5.47
CA ASP A 80 -9.35 -11.24 4.51
C ASP A 80 -8.83 -10.74 3.16
N SER A 81 -7.76 -11.38 2.67
CA SER A 81 -7.14 -11.02 1.40
C SER A 81 -8.19 -10.62 0.35
N GLU A 82 -9.44 -11.03 0.56
CA GLU A 82 -10.51 -10.74 -0.39
C GLU A 82 -10.85 -9.26 -0.42
N GLU A 83 -10.86 -8.63 0.73
CA GLU A 83 -11.20 -7.20 0.82
C GLU A 83 -10.45 -6.40 -0.26
N GLU A 84 -9.21 -6.79 -0.55
CA GLU A 84 -8.40 -6.08 -1.54
C GLU A 84 -8.64 -6.60 -2.97
N ILE A 85 -9.19 -7.79 -3.07
CA ILE A 85 -9.45 -8.38 -4.38
C ILE A 85 -10.44 -7.51 -5.17
N ARG A 86 -11.72 -7.56 -4.80
CA ARG A 86 -12.74 -6.81 -5.52
C ARG A 86 -12.50 -5.30 -5.46
N GLU A 87 -12.09 -4.80 -4.30
CA GLU A 87 -11.86 -3.37 -4.13
C GLU A 87 -10.77 -2.86 -5.07
N ALA A 88 -9.71 -3.65 -5.22
CA ALA A 88 -8.61 -3.28 -6.10
C ALA A 88 -9.07 -3.14 -7.55
N PHE A 89 -10.20 -3.75 -7.86
CA PHE A 89 -10.74 -3.67 -9.22
C PHE A 89 -11.28 -2.26 -9.51
N ARG A 90 -12.14 -1.78 -8.62
CA ARG A 90 -12.76 -0.45 -8.79
C ARG A 90 -11.71 0.65 -8.99
N VAL A 91 -10.63 0.60 -8.21
CA VAL A 91 -9.57 1.61 -8.33
C VAL A 91 -8.89 1.49 -9.70
N PHE A 92 -8.61 0.27 -10.11
CA PHE A 92 -7.94 0.05 -11.39
C PHE A 92 -8.85 0.40 -12.56
N ASP A 93 -10.13 0.07 -12.44
CA ASP A 93 -11.10 0.42 -13.48
C ASP A 93 -11.58 1.85 -13.19
N LYS A 94 -10.78 2.83 -13.59
CA LYS A 94 -11.08 4.24 -13.31
C LYS A 94 -12.42 4.71 -13.85
N ASP A 95 -12.71 4.43 -15.12
CA ASP A 95 -13.98 4.86 -15.72
C ASP A 95 -15.05 3.79 -15.59
N GLY A 96 -14.72 2.70 -14.89
CA GLY A 96 -15.68 1.63 -14.71
C GLY A 96 -16.25 1.17 -16.05
N ASN A 97 -15.38 0.94 -17.03
CA ASN A 97 -15.79 0.50 -18.36
C ASN A 97 -15.83 -1.01 -18.44
N GLY A 98 -15.63 -1.68 -17.29
CA GLY A 98 -15.65 -3.13 -17.24
C GLY A 98 -14.28 -3.73 -17.61
N TYR A 99 -13.30 -2.88 -17.87
CA TYR A 99 -11.97 -3.36 -18.25
C TYR A 99 -10.86 -2.49 -17.64
N ILE A 100 -9.68 -3.09 -17.49
CA ILE A 100 -8.53 -2.36 -16.98
C ILE A 100 -7.75 -1.82 -18.16
N SER A 101 -7.70 -0.49 -18.28
CA SER A 101 -7.01 0.15 -19.40
C SER A 101 -5.54 0.40 -19.11
N ALA A 102 -4.67 0.41 -20.12
CA ALA A 102 -3.25 0.63 -19.89
C ALA A 102 -3.03 1.96 -19.16
N ALA A 103 -3.67 3.02 -19.61
CA ALA A 103 -3.50 4.33 -18.98
C ALA A 103 -3.75 4.22 -17.47
N GLU A 104 -4.77 3.44 -17.11
CA GLU A 104 -5.11 3.23 -15.70
C GLU A 104 -3.99 2.47 -14.98
N LEU A 105 -3.43 1.45 -15.60
CA LEU A 105 -2.36 0.67 -14.97
C LEU A 105 -1.12 1.54 -14.71
N ARG A 106 -0.72 2.31 -15.71
CA ARG A 106 0.47 3.16 -15.58
C ARG A 106 0.50 3.88 -14.22
N HIS A 107 -0.65 4.40 -13.78
CA HIS A 107 -0.71 5.10 -12.50
C HIS A 107 -0.41 4.15 -11.34
N VAL A 108 -0.72 2.88 -11.50
CA VAL A 108 -0.49 1.92 -10.42
C VAL A 108 0.97 1.92 -9.99
N MET A 109 1.90 1.96 -10.95
CA MET A 109 3.32 1.92 -10.64
C MET A 109 3.69 2.95 -9.57
N THR A 110 3.13 4.14 -9.78
CA THR A 110 3.40 5.29 -8.90
C THR A 110 3.08 4.96 -7.46
N ASN A 111 1.97 4.27 -7.27
CA ASN A 111 1.57 3.89 -5.92
C ASN A 111 2.57 2.91 -5.30
N LEU A 112 3.06 1.95 -6.09
CA LEU A 112 3.99 0.95 -5.58
C LEU A 112 5.43 1.49 -5.53
N GLY A 113 5.69 2.61 -6.20
CA GLY A 113 7.04 3.18 -6.23
C GLY A 113 7.93 2.35 -7.16
N GLU A 114 7.42 1.73 -8.22
CA GLU A 114 8.31 0.92 -9.08
C GLU A 114 9.01 1.79 -10.12
N LYS A 115 8.43 2.94 -10.44
CA LYS A 115 9.03 3.82 -11.46
C LYS A 115 9.49 2.99 -12.65
N LEU A 116 8.50 2.34 -13.26
CA LEU A 116 8.71 1.48 -14.43
C LEU A 116 8.83 2.27 -15.73
N THR A 117 9.62 1.75 -16.67
CA THR A 117 9.80 2.39 -17.98
C THR A 117 8.65 1.99 -18.89
N ASP A 118 8.66 2.58 -20.09
CA ASP A 118 7.65 2.23 -21.09
C ASP A 118 7.77 0.72 -21.35
N GLU A 119 9.01 0.26 -21.49
CA GLU A 119 9.27 -1.16 -21.79
C GLU A 119 8.69 -2.10 -20.76
N GLU A 120 8.93 -1.84 -19.49
CA GLU A 120 8.42 -2.69 -18.43
C GLU A 120 6.90 -2.59 -18.28
N VAL A 121 6.37 -1.41 -18.58
CA VAL A 121 4.92 -1.21 -18.49
C VAL A 121 4.22 -2.11 -19.51
N ASP A 122 4.83 -2.18 -20.69
CA ASP A 122 4.32 -3.01 -21.76
C ASP A 122 4.53 -4.49 -21.43
N GLU A 123 5.64 -4.78 -20.77
CA GLU A 123 5.99 -6.17 -20.45
C GLU A 123 4.94 -6.85 -19.56
N MET A 124 4.62 -6.17 -18.46
CA MET A 124 3.62 -6.67 -17.50
C MET A 124 2.32 -6.95 -18.23
N ILE A 125 1.91 -6.02 -19.08
CA ILE A 125 0.64 -6.14 -19.80
C ILE A 125 0.63 -7.41 -20.64
N ARG A 126 1.72 -7.70 -21.32
CA ARG A 126 1.79 -8.90 -22.15
C ARG A 126 1.60 -10.17 -21.32
N GLU A 127 2.11 -10.14 -20.09
CA GLU A 127 2.03 -11.29 -19.20
C GLU A 127 0.57 -11.71 -18.93
N ALA A 128 -0.31 -10.74 -18.73
CA ALA A 128 -1.72 -11.03 -18.44
C ALA A 128 -2.56 -11.10 -19.72
N ASP A 129 -2.06 -10.49 -20.79
CA ASP A 129 -2.80 -10.43 -22.04
C ASP A 129 -2.82 -11.78 -22.75
N ILE A 130 -3.84 -12.57 -22.40
CA ILE A 130 -3.99 -13.91 -22.95
C ILE A 130 -4.39 -13.90 -24.44
N ASP A 131 -4.84 -12.71 -24.85
CA ASP A 131 -5.24 -12.43 -26.23
C ASP A 131 -4.78 -11.03 -26.60
N GLY A 132 -4.39 -10.84 -27.85
CA GLY A 132 -3.88 -9.55 -28.32
C GLY A 132 -4.97 -8.49 -28.45
N ASP A 133 -5.74 -8.28 -27.39
CA ASP A 133 -6.79 -7.26 -27.40
C ASP A 133 -6.25 -5.93 -26.88
N GLY A 134 -5.03 -5.95 -26.35
CA GLY A 134 -4.39 -4.73 -25.89
C GLY A 134 -4.91 -4.21 -24.54
N GLN A 135 -5.82 -4.96 -23.91
CA GLN A 135 -6.40 -4.54 -22.63
C GLN A 135 -6.47 -5.73 -21.68
N VAL A 136 -6.46 -5.46 -20.38
CA VAL A 136 -6.52 -6.54 -19.38
C VAL A 136 -7.94 -6.67 -18.82
N ASN A 137 -8.57 -7.83 -19.02
CA ASN A 137 -9.93 -8.04 -18.53
C ASN A 137 -9.92 -8.48 -17.08
N TYR A 138 -11.12 -8.62 -16.50
CA TYR A 138 -11.26 -9.04 -15.10
C TYR A 138 -10.67 -10.44 -14.92
N GLU A 139 -10.92 -11.32 -15.88
CA GLU A 139 -10.42 -12.69 -15.79
C GLU A 139 -8.89 -12.71 -15.76
N GLU A 140 -8.26 -11.92 -16.62
CA GLU A 140 -6.81 -11.87 -16.66
C GLU A 140 -6.26 -11.27 -15.37
N PHE A 141 -6.95 -10.27 -14.83
CA PHE A 141 -6.53 -9.61 -13.61
C PHE A 141 -6.45 -10.62 -12.46
N VAL A 142 -7.46 -11.46 -12.36
CA VAL A 142 -7.51 -12.48 -11.30
C VAL A 142 -6.38 -13.50 -11.47
N GLN A 143 -6.22 -13.99 -12.70
CA GLN A 143 -5.20 -15.00 -12.96
C GLN A 143 -3.85 -14.56 -12.35
N MET A 144 -3.50 -13.28 -12.53
CA MET A 144 -2.23 -12.75 -12.05
C MET A 144 -2.19 -12.52 -10.54
N MET A 145 -3.30 -12.07 -9.97
CA MET A 145 -3.37 -11.81 -8.54
C MET A 145 -3.22 -13.12 -7.77
N THR A 146 -4.02 -14.12 -8.13
CA THR A 146 -3.94 -15.40 -7.44
C THR A 146 -2.86 -16.26 -8.05
N ALA A 147 -3.25 -17.46 -8.47
CA ALA A 147 -2.31 -18.40 -9.08
C ALA A 147 -2.32 -18.28 -10.59
N LYS A 148 -1.14 -18.35 -11.20
CA LYS A 148 -1.01 -18.24 -12.65
C LYS A 148 -1.26 -19.59 -13.31
N LEU B 1 11.15 -21.42 -16.78
CA LEU B 1 9.79 -21.11 -16.24
C LEU B 1 9.62 -19.60 -16.16
N ARG B 2 8.57 -19.09 -16.78
CA ARG B 2 8.30 -17.65 -16.77
C ARG B 2 8.02 -17.19 -15.34
N ARG B 3 7.26 -18.00 -14.59
CA ARG B 3 6.91 -17.66 -13.22
C ARG B 3 6.60 -16.17 -13.11
N GLY B 4 5.75 -15.67 -14.02
CA GLY B 4 5.37 -14.27 -14.01
C GLY B 4 4.65 -13.90 -12.71
N GLN B 5 4.54 -14.88 -11.81
CA GLN B 5 3.84 -14.68 -10.53
C GLN B 5 4.49 -13.60 -9.68
N ILE B 6 5.80 -13.68 -9.51
CA ILE B 6 6.54 -12.74 -8.67
C ILE B 6 6.26 -11.27 -9.04
N LEU B 7 6.49 -10.91 -10.29
CA LEU B 7 6.33 -9.52 -10.72
C LEU B 7 4.99 -8.93 -10.27
N TRP B 8 3.89 -9.59 -10.64
CA TRP B 8 2.57 -9.11 -10.26
C TRP B 8 2.35 -9.10 -8.75
N PHE B 9 2.71 -10.21 -8.12
CA PHE B 9 2.47 -10.41 -6.68
C PHE B 9 3.09 -9.37 -5.76
N ARG B 10 4.36 -9.04 -5.99
CA ARG B 10 5.07 -8.10 -5.13
C ARG B 10 4.21 -6.91 -4.71
N GLY B 11 3.64 -6.26 -5.73
CA GLY B 11 2.78 -5.10 -5.52
C GLY B 11 1.55 -5.46 -4.69
N LEU B 12 0.93 -6.61 -4.98
CA LEU B 12 -0.26 -6.99 -4.21
C LEU B 12 0.08 -7.04 -2.72
N ASN B 13 1.23 -7.63 -2.42
CA ASN B 13 1.65 -7.83 -1.03
C ASN B 13 1.79 -6.54 -0.24
N ARG B 14 2.47 -5.55 -0.82
CA ARG B 14 2.68 -4.26 -0.18
C ARG B 14 1.39 -3.49 0.04
N ILE B 15 0.46 -3.57 -0.91
CA ILE B 15 -0.80 -2.83 -0.78
C ILE B 15 -1.54 -3.30 0.46
N GLN B 16 -1.59 -4.59 0.73
CA GLN B 16 -2.25 -5.03 1.96
C GLN B 16 -1.69 -4.22 3.12
N THR B 17 -0.37 -4.08 3.19
CA THR B 17 0.25 -3.33 4.28
C THR B 17 -0.16 -1.86 4.28
N GLN B 18 -0.07 -1.22 3.10
CA GLN B 18 -0.37 0.21 2.97
C GLN B 18 -1.36 0.70 4.01
N ILE B 19 -2.53 0.03 3.96
CA ILE B 19 -3.67 0.28 4.84
C ILE B 19 -3.56 -0.45 6.19
N LYS B 20 -2.67 -1.41 6.34
CA LYS B 20 -2.54 -2.03 7.67
C LYS B 20 -2.15 -0.93 8.67
N VAL B 21 -1.19 -0.10 8.32
CA VAL B 21 -0.72 0.94 9.26
C VAL B 21 -1.82 1.93 9.65
N VAL B 22 -2.51 2.45 8.65
CA VAL B 22 -3.55 3.44 8.88
C VAL B 22 -4.75 2.86 9.66
N LYS B 23 -5.11 1.60 9.42
CA LYS B 23 -6.25 1.03 10.15
C LYS B 23 -6.10 1.29 11.65
N ALA B 24 -4.86 1.22 12.11
CA ALA B 24 -4.59 1.43 13.52
C ALA B 24 -5.21 2.76 13.95
N PHE B 25 -5.00 3.80 13.15
CA PHE B 25 -5.53 5.13 13.45
C PHE B 25 -7.07 5.14 13.49
N HIS B 26 -7.72 4.62 12.46
CA HIS B 26 -9.18 4.63 12.41
C HIS B 26 -9.82 3.73 13.47
N SER B 27 -9.26 2.55 13.68
CA SER B 27 -9.85 1.61 14.64
C SER B 27 -11.20 1.14 14.05
N SER B 28 -11.33 0.54 12.86
CA SER B 28 -12.68 0.13 12.42
C SER B 28 -13.69 1.26 12.56
CA CA C . 9.96 11.51 9.82
CA CA D . 4.90 11.56 20.69
CA CA E . -11.12 1.25 -17.72
CA CA F . -6.83 -9.36 -22.57
N ALA A 1 3.80 -11.27 23.56
CA ALA A 1 4.76 -11.58 22.45
C ALA A 1 4.78 -10.42 21.46
N ASP A 2 4.84 -9.20 21.98
CA ASP A 2 4.86 -8.01 21.14
C ASP A 2 6.11 -7.99 20.26
N GLN A 3 7.25 -8.38 20.85
CA GLN A 3 8.55 -8.41 20.16
C GLN A 3 9.66 -8.35 21.20
N LEU A 4 10.24 -9.51 21.51
CA LEU A 4 11.33 -9.60 22.49
C LEU A 4 12.62 -10.09 21.80
N THR A 5 12.54 -10.67 20.61
CA THR A 5 13.76 -11.14 19.93
C THR A 5 14.45 -9.97 19.23
N GLU A 6 15.77 -9.92 19.36
CA GLU A 6 16.55 -8.87 18.73
C GLU A 6 16.20 -8.73 17.25
N GLU A 7 16.42 -9.86 16.54
CA GLU A 7 16.16 -9.97 15.10
C GLU A 7 14.97 -9.12 14.68
N GLN A 8 13.94 -9.09 15.53
CA GLN A 8 12.75 -8.30 15.23
C GLN A 8 13.06 -6.81 15.30
N ILE A 9 13.92 -6.34 16.18
CA ILE A 9 14.23 -4.90 16.11
C ILE A 9 14.76 -4.66 14.70
N ALA A 10 15.66 -5.52 14.23
CA ALA A 10 16.23 -5.30 12.90
C ALA A 10 15.13 -5.14 11.85
N GLU A 11 14.19 -6.08 11.82
CA GLU A 11 13.11 -6.04 10.81
C GLU A 11 12.26 -4.77 10.92
N PHE A 12 11.86 -4.45 12.14
CA PHE A 12 11.04 -3.28 12.41
C PHE A 12 11.77 -1.99 12.01
N LYS A 13 13.06 -1.91 12.28
CA LYS A 13 13.82 -0.73 11.93
C LYS A 13 13.59 -0.39 10.46
N GLU A 14 13.88 -1.32 9.55
CA GLU A 14 13.70 -1.05 8.13
C GLU A 14 12.35 -0.42 7.87
N ALA A 15 11.31 -0.96 8.51
CA ALA A 15 9.95 -0.44 8.33
C ALA A 15 9.87 1.06 8.60
N PHE A 16 10.58 1.54 9.60
CA PHE A 16 10.53 2.95 9.95
C PHE A 16 10.89 3.89 8.79
N SER A 17 11.93 3.52 8.04
CA SER A 17 12.39 4.31 6.91
C SER A 17 11.33 4.38 5.79
N LEU A 18 10.34 3.49 5.85
CA LEU A 18 9.30 3.44 4.82
C LEU A 18 8.44 4.71 4.80
N PHE A 19 8.09 5.23 5.98
CA PHE A 19 7.24 6.44 6.06
C PHE A 19 8.03 7.67 6.47
N ASP A 20 9.24 7.47 6.96
CA ASP A 20 10.06 8.60 7.38
C ASP A 20 10.61 9.34 6.16
N LYS A 21 9.91 10.39 5.76
CA LYS A 21 10.31 11.19 4.60
C LYS A 21 11.61 11.97 4.86
N ASP A 22 11.68 12.68 5.98
CA ASP A 22 12.88 13.49 6.30
C ASP A 22 13.79 12.82 7.33
N GLY A 23 13.59 11.52 7.56
CA GLY A 23 14.41 10.79 8.55
C GLY A 23 14.79 11.67 9.74
N ASP A 24 13.80 12.38 10.29
CA ASP A 24 14.03 13.26 11.44
C ASP A 24 13.96 12.49 12.75
N GLY A 25 13.61 11.21 12.66
CA GLY A 25 13.51 10.36 13.85
C GLY A 25 12.11 10.39 14.46
N THR A 26 11.21 11.17 13.86
CA THR A 26 9.83 11.28 14.35
C THR A 26 8.87 11.29 13.16
N ILE A 27 7.62 10.85 13.41
CA ILE A 27 6.61 10.88 12.36
C ILE A 27 5.81 12.19 12.44
N THR A 28 5.76 12.91 11.32
CA THR A 28 5.06 14.22 11.27
C THR A 28 3.88 14.23 10.31
N THR A 29 3.07 15.28 10.44
CA THR A 29 1.87 15.44 9.65
C THR A 29 2.18 15.43 8.16
N LYS A 30 3.36 15.94 7.81
CA LYS A 30 3.77 16.00 6.40
C LYS A 30 3.81 14.60 5.76
N GLU A 31 4.69 13.75 6.27
CA GLU A 31 4.81 12.37 5.74
C GLU A 31 3.52 11.57 5.93
N LEU A 32 2.73 11.84 6.98
CA LEU A 32 1.49 11.08 7.15
C LEU A 32 0.63 11.28 5.89
N GLY A 33 0.27 12.53 5.66
CA GLY A 33 -0.58 12.93 4.55
C GLY A 33 0.00 12.47 3.20
N THR A 34 1.31 12.52 3.00
CA THR A 34 1.83 12.05 1.70
C THR A 34 1.36 10.60 1.48
N VAL A 35 1.62 9.69 2.42
CA VAL A 35 1.24 8.29 2.21
C VAL A 35 -0.26 8.14 1.91
N MET A 36 -1.15 8.80 2.65
CA MET A 36 -2.58 8.67 2.39
C MET A 36 -2.87 9.11 0.95
N ARG A 37 -2.24 10.19 0.52
CA ARG A 37 -2.45 10.72 -0.83
C ARG A 37 -2.24 9.62 -1.88
N SER A 38 -1.22 8.79 -1.64
CA SER A 38 -0.89 7.69 -2.53
C SER A 38 -2.05 6.68 -2.61
N LEU A 39 -2.90 6.72 -1.59
CA LEU A 39 -4.04 5.81 -1.58
C LEU A 39 -5.10 6.25 -2.57
N GLY A 40 -4.82 7.33 -3.30
CA GLY A 40 -5.74 7.82 -4.31
C GLY A 40 -6.84 8.69 -3.69
N GLN A 41 -6.55 9.32 -2.56
CA GLN A 41 -7.54 10.18 -1.90
C GLN A 41 -6.96 11.57 -1.67
N ASN A 42 -7.83 12.52 -1.33
CA ASN A 42 -7.40 13.90 -1.08
C ASN A 42 -7.84 14.34 0.31
N PRO A 43 -7.12 13.98 1.34
CA PRO A 43 -7.51 14.33 2.74
C PRO A 43 -7.32 15.82 3.02
N THR A 44 -8.19 16.36 3.87
CA THR A 44 -8.12 17.78 4.23
C THR A 44 -7.06 18.02 5.29
N GLU A 45 -6.67 19.27 5.44
CA GLU A 45 -5.65 19.63 6.41
C GLU A 45 -6.07 19.22 7.83
N ALA A 46 -7.33 19.48 8.17
CA ALA A 46 -7.84 19.13 9.50
C ALA A 46 -7.66 17.65 9.81
N GLU A 47 -7.56 16.82 8.77
CA GLU A 47 -7.38 15.38 8.99
C GLU A 47 -6.05 15.09 9.65
N LEU A 48 -5.02 15.80 9.21
CA LEU A 48 -3.69 15.62 9.76
C LEU A 48 -3.72 15.84 11.28
N GLN A 49 -4.48 16.84 11.69
CA GLN A 49 -4.57 17.20 13.11
C GLN A 49 -5.33 16.16 13.91
N ASP A 50 -6.55 15.88 13.51
CA ASP A 50 -7.41 14.94 14.21
C ASP A 50 -6.76 13.56 14.38
N MET A 51 -6.24 13.01 13.29
CA MET A 51 -5.63 11.68 13.34
C MET A 51 -4.36 11.63 14.19
N ILE A 52 -3.45 12.54 13.92
CA ILE A 52 -2.19 12.56 14.67
C ILE A 52 -2.49 12.71 16.16
N ASN A 53 -3.34 13.69 16.52
CA ASN A 53 -3.64 13.92 17.93
C ASN A 53 -4.19 12.66 18.63
N GLU A 54 -4.90 11.84 17.89
CA GLU A 54 -5.49 10.63 18.50
C GLU A 54 -4.41 9.63 18.92
N VAL A 55 -3.38 9.47 18.09
CA VAL A 55 -2.31 8.51 18.38
C VAL A 55 -1.23 9.14 19.27
N ASP A 56 -1.17 10.47 19.28
CA ASP A 56 -0.11 11.18 20.01
C ASP A 56 -0.28 11.29 21.52
N ALA A 57 0.15 10.21 22.17
CA ALA A 57 0.03 10.06 23.62
C ALA A 57 0.72 11.14 24.43
N ASP A 58 1.88 11.63 23.98
CA ASP A 58 2.60 12.64 24.73
C ASP A 58 2.18 14.06 24.34
N GLY A 59 1.27 14.21 23.38
CA GLY A 59 0.80 15.54 22.97
C GLY A 59 1.92 16.43 22.44
N ASN A 60 3.00 15.84 21.96
CA ASN A 60 4.12 16.62 21.41
C ASN A 60 3.89 16.91 19.94
N GLY A 61 2.77 16.50 19.37
CA GLY A 61 2.45 16.83 17.98
C GLY A 61 3.01 15.85 16.95
N THR A 62 3.70 14.81 17.44
CA THR A 62 4.30 13.81 16.56
C THR A 62 4.27 12.45 17.25
N ILE A 63 4.60 11.38 16.50
CA ILE A 63 4.59 10.04 17.08
C ILE A 63 6.01 9.49 17.16
N ASP A 64 6.39 9.01 18.35
CA ASP A 64 7.72 8.45 18.57
C ASP A 64 7.67 6.92 18.60
N PHE A 65 8.82 6.29 18.80
CA PHE A 65 8.90 4.83 18.77
C PHE A 65 7.93 4.14 19.76
N PRO A 66 7.86 4.57 20.99
CA PRO A 66 6.95 3.92 21.97
C PRO A 66 5.50 3.87 21.46
N GLU A 67 4.99 5.02 21.03
CA GLU A 67 3.63 5.12 20.49
C GLU A 67 3.48 4.26 19.22
N PHE A 68 4.62 4.02 18.57
CA PHE A 68 4.62 3.22 17.34
C PHE A 68 4.32 1.77 17.67
N LEU A 69 5.16 1.14 18.47
CA LEU A 69 5.00 -0.28 18.78
C LEU A 69 3.63 -0.60 19.40
N THR A 70 3.17 0.22 20.34
CA THR A 70 1.87 -0.04 20.95
C THR A 70 0.85 -0.42 19.85
N MET A 71 0.73 0.40 18.81
CA MET A 71 -0.25 0.13 17.74
C MET A 71 0.03 -1.14 16.97
N MET A 72 1.29 -1.36 16.60
CA MET A 72 1.65 -2.54 15.80
C MET A 72 1.33 -3.86 16.52
N ALA A 73 1.61 -3.90 17.82
CA ALA A 73 1.38 -5.10 18.61
C ALA A 73 -0.11 -5.44 18.72
N ARG A 74 -0.95 -4.41 18.78
CA ARG A 74 -2.40 -4.62 18.88
C ARG A 74 -3.06 -4.65 17.50
N LYS A 75 -2.34 -4.17 16.49
CA LYS A 75 -2.87 -4.16 15.13
C LYS A 75 -2.74 -5.54 14.48
N MET A 76 -3.56 -6.46 14.96
CA MET A 76 -3.55 -7.85 14.44
C MET A 76 -4.82 -8.12 13.64
N LYS A 77 -5.52 -7.04 13.28
CA LYS A 77 -6.76 -7.15 12.52
C LYS A 77 -6.61 -8.10 11.34
N ASP A 78 -7.57 -9.01 11.22
CA ASP A 78 -7.54 -10.01 10.13
C ASP A 78 -8.27 -9.48 8.90
N THR A 79 -7.49 -9.19 7.86
CA THR A 79 -8.04 -8.75 6.58
C THR A 79 -8.08 -10.00 5.68
N ASP A 80 -9.31 -10.39 5.34
CA ASP A 80 -9.52 -11.50 4.39
C ASP A 80 -8.96 -11.03 3.04
N SER A 81 -7.91 -11.71 2.58
CA SER A 81 -7.28 -11.38 1.29
C SER A 81 -8.32 -10.95 0.24
N GLU A 82 -9.57 -11.36 0.45
CA GLU A 82 -10.64 -11.04 -0.51
C GLU A 82 -10.95 -9.54 -0.55
N GLU A 83 -10.88 -8.91 0.61
CA GLU A 83 -11.18 -7.49 0.73
C GLU A 83 -10.44 -6.68 -0.34
N GLU A 84 -9.20 -7.06 -0.64
CA GLU A 84 -8.39 -6.34 -1.63
C GLU A 84 -8.64 -6.86 -3.05
N ILE A 85 -9.24 -8.02 -3.15
CA ILE A 85 -9.52 -8.61 -4.47
C ILE A 85 -10.48 -7.70 -5.26
N ARG A 86 -11.76 -7.70 -4.88
CA ARG A 86 -12.78 -6.92 -5.57
C ARG A 86 -12.49 -5.42 -5.57
N GLU A 87 -12.09 -4.92 -4.40
CA GLU A 87 -11.81 -3.49 -4.24
C GLU A 87 -10.68 -3.04 -5.17
N ALA A 88 -9.64 -3.85 -5.29
CA ALA A 88 -8.51 -3.53 -6.16
C ALA A 88 -8.96 -3.38 -7.61
N PHE A 89 -10.13 -3.90 -7.93
CA PHE A 89 -10.64 -3.79 -9.29
C PHE A 89 -11.13 -2.38 -9.57
N ARG A 90 -11.96 -1.87 -8.66
CA ARG A 90 -12.54 -0.52 -8.79
C ARG A 90 -11.45 0.55 -8.97
N VAL A 91 -10.37 0.47 -8.19
CA VAL A 91 -9.29 1.47 -8.31
C VAL A 91 -8.65 1.35 -9.69
N PHE A 92 -8.37 0.13 -10.13
CA PHE A 92 -7.72 -0.06 -11.41
C PHE A 92 -8.66 0.30 -12.58
N ASP A 93 -9.93 -0.02 -12.45
CA ASP A 93 -10.92 0.35 -13.47
C ASP A 93 -11.44 1.74 -13.12
N LYS A 94 -10.69 2.76 -13.50
CA LYS A 94 -11.04 4.15 -13.18
C LYS A 94 -12.42 4.57 -13.66
N ASP A 95 -12.74 4.29 -14.93
CA ASP A 95 -14.04 4.67 -15.48
C ASP A 95 -15.07 3.55 -15.33
N GLY A 96 -14.70 2.48 -14.64
CA GLY A 96 -15.61 1.35 -14.43
C GLY A 96 -16.21 0.89 -15.76
N ASN A 97 -15.35 0.67 -16.75
CA ASN A 97 -15.77 0.22 -18.07
C ASN A 97 -15.73 -1.30 -18.16
N GLY A 98 -15.44 -1.96 -17.04
CA GLY A 98 -15.37 -3.42 -17.02
C GLY A 98 -14.00 -3.93 -17.45
N TYR A 99 -13.09 -3.02 -17.77
CA TYR A 99 -11.74 -3.41 -18.22
C TYR A 99 -10.65 -2.52 -17.61
N ILE A 100 -9.46 -3.10 -17.46
CA ILE A 100 -8.31 -2.37 -16.94
C ILE A 100 -7.51 -1.84 -18.13
N SER A 101 -7.42 -0.53 -18.22
CA SER A 101 -6.72 0.12 -19.33
C SER A 101 -5.23 0.33 -19.05
N ALA A 102 -4.36 0.28 -20.05
CA ALA A 102 -2.95 0.47 -19.79
C ALA A 102 -2.71 1.80 -19.08
N ALA A 103 -3.31 2.87 -19.57
CA ALA A 103 -3.15 4.18 -18.93
C ALA A 103 -3.42 4.08 -17.41
N GLU A 104 -4.47 3.36 -17.05
CA GLU A 104 -4.83 3.18 -15.64
C GLU A 104 -3.71 2.43 -14.90
N LEU A 105 -3.14 1.40 -15.51
CA LEU A 105 -2.06 0.64 -14.86
C LEU A 105 -0.83 1.53 -14.60
N ARG A 106 -0.46 2.31 -15.61
CA ARG A 106 0.71 3.18 -15.50
C ARG A 106 0.74 3.92 -14.15
N HIS A 107 -0.41 4.46 -13.74
CA HIS A 107 -0.48 5.19 -12.47
C HIS A 107 -0.17 4.25 -11.30
N VAL A 108 -0.53 2.98 -11.43
CA VAL A 108 -0.32 2.03 -10.35
C VAL A 108 1.15 2.01 -9.92
N MET A 109 2.07 2.02 -10.89
CA MET A 109 3.49 1.94 -10.56
C MET A 109 3.88 2.98 -9.50
N THR A 110 3.37 4.19 -9.71
CA THR A 110 3.64 5.33 -8.83
C THR A 110 3.32 4.98 -7.38
N ASN A 111 2.20 4.31 -7.19
CA ASN A 111 1.80 3.93 -5.84
C ASN A 111 2.79 2.92 -5.26
N LEU A 112 3.22 1.96 -6.08
CA LEU A 112 4.13 0.91 -5.61
C LEU A 112 5.58 1.37 -5.58
N GLY A 113 5.87 2.47 -6.26
CA GLY A 113 7.24 2.97 -6.31
C GLY A 113 8.09 2.11 -7.26
N GLU A 114 7.55 1.49 -8.32
CA GLU A 114 8.41 0.65 -9.18
C GLU A 114 9.10 1.50 -10.25
N LYS A 115 8.55 2.67 -10.57
CA LYS A 115 9.17 3.51 -11.61
C LYS A 115 9.60 2.64 -12.81
N LEU A 116 8.59 2.01 -13.39
CA LEU A 116 8.77 1.12 -14.55
C LEU A 116 8.88 1.92 -15.87
N THR A 117 9.67 1.40 -16.80
CA THR A 117 9.85 2.04 -18.11
C THR A 117 8.69 1.67 -19.02
N ASP A 118 8.68 2.29 -20.20
CA ASP A 118 7.66 1.97 -21.20
C ASP A 118 7.72 0.46 -21.46
N GLU A 119 8.95 -0.05 -21.62
CA GLU A 119 9.17 -1.47 -21.93
C GLU A 119 8.57 -2.40 -20.90
N GLU A 120 8.81 -2.11 -19.63
CA GLU A 120 8.29 -2.98 -18.57
C GLU A 120 6.79 -2.81 -18.39
N VAL A 121 6.28 -1.61 -18.68
CA VAL A 121 4.85 -1.35 -18.55
C VAL A 121 4.08 -2.19 -19.56
N ASP A 122 4.63 -2.27 -20.76
CA ASP A 122 4.03 -3.05 -21.84
C ASP A 122 4.21 -4.54 -21.58
N GLU A 123 5.35 -4.87 -20.99
CA GLU A 123 5.69 -6.25 -20.74
C GLU A 123 4.67 -6.96 -19.83
N MET A 124 4.36 -6.31 -18.72
CA MET A 124 3.40 -6.85 -17.76
C MET A 124 2.09 -7.17 -18.50
N ILE A 125 1.63 -6.24 -19.32
CA ILE A 125 0.37 -6.43 -20.05
C ILE A 125 0.42 -7.70 -20.88
N ARG A 126 1.53 -7.95 -21.57
CA ARG A 126 1.63 -9.15 -22.40
C ARG A 126 1.46 -10.42 -21.58
N GLU A 127 1.99 -10.40 -20.36
CA GLU A 127 1.92 -11.57 -19.47
C GLU A 127 0.47 -12.00 -19.21
N ALA A 128 -0.42 -11.03 -19.00
CA ALA A 128 -1.82 -11.35 -18.71
C ALA A 128 -2.67 -11.39 -19.99
N ASP A 129 -2.14 -10.82 -21.06
CA ASP A 129 -2.88 -10.74 -22.32
C ASP A 129 -2.98 -12.10 -23.01
N ILE A 130 -4.04 -12.80 -22.67
CA ILE A 130 -4.29 -14.14 -23.21
C ILE A 130 -4.69 -14.13 -24.69
N ASP A 131 -5.09 -12.93 -25.11
CA ASP A 131 -5.53 -12.64 -26.48
C ASP A 131 -5.05 -11.24 -26.85
N GLY A 132 -4.69 -11.06 -28.11
CA GLY A 132 -4.18 -9.76 -28.55
C GLY A 132 -5.26 -8.68 -28.65
N ASP A 133 -6.01 -8.48 -27.57
CA ASP A 133 -7.06 -7.46 -27.56
C ASP A 133 -6.49 -6.12 -27.06
N GLY A 134 -5.26 -6.14 -26.56
CA GLY A 134 -4.59 -4.90 -26.13
C GLY A 134 -5.08 -4.38 -24.79
N GLN A 135 -6.01 -5.09 -24.15
CA GLN A 135 -6.55 -4.66 -22.86
C GLN A 135 -6.62 -5.82 -21.89
N VAL A 136 -6.60 -5.54 -20.59
CA VAL A 136 -6.64 -6.61 -19.59
C VAL A 136 -8.06 -6.75 -19.02
N ASN A 137 -8.68 -7.92 -19.21
CA ASN A 137 -10.05 -8.14 -18.73
C ASN A 137 -10.04 -8.57 -17.26
N TYR A 138 -11.24 -8.67 -16.68
CA TYR A 138 -11.37 -9.09 -15.29
C TYR A 138 -10.82 -10.49 -15.10
N GLU A 139 -11.08 -11.36 -16.07
CA GLU A 139 -10.59 -12.74 -15.97
C GLU A 139 -9.06 -12.77 -15.94
N GLU A 140 -8.42 -11.99 -16.82
CA GLU A 140 -6.95 -11.97 -16.85
C GLU A 140 -6.40 -11.38 -15.55
N PHE A 141 -7.09 -10.38 -15.01
CA PHE A 141 -6.66 -9.74 -13.76
C PHE A 141 -6.64 -10.74 -12.60
N VAL A 142 -7.71 -11.54 -12.52
CA VAL A 142 -7.83 -12.55 -11.45
C VAL A 142 -6.73 -13.61 -11.59
N GLN A 143 -6.57 -14.10 -12.81
CA GLN A 143 -5.56 -15.13 -13.05
C GLN A 143 -4.20 -14.70 -12.46
N MET A 144 -3.85 -13.42 -12.65
CA MET A 144 -2.56 -12.90 -12.20
C MET A 144 -2.48 -12.68 -10.69
N MET A 145 -3.58 -12.22 -10.10
CA MET A 145 -3.62 -11.96 -8.67
C MET A 145 -3.67 -13.29 -7.90
N THR A 146 -4.53 -14.21 -8.35
CA THR A 146 -4.66 -15.51 -7.68
C THR A 146 -3.67 -16.53 -8.24
N ALA A 147 -2.52 -16.05 -8.71
CA ALA A 147 -1.50 -16.94 -9.26
C ALA A 147 -0.70 -17.60 -8.15
N LYS A 148 -1.22 -18.72 -7.62
CA LYS A 148 -0.54 -19.44 -6.55
C LYS A 148 -1.00 -20.89 -6.52
N LEU B 1 11.76 -12.80 -12.52
CA LEU B 1 11.47 -12.30 -13.89
C LEU B 1 10.65 -13.34 -14.64
N ARG B 2 11.14 -14.57 -14.69
CA ARG B 2 10.44 -15.65 -15.39
C ARG B 2 9.08 -15.89 -14.74
N ARG B 3 9.04 -15.87 -13.42
CA ARG B 3 7.80 -16.08 -12.67
C ARG B 3 7.01 -14.77 -12.59
N GLY B 4 6.10 -14.58 -13.55
CA GLY B 4 5.29 -13.38 -13.58
C GLY B 4 4.63 -13.14 -12.23
N GLN B 5 4.75 -14.12 -11.34
CA GLN B 5 4.14 -14.04 -10.02
C GLN B 5 4.74 -12.90 -9.20
N ILE B 6 6.07 -12.82 -9.18
CA ILE B 6 6.73 -11.78 -8.41
C ILE B 6 6.30 -10.37 -8.83
N LEU B 7 6.37 -10.10 -10.13
CA LEU B 7 6.01 -8.77 -10.62
C LEU B 7 4.59 -8.37 -10.19
N TRP B 8 3.58 -9.15 -10.60
CA TRP B 8 2.20 -8.82 -10.25
C TRP B 8 1.98 -8.80 -8.74
N PHE B 9 2.30 -9.93 -8.12
CA PHE B 9 2.05 -10.16 -6.69
C PHE B 9 2.68 -9.15 -5.74
N ARG B 10 3.96 -8.86 -5.94
CA ARG B 10 4.69 -7.96 -5.06
C ARG B 10 3.87 -6.76 -4.61
N GLY B 11 3.31 -6.06 -5.60
CA GLY B 11 2.48 -4.89 -5.33
C GLY B 11 1.26 -5.28 -4.52
N LEU B 12 0.64 -6.41 -4.81
CA LEU B 12 -0.54 -6.80 -4.04
C LEU B 12 -0.19 -6.84 -2.55
N ASN B 13 0.95 -7.46 -2.24
CA ASN B 13 1.37 -7.66 -0.85
C ASN B 13 1.55 -6.37 -0.06
N ARG B 14 2.29 -5.41 -0.65
CA ARG B 14 2.55 -4.12 0.00
C ARG B 14 1.28 -3.31 0.20
N ILE B 15 0.37 -3.32 -0.77
CA ILE B 15 -0.84 -2.53 -0.64
C ILE B 15 -1.63 -2.95 0.59
N GLN B 16 -1.75 -4.24 0.84
CA GLN B 16 -2.47 -4.65 2.06
C GLN B 16 -1.87 -3.89 3.24
N THR B 17 -0.53 -3.87 3.36
CA THR B 17 0.12 -3.18 4.47
C THR B 17 -0.18 -1.67 4.48
N GLN B 18 -0.03 -1.03 3.32
CA GLN B 18 -0.23 0.42 3.21
C GLN B 18 -1.22 0.98 4.24
N ILE B 19 -2.42 0.41 4.16
CA ILE B 19 -3.56 0.75 5.02
C ILE B 19 -3.50 0.03 6.37
N LYS B 20 -2.67 -0.98 6.57
CA LYS B 20 -2.62 -1.55 7.93
C LYS B 20 -2.21 -0.45 8.91
N VAL B 21 -1.26 0.38 8.54
CA VAL B 21 -0.79 1.42 9.45
C VAL B 21 -1.91 2.39 9.82
N VAL B 22 -2.63 2.81 8.80
CA VAL B 22 -3.72 3.77 8.94
C VAL B 22 -4.88 3.18 9.76
N LYS B 23 -5.25 1.93 9.51
CA LYS B 23 -6.37 1.35 10.24
C LYS B 23 -6.22 1.59 11.74
N ALA B 24 -5.00 1.44 12.20
CA ALA B 24 -4.72 1.64 13.62
C ALA B 24 -5.29 2.97 14.07
N PHE B 25 -5.09 4.03 13.28
CA PHE B 25 -5.58 5.35 13.66
C PHE B 25 -7.10 5.37 13.81
N HIS B 26 -7.83 5.17 12.72
CA HIS B 26 -9.30 5.20 12.79
C HIS B 26 -9.90 3.83 13.10
N SER B 27 -9.56 2.80 12.30
CA SER B 27 -10.12 1.46 12.53
C SER B 27 -11.47 1.34 11.82
N SER B 28 -11.61 0.87 10.58
CA SER B 28 -12.97 0.82 10.03
C SER B 28 -13.66 2.17 10.16
CA CA C . 9.77 11.27 9.56
CA CA D . 4.76 11.07 20.54
CA CA E . -10.87 1.26 -17.54
CA CA F . -6.84 -9.43 -22.94
N ALA A 1 5.44 -10.95 22.87
CA ALA A 1 5.13 -11.26 21.45
C ALA A 1 5.30 -10.01 20.60
N ASP A 2 5.44 -8.88 21.26
CA ASP A 2 5.59 -7.60 20.56
C ASP A 2 6.88 -7.59 19.75
N GLN A 3 7.96 -8.10 20.35
CA GLN A 3 9.29 -8.14 19.71
C GLN A 3 10.37 -8.22 20.78
N LEU A 4 10.77 -9.45 21.14
CA LEU A 4 11.81 -9.67 22.13
C LEU A 4 13.12 -10.08 21.45
N THR A 5 13.07 -10.66 20.25
CA THR A 5 14.32 -11.03 19.56
C THR A 5 14.93 -9.81 18.87
N GLU A 6 16.24 -9.69 18.93
CA GLU A 6 16.92 -8.55 18.30
C GLU A 6 16.44 -8.39 16.85
N GLU A 7 16.61 -9.49 16.11
CA GLU A 7 16.27 -9.54 14.68
C GLU A 7 15.02 -8.70 14.38
N GLN A 8 14.06 -8.71 15.30
CA GLN A 8 12.84 -7.94 15.10
C GLN A 8 13.12 -6.44 15.19
N ILE A 9 13.99 -5.96 16.06
CA ILE A 9 14.28 -4.52 16.02
C ILE A 9 14.77 -4.23 14.60
N ALA A 10 15.66 -5.07 14.09
CA ALA A 10 16.21 -4.85 12.77
C ALA A 10 15.10 -4.70 11.72
N GLU A 11 14.16 -5.65 11.69
CA GLU A 11 13.09 -5.63 10.71
C GLU A 11 12.21 -4.38 10.84
N PHE A 12 11.82 -4.09 12.07
CA PHE A 12 10.97 -2.95 12.36
C PHE A 12 11.67 -1.63 11.99
N LYS A 13 12.97 -1.56 12.22
CA LYS A 13 13.70 -0.34 11.90
C LYS A 13 13.49 0.06 10.45
N GLU A 14 13.72 -0.86 9.52
CA GLU A 14 13.56 -0.55 8.10
C GLU A 14 12.19 0.09 7.87
N ALA A 15 11.18 -0.42 8.55
CA ALA A 15 9.82 0.07 8.40
C ALA A 15 9.71 1.56 8.71
N PHE A 16 10.45 2.04 9.71
CA PHE A 16 10.38 3.44 10.08
C PHE A 16 10.72 4.38 8.92
N SER A 17 11.76 4.03 8.17
CA SER A 17 12.20 4.85 7.03
C SER A 17 11.13 4.88 5.93
N LEU A 18 10.15 3.98 6.01
CA LEU A 18 9.10 3.93 4.98
C LEU A 18 8.27 5.21 4.94
N PHE A 19 7.91 5.73 6.11
CA PHE A 19 7.08 6.96 6.16
C PHE A 19 7.89 8.18 6.56
N ASP A 20 9.11 7.97 7.04
CA ASP A 20 9.96 9.08 7.44
C ASP A 20 10.54 9.78 6.20
N LYS A 21 9.87 10.84 5.76
CA LYS A 21 10.32 11.59 4.59
C LYS A 21 11.66 12.27 4.84
N ASP A 22 11.80 12.96 5.98
CA ASP A 22 13.05 13.68 6.30
C ASP A 22 13.82 13.01 7.45
N GLY A 23 13.46 11.78 7.78
CA GLY A 23 14.14 11.06 8.85
C GLY A 23 14.50 11.97 10.03
N ASP A 24 13.48 12.58 10.64
CA ASP A 24 13.69 13.47 11.77
C ASP A 24 13.69 12.68 13.08
N GLY A 25 13.37 11.39 12.98
CA GLY A 25 13.32 10.52 14.16
C GLY A 25 11.92 10.48 14.76
N THR A 26 11.00 11.25 14.16
CA THR A 26 9.61 11.28 14.63
C THR A 26 8.66 11.30 13.44
N ILE A 27 7.43 10.86 13.67
CA ILE A 27 6.40 10.90 12.62
C ILE A 27 5.67 12.24 12.69
N THR A 28 5.68 12.96 11.57
CA THR A 28 5.06 14.30 11.50
C THR A 28 3.83 14.31 10.63
N THR A 29 3.03 15.36 10.81
CA THR A 29 1.78 15.53 10.08
C THR A 29 2.00 15.60 8.58
N LYS A 30 3.08 16.27 8.18
CA LYS A 30 3.39 16.44 6.76
C LYS A 30 3.56 15.10 6.05
N GLU A 31 4.56 14.35 6.48
CA GLU A 31 4.83 13.05 5.87
C GLU A 31 3.66 12.09 6.02
N LEU A 32 2.85 12.23 7.06
CA LEU A 32 1.70 11.34 7.22
C LEU A 32 0.77 11.48 6.02
N GLY A 33 0.42 12.74 5.76
CA GLY A 33 -0.53 13.09 4.69
C GLY A 33 0.00 12.69 3.32
N THR A 34 1.31 12.78 3.07
CA THR A 34 1.83 12.37 1.76
C THR A 34 1.46 10.90 1.53
N VAL A 35 1.77 10.00 2.45
CA VAL A 35 1.50 8.58 2.21
C VAL A 35 0.01 8.35 1.95
N MET A 36 -0.89 8.93 2.72
CA MET A 36 -2.32 8.70 2.51
C MET A 36 -2.70 9.17 1.10
N ARG A 37 -2.13 10.29 0.68
CA ARG A 37 -2.42 10.84 -0.65
C ARG A 37 -2.20 9.76 -1.72
N SER A 38 -1.15 8.97 -1.50
CA SER A 38 -0.81 7.88 -2.41
C SER A 38 -1.94 6.86 -2.47
N LEU A 39 -2.79 6.88 -1.46
CA LEU A 39 -3.92 5.96 -1.41
C LEU A 39 -4.98 6.40 -2.41
N GLY A 40 -4.71 7.45 -3.15
CA GLY A 40 -5.64 7.93 -4.17
C GLY A 40 -6.73 8.82 -3.58
N GLN A 41 -6.43 9.50 -2.47
CA GLN A 41 -7.41 10.38 -1.83
C GLN A 41 -6.75 11.72 -1.51
N ASN A 42 -7.56 12.70 -1.09
CA ASN A 42 -7.06 14.03 -0.75
C ASN A 42 -7.63 14.49 0.59
N PRO A 43 -7.12 13.97 1.67
CA PRO A 43 -7.58 14.34 3.04
C PRO A 43 -7.40 15.83 3.33
N THR A 44 -8.32 16.39 4.10
CA THR A 44 -8.25 17.80 4.44
C THR A 44 -7.18 18.03 5.51
N GLU A 45 -6.78 19.28 5.66
CA GLU A 45 -5.75 19.64 6.64
C GLU A 45 -6.17 19.22 8.04
N ALA A 46 -7.42 19.48 8.38
CA ALA A 46 -7.92 19.14 9.71
C ALA A 46 -7.75 17.65 10.01
N GLU A 47 -7.67 16.83 8.97
CA GLU A 47 -7.50 15.38 9.18
C GLU A 47 -6.15 15.10 9.83
N LEU A 48 -5.12 15.83 9.40
CA LEU A 48 -3.78 15.64 9.94
C LEU A 48 -3.80 15.82 11.47
N GLN A 49 -4.57 16.83 11.90
CA GLN A 49 -4.67 17.19 13.32
C GLN A 49 -5.46 16.15 14.11
N ASP A 50 -6.70 15.91 13.67
CA ASP A 50 -7.58 14.98 14.37
C ASP A 50 -6.96 13.59 14.52
N MET A 51 -6.46 13.03 13.43
CA MET A 51 -5.88 11.68 13.44
C MET A 51 -4.62 11.59 14.33
N ILE A 52 -3.67 12.51 14.10
CA ILE A 52 -2.43 12.48 14.87
C ILE A 52 -2.74 12.62 16.36
N ASN A 53 -3.62 13.54 16.71
CA ASN A 53 -3.95 13.76 18.12
C ASN A 53 -4.46 12.49 18.81
N GLU A 54 -5.19 11.66 18.07
CA GLU A 54 -5.74 10.44 18.66
C GLU A 54 -4.65 9.44 19.03
N VAL A 55 -3.63 9.30 18.18
CA VAL A 55 -2.56 8.35 18.45
C VAL A 55 -1.48 8.96 19.35
N ASP A 56 -1.41 10.29 19.37
CA ASP A 56 -0.35 10.98 20.11
C ASP A 56 -0.55 11.07 21.62
N ALA A 57 -0.08 10.02 22.27
CA ALA A 57 -0.26 9.85 23.72
C ALA A 57 0.40 10.93 24.55
N ASP A 58 1.57 11.39 24.13
CA ASP A 58 2.30 12.39 24.89
C ASP A 58 1.87 13.82 24.55
N GLY A 59 0.95 13.99 23.60
CA GLY A 59 0.47 15.32 23.23
C GLY A 59 1.58 16.24 22.71
N ASN A 60 2.67 15.65 22.21
CA ASN A 60 3.78 16.45 21.68
C ASN A 60 3.56 16.75 20.20
N GLY A 61 2.42 16.36 19.64
CA GLY A 61 2.11 16.70 18.26
C GLY A 61 2.69 15.75 17.23
N THR A 62 3.38 14.72 17.71
CA THR A 62 4.01 13.73 16.83
C THR A 62 4.03 12.37 17.52
N ILE A 63 4.37 11.32 16.76
CA ILE A 63 4.41 9.96 17.33
C ILE A 63 5.84 9.45 17.39
N ASP A 64 6.26 8.99 18.57
CA ASP A 64 7.62 8.48 18.76
C ASP A 64 7.62 6.95 18.77
N PHE A 65 8.81 6.34 18.98
CA PHE A 65 8.92 4.88 18.92
C PHE A 65 7.98 4.17 19.91
N PRO A 66 7.92 4.56 21.16
CA PRO A 66 7.03 3.88 22.14
C PRO A 66 5.57 3.87 21.68
N GLU A 67 5.07 5.03 21.26
CA GLU A 67 3.70 5.14 20.78
C GLU A 67 3.50 4.28 19.52
N PHE A 68 4.61 3.95 18.88
CA PHE A 68 4.57 3.12 17.68
C PHE A 68 4.31 1.67 18.05
N LEU A 69 5.16 1.10 18.90
CA LEU A 69 5.04 -0.32 19.26
C LEU A 69 3.68 -0.66 19.88
N THR A 70 3.21 0.17 20.80
CA THR A 70 1.90 -0.13 21.41
C THR A 70 0.89 -0.46 20.31
N MET A 71 0.85 0.35 19.25
CA MET A 71 -0.11 0.14 18.17
C MET A 71 0.15 -1.15 17.40
N MET A 72 1.42 -1.40 17.07
CA MET A 72 1.78 -2.58 16.28
C MET A 72 1.40 -3.88 16.98
N ALA A 73 1.61 -3.93 18.29
CA ALA A 73 1.31 -5.12 19.08
C ALA A 73 -0.19 -5.40 19.11
N ARG A 74 -1.00 -4.34 19.13
CA ARG A 74 -2.46 -4.49 19.17
C ARG A 74 -3.06 -4.51 17.76
N LYS A 75 -2.29 -4.04 16.77
CA LYS A 75 -2.79 -4.00 15.39
C LYS A 75 -2.64 -5.36 14.73
N MET A 76 -3.43 -6.33 15.22
CA MET A 76 -3.41 -7.69 14.68
C MET A 76 -4.68 -7.97 13.89
N LYS A 77 -5.37 -6.90 13.53
CA LYS A 77 -6.63 -7.03 12.80
C LYS A 77 -6.48 -7.96 11.60
N ASP A 78 -7.43 -8.87 11.48
CA ASP A 78 -7.42 -9.85 10.40
C ASP A 78 -8.16 -9.31 9.17
N THR A 79 -7.41 -9.00 8.12
CA THR A 79 -7.99 -8.53 6.85
C THR A 79 -8.12 -9.76 5.96
N ASP A 80 -9.36 -10.07 5.59
CA ASP A 80 -9.62 -11.14 4.63
C ASP A 80 -9.05 -10.68 3.29
N SER A 81 -8.00 -11.38 2.83
CA SER A 81 -7.34 -11.06 1.56
C SER A 81 -8.35 -10.61 0.49
N GLU A 82 -9.61 -10.99 0.68
CA GLU A 82 -10.67 -10.66 -0.29
C GLU A 82 -10.94 -9.16 -0.35
N GLU A 83 -10.97 -8.52 0.81
CA GLU A 83 -11.25 -7.08 0.85
C GLU A 83 -10.45 -6.32 -0.21
N GLU A 84 -9.21 -6.76 -0.48
CA GLU A 84 -8.35 -6.09 -1.47
C GLU A 84 -8.60 -6.62 -2.89
N ILE A 85 -9.16 -7.82 -2.98
CA ILE A 85 -9.41 -8.41 -4.29
C ILE A 85 -10.35 -7.52 -5.12
N ARG A 86 -11.64 -7.50 -4.77
CA ARG A 86 -12.61 -6.73 -5.53
C ARG A 86 -12.33 -5.23 -5.48
N GLU A 87 -11.93 -4.74 -4.32
CA GLU A 87 -11.66 -3.31 -4.15
C GLU A 87 -10.53 -2.85 -5.06
N ALA A 88 -9.51 -3.66 -5.19
CA ALA A 88 -8.37 -3.33 -6.05
C ALA A 88 -8.81 -3.18 -7.51
N PHE A 89 -9.94 -3.77 -7.84
CA PHE A 89 -10.46 -3.68 -9.20
C PHE A 89 -10.95 -2.27 -9.51
N ARG A 90 -11.78 -1.74 -8.63
CA ARG A 90 -12.37 -0.39 -8.82
C ARG A 90 -11.27 0.66 -9.02
N VAL A 91 -10.20 0.58 -8.24
CA VAL A 91 -9.12 1.55 -8.38
C VAL A 91 -8.48 1.42 -9.75
N PHE A 92 -8.21 0.20 -10.19
CA PHE A 92 -7.58 -0.03 -11.49
C PHE A 92 -8.52 0.35 -12.63
N ASP A 93 -9.80 0.01 -12.48
CA ASP A 93 -10.79 0.41 -13.48
C ASP A 93 -11.27 1.82 -13.14
N LYS A 94 -10.48 2.81 -13.55
CA LYS A 94 -10.76 4.21 -13.24
C LYS A 94 -12.12 4.70 -13.76
N ASP A 95 -12.41 4.44 -15.03
CA ASP A 95 -13.68 4.90 -15.61
C ASP A 95 -14.77 3.84 -15.46
N GLY A 96 -14.44 2.75 -14.77
CA GLY A 96 -15.42 1.68 -14.58
C GLY A 96 -16.03 1.26 -15.91
N ASN A 97 -15.18 1.02 -16.90
CA ASN A 97 -15.62 0.61 -18.23
C ASN A 97 -15.68 -0.92 -18.31
N GLY A 98 -15.49 -1.59 -17.18
CA GLY A 98 -15.53 -3.05 -17.14
C GLY A 98 -14.19 -3.66 -17.53
N TYR A 99 -13.19 -2.81 -17.80
CA TYR A 99 -11.87 -3.31 -18.20
C TYR A 99 -10.75 -2.46 -17.59
N ILE A 100 -9.58 -3.07 -17.46
CA ILE A 100 -8.41 -2.36 -16.96
C ILE A 100 -7.63 -1.83 -18.16
N SER A 101 -7.57 -0.51 -18.27
CA SER A 101 -6.89 0.13 -19.40
C SER A 101 -5.42 0.37 -19.12
N ALA A 102 -4.57 0.39 -20.14
CA ALA A 102 -3.15 0.60 -19.93
C ALA A 102 -2.89 1.91 -19.21
N ALA A 103 -3.49 2.99 -19.68
CA ALA A 103 -3.29 4.29 -19.04
C ALA A 103 -3.55 4.22 -17.54
N GLU A 104 -4.60 3.49 -17.17
CA GLU A 104 -4.94 3.31 -15.76
C GLU A 104 -3.82 2.55 -15.03
N LEU A 105 -3.26 1.53 -15.66
CA LEU A 105 -2.20 0.76 -15.03
C LEU A 105 -0.94 1.63 -14.77
N ARG A 106 -0.57 2.41 -15.78
CA ARG A 106 0.61 3.27 -15.67
C ARG A 106 0.70 3.92 -14.27
N HIS A 107 -0.44 4.31 -13.71
CA HIS A 107 -0.45 4.96 -12.39
C HIS A 107 -0.06 3.98 -11.29
N VAL A 108 -0.30 2.70 -11.53
CA VAL A 108 -0.01 1.68 -10.52
C VAL A 108 1.47 1.70 -10.14
N MET A 109 2.34 1.79 -11.14
CA MET A 109 3.78 1.77 -10.88
C MET A 109 4.18 2.79 -9.82
N THR A 110 3.61 3.98 -10.00
CA THR A 110 3.90 5.11 -9.14
C THR A 110 3.57 4.78 -7.68
N ASN A 111 2.43 4.15 -7.49
CA ASN A 111 2.02 3.76 -6.15
C ASN A 111 2.96 2.73 -5.55
N LEU A 112 3.39 1.75 -6.35
CA LEU A 112 4.26 0.70 -5.84
C LEU A 112 5.73 1.15 -5.81
N GLY A 113 6.05 2.23 -6.51
CA GLY A 113 7.41 2.74 -6.55
C GLY A 113 8.28 1.85 -7.46
N GLU A 114 7.73 1.24 -8.51
CA GLU A 114 8.58 0.39 -9.36
C GLU A 114 9.28 1.23 -10.44
N LYS A 115 8.72 2.39 -10.76
CA LYS A 115 9.33 3.24 -11.79
C LYS A 115 9.76 2.37 -13.00
N LEU A 116 8.76 1.72 -13.58
CA LEU A 116 8.97 0.85 -14.75
C LEU A 116 9.06 1.64 -16.06
N THR A 117 9.86 1.10 -16.99
CA THR A 117 10.04 1.72 -18.31
C THR A 117 8.88 1.32 -19.21
N ASP A 118 8.88 1.90 -20.41
CA ASP A 118 7.87 1.56 -21.42
C ASP A 118 7.97 0.05 -21.69
N GLU A 119 9.20 -0.43 -21.82
CA GLU A 119 9.45 -1.84 -22.15
C GLU A 119 8.83 -2.77 -21.11
N GLU A 120 9.09 -2.51 -19.84
CA GLU A 120 8.58 -3.37 -18.79
C GLU A 120 7.06 -3.26 -18.65
N VAL A 121 6.52 -2.08 -18.93
CA VAL A 121 5.08 -1.88 -18.85
C VAL A 121 4.39 -2.78 -19.88
N ASP A 122 4.97 -2.81 -21.06
CA ASP A 122 4.45 -3.64 -22.15
C ASP A 122 4.62 -5.11 -21.82
N GLU A 123 5.74 -5.45 -21.18
CA GLU A 123 6.04 -6.83 -20.84
C GLU A 123 4.98 -7.48 -19.95
N MET A 124 4.65 -6.76 -18.86
CA MET A 124 3.67 -7.24 -17.89
C MET A 124 2.34 -7.49 -18.59
N ILE A 125 1.98 -6.55 -19.45
CA ILE A 125 0.70 -6.64 -20.16
C ILE A 125 0.65 -7.92 -20.98
N ARG A 126 1.74 -8.23 -21.67
CA ARG A 126 1.79 -9.44 -22.50
C ARG A 126 1.55 -10.69 -21.67
N GLU A 127 2.09 -10.70 -20.45
CA GLU A 127 1.94 -11.86 -19.57
C GLU A 127 0.47 -12.20 -19.29
N ALA A 128 -0.36 -11.17 -19.07
CA ALA A 128 -1.78 -11.39 -18.77
C ALA A 128 -2.64 -11.42 -20.03
N ASP A 129 -2.13 -10.84 -21.10
CA ASP A 129 -2.88 -10.74 -22.36
C ASP A 129 -2.94 -12.08 -23.09
N ILE A 130 -3.96 -12.86 -22.74
CA ILE A 130 -4.14 -14.19 -23.30
C ILE A 130 -4.58 -14.16 -24.76
N ASP A 131 -5.01 -12.95 -25.15
CA ASP A 131 -5.48 -12.63 -26.50
C ASP A 131 -5.01 -11.22 -26.87
N GLY A 132 -4.68 -11.02 -28.14
CA GLY A 132 -4.20 -9.71 -28.60
C GLY A 132 -5.31 -8.66 -28.67
N ASP A 133 -6.04 -8.48 -27.57
CA ASP A 133 -7.11 -7.47 -27.53
C ASP A 133 -6.54 -6.13 -27.03
N GLY A 134 -5.31 -6.15 -26.53
CA GLY A 134 -4.66 -4.93 -26.09
C GLY A 134 -5.16 -4.40 -24.74
N GLN A 135 -6.09 -5.10 -24.12
CA GLN A 135 -6.64 -4.67 -22.82
C GLN A 135 -6.72 -5.84 -21.85
N VAL A 136 -6.68 -5.56 -20.56
CA VAL A 136 -6.75 -6.63 -19.56
C VAL A 136 -8.15 -6.73 -18.98
N ASN A 137 -8.80 -7.88 -19.17
CA ASN A 137 -10.16 -8.08 -18.68
C ASN A 137 -10.13 -8.50 -17.21
N TYR A 138 -11.33 -8.61 -16.61
CA TYR A 138 -11.45 -9.02 -15.22
C TYR A 138 -10.89 -10.43 -15.04
N GLU A 139 -11.17 -11.31 -16.01
CA GLU A 139 -10.69 -12.69 -15.92
C GLU A 139 -9.16 -12.73 -15.92
N GLU A 140 -8.53 -11.96 -16.80
CA GLU A 140 -7.08 -11.93 -16.88
C GLU A 140 -6.49 -11.37 -15.59
N PHE A 141 -7.15 -10.36 -15.03
CA PHE A 141 -6.69 -9.73 -13.80
C PHE A 141 -6.64 -10.75 -12.66
N VAL A 142 -7.70 -11.54 -12.55
CA VAL A 142 -7.78 -12.56 -11.49
C VAL A 142 -6.72 -13.64 -11.67
N GLN A 143 -6.60 -14.13 -12.91
CA GLN A 143 -5.63 -15.19 -13.19
C GLN A 143 -4.27 -14.81 -12.60
N MET A 144 -3.83 -13.58 -12.84
CA MET A 144 -2.53 -13.13 -12.38
C MET A 144 -2.46 -12.91 -10.87
N MET A 145 -3.54 -12.39 -10.29
CA MET A 145 -3.56 -12.14 -8.85
C MET A 145 -3.65 -13.46 -8.08
N THR A 146 -4.52 -14.36 -8.51
CA THR A 146 -4.69 -15.65 -7.81
C THR A 146 -3.62 -16.65 -8.26
N ALA A 147 -3.16 -16.56 -9.51
CA ALA A 147 -2.14 -17.50 -10.01
C ALA A 147 -1.14 -17.87 -8.91
N LYS A 148 -1.35 -19.05 -8.31
CA LYS A 148 -0.46 -19.55 -7.25
C LYS A 148 0.48 -20.61 -7.80
N LEU B 1 12.11 -17.16 -17.62
CA LEU B 1 11.24 -17.43 -18.80
C LEU B 1 9.78 -17.48 -18.35
N ARG B 2 9.58 -17.50 -17.04
CA ARG B 2 8.23 -17.56 -16.47
C ARG B 2 8.23 -17.05 -15.03
N ARG B 3 7.23 -17.46 -14.26
CA ARG B 3 7.12 -17.05 -12.88
C ARG B 3 6.98 -15.53 -12.80
N GLY B 4 6.20 -14.95 -13.70
CA GLY B 4 6.00 -13.50 -13.70
C GLY B 4 5.29 -13.06 -12.41
N GLN B 5 5.08 -14.01 -11.51
CA GLN B 5 4.37 -13.72 -10.26
C GLN B 5 5.04 -12.60 -9.48
N ILE B 6 6.36 -12.61 -9.46
CA ILE B 6 7.12 -11.60 -8.71
C ILE B 6 6.56 -10.18 -8.92
N LEU B 7 6.66 -9.68 -10.15
CA LEU B 7 6.24 -8.31 -10.43
C LEU B 7 4.76 -8.07 -10.03
N TRP B 8 3.86 -8.94 -10.47
CA TRP B 8 2.43 -8.77 -10.18
C TRP B 8 2.17 -8.74 -8.67
N PHE B 9 2.44 -9.88 -8.04
CA PHE B 9 2.15 -10.09 -6.63
C PHE B 9 2.78 -9.09 -5.67
N ARG B 10 4.04 -8.75 -5.91
CA ARG B 10 4.75 -7.85 -5.02
C ARG B 10 3.88 -6.68 -4.55
N GLY B 11 3.25 -6.00 -5.52
CA GLY B 11 2.38 -4.86 -5.23
C GLY B 11 1.18 -5.27 -4.38
N LEU B 12 0.59 -6.42 -4.67
CA LEU B 12 -0.58 -6.83 -3.89
C LEU B 12 -0.22 -6.89 -2.42
N ASN B 13 0.93 -7.49 -2.15
CA ASN B 13 1.39 -7.70 -0.79
C ASN B 13 1.56 -6.41 0.01
N ARG B 14 2.26 -5.45 -0.59
CA ARG B 14 2.52 -4.15 0.05
C ARG B 14 1.25 -3.34 0.27
N ILE B 15 0.32 -3.40 -0.68
CA ILE B 15 -0.90 -2.61 -0.54
C ILE B 15 -1.66 -3.05 0.69
N GLN B 16 -1.75 -4.34 0.96
CA GLN B 16 -2.42 -4.77 2.19
C GLN B 16 -1.83 -3.99 3.36
N THR B 17 -0.50 -3.88 3.42
CA THR B 17 0.14 -3.16 4.52
C THR B 17 -0.22 -1.68 4.51
N GLN B 18 -0.10 -1.05 3.34
CA GLN B 18 -0.35 0.39 3.20
C GLN B 18 -1.33 0.92 4.25
N ILE B 19 -2.50 0.29 4.20
CA ILE B 19 -3.64 0.60 5.07
C ILE B 19 -3.55 -0.11 6.43
N LYS B 20 -2.71 -1.12 6.60
CA LYS B 20 -2.60 -1.72 7.93
C LYS B 20 -2.23 -0.62 8.93
N VAL B 21 -1.31 0.26 8.55
CA VAL B 21 -0.87 1.33 9.45
C VAL B 21 -2.00 2.28 9.85
N VAL B 22 -2.75 2.70 8.83
CA VAL B 22 -3.85 3.64 9.00
C VAL B 22 -4.99 3.05 9.83
N LYS B 23 -5.36 1.79 9.58
CA LYS B 23 -6.47 1.19 10.32
C LYS B 23 -6.29 1.43 11.82
N ALA B 24 -5.04 1.37 12.25
CA ALA B 24 -4.74 1.57 13.66
C ALA B 24 -5.35 2.90 14.11
N PHE B 25 -5.18 3.93 13.31
CA PHE B 25 -5.73 5.26 13.66
C PHE B 25 -7.26 5.25 13.75
N HIS B 26 -7.94 4.73 12.73
CA HIS B 26 -9.40 4.73 12.73
C HIS B 26 -10.00 3.81 13.81
N SER B 27 -9.43 2.61 13.97
CA SER B 27 -9.97 1.65 14.93
C SER B 27 -11.34 1.19 14.39
N SER B 28 -11.47 0.58 13.22
CA SER B 28 -12.83 0.16 12.80
C SER B 28 -13.83 1.30 12.92
CA CA C . 10.01 12.88 10.14
CA CA D . 4.79 11.28 20.83
CA CA E . -10.95 1.30 -17.72
CA CA F . -6.93 -9.47 -22.89
N ALA A 1 3.54 -13.62 23.95
CA ALA A 1 4.81 -12.91 23.62
C ALA A 1 4.54 -11.95 22.46
N ASP A 2 4.41 -10.67 22.79
CA ASP A 2 4.16 -9.65 21.79
C ASP A 2 5.32 -9.51 20.81
N GLN A 3 6.55 -9.69 21.34
CA GLN A 3 7.80 -9.58 20.57
C GLN A 3 8.98 -9.35 21.52
N LEU A 4 9.76 -10.40 21.75
CA LEU A 4 10.93 -10.31 22.64
C LEU A 4 12.22 -10.66 21.87
N THR A 5 12.15 -11.16 20.64
CA THR A 5 13.38 -11.48 19.90
C THR A 5 14.00 -10.23 19.29
N GLU A 6 15.30 -10.07 19.46
CA GLU A 6 15.99 -8.91 18.91
C GLU A 6 15.74 -8.79 17.41
N GLU A 7 15.97 -9.91 16.72
CA GLU A 7 15.82 -10.00 15.27
C GLU A 7 14.67 -9.12 14.77
N GLN A 8 13.60 -9.03 15.55
CA GLN A 8 12.44 -8.23 15.17
C GLN A 8 12.79 -6.74 15.24
N ILE A 9 13.64 -6.27 16.14
CA ILE A 9 13.97 -4.85 16.07
C ILE A 9 14.53 -4.63 14.67
N ALA A 10 15.42 -5.51 14.24
CA ALA A 10 16.03 -5.35 12.93
C ALA A 10 14.97 -5.15 11.83
N GLU A 11 13.97 -6.04 11.80
CA GLU A 11 12.94 -5.98 10.78
C GLU A 11 12.09 -4.70 10.87
N PHE A 12 11.71 -4.37 12.10
CA PHE A 12 10.88 -3.20 12.37
C PHE A 12 11.60 -1.92 11.97
N LYS A 13 12.90 -1.84 12.26
CA LYS A 13 13.65 -0.64 11.91
C LYS A 13 13.46 -0.30 10.44
N GLU A 14 13.73 -1.23 9.54
CA GLU A 14 13.58 -0.94 8.12
C GLU A 14 12.21 -0.32 7.86
N ALA A 15 11.20 -0.88 8.50
CA ALA A 15 9.82 -0.41 8.33
C ALA A 15 9.69 1.10 8.60
N PHE A 16 10.44 1.61 9.57
CA PHE A 16 10.32 3.02 9.91
C PHE A 16 10.58 3.97 8.73
N SER A 17 11.58 3.61 7.91
CA SER A 17 11.94 4.42 6.74
C SER A 17 10.83 4.43 5.67
N LEU A 18 9.87 3.51 5.78
CA LEU A 18 8.78 3.43 4.78
C LEU A 18 7.89 4.67 4.80
N PHE A 19 7.57 5.17 6.00
CA PHE A 19 6.69 6.36 6.11
C PHE A 19 7.47 7.61 6.52
N ASP A 20 8.68 7.43 7.01
CA ASP A 20 9.51 8.56 7.42
C ASP A 20 10.05 9.28 6.18
N LYS A 21 9.34 10.32 5.75
CA LYS A 21 9.74 11.08 4.59
C LYS A 21 11.04 11.85 4.83
N ASP A 22 11.13 12.57 5.96
CA ASP A 22 12.33 13.37 6.27
C ASP A 22 13.24 12.71 7.30
N GLY A 23 13.03 11.42 7.57
CA GLY A 23 13.85 10.72 8.55
C GLY A 23 14.18 11.59 9.76
N ASP A 24 13.16 12.22 10.36
CA ASP A 24 13.37 13.09 11.52
C ASP A 24 13.32 12.30 12.82
N GLY A 25 13.00 11.01 12.72
CA GLY A 25 12.93 10.14 13.89
C GLY A 25 11.52 10.12 14.49
N THR A 26 10.61 10.88 13.87
CA THR A 26 9.22 10.93 14.35
C THR A 26 8.27 10.96 13.15
N ILE A 27 7.03 10.56 13.40
CA ILE A 27 6.01 10.61 12.34
C ILE A 27 5.36 11.98 12.37
N THR A 28 5.42 12.67 11.23
CA THR A 28 4.87 14.04 11.13
C THR A 28 3.65 14.11 10.24
N THR A 29 2.89 15.19 10.40
CA THR A 29 1.67 15.41 9.65
C THR A 29 1.91 15.43 8.14
N LYS A 30 3.02 16.02 7.75
CA LYS A 30 3.36 16.14 6.32
C LYS A 30 3.48 14.76 5.68
N GLU A 31 4.42 13.96 6.17
CA GLU A 31 4.65 12.62 5.64
C GLU A 31 3.42 11.71 5.83
N LEU A 32 2.62 11.93 6.87
CA LEU A 32 1.44 11.09 7.05
C LEU A 32 0.52 11.24 5.83
N GLY A 33 0.16 12.50 5.57
CA GLY A 33 -0.75 12.87 4.48
C GLY A 33 -0.21 12.43 3.13
N THR A 34 1.09 12.51 2.90
CA THR A 34 1.59 12.08 1.58
C THR A 34 1.20 10.61 1.38
N VAL A 35 1.54 9.72 2.31
CA VAL A 35 1.22 8.31 2.11
C VAL A 35 -0.27 8.08 1.87
N MET A 36 -1.16 8.68 2.66
CA MET A 36 -2.59 8.47 2.45
C MET A 36 -2.99 8.92 1.05
N ARG A 37 -2.45 10.04 0.62
CA ARG A 37 -2.75 10.56 -0.71
C ARG A 37 -2.51 9.47 -1.77
N SER A 38 -1.46 8.70 -1.54
CA SER A 38 -1.09 7.60 -2.43
C SER A 38 -2.19 6.53 -2.45
N LEU A 39 -3.01 6.53 -1.41
CA LEU A 39 -4.11 5.55 -1.35
C LEU A 39 -5.22 5.96 -2.30
N GLY A 40 -5.02 7.07 -3.01
CA GLY A 40 -6.01 7.53 -3.97
C GLY A 40 -7.12 8.35 -3.32
N GLN A 41 -6.89 8.86 -2.10
CA GLN A 41 -7.88 9.67 -1.41
C GLN A 41 -7.43 11.12 -1.34
N ASN A 42 -8.38 12.03 -1.16
CA ASN A 42 -8.08 13.47 -1.08
C ASN A 42 -8.37 13.99 0.34
N PRO A 43 -7.64 13.54 1.33
CA PRO A 43 -7.87 13.99 2.74
C PRO A 43 -7.64 15.49 2.92
N THR A 44 -8.47 16.10 3.76
CA THR A 44 -8.35 17.53 4.03
C THR A 44 -7.28 17.79 5.08
N GLU A 45 -6.89 19.05 5.21
CA GLU A 45 -5.85 19.43 6.18
C GLU A 45 -6.26 19.03 7.60
N ALA A 46 -7.51 19.30 7.95
CA ALA A 46 -8.01 18.98 9.29
C ALA A 46 -7.82 17.49 9.62
N GLU A 47 -7.71 16.66 8.60
CA GLU A 47 -7.53 15.23 8.83
C GLU A 47 -6.18 14.97 9.50
N LEU A 48 -5.16 15.71 9.07
CA LEU A 48 -3.81 15.56 9.63
C LEU A 48 -3.86 15.78 11.15
N GLN A 49 -4.65 16.77 11.56
CA GLN A 49 -4.76 17.13 12.97
C GLN A 49 -5.48 16.05 13.78
N ASP A 50 -6.71 15.76 13.38
CA ASP A 50 -7.51 14.77 14.10
C ASP A 50 -6.81 13.42 14.26
N MET A 51 -6.29 12.89 13.15
CA MET A 51 -5.64 11.59 13.15
C MET A 51 -4.36 11.55 14.02
N ILE A 52 -3.45 12.47 13.77
CA ILE A 52 -2.20 12.50 14.53
C ILE A 52 -2.50 12.65 16.03
N ASN A 53 -3.37 13.59 16.37
CA ASN A 53 -3.71 13.83 17.78
C ASN A 53 -4.24 12.57 18.48
N GLU A 54 -4.95 11.74 17.75
CA GLU A 54 -5.51 10.53 18.36
C GLU A 54 -4.43 9.55 18.79
N VAL A 55 -3.39 9.40 17.98
CA VAL A 55 -2.31 8.45 18.30
C VAL A 55 -1.24 9.11 19.19
N ASP A 56 -1.21 10.44 19.20
CA ASP A 56 -0.16 11.15 19.92
C ASP A 56 -0.35 11.27 21.43
N ALA A 57 0.08 10.23 22.10
CA ALA A 57 -0.10 10.09 23.54
C ALA A 57 0.59 11.17 24.35
N ASP A 58 1.77 11.62 23.93
CA ASP A 58 2.50 12.64 24.68
C ASP A 58 2.07 14.06 24.31
N GLY A 59 1.17 14.22 23.35
CA GLY A 59 0.69 15.54 22.95
C GLY A 59 1.82 16.42 22.39
N ASN A 60 2.90 15.82 21.90
CA ASN A 60 4.01 16.57 21.33
C ASN A 60 3.78 16.86 19.86
N GLY A 61 2.65 16.44 19.31
CA GLY A 61 2.33 16.75 17.91
C GLY A 61 2.88 15.76 16.90
N THR A 62 3.56 14.73 17.39
CA THR A 62 4.15 13.71 16.53
C THR A 62 4.14 12.37 17.24
N ILE A 63 4.48 11.30 16.53
CA ILE A 63 4.51 9.96 17.13
C ILE A 63 5.96 9.47 17.23
N ASP A 64 6.37 9.02 18.43
CA ASP A 64 7.72 8.52 18.66
C ASP A 64 7.72 7.00 18.69
N PHE A 65 8.90 6.41 18.93
CA PHE A 65 9.02 4.95 18.93
C PHE A 65 8.09 4.28 19.97
N PRO A 66 8.06 4.71 21.19
CA PRO A 66 7.19 4.08 22.23
C PRO A 66 5.72 4.06 21.80
N GLU A 67 5.21 5.22 21.39
CA GLU A 67 3.83 5.34 20.92
C GLU A 67 3.62 4.47 19.68
N PHE A 68 4.74 4.14 19.04
CA PHE A 68 4.69 3.32 17.83
C PHE A 68 4.42 1.86 18.21
N LEU A 69 5.29 1.26 19.00
CA LEU A 69 5.16 -0.15 19.35
C LEU A 69 3.81 -0.51 19.97
N THR A 70 3.32 0.30 20.90
CA THR A 70 2.02 0.01 21.49
C THR A 70 1.01 -0.34 20.39
N MET A 71 1.02 0.43 19.29
CA MET A 71 0.06 0.20 18.20
C MET A 71 0.37 -1.06 17.38
N MET A 72 1.61 -1.20 16.96
CA MET A 72 2.00 -2.33 16.10
C MET A 72 1.77 -3.68 16.80
N ALA A 73 2.09 -3.74 18.09
CA ALA A 73 1.96 -4.97 18.87
C ALA A 73 0.49 -5.40 18.98
N ARG A 74 -0.42 -4.44 19.04
CA ARG A 74 -1.85 -4.77 19.16
C ARG A 74 -2.53 -4.82 17.78
N LYS A 75 -1.85 -4.30 16.76
CA LYS A 75 -2.41 -4.31 15.41
C LYS A 75 -2.27 -5.68 14.76
N MET A 76 -3.08 -6.62 15.25
CA MET A 76 -3.09 -7.98 14.71
C MET A 76 -4.35 -8.21 13.89
N LYS A 77 -5.00 -7.11 13.50
CA LYS A 77 -6.24 -7.19 12.75
C LYS A 77 -6.09 -8.10 11.53
N ASP A 78 -7.04 -9.03 11.42
CA ASP A 78 -7.02 -9.99 10.32
C ASP A 78 -7.82 -9.47 9.11
N THR A 79 -7.09 -9.04 8.09
CA THR A 79 -7.71 -8.56 6.84
C THR A 79 -7.91 -9.79 5.97
N ASP A 80 -9.17 -10.01 5.58
CA ASP A 80 -9.49 -11.07 4.63
C ASP A 80 -8.91 -10.62 3.27
N SER A 81 -7.86 -11.30 2.82
CA SER A 81 -7.20 -10.98 1.55
C SER A 81 -8.21 -10.56 0.47
N GLU A 82 -9.47 -10.93 0.66
CA GLU A 82 -10.52 -10.61 -0.31
C GLU A 82 -10.86 -9.12 -0.32
N GLU A 83 -10.79 -8.50 0.84
CA GLU A 83 -11.12 -7.08 0.95
C GLU A 83 -10.38 -6.26 -0.11
N GLU A 84 -9.12 -6.60 -0.39
CA GLU A 84 -8.30 -5.85 -1.35
C GLU A 84 -8.47 -6.40 -2.78
N ILE A 85 -9.20 -7.48 -2.90
CA ILE A 85 -9.43 -8.08 -4.23
C ILE A 85 -10.37 -7.21 -5.09
N ARG A 86 -11.66 -7.23 -4.78
CA ARG A 86 -12.64 -6.50 -5.58
C ARG A 86 -12.42 -4.98 -5.57
N GLU A 87 -12.25 -4.42 -4.38
CA GLU A 87 -12.07 -2.96 -4.27
C GLU A 87 -10.91 -2.49 -5.14
N ALA A 88 -9.86 -3.29 -5.18
CA ALA A 88 -8.69 -2.95 -6.00
C ALA A 88 -9.06 -2.84 -7.48
N PHE A 89 -10.17 -3.43 -7.85
CA PHE A 89 -10.62 -3.37 -9.23
C PHE A 89 -11.18 -1.99 -9.56
N ARG A 90 -12.05 -1.49 -8.69
CA ARG A 90 -12.68 -0.17 -8.89
C ARG A 90 -11.65 0.93 -9.11
N VAL A 91 -10.56 0.90 -8.35
CA VAL A 91 -9.51 1.91 -8.50
C VAL A 91 -8.86 1.77 -9.87
N PHE A 92 -8.58 0.55 -10.29
CA PHE A 92 -7.91 0.33 -11.56
C PHE A 92 -8.84 0.68 -12.73
N ASP A 93 -10.12 0.35 -12.59
CA ASP A 93 -11.11 0.71 -13.61
C ASP A 93 -11.61 2.11 -13.28
N LYS A 94 -10.85 3.12 -13.71
CA LYS A 94 -11.18 4.53 -13.39
C LYS A 94 -12.56 4.96 -13.90
N ASP A 95 -12.87 4.69 -15.16
CA ASP A 95 -14.15 5.10 -15.73
C ASP A 95 -15.21 4.01 -15.56
N GLY A 96 -14.85 2.94 -14.86
CA GLY A 96 -15.80 1.84 -14.64
C GLY A 96 -16.41 1.39 -15.96
N ASN A 97 -15.56 1.17 -16.96
CA ASN A 97 -16.00 0.73 -18.28
C ASN A 97 -16.02 -0.80 -18.35
N GLY A 98 -15.79 -1.46 -17.22
CA GLY A 98 -15.79 -2.91 -17.16
C GLY A 98 -14.44 -3.49 -17.57
N TYR A 99 -13.47 -2.62 -17.88
CA TYR A 99 -12.15 -3.09 -18.31
C TYR A 99 -11.04 -2.22 -17.71
N ILE A 100 -9.86 -2.83 -17.57
CA ILE A 100 -8.69 -2.11 -17.08
C ILE A 100 -7.87 -1.67 -18.29
N SER A 101 -7.74 -0.35 -18.44
CA SER A 101 -7.00 0.21 -19.58
C SER A 101 -5.53 0.42 -19.28
N ALA A 102 -4.66 0.39 -20.28
CA ALA A 102 -3.24 0.56 -20.04
C ALA A 102 -2.96 1.89 -19.33
N ALA A 103 -3.56 2.97 -19.81
CA ALA A 103 -3.35 4.28 -19.19
C ALA A 103 -3.60 4.22 -17.68
N GLU A 104 -4.63 3.47 -17.30
CA GLU A 104 -4.97 3.31 -15.88
C GLU A 104 -3.87 2.54 -15.16
N LEU A 105 -3.33 1.50 -15.78
CA LEU A 105 -2.26 0.71 -15.14
C LEU A 105 -1.01 1.57 -14.90
N ARG A 106 -0.62 2.32 -15.92
CA ARG A 106 0.59 3.15 -15.81
C ARG A 106 0.65 3.89 -14.46
N HIS A 107 -0.48 4.45 -14.03
CA HIS A 107 -0.53 5.18 -12.76
C HIS A 107 -0.24 4.26 -11.58
N VAL A 108 -0.59 2.99 -11.72
CA VAL A 108 -0.37 2.05 -10.62
C VAL A 108 1.09 2.01 -10.20
N MET A 109 2.00 2.02 -11.17
CA MET A 109 3.43 1.93 -10.87
C MET A 109 3.85 2.97 -9.83
N THR A 110 3.35 4.19 -10.05
CA THR A 110 3.68 5.34 -9.21
C THR A 110 3.34 5.05 -7.76
N ASN A 111 2.21 4.40 -7.55
CA ASN A 111 1.78 4.08 -6.19
C ASN A 111 2.76 3.08 -5.55
N LEU A 112 3.22 2.09 -6.32
CA LEU A 112 4.12 1.09 -5.78
C LEU A 112 5.57 1.58 -5.74
N GLY A 113 5.85 2.70 -6.42
CA GLY A 113 7.20 3.23 -6.44
C GLY A 113 8.09 2.40 -7.38
N GLU A 114 7.56 1.77 -8.43
CA GLU A 114 8.43 0.96 -9.29
C GLU A 114 9.10 1.83 -10.36
N LYS A 115 8.51 2.98 -10.66
CA LYS A 115 9.08 3.86 -11.69
C LYS A 115 9.53 3.04 -12.90
N LEU A 116 8.54 2.37 -13.48
CA LEU A 116 8.74 1.50 -14.65
C LEU A 116 8.81 2.30 -15.96
N THR A 117 9.59 1.78 -16.91
CA THR A 117 9.74 2.41 -18.22
C THR A 117 8.58 1.98 -19.12
N ASP A 118 8.56 2.56 -20.31
CA ASP A 118 7.55 2.19 -21.30
C ASP A 118 7.69 0.69 -21.56
N GLU A 119 8.93 0.24 -21.72
CA GLU A 119 9.22 -1.16 -22.03
C GLU A 119 8.66 -2.12 -20.99
N GLU A 120 8.95 -1.86 -19.72
CA GLU A 120 8.49 -2.74 -18.66
C GLU A 120 6.97 -2.70 -18.51
N VAL A 121 6.38 -1.55 -18.80
CA VAL A 121 4.93 -1.42 -18.71
C VAL A 121 4.28 -2.35 -19.72
N ASP A 122 4.87 -2.41 -20.90
CA ASP A 122 4.40 -3.27 -21.98
C ASP A 122 4.60 -4.74 -21.59
N GLU A 123 5.72 -5.03 -20.94
CA GLU A 123 6.03 -6.39 -20.56
C GLU A 123 4.97 -7.05 -19.66
N MET A 124 4.65 -6.34 -18.58
CA MET A 124 3.66 -6.80 -17.61
C MET A 124 2.34 -7.10 -18.34
N ILE A 125 1.96 -6.18 -19.21
CA ILE A 125 0.70 -6.33 -19.94
C ILE A 125 0.70 -7.62 -20.75
N ARG A 126 1.80 -7.90 -21.43
CA ARG A 126 1.89 -9.12 -22.25
C ARG A 126 1.76 -10.38 -21.39
N GLU A 127 2.29 -10.33 -20.18
CA GLU A 127 2.25 -11.50 -19.29
C GLU A 127 0.81 -11.94 -18.99
N ALA A 128 -0.10 -10.99 -18.79
CA ALA A 128 -1.49 -11.33 -18.46
C ALA A 128 -2.36 -11.38 -19.73
N ASP A 129 -1.86 -10.80 -20.81
CA ASP A 129 -2.63 -10.73 -22.05
C ASP A 129 -2.76 -12.08 -22.72
N ILE A 130 -3.85 -12.77 -22.38
CA ILE A 130 -4.10 -14.10 -22.91
C ILE A 130 -4.47 -14.11 -24.40
N ASP A 131 -4.85 -12.90 -24.83
CA ASP A 131 -5.24 -12.61 -26.21
C ASP A 131 -4.71 -11.23 -26.60
N GLY A 132 -4.29 -11.07 -27.84
CA GLY A 132 -3.73 -9.80 -28.31
C GLY A 132 -4.76 -8.68 -28.44
N ASP A 133 -5.52 -8.44 -27.37
CA ASP A 133 -6.52 -7.38 -27.38
C ASP A 133 -5.92 -6.07 -26.89
N GLY A 134 -4.69 -6.12 -26.39
CA GLY A 134 -3.99 -4.91 -25.95
C GLY A 134 -4.47 -4.38 -24.59
N GLN A 135 -5.37 -5.09 -23.94
CA GLN A 135 -5.90 -4.64 -22.64
C GLN A 135 -5.98 -5.82 -21.68
N VAL A 136 -6.00 -5.53 -20.37
CA VAL A 136 -6.08 -6.60 -19.38
C VAL A 136 -7.48 -6.67 -18.79
N ASN A 137 -8.15 -7.81 -18.97
CA ASN A 137 -9.53 -7.95 -18.48
C ASN A 137 -9.55 -8.39 -17.03
N TYR A 138 -10.75 -8.49 -16.46
CA TYR A 138 -10.91 -8.92 -15.07
C TYR A 138 -10.37 -10.33 -14.89
N GLU A 139 -10.65 -11.21 -15.84
CA GLU A 139 -10.19 -12.60 -15.73
C GLU A 139 -8.67 -12.66 -15.70
N GLU A 140 -8.02 -11.91 -16.58
CA GLU A 140 -6.56 -11.93 -16.62
C GLU A 140 -6.00 -11.33 -15.33
N PHE A 141 -6.67 -10.30 -14.81
CA PHE A 141 -6.23 -9.63 -13.58
C PHE A 141 -6.23 -10.61 -12.40
N VAL A 142 -7.30 -11.39 -12.29
CA VAL A 142 -7.43 -12.37 -11.22
C VAL A 142 -6.37 -13.46 -11.34
N GLN A 143 -6.23 -13.98 -12.55
CA GLN A 143 -5.25 -15.06 -12.76
C GLN A 143 -3.89 -14.65 -12.18
N MET A 144 -3.48 -13.41 -12.43
CA MET A 144 -2.17 -12.91 -11.97
C MET A 144 -2.12 -12.66 -10.47
N MET A 145 -3.19 -12.13 -9.90
CA MET A 145 -3.24 -11.83 -8.48
C MET A 145 -3.39 -13.12 -7.66
N THR A 146 -4.32 -13.99 -8.06
CA THR A 146 -4.54 -15.23 -7.32
C THR A 146 -3.67 -16.37 -7.85
N ALA A 147 -2.48 -16.03 -8.33
CA ALA A 147 -1.57 -17.03 -8.87
C ALA A 147 -0.79 -17.73 -7.76
N LYS A 148 -1.35 -18.82 -7.22
CA LYS A 148 -0.70 -19.57 -6.16
C LYS A 148 -1.19 -21.01 -6.15
N LEU B 1 5.20 -17.40 -17.39
CA LEU B 1 5.97 -18.67 -17.28
C LEU B 1 7.35 -18.36 -16.68
N ARG B 2 7.85 -17.16 -16.97
CA ARG B 2 9.16 -16.74 -16.47
C ARG B 2 9.05 -16.30 -15.01
N ARG B 3 8.26 -17.02 -14.23
CA ARG B 3 8.09 -16.69 -12.82
C ARG B 3 7.59 -15.24 -12.71
N GLY B 4 6.64 -14.87 -13.57
CA GLY B 4 6.08 -13.52 -13.54
C GLY B 4 5.43 -13.23 -12.18
N GLN B 5 5.54 -14.20 -11.27
CA GLN B 5 4.91 -14.06 -9.95
C GLN B 5 5.45 -12.87 -9.18
N ILE B 6 6.76 -12.71 -9.19
CA ILE B 6 7.40 -11.62 -8.46
C ILE B 6 6.92 -10.24 -8.91
N LEU B 7 6.90 -10.02 -10.22
CA LEU B 7 6.50 -8.72 -10.74
C LEU B 7 5.09 -8.32 -10.27
N TRP B 8 4.08 -9.10 -10.65
CA TRP B 8 2.71 -8.80 -10.27
C TRP B 8 2.51 -8.80 -8.75
N PHE B 9 2.91 -9.91 -8.14
CA PHE B 9 2.70 -10.16 -6.72
C PHE B 9 3.30 -9.12 -5.78
N ARG B 10 4.55 -8.75 -6.02
CA ARG B 10 5.26 -7.81 -5.16
C ARG B 10 4.38 -6.66 -4.69
N GLY B 11 3.74 -6.00 -5.68
CA GLY B 11 2.86 -4.87 -5.40
C GLY B 11 1.68 -5.29 -4.53
N LEU B 12 1.10 -6.46 -4.79
CA LEU B 12 -0.03 -6.89 -3.98
C LEU B 12 0.36 -6.92 -2.50
N ASN B 13 1.55 -7.49 -2.25
CA ASN B 13 2.04 -7.68 -0.89
C ASN B 13 2.17 -6.37 -0.10
N ARG B 14 2.82 -5.38 -0.71
CA ARG B 14 3.02 -4.08 -0.07
C ARG B 14 1.73 -3.33 0.19
N ILE B 15 0.77 -3.44 -0.73
CA ILE B 15 -0.48 -2.72 -0.56
C ILE B 15 -1.18 -3.21 0.70
N GLN B 16 -1.18 -4.51 0.97
CA GLN B 16 -1.80 -4.97 2.22
C GLN B 16 -1.23 -4.12 3.37
N THR B 17 0.10 -3.98 3.42
CA THR B 17 0.72 -3.21 4.51
C THR B 17 0.33 -1.73 4.49
N GLN B 18 0.41 -1.12 3.30
CA GLN B 18 0.13 0.32 3.14
C GLN B 18 -0.85 0.85 4.19
N ILE B 19 -2.03 0.23 4.15
CA ILE B 19 -3.15 0.54 5.04
C ILE B 19 -3.03 -0.17 6.39
N LYS B 20 -2.15 -1.13 6.57
CA LYS B 20 -2.02 -1.73 7.90
C LYS B 20 -1.69 -0.61 8.89
N VAL B 21 -0.77 0.28 8.50
CA VAL B 21 -0.35 1.35 9.40
C VAL B 21 -1.47 2.30 9.79
N VAL B 22 -2.21 2.71 8.77
CA VAL B 22 -3.33 3.65 8.94
C VAL B 22 -4.46 3.05 9.78
N LYS B 23 -4.81 1.80 9.55
CA LYS B 23 -5.89 1.17 10.30
C LYS B 23 -5.73 1.47 11.79
N ALA B 24 -4.49 1.47 12.21
CA ALA B 24 -4.18 1.71 13.60
C ALA B 24 -4.79 3.05 14.02
N PHE B 25 -4.61 4.08 13.20
CA PHE B 25 -5.13 5.42 13.48
C PHE B 25 -6.67 5.45 13.52
N HIS B 26 -7.32 4.88 12.51
CA HIS B 26 -8.77 4.89 12.44
C HIS B 26 -9.41 4.01 13.51
N SER B 27 -8.69 3.70 14.59
CA SER B 27 -9.26 2.86 15.64
C SER B 27 -9.63 1.49 15.07
N SER B 28 -8.66 0.58 15.01
CA SER B 28 -8.93 -0.75 14.46
C SER B 28 -9.22 -0.64 12.96
CA CA C . 9.75 11.02 9.65
CA CA D . 4.91 11.50 20.62
CA CA E . -11.05 1.56 -17.69
CA CA F . -6.77 -9.35 -22.69
N ALA A 1 4.78 -7.20 24.18
CA ALA A 1 5.13 -8.51 24.79
C ALA A 1 5.16 -9.59 23.71
N ASP A 2 4.49 -9.31 22.59
CA ASP A 2 4.43 -10.26 21.49
C ASP A 2 5.82 -10.50 20.90
N GLN A 3 6.59 -9.42 20.79
CA GLN A 3 7.95 -9.49 20.26
C GLN A 3 8.93 -9.62 21.45
N LEU A 4 10.23 -9.71 21.14
CA LEU A 4 11.29 -9.84 22.16
C LEU A 4 12.60 -10.24 21.48
N THR A 5 12.56 -10.89 20.31
CA THR A 5 13.81 -11.27 19.66
C THR A 5 14.43 -10.07 18.95
N GLU A 6 15.75 -9.99 19.02
CA GLU A 6 16.46 -8.88 18.38
C GLU A 6 16.01 -8.73 16.93
N GLU A 7 16.15 -9.84 16.20
CA GLU A 7 15.80 -9.92 14.78
C GLU A 7 14.58 -9.05 14.48
N GLN A 8 13.61 -9.04 15.39
CA GLN A 8 12.41 -8.24 15.19
C GLN A 8 12.75 -6.77 15.27
N ILE A 9 13.64 -6.30 16.14
CA ILE A 9 13.97 -4.88 16.09
C ILE A 9 14.50 -4.62 14.67
N ALA A 10 15.37 -5.50 14.20
CA ALA A 10 15.95 -5.29 12.87
C ALA A 10 14.84 -5.11 11.82
N GLU A 11 13.88 -6.03 11.79
CA GLU A 11 12.79 -5.98 10.81
C GLU A 11 11.98 -4.69 10.91
N PHE A 12 11.58 -4.36 12.14
CA PHE A 12 10.79 -3.17 12.40
C PHE A 12 11.56 -1.90 12.00
N LYS A 13 12.86 -1.87 12.27
CA LYS A 13 13.66 -0.71 11.92
C LYS A 13 13.44 -0.36 10.45
N GLU A 14 13.69 -1.30 9.54
CA GLU A 14 13.54 -1.01 8.12
C GLU A 14 12.16 -0.38 7.85
N ALA A 15 11.14 -0.92 8.49
CA ALA A 15 9.77 -0.42 8.32
C ALA A 15 9.66 1.08 8.60
N PHE A 16 10.41 1.56 9.58
CA PHE A 16 10.33 2.97 9.93
C PHE A 16 10.65 3.92 8.77
N SER A 17 11.65 3.56 7.98
CA SER A 17 12.07 4.35 6.83
C SER A 17 10.97 4.45 5.76
N LEU A 18 9.97 3.56 5.84
CA LEU A 18 8.88 3.56 4.85
C LEU A 18 8.06 4.84 4.90
N PHE A 19 7.76 5.33 6.11
CA PHE A 19 6.94 6.55 6.26
C PHE A 19 7.77 7.76 6.67
N ASP A 20 8.98 7.53 7.13
CA ASP A 20 9.83 8.63 7.55
C ASP A 20 10.35 9.39 6.32
N LYS A 21 9.62 10.43 5.93
CA LYS A 21 9.99 11.23 4.76
C LYS A 21 11.28 12.02 5.00
N ASP A 22 11.38 12.74 6.13
CA ASP A 22 12.57 13.56 6.41
C ASP A 22 13.50 12.90 7.41
N GLY A 23 13.33 11.60 7.65
CA GLY A 23 14.19 10.88 8.62
C GLY A 23 14.58 11.76 9.80
N ASP A 24 13.61 12.48 10.35
CA ASP A 24 13.86 13.36 11.49
C ASP A 24 13.77 12.59 12.81
N GLY A 25 13.41 11.31 12.72
CA GLY A 25 13.29 10.47 13.91
C GLY A 25 11.88 10.53 14.50
N THR A 26 11.02 11.35 13.89
CA THR A 26 9.63 11.49 14.36
C THR A 26 8.68 11.53 13.18
N ILE A 27 7.44 11.09 13.42
CA ILE A 27 6.42 11.14 12.36
C ILE A 27 5.67 12.46 12.46
N THR A 28 5.64 13.19 11.34
CA THR A 28 4.99 14.52 11.29
C THR A 28 3.76 14.52 10.38
N THR A 29 2.96 15.56 10.54
CA THR A 29 1.72 15.71 9.79
C THR A 29 1.96 15.76 8.28
N LYS A 30 3.08 16.34 7.89
CA LYS A 30 3.41 16.47 6.48
C LYS A 30 3.57 15.09 5.84
N GLU A 31 4.53 14.32 6.31
CA GLU A 31 4.79 12.97 5.78
C GLU A 31 3.56 12.06 5.95
N LEU A 32 2.75 12.23 6.99
CA LEU A 32 1.58 11.38 7.14
C LEU A 32 0.67 11.57 5.90
N GLY A 33 0.31 12.83 5.66
CA GLY A 33 -0.59 13.19 4.58
C GLY A 33 -0.05 12.77 3.21
N THR A 34 1.25 12.89 2.98
CA THR A 34 1.78 12.46 1.68
C THR A 34 1.42 10.99 1.45
N VAL A 35 1.77 10.10 2.37
CA VAL A 35 1.51 8.66 2.16
C VAL A 35 0.03 8.39 1.93
N MET A 36 -0.88 8.94 2.73
CA MET A 36 -2.30 8.68 2.52
C MET A 36 -2.72 9.15 1.12
N ARG A 37 -2.20 10.30 0.72
CA ARG A 37 -2.52 10.85 -0.61
C ARG A 37 -2.27 9.79 -1.70
N SER A 38 -1.19 9.04 -1.50
CA SER A 38 -0.81 7.96 -2.43
C SER A 38 -1.90 6.88 -2.45
N LEU A 39 -2.68 6.85 -1.39
CA LEU A 39 -3.76 5.87 -1.28
C LEU A 39 -4.90 6.26 -2.22
N GLY A 40 -4.74 7.39 -2.91
CA GLY A 40 -5.75 7.84 -3.87
C GLY A 40 -6.85 8.64 -3.21
N GLN A 41 -6.63 9.09 -1.97
CA GLN A 41 -7.64 9.88 -1.26
C GLN A 41 -7.20 11.35 -1.20
N ASN A 42 -8.16 12.25 -1.04
CA ASN A 42 -7.87 13.69 -0.95
C ASN A 42 -8.27 14.23 0.42
N PRO A 43 -7.64 13.77 1.48
CA PRO A 43 -7.96 14.22 2.85
C PRO A 43 -7.68 15.71 3.05
N THR A 44 -8.51 16.36 3.85
CA THR A 44 -8.35 17.79 4.13
C THR A 44 -7.26 18.01 5.18
N GLU A 45 -6.83 19.25 5.32
CA GLU A 45 -5.80 19.59 6.29
C GLU A 45 -6.23 19.19 7.70
N ALA A 46 -7.47 19.47 8.04
CA ALA A 46 -7.99 19.15 9.37
C ALA A 46 -7.81 17.66 9.69
N GLU A 47 -7.74 16.84 8.66
CA GLU A 47 -7.57 15.40 8.87
C GLU A 47 -6.22 15.10 9.51
N LEU A 48 -5.19 15.83 9.07
CA LEU A 48 -3.84 15.64 9.62
C LEU A 48 -3.86 15.85 11.14
N GLN A 49 -4.57 16.89 11.56
CA GLN A 49 -4.63 17.25 12.97
C GLN A 49 -5.38 16.21 13.79
N ASP A 50 -6.62 15.94 13.40
CA ASP A 50 -7.47 15.00 14.12
C ASP A 50 -6.83 13.61 14.27
N MET A 51 -6.33 13.07 13.17
CA MET A 51 -5.74 11.73 13.20
C MET A 51 -4.48 11.67 14.08
N ILE A 52 -3.56 12.60 13.85
CA ILE A 52 -2.32 12.60 14.63
C ILE A 52 -2.63 12.75 16.12
N ASN A 53 -3.50 13.70 16.47
CA ASN A 53 -3.82 13.93 17.88
C ASN A 53 -4.35 12.68 18.57
N GLU A 54 -5.08 11.85 17.84
CA GLU A 54 -5.65 10.65 18.44
C GLU A 54 -4.56 9.66 18.85
N VAL A 55 -3.53 9.52 18.03
CA VAL A 55 -2.45 8.57 18.31
C VAL A 55 -1.37 9.21 19.20
N ASP A 56 -1.32 10.54 19.22
CA ASP A 56 -0.27 11.24 19.95
C ASP A 56 -0.45 11.34 21.45
N ALA A 57 -0.01 10.27 22.12
CA ALA A 57 -0.17 10.11 23.56
C ALA A 57 0.54 11.18 24.38
N ASP A 58 1.72 11.63 23.95
CA ASP A 58 2.46 12.63 24.70
C ASP A 58 2.03 14.06 24.34
N GLY A 59 1.11 14.21 23.39
CA GLY A 59 0.65 15.54 22.99
C GLY A 59 1.77 16.43 22.47
N ASN A 60 2.86 15.82 21.98
CA ASN A 60 3.98 16.61 21.46
C ASN A 60 3.77 16.91 19.98
N GLY A 61 2.62 16.53 19.40
CA GLY A 61 2.31 16.87 18.02
C GLY A 61 2.88 15.91 16.99
N THR A 62 3.56 14.88 17.47
CA THR A 62 4.17 13.88 16.60
C THR A 62 4.19 12.53 17.28
N ILE A 63 4.55 11.48 16.54
CA ILE A 63 4.59 10.13 17.14
C ILE A 63 6.03 9.61 17.16
N ASP A 64 6.47 9.13 18.33
CA ASP A 64 7.83 8.60 18.48
C ASP A 64 7.80 7.07 18.52
N PHE A 65 8.96 6.45 18.76
CA PHE A 65 9.07 5.00 18.75
C PHE A 65 8.15 4.33 19.78
N PRO A 66 8.10 4.80 21.00
CA PRO A 66 7.23 4.18 22.04
C PRO A 66 5.76 4.11 21.58
N GLU A 67 5.22 5.26 21.16
CA GLU A 67 3.85 5.33 20.67
C GLU A 67 3.67 4.47 19.42
N PHE A 68 4.79 4.18 18.77
CA PHE A 68 4.76 3.37 17.55
C PHE A 68 4.48 1.92 17.92
N LEU A 69 5.30 1.32 18.75
CA LEU A 69 5.16 -0.09 19.10
C LEU A 69 3.79 -0.41 19.72
N THR A 70 3.32 0.43 20.66
CA THR A 70 2.01 0.17 21.30
C THR A 70 1.00 -0.32 20.26
N MET A 71 0.76 0.49 19.21
CA MET A 71 -0.23 0.13 18.20
C MET A 71 0.16 -1.14 17.46
N MET A 72 1.44 -1.30 17.15
CA MET A 72 1.90 -2.48 16.40
C MET A 72 1.57 -3.80 17.12
N ALA A 73 1.75 -3.82 18.43
CA ALA A 73 1.50 -5.02 19.24
C ALA A 73 0.02 -5.36 19.29
N ARG A 74 -0.84 -4.34 19.32
CA ARG A 74 -2.28 -4.54 19.37
C ARG A 74 -2.92 -4.53 17.98
N LYS A 75 -2.15 -4.09 16.98
CA LYS A 75 -2.66 -4.03 15.61
C LYS A 75 -2.58 -5.39 14.94
N MET A 76 -3.47 -6.28 15.38
CA MET A 76 -3.53 -7.64 14.84
C MET A 76 -4.80 -7.83 14.01
N LYS A 77 -5.39 -6.70 13.62
CA LYS A 77 -6.64 -6.71 12.86
C LYS A 77 -6.53 -7.59 11.62
N ASP A 78 -7.51 -8.48 11.47
CA ASP A 78 -7.56 -9.41 10.34
C ASP A 78 -8.65 -9.00 9.35
N THR A 79 -8.37 -9.19 8.06
CA THR A 79 -9.33 -8.89 6.99
C THR A 79 -9.37 -10.11 6.09
N ASP A 80 -10.60 -10.49 5.72
CA ASP A 80 -10.81 -11.58 4.78
C ASP A 80 -10.15 -11.18 3.46
N SER A 81 -9.12 -11.93 3.05
CA SER A 81 -8.38 -11.65 1.81
C SER A 81 -9.31 -11.15 0.69
N GLU A 82 -10.61 -11.42 0.82
CA GLU A 82 -11.58 -11.01 -0.20
C GLU A 82 -11.76 -9.48 -0.25
N GLU A 83 -11.62 -8.85 0.91
CA GLU A 83 -11.80 -7.40 1.01
C GLU A 83 -10.95 -6.65 -0.05
N GLU A 84 -9.72 -7.11 -0.26
CA GLU A 84 -8.82 -6.45 -1.22
C GLU A 84 -9.01 -6.99 -2.65
N ILE A 85 -9.80 -8.05 -2.78
CA ILE A 85 -10.05 -8.62 -4.10
C ILE A 85 -10.88 -7.68 -4.96
N ARG A 86 -12.17 -7.58 -4.65
CA ARG A 86 -13.08 -6.72 -5.41
C ARG A 86 -12.68 -5.25 -5.36
N GLU A 87 -12.26 -4.78 -4.19
CA GLU A 87 -11.88 -3.37 -4.04
C GLU A 87 -10.69 -3.01 -4.93
N ALA A 88 -9.71 -3.91 -5.00
CA ALA A 88 -8.52 -3.68 -5.83
C ALA A 88 -8.88 -3.49 -7.30
N PHE A 89 -10.06 -3.96 -7.68
CA PHE A 89 -10.50 -3.82 -9.06
C PHE A 89 -10.95 -2.38 -9.33
N ARG A 90 -11.76 -1.84 -8.43
CA ARG A 90 -12.28 -0.47 -8.58
C ARG A 90 -11.16 0.55 -8.75
N VAL A 91 -10.08 0.45 -7.97
CA VAL A 91 -8.97 1.40 -8.08
C VAL A 91 -8.34 1.29 -9.45
N PHE A 92 -8.09 0.08 -9.91
CA PHE A 92 -7.47 -0.12 -11.20
C PHE A 92 -8.41 0.25 -12.35
N ASP A 93 -9.69 -0.08 -12.19
CA ASP A 93 -10.69 0.30 -13.20
C ASP A 93 -11.25 1.67 -12.81
N LYS A 94 -10.56 2.71 -13.21
CA LYS A 94 -10.94 4.09 -12.86
C LYS A 94 -12.35 4.46 -13.30
N ASP A 95 -12.69 4.19 -14.56
CA ASP A 95 -14.01 4.54 -15.08
C ASP A 95 -15.00 3.39 -14.93
N GLY A 96 -14.57 2.31 -14.28
CA GLY A 96 -15.44 1.16 -14.07
C GLY A 96 -16.03 0.68 -15.39
N ASN A 97 -15.18 0.47 -16.39
CA ASN A 97 -15.61 0.01 -17.71
C ASN A 97 -15.47 -1.51 -17.81
N GLY A 98 -15.12 -2.16 -16.70
CA GLY A 98 -14.95 -3.61 -16.69
C GLY A 98 -13.56 -4.03 -17.19
N TYR A 99 -12.73 -3.05 -17.54
CA TYR A 99 -11.40 -3.33 -18.05
C TYR A 99 -10.35 -2.39 -17.45
N ILE A 100 -9.13 -2.91 -17.31
CA ILE A 100 -8.03 -2.12 -16.79
C ILE A 100 -7.24 -1.59 -17.99
N SER A 101 -7.17 -0.26 -18.10
CA SER A 101 -6.48 0.37 -19.22
C SER A 101 -5.00 0.61 -18.94
N ALA A 102 -4.15 0.61 -19.96
CA ALA A 102 -2.74 0.83 -19.74
C ALA A 102 -2.52 2.15 -18.99
N ALA A 103 -3.16 3.21 -19.43
CA ALA A 103 -3.02 4.50 -18.76
C ALA A 103 -3.25 4.38 -17.25
N GLU A 104 -4.28 3.60 -16.88
CA GLU A 104 -4.61 3.39 -15.47
C GLU A 104 -3.49 2.62 -14.76
N LEU A 105 -2.92 1.61 -15.40
CA LEU A 105 -1.84 0.82 -14.79
C LEU A 105 -0.60 1.70 -14.53
N ARG A 106 -0.24 2.49 -15.53
CA ARG A 106 0.94 3.35 -15.42
C ARG A 106 0.99 4.06 -14.06
N HIS A 107 -0.17 4.55 -13.61
CA HIS A 107 -0.22 5.25 -12.32
C HIS A 107 0.08 4.30 -11.17
N VAL A 108 -0.25 3.02 -11.33
CA VAL A 108 -0.02 2.04 -10.27
C VAL A 108 1.44 2.00 -9.86
N MET A 109 2.34 2.04 -10.84
CA MET A 109 3.77 1.94 -10.57
C MET A 109 4.21 2.96 -9.51
N THR A 110 3.75 4.20 -9.73
CA THR A 110 4.09 5.32 -8.85
C THR A 110 3.74 5.00 -7.41
N ASN A 111 2.61 4.34 -7.22
CA ASN A 111 2.18 3.99 -5.86
C ASN A 111 3.13 2.97 -5.25
N LEU A 112 3.57 1.99 -6.04
CA LEU A 112 4.46 0.94 -5.54
C LEU A 112 5.91 1.39 -5.51
N GLY A 113 6.20 2.49 -6.19
CA GLY A 113 7.58 2.99 -6.25
C GLY A 113 8.43 2.10 -7.16
N GLU A 114 7.87 1.49 -8.21
CA GLU A 114 8.69 0.61 -9.07
C GLU A 114 9.37 1.44 -10.17
N LYS A 115 8.78 2.57 -10.55
CA LYS A 115 9.37 3.37 -11.62
C LYS A 115 9.79 2.48 -12.81
N LEU A 116 8.77 1.86 -13.39
CA LEU A 116 8.95 0.97 -14.55
C LEU A 116 9.10 1.76 -15.86
N THR A 117 9.87 1.19 -16.79
CA THR A 117 10.09 1.82 -18.10
C THR A 117 8.91 1.47 -19.02
N ASP A 118 8.93 2.07 -20.21
CA ASP A 118 7.90 1.77 -21.21
C ASP A 118 7.95 0.27 -21.49
N GLU A 119 9.17 -0.25 -21.67
CA GLU A 119 9.37 -1.67 -22.01
C GLU A 119 8.76 -2.60 -20.98
N GLU A 120 9.00 -2.33 -19.71
CA GLU A 120 8.48 -3.19 -18.66
C GLU A 120 6.96 -3.05 -18.51
N VAL A 121 6.44 -1.86 -18.81
CA VAL A 121 5.00 -1.63 -18.73
C VAL A 121 4.29 -2.52 -19.75
N ASP A 122 4.87 -2.59 -20.93
CA ASP A 122 4.33 -3.41 -22.00
C ASP A 122 4.48 -4.89 -21.67
N GLU A 123 5.59 -5.21 -21.02
CA GLU A 123 5.89 -6.59 -20.67
C GLU A 123 4.82 -7.23 -19.78
N MET A 124 4.52 -6.53 -18.68
CA MET A 124 3.52 -6.98 -17.73
C MET A 124 2.19 -7.20 -18.46
N ILE A 125 1.84 -6.27 -19.33
CA ILE A 125 0.56 -6.33 -20.06
C ILE A 125 0.49 -7.62 -20.88
N ARG A 126 1.58 -7.96 -21.56
CA ARG A 126 1.61 -9.16 -22.38
C ARG A 126 1.34 -10.41 -21.55
N GLU A 127 1.87 -10.43 -20.33
CA GLU A 127 1.73 -11.58 -19.44
C GLU A 127 0.25 -11.90 -19.15
N ALA A 128 -0.56 -10.87 -18.93
CA ALA A 128 -1.98 -11.07 -18.63
C ALA A 128 -2.84 -11.10 -19.90
N ASP A 129 -2.31 -10.53 -20.97
CA ASP A 129 -3.05 -10.45 -22.23
C ASP A 129 -3.03 -11.77 -22.99
N ILE A 130 -3.96 -12.65 -22.62
CA ILE A 130 -4.03 -13.97 -23.23
C ILE A 130 -4.52 -13.95 -24.69
N ASP A 131 -5.02 -12.75 -25.04
CA ASP A 131 -5.54 -12.46 -26.38
C ASP A 131 -5.15 -11.02 -26.76
N GLY A 132 -4.86 -10.80 -28.03
CA GLY A 132 -4.43 -9.48 -28.50
C GLY A 132 -5.56 -8.46 -28.57
N ASP A 133 -6.31 -8.30 -27.48
CA ASP A 133 -7.41 -7.33 -27.46
C ASP A 133 -6.91 -5.97 -26.95
N GLY A 134 -5.67 -5.93 -26.47
CA GLY A 134 -5.07 -4.68 -26.04
C GLY A 134 -5.55 -4.16 -24.69
N GLN A 135 -6.48 -4.89 -24.05
CA GLN A 135 -7.03 -4.46 -22.76
C GLN A 135 -7.04 -5.65 -21.79
N VAL A 136 -6.93 -5.37 -20.49
CA VAL A 136 -6.91 -6.46 -19.51
C VAL A 136 -8.31 -6.62 -18.90
N ASN A 137 -8.93 -7.79 -19.08
CA ASN A 137 -10.27 -8.02 -18.56
C ASN A 137 -10.23 -8.49 -17.10
N TYR A 138 -11.40 -8.61 -16.48
CA TYR A 138 -11.50 -9.04 -15.09
C TYR A 138 -10.90 -10.44 -14.91
N GLU A 139 -11.19 -11.32 -15.86
CA GLU A 139 -10.67 -12.68 -15.79
C GLU A 139 -9.14 -12.69 -15.79
N GLU A 140 -8.53 -11.88 -16.66
CA GLU A 140 -7.08 -11.82 -16.73
C GLU A 140 -6.52 -11.26 -15.42
N PHE A 141 -7.20 -10.28 -14.84
CA PHE A 141 -6.77 -9.67 -13.59
C PHE A 141 -6.71 -10.70 -12.47
N VAL A 142 -7.76 -11.51 -12.39
CA VAL A 142 -7.83 -12.54 -11.33
C VAL A 142 -6.74 -13.59 -11.52
N GLN A 143 -6.58 -14.06 -12.75
CA GLN A 143 -5.58 -15.07 -13.04
C GLN A 143 -4.21 -14.63 -12.48
N MET A 144 -3.85 -13.36 -12.70
CA MET A 144 -2.55 -12.84 -12.28
C MET A 144 -2.41 -12.66 -10.78
N MET A 145 -3.48 -12.25 -10.13
CA MET A 145 -3.46 -12.02 -8.70
C MET A 145 -3.40 -13.37 -7.95
N THR A 146 -4.23 -14.32 -8.36
CA THR A 146 -4.24 -15.63 -7.70
C THR A 146 -3.11 -16.52 -8.23
N ALA A 147 -2.70 -16.33 -9.49
CA ALA A 147 -1.61 -17.14 -10.05
C ALA A 147 -0.49 -17.32 -9.01
N LYS A 148 -0.36 -18.55 -8.50
CA LYS A 148 0.68 -18.88 -7.51
C LYS A 148 1.85 -19.58 -8.19
N LEU B 1 13.54 -18.56 -17.74
CA LEU B 1 12.06 -18.38 -17.76
C LEU B 1 11.68 -17.36 -16.69
N ARG B 2 11.02 -16.28 -17.10
CA ARG B 2 10.61 -15.24 -16.18
C ARG B 2 9.33 -15.65 -15.43
N ARG B 3 9.34 -15.46 -14.12
CA ARG B 3 8.18 -15.81 -13.29
C ARG B 3 7.25 -14.61 -13.16
N GLY B 4 6.26 -14.53 -14.04
CA GLY B 4 5.31 -13.42 -14.01
C GLY B 4 4.72 -13.28 -12.62
N GLN B 5 5.00 -14.25 -11.77
CA GLN B 5 4.47 -14.28 -10.40
C GLN B 5 5.01 -13.11 -9.58
N ILE B 6 6.32 -12.98 -9.56
CA ILE B 6 6.97 -11.95 -8.79
C ILE B 6 6.51 -10.55 -9.20
N LEU B 7 6.56 -10.26 -10.49
CA LEU B 7 6.18 -8.93 -10.99
C LEU B 7 4.76 -8.54 -10.53
N TRP B 8 3.76 -9.33 -10.90
CA TRP B 8 2.38 -9.00 -10.54
C TRP B 8 2.16 -9.00 -9.03
N PHE B 9 2.48 -10.14 -8.41
CA PHE B 9 2.23 -10.37 -6.99
C PHE B 9 2.88 -9.39 -6.04
N ARG B 10 4.16 -9.09 -6.26
CA ARG B 10 4.90 -8.21 -5.37
C ARG B 10 4.09 -6.98 -4.92
N GLY B 11 3.54 -6.28 -5.92
CA GLY B 11 2.74 -5.09 -5.66
C GLY B 11 1.51 -5.42 -4.83
N LEU B 12 0.86 -6.55 -5.11
CA LEU B 12 -0.33 -6.91 -4.34
C LEU B 12 0.02 -6.96 -2.85
N ASN B 13 1.15 -7.58 -2.54
CA ASN B 13 1.57 -7.77 -1.16
C ASN B 13 1.72 -6.48 -0.36
N ARG B 14 2.41 -5.50 -0.96
CA ARG B 14 2.64 -4.21 -0.31
C ARG B 14 1.35 -3.42 -0.10
N ILE B 15 0.43 -3.50 -1.05
CA ILE B 15 -0.82 -2.74 -0.91
C ILE B 15 -1.56 -3.20 0.34
N GLN B 16 -1.62 -4.48 0.62
CA GLN B 16 -2.29 -4.91 1.84
C GLN B 16 -1.70 -4.09 3.00
N THR B 17 -0.37 -3.97 3.05
CA THR B 17 0.30 -3.22 4.13
C THR B 17 -0.12 -1.74 4.14
N GLN B 18 -0.06 -1.11 2.96
CA GLN B 18 -0.38 0.32 2.84
C GLN B 18 -1.36 0.82 3.90
N ILE B 19 -2.52 0.18 3.86
CA ILE B 19 -3.66 0.46 4.74
C ILE B 19 -3.51 -0.28 6.08
N LYS B 20 -2.62 -1.24 6.20
CA LYS B 20 -2.46 -1.88 7.52
C LYS B 20 -2.05 -0.81 8.53
N VAL B 21 -1.07 0.02 8.17
CA VAL B 21 -0.58 1.05 9.10
C VAL B 21 -1.66 2.05 9.51
N VAL B 22 -2.36 2.58 8.52
CA VAL B 22 -3.39 3.60 8.78
C VAL B 22 -4.57 3.04 9.59
N LYS B 23 -4.94 1.78 9.36
CA LYS B 23 -6.06 1.19 10.09
C LYS B 23 -5.89 1.45 11.59
N ALA B 24 -4.65 1.34 12.03
CA ALA B 24 -4.36 1.54 13.46
C ALA B 24 -4.98 2.86 13.92
N PHE B 25 -4.82 3.91 13.11
CA PHE B 25 -5.37 5.21 13.48
C PHE B 25 -6.90 5.19 13.57
N HIS B 26 -7.57 4.65 12.55
CA HIS B 26 -9.03 4.63 12.55
C HIS B 26 -9.59 3.70 13.62
N SER B 27 -8.99 2.51 13.77
CA SER B 27 -9.52 1.54 14.73
C SER B 27 -10.85 1.05 14.20
N SER B 28 -11.01 0.45 13.02
CA SER B 28 -12.36 0.03 12.65
C SER B 28 -13.37 1.15 12.83
CA CA C . 9.85 11.29 9.73
CA CA D . 4.83 11.46 20.64
CA CA E . -10.66 1.37 -17.25
CA CA F . -7.20 -9.26 -22.82
N ALA A 1 7.32 -15.06 19.52
CA ALA A 1 7.61 -14.64 20.91
C ALA A 1 6.86 -13.34 21.21
N ASP A 2 5.96 -12.98 20.30
CA ASP A 2 5.17 -11.76 20.47
C ASP A 2 6.06 -10.54 20.63
N GLN A 3 7.30 -10.62 20.09
CA GLN A 3 8.30 -9.52 20.15
C GLN A 3 9.22 -9.70 21.34
N LEU A 4 10.53 -9.86 21.05
CA LEU A 4 11.53 -10.06 22.08
C LEU A 4 12.90 -10.38 21.44
N THR A 5 12.94 -11.09 20.32
CA THR A 5 14.23 -11.41 19.71
C THR A 5 14.78 -10.18 19.01
N GLU A 6 16.10 -10.02 19.05
CA GLU A 6 16.74 -8.86 18.42
C GLU A 6 16.27 -8.72 16.98
N GLU A 7 16.24 -9.89 16.32
CA GLU A 7 15.87 -10.03 14.91
C GLU A 7 14.65 -9.17 14.59
N GLN A 8 13.68 -9.16 15.50
CA GLN A 8 12.46 -8.37 15.31
C GLN A 8 12.78 -6.88 15.41
N ILE A 9 13.65 -6.41 16.29
CA ILE A 9 13.95 -4.97 16.24
C ILE A 9 14.49 -4.72 14.83
N ALA A 10 15.38 -5.59 14.37
CA ALA A 10 15.96 -5.39 13.05
C ALA A 10 14.89 -5.20 11.97
N GLU A 11 13.91 -6.09 11.93
CA GLU A 11 12.86 -6.03 10.91
C GLU A 11 12.04 -4.74 11.03
N PHE A 12 11.66 -4.41 12.26
CA PHE A 12 10.86 -3.24 12.55
C PHE A 12 11.60 -1.96 12.15
N LYS A 13 12.90 -1.90 12.43
CA LYS A 13 13.68 -0.72 12.09
C LYS A 13 13.49 -0.37 10.62
N GLU A 14 13.76 -1.31 9.72
CA GLU A 14 13.62 -1.03 8.30
C GLU A 14 12.26 -0.40 8.03
N ALA A 15 11.24 -0.94 8.65
CA ALA A 15 9.87 -0.45 8.47
C ALA A 15 9.75 1.05 8.76
N PHE A 16 10.48 1.53 9.75
CA PHE A 16 10.37 2.95 10.10
C PHE A 16 10.72 3.89 8.93
N SER A 17 11.73 3.52 8.14
CA SER A 17 12.16 4.31 7.00
C SER A 17 11.08 4.40 5.90
N LEU A 18 10.09 3.51 5.97
CA LEU A 18 9.02 3.50 4.96
C LEU A 18 8.17 4.76 5.01
N PHE A 19 7.86 5.26 6.21
CA PHE A 19 7.01 6.47 6.34
C PHE A 19 7.83 7.70 6.75
N ASP A 20 9.04 7.49 7.23
CA ASP A 20 9.88 8.61 7.63
C ASP A 20 10.39 9.37 6.41
N LYS A 21 9.64 10.41 6.03
CA LYS A 21 10.02 11.22 4.87
C LYS A 21 11.31 12.01 5.12
N ASP A 22 11.39 12.73 6.24
CA ASP A 22 12.57 13.55 6.54
C ASP A 22 13.51 12.90 7.56
N GLY A 23 13.32 11.61 7.82
CA GLY A 23 14.16 10.89 8.78
C GLY A 23 14.54 11.77 9.97
N ASP A 24 13.55 12.48 10.54
CA ASP A 24 13.79 13.36 11.68
C ASP A 24 13.69 12.59 12.99
N GLY A 25 13.33 11.31 12.90
CA GLY A 25 13.21 10.47 14.08
C GLY A 25 11.80 10.51 14.66
N THR A 26 10.93 11.33 14.05
CA THR A 26 9.54 11.46 14.51
C THR A 26 8.60 11.49 13.31
N ILE A 27 7.36 11.06 13.56
CA ILE A 27 6.34 11.10 12.51
C ILE A 27 5.60 12.43 12.59
N THR A 28 5.60 13.16 11.47
CA THR A 28 4.97 14.49 11.42
C THR A 28 3.77 14.52 10.50
N THR A 29 2.98 15.58 10.67
CA THR A 29 1.76 15.77 9.90
C THR A 29 2.03 15.79 8.40
N LYS A 30 3.14 16.40 8.01
CA LYS A 30 3.49 16.51 6.60
C LYS A 30 3.64 15.14 5.94
N GLU A 31 4.59 14.35 6.43
CA GLU A 31 4.83 13.03 5.88
C GLU A 31 3.61 12.12 6.03
N LEU A 32 2.77 12.33 7.04
CA LEU A 32 1.58 11.49 7.14
C LEU A 32 0.70 11.68 5.90
N GLY A 33 0.40 12.95 5.66
CA GLY A 33 -0.49 13.36 4.55
C GLY A 33 0.07 12.97 3.19
N THR A 34 1.37 13.07 2.96
CA THR A 34 1.90 12.67 1.66
C THR A 34 1.55 11.19 1.43
N VAL A 35 1.91 10.30 2.34
CA VAL A 35 1.66 8.88 2.12
C VAL A 35 0.17 8.62 1.86
N MET A 36 -0.74 9.17 2.64
CA MET A 36 -2.16 8.92 2.41
C MET A 36 -2.55 9.39 1.00
N ARG A 37 -2.00 10.52 0.59
CA ARG A 37 -2.28 11.08 -0.72
C ARG A 37 -2.01 10.04 -1.81
N SER A 38 -0.91 9.32 -1.63
CA SER A 38 -0.52 8.25 -2.56
C SER A 38 -1.56 7.13 -2.56
N LEU A 39 -2.34 7.08 -1.48
CA LEU A 39 -3.38 6.07 -1.37
C LEU A 39 -4.54 6.43 -2.29
N GLY A 40 -4.45 7.58 -2.94
CA GLY A 40 -5.50 8.00 -3.87
C GLY A 40 -6.60 8.78 -3.19
N GLN A 41 -6.33 9.36 -2.02
CA GLN A 41 -7.33 10.14 -1.29
C GLN A 41 -6.86 11.59 -1.15
N ASN A 42 -7.80 12.50 -0.92
CA ASN A 42 -7.47 13.92 -0.77
C ASN A 42 -7.91 14.41 0.61
N PRO A 43 -7.19 14.06 1.66
CA PRO A 43 -7.55 14.49 3.04
C PRO A 43 -7.34 15.99 3.27
N THR A 44 -8.20 16.59 4.08
CA THR A 44 -8.11 18.01 4.38
C THR A 44 -7.04 18.25 5.44
N GLU A 45 -6.64 19.51 5.59
CA GLU A 45 -5.62 19.87 6.57
C GLU A 45 -6.04 19.47 7.97
N ALA A 46 -7.29 19.76 8.32
CA ALA A 46 -7.80 19.44 9.65
C ALA A 46 -7.65 17.95 9.96
N GLU A 47 -7.60 17.12 8.93
CA GLU A 47 -7.45 15.68 9.14
C GLU A 47 -6.10 15.37 9.78
N LEU A 48 -5.06 16.06 9.33
CA LEU A 48 -3.72 15.85 9.86
C LEU A 48 -3.72 16.02 11.38
N GLN A 49 -4.48 17.01 11.83
CA GLN A 49 -4.55 17.35 13.26
C GLN A 49 -5.37 16.32 14.05
N ASP A 50 -6.60 16.11 13.62
CA ASP A 50 -7.50 15.19 14.32
C ASP A 50 -6.89 13.80 14.51
N MET A 51 -6.37 13.22 13.43
CA MET A 51 -5.81 11.87 13.50
C MET A 51 -4.58 11.76 14.40
N ILE A 52 -3.61 12.62 14.16
CA ILE A 52 -2.36 12.57 14.95
C ILE A 52 -2.71 12.70 16.43
N ASN A 53 -3.61 13.60 16.78
CA ASN A 53 -3.97 13.81 18.18
C ASN A 53 -4.47 12.53 18.86
N GLU A 54 -5.18 11.69 18.11
CA GLU A 54 -5.72 10.46 18.69
C GLU A 54 -4.62 9.48 19.07
N VAL A 55 -3.59 9.35 18.24
CA VAL A 55 -2.51 8.40 18.52
C VAL A 55 -1.43 9.03 19.41
N ASP A 56 -1.38 10.35 19.43
CA ASP A 56 -0.32 11.07 20.16
C ASP A 56 -0.49 11.15 21.67
N ALA A 57 -0.01 10.10 22.32
CA ALA A 57 -0.16 9.93 23.75
C ALA A 57 0.49 11.02 24.58
N ASP A 58 1.65 11.51 24.15
CA ASP A 58 2.36 12.53 24.91
C ASP A 58 1.90 13.96 24.56
N GLY A 59 0.98 14.11 23.61
CA GLY A 59 0.48 15.42 23.23
C GLY A 59 1.58 16.35 22.69
N ASN A 60 2.67 15.77 22.18
CA ASN A 60 3.77 16.56 21.64
C ASN A 60 3.53 16.86 20.16
N GLY A 61 2.40 16.46 19.61
CA GLY A 61 2.06 16.80 18.23
C GLY A 61 2.64 15.86 17.19
N THR A 62 3.35 14.83 17.65
CA THR A 62 3.98 13.86 16.76
C THR A 62 4.01 12.50 17.43
N ILE A 63 4.35 11.46 16.67
CA ILE A 63 4.40 10.09 17.23
C ILE A 63 5.83 9.58 17.25
N ASP A 64 6.29 9.10 18.41
CA ASP A 64 7.64 8.56 18.56
C ASP A 64 7.63 7.04 18.59
N PHE A 65 8.79 6.44 18.83
CA PHE A 65 8.93 4.98 18.84
C PHE A 65 7.96 4.29 19.83
N PRO A 66 8.01 4.59 21.11
CA PRO A 66 7.10 3.92 22.08
C PRO A 66 5.64 3.95 21.62
N GLU A 67 5.16 5.13 21.22
CA GLU A 67 3.79 5.27 20.72
C GLU A 67 3.58 4.42 19.46
N PHE A 68 4.70 4.07 18.83
CA PHE A 68 4.65 3.25 17.62
C PHE A 68 4.36 1.80 17.98
N LEU A 69 5.21 1.18 18.77
CA LEU A 69 5.06 -0.23 19.11
C LEU A 69 3.71 -0.58 19.73
N THR A 70 3.24 0.23 20.66
CA THR A 70 1.93 -0.06 21.27
C THR A 70 0.92 -0.44 20.18
N MET A 71 0.81 0.38 19.12
CA MET A 71 -0.16 0.10 18.07
C MET A 71 0.14 -1.16 17.26
N MET A 72 1.40 -1.33 16.87
CA MET A 72 1.79 -2.47 16.05
C MET A 72 1.53 -3.81 16.74
N ALA A 73 1.82 -3.88 18.04
CA ALA A 73 1.65 -5.10 18.81
C ALA A 73 0.19 -5.50 18.90
N ARG A 74 -0.72 -4.52 18.97
CA ARG A 74 -2.16 -4.81 19.06
C ARG A 74 -2.81 -4.83 17.68
N LYS A 75 -2.10 -4.34 16.68
CA LYS A 75 -2.65 -4.32 15.32
C LYS A 75 -2.50 -5.68 14.64
N MET A 76 -3.26 -6.65 15.14
CA MET A 76 -3.24 -8.01 14.59
C MET A 76 -4.50 -8.26 13.76
N LYS A 77 -5.16 -7.17 13.37
CA LYS A 77 -6.40 -7.28 12.60
C LYS A 77 -6.24 -8.22 11.40
N ASP A 78 -7.20 -9.13 11.28
CA ASP A 78 -7.18 -10.11 10.19
C ASP A 78 -7.97 -9.59 8.98
N THR A 79 -7.23 -9.26 7.92
CA THR A 79 -7.84 -8.82 6.66
C THR A 79 -7.88 -10.06 5.76
N ASP A 80 -9.10 -10.51 5.46
CA ASP A 80 -9.28 -11.61 4.51
C ASP A 80 -8.74 -11.14 3.17
N SER A 81 -7.70 -11.81 2.67
CA SER A 81 -7.08 -11.46 1.39
C SER A 81 -8.13 -11.02 0.35
N GLU A 82 -9.38 -11.39 0.57
CA GLU A 82 -10.46 -11.05 -0.36
C GLU A 82 -10.78 -9.56 -0.34
N GLU A 83 -10.66 -8.95 0.83
CA GLU A 83 -10.96 -7.52 0.97
C GLU A 83 -10.26 -6.69 -0.10
N GLU A 84 -9.04 -7.06 -0.45
CA GLU A 84 -8.26 -6.32 -1.46
C GLU A 84 -8.52 -6.84 -2.89
N ILE A 85 -9.13 -8.00 -2.98
CA ILE A 85 -9.41 -8.59 -4.31
C ILE A 85 -10.35 -7.69 -5.12
N ARG A 86 -11.63 -7.69 -4.77
CA ARG A 86 -12.63 -6.89 -5.49
C ARG A 86 -12.35 -5.39 -5.43
N GLU A 87 -11.91 -4.92 -4.27
CA GLU A 87 -11.65 -3.50 -4.09
C GLU A 87 -10.52 -3.01 -4.99
N ALA A 88 -9.48 -3.82 -5.11
CA ALA A 88 -8.34 -3.48 -5.95
C ALA A 88 -8.74 -3.33 -7.41
N PHE A 89 -9.89 -3.90 -7.76
CA PHE A 89 -10.39 -3.81 -9.13
C PHE A 89 -10.89 -2.40 -9.44
N ARG A 90 -11.73 -1.87 -8.57
CA ARG A 90 -12.31 -0.53 -8.76
C ARG A 90 -11.22 0.53 -8.96
N VAL A 91 -10.15 0.45 -8.20
CA VAL A 91 -9.07 1.43 -8.33
C VAL A 91 -8.44 1.32 -9.72
N PHE A 92 -8.18 0.10 -10.17
CA PHE A 92 -7.55 -0.10 -11.47
C PHE A 92 -8.51 0.28 -12.60
N ASP A 93 -9.79 -0.05 -12.44
CA ASP A 93 -10.80 0.33 -13.43
C ASP A 93 -11.34 1.70 -13.01
N LYS A 94 -10.62 2.76 -13.38
CA LYS A 94 -11.00 4.12 -12.98
C LYS A 94 -12.36 4.57 -13.49
N ASP A 95 -12.66 4.31 -14.77
CA ASP A 95 -13.95 4.72 -15.34
C ASP A 95 -15.00 3.61 -15.20
N GLY A 96 -14.63 2.53 -14.54
CA GLY A 96 -15.57 1.42 -14.36
C GLY A 96 -16.18 1.00 -15.69
N ASN A 97 -15.31 0.77 -16.69
CA ASN A 97 -15.76 0.34 -18.01
C ASN A 97 -15.77 -1.18 -18.12
N GLY A 98 -15.52 -1.85 -17.00
CA GLY A 98 -15.51 -3.32 -16.97
C GLY A 98 -14.15 -3.88 -17.41
N TYR A 99 -13.20 -3.00 -17.72
CA TYR A 99 -11.87 -3.44 -18.18
C TYR A 99 -10.76 -2.57 -17.58
N ILE A 100 -9.58 -3.15 -17.47
CA ILE A 100 -8.41 -2.43 -16.99
C ILE A 100 -7.63 -1.96 -18.22
N SER A 101 -7.54 -0.63 -18.39
CA SER A 101 -6.86 -0.07 -19.56
C SER A 101 -5.38 0.21 -19.29
N ALA A 102 -4.55 0.26 -20.31
CA ALA A 102 -3.13 0.51 -20.11
C ALA A 102 -2.89 1.82 -19.38
N ALA A 103 -3.54 2.89 -19.83
CA ALA A 103 -3.37 4.19 -19.19
C ALA A 103 -3.59 4.09 -17.67
N GLU A 104 -4.59 3.30 -17.29
CA GLU A 104 -4.90 3.09 -15.88
C GLU A 104 -3.76 2.32 -15.20
N LEU A 105 -3.20 1.32 -15.85
CA LEU A 105 -2.09 0.55 -15.26
C LEU A 105 -0.86 1.43 -15.00
N ARG A 106 -0.51 2.23 -16.01
CA ARG A 106 0.68 3.09 -15.91
C ARG A 106 0.73 3.80 -14.54
N HIS A 107 -0.39 4.33 -14.09
CA HIS A 107 -0.44 5.04 -12.80
C HIS A 107 -0.11 4.08 -11.65
N VAL A 108 -0.41 2.80 -11.81
CA VAL A 108 -0.16 1.84 -10.74
C VAL A 108 1.33 1.84 -10.35
N MET A 109 2.21 1.89 -11.33
CA MET A 109 3.65 1.84 -11.08
C MET A 109 4.06 2.86 -10.02
N THR A 110 3.54 4.07 -10.21
CA THR A 110 3.86 5.21 -9.36
C THR A 110 3.50 4.91 -7.91
N ASN A 111 2.36 4.26 -7.71
CA ASN A 111 1.93 3.92 -6.36
C ASN A 111 2.88 2.90 -5.74
N LEU A 112 3.33 1.91 -6.53
CA LEU A 112 4.20 0.87 -6.01
C LEU A 112 5.67 1.34 -5.95
N GLY A 113 5.97 2.45 -6.63
CA GLY A 113 7.34 2.96 -6.65
C GLY A 113 8.21 2.12 -7.59
N GLU A 114 7.67 1.51 -8.65
CA GLU A 114 8.53 0.69 -9.52
C GLU A 114 9.22 1.55 -10.58
N LYS A 115 8.66 2.71 -10.88
CA LYS A 115 9.25 3.58 -11.90
C LYS A 115 9.69 2.75 -13.11
N LEU A 116 8.69 2.11 -13.70
CA LEU A 116 8.89 1.23 -14.88
C LEU A 116 8.99 2.03 -16.18
N THR A 117 9.78 1.49 -17.13
CA THR A 117 9.95 2.12 -18.43
C THR A 117 8.79 1.74 -19.34
N ASP A 118 8.79 2.34 -20.53
CA ASP A 118 7.76 2.01 -21.53
C ASP A 118 7.87 0.51 -21.81
N GLU A 119 9.11 0.04 -21.98
CA GLU A 119 9.37 -1.36 -22.31
C GLU A 119 8.80 -2.32 -21.27
N GLU A 120 9.08 -2.08 -20.01
CA GLU A 120 8.61 -2.96 -18.96
C GLU A 120 7.10 -2.92 -18.81
N VAL A 121 6.51 -1.76 -19.09
CA VAL A 121 5.07 -1.61 -19.01
C VAL A 121 4.41 -2.52 -20.05
N ASP A 122 5.00 -2.55 -21.23
CA ASP A 122 4.53 -3.38 -22.33
C ASP A 122 4.70 -4.85 -22.00
N GLU A 123 5.82 -5.17 -21.35
CA GLU A 123 6.12 -6.56 -21.03
C GLU A 123 5.06 -7.22 -20.13
N MET A 124 4.74 -6.52 -19.03
CA MET A 124 3.75 -7.00 -18.07
C MET A 124 2.44 -7.25 -18.79
N ILE A 125 2.05 -6.32 -19.64
CA ILE A 125 0.77 -6.43 -20.36
C ILE A 125 0.75 -7.69 -21.21
N ARG A 126 1.84 -7.97 -21.90
CA ARG A 126 1.92 -9.15 -22.77
C ARG A 126 1.75 -10.44 -21.95
N GLU A 127 2.31 -10.44 -20.74
CA GLU A 127 2.25 -11.62 -19.88
C GLU A 127 0.81 -12.02 -19.57
N ALA A 128 -0.06 -11.03 -19.32
CA ALA A 128 -1.45 -11.32 -18.98
C ALA A 128 -2.36 -11.41 -20.21
N ASP A 129 -1.98 -10.71 -21.27
CA ASP A 129 -2.78 -10.66 -22.47
C ASP A 129 -2.81 -11.99 -23.20
N ILE A 130 -3.77 -12.81 -22.82
CA ILE A 130 -3.91 -14.15 -23.38
C ILE A 130 -4.40 -14.14 -24.83
N ASP A 131 -4.91 -12.96 -25.19
CA ASP A 131 -5.42 -12.66 -26.54
C ASP A 131 -5.04 -11.23 -26.91
N GLY A 132 -4.73 -11.00 -28.18
CA GLY A 132 -4.32 -9.68 -28.66
C GLY A 132 -5.45 -8.66 -28.67
N ASP A 133 -6.18 -8.53 -27.55
CA ASP A 133 -7.27 -7.56 -27.47
C ASP A 133 -6.74 -6.21 -26.96
N GLY A 134 -5.51 -6.22 -26.45
CA GLY A 134 -4.88 -4.97 -26.00
C GLY A 134 -5.38 -4.47 -24.64
N GLN A 135 -6.29 -5.22 -24.01
CA GLN A 135 -6.83 -4.81 -22.71
C GLN A 135 -6.85 -5.99 -21.75
N VAL A 136 -6.77 -5.71 -20.44
CA VAL A 136 -6.78 -6.79 -19.45
C VAL A 136 -8.17 -6.93 -18.85
N ASN A 137 -8.79 -8.10 -19.03
CA ASN A 137 -10.13 -8.34 -18.50
C ASN A 137 -10.07 -8.76 -17.03
N TYR A 138 -11.25 -8.89 -16.42
CA TYR A 138 -11.34 -9.29 -15.02
C TYR A 138 -10.75 -10.70 -14.84
N GLU A 139 -11.02 -11.57 -15.80
CA GLU A 139 -10.50 -12.94 -15.72
C GLU A 139 -8.98 -12.95 -15.73
N GLU A 140 -8.38 -12.16 -16.61
CA GLU A 140 -6.92 -12.09 -16.69
C GLU A 140 -6.34 -11.51 -15.40
N PHE A 141 -7.01 -10.49 -14.85
CA PHE A 141 -6.56 -9.84 -13.62
C PHE A 141 -6.52 -10.83 -12.46
N VAL A 142 -7.56 -11.64 -12.35
CA VAL A 142 -7.64 -12.63 -11.27
C VAL A 142 -6.54 -13.68 -11.40
N GLN A 143 -6.36 -14.16 -12.62
CA GLN A 143 -5.34 -15.18 -12.85
C GLN A 143 -4.00 -14.74 -12.24
N MET A 144 -3.68 -13.45 -12.38
CA MET A 144 -2.39 -12.91 -11.90
C MET A 144 -2.36 -12.65 -10.39
N MET A 145 -3.41 -12.01 -9.88
CA MET A 145 -3.47 -11.70 -8.45
C MET A 145 -3.75 -12.96 -7.62
N THR A 146 -4.73 -13.76 -8.04
CA THR A 146 -5.08 -14.99 -7.30
C THR A 146 -4.27 -16.19 -7.79
N ALA A 147 -3.04 -15.94 -8.20
CA ALA A 147 -2.17 -17.02 -8.69
C ALA A 147 -1.57 -17.80 -7.52
N LYS A 148 -2.32 -18.77 -7.01
CA LYS A 148 -1.84 -19.59 -5.90
C LYS A 148 -2.57 -20.94 -5.87
N LEU B 1 11.02 -18.10 -18.77
CA LEU B 1 11.71 -18.43 -17.49
C LEU B 1 11.30 -17.42 -16.43
N ARG B 2 10.64 -16.36 -16.86
CA ARG B 2 10.20 -15.32 -15.93
C ARG B 2 8.93 -15.77 -15.19
N ARG B 3 8.85 -15.42 -13.91
CA ARG B 3 7.68 -15.78 -13.09
C ARG B 3 6.78 -14.56 -12.92
N GLY B 4 5.75 -14.45 -13.75
CA GLY B 4 4.83 -13.32 -13.66
C GLY B 4 4.26 -13.21 -12.25
N GLN B 5 4.64 -14.15 -11.39
CA GLN B 5 4.16 -14.18 -10.02
C GLN B 5 4.70 -13.02 -9.19
N ILE B 6 6.03 -12.93 -9.14
CA ILE B 6 6.71 -11.90 -8.36
C ILE B 6 6.35 -10.49 -8.82
N LEU B 7 6.44 -10.25 -10.12
CA LEU B 7 6.16 -8.91 -10.65
C LEU B 7 4.78 -8.39 -10.23
N TRP B 8 3.72 -9.09 -10.65
CA TRP B 8 2.36 -8.68 -10.33
C TRP B 8 2.11 -8.66 -8.82
N PHE B 9 2.40 -9.80 -8.21
CA PHE B 9 2.10 -10.04 -6.80
C PHE B 9 2.75 -9.05 -5.84
N ARG B 10 4.03 -8.79 -6.04
CA ARG B 10 4.78 -7.90 -5.15
C ARG B 10 3.97 -6.69 -4.70
N GLY B 11 3.41 -5.98 -5.69
CA GLY B 11 2.61 -4.78 -5.43
C GLY B 11 1.37 -5.12 -4.61
N LEU B 12 0.71 -6.23 -4.91
CA LEU B 12 -0.49 -6.57 -4.15
C LEU B 12 -0.15 -6.63 -2.65
N ASN B 13 0.98 -7.26 -2.35
CA ASN B 13 1.40 -7.48 -0.98
C ASN B 13 1.55 -6.19 -0.18
N ARG B 14 2.24 -5.21 -0.76
CA ARG B 14 2.45 -3.91 -0.11
C ARG B 14 1.16 -3.13 0.11
N ILE B 15 0.24 -3.20 -0.85
CA ILE B 15 -1.01 -2.45 -0.71
C ILE B 15 -1.75 -2.90 0.54
N GLN B 16 -1.81 -4.20 0.81
CA GLN B 16 -2.46 -4.64 2.05
C GLN B 16 -1.88 -3.81 3.21
N THR B 17 -0.56 -3.66 3.25
CA THR B 17 0.06 -2.91 4.32
C THR B 17 -0.36 -1.44 4.33
N GLN B 18 -0.29 -0.80 3.15
CA GLN B 18 -0.59 0.63 3.01
C GLN B 18 -1.58 1.12 4.07
N ILE B 19 -2.74 0.46 4.02
CA ILE B 19 -3.89 0.71 4.90
C ILE B 19 -3.76 -0.03 6.25
N LYS B 20 -2.87 -1.00 6.39
CA LYS B 20 -2.73 -1.62 7.72
C LYS B 20 -2.33 -0.52 8.71
N VAL B 21 -1.38 0.33 8.35
CA VAL B 21 -0.90 1.36 9.27
C VAL B 21 -2.00 2.33 9.70
N VAL B 22 -2.73 2.84 8.72
CA VAL B 22 -3.78 3.82 8.97
C VAL B 22 -4.95 3.22 9.77
N LYS B 23 -5.31 1.96 9.53
CA LYS B 23 -6.43 1.35 10.27
C LYS B 23 -6.26 1.61 11.76
N ALA B 24 -5.02 1.51 12.20
CA ALA B 24 -4.72 1.71 13.61
C ALA B 24 -5.34 3.02 14.07
N PHE B 25 -5.16 4.08 13.27
CA PHE B 25 -5.69 5.39 13.61
C PHE B 25 -7.22 5.41 13.68
N HIS B 26 -7.89 4.89 12.66
CA HIS B 26 -9.35 4.92 12.63
C HIS B 26 -9.97 4.01 13.70
N SER B 27 -9.42 2.80 13.88
CA SER B 27 -9.99 1.86 14.84
C SER B 27 -11.34 1.40 14.28
N SER B 28 -11.49 0.80 13.09
CA SER B 28 -12.84 0.40 12.68
C SER B 28 -13.84 1.55 12.84
CA CA C . 9.80 11.29 9.80
CA CA D . 4.84 11.52 20.78
CA CA E . -11.07 1.19 -17.62
CA CA F . -6.88 -9.60 -22.83
N ALA A 1 6.60 -12.78 26.37
CA ALA A 1 5.92 -11.65 25.68
C ALA A 1 5.94 -11.89 24.18
N ASP A 2 5.03 -11.24 23.47
CA ASP A 2 4.94 -11.38 22.02
C ASP A 2 6.33 -11.51 21.39
N GLN A 3 7.01 -10.36 21.25
CA GLN A 3 8.35 -10.31 20.68
C GLN A 3 9.36 -10.38 21.84
N LEU A 4 10.66 -10.36 21.49
CA LEU A 4 11.75 -10.44 22.48
C LEU A 4 13.07 -10.69 21.75
N THR A 5 13.07 -11.33 20.59
CA THR A 5 14.33 -11.58 19.90
C THR A 5 14.84 -10.31 19.23
N GLU A 6 16.15 -10.10 19.31
CA GLU A 6 16.76 -8.92 18.70
C GLU A 6 16.33 -8.77 17.23
N GLU A 7 16.42 -9.91 16.53
CA GLU A 7 16.09 -10.00 15.10
C GLU A 7 14.87 -9.15 14.78
N GLN A 8 13.91 -9.14 15.70
CA GLN A 8 12.68 -8.35 15.50
C GLN A 8 13.00 -6.87 15.56
N ILE A 9 13.86 -6.38 16.43
CA ILE A 9 14.17 -4.96 16.37
C ILE A 9 14.71 -4.72 14.97
N ALA A 10 15.62 -5.58 14.53
CA ALA A 10 16.22 -5.39 13.20
C ALA A 10 15.14 -5.23 12.13
N GLU A 11 14.18 -6.15 12.09
CA GLU A 11 13.12 -6.11 11.09
C GLU A 11 12.29 -4.82 11.16
N PHE A 12 11.87 -4.48 12.38
CA PHE A 12 11.06 -3.28 12.61
C PHE A 12 11.84 -2.02 12.23
N LYS A 13 13.13 -1.97 12.55
CA LYS A 13 13.93 -0.79 12.22
C LYS A 13 13.76 -0.44 10.76
N GLU A 14 14.03 -1.37 9.85
CA GLU A 14 13.91 -1.06 8.44
C GLU A 14 12.55 -0.44 8.15
N ALA A 15 11.51 -1.00 8.77
CA ALA A 15 10.14 -0.54 8.58
C ALA A 15 9.99 0.96 8.87
N PHE A 16 10.72 1.47 9.85
CA PHE A 16 10.60 2.89 10.20
C PHE A 16 10.94 3.83 9.03
N SER A 17 11.97 3.46 8.25
CA SER A 17 12.40 4.26 7.10
C SER A 17 11.34 4.32 5.99
N LEU A 18 10.34 3.43 6.06
CA LEU A 18 9.28 3.39 5.03
C LEU A 18 8.42 4.66 5.05
N PHE A 19 8.09 5.17 6.25
CA PHE A 19 7.24 6.37 6.34
C PHE A 19 8.03 7.61 6.75
N ASP A 20 9.24 7.42 7.24
CA ASP A 20 10.06 8.55 7.65
C ASP A 20 10.56 9.32 6.42
N LYS A 21 9.81 10.33 6.04
CA LYS A 21 10.16 11.14 4.88
C LYS A 21 11.43 11.97 5.12
N ASP A 22 11.50 12.70 6.26
CA ASP A 22 12.66 13.55 6.54
C ASP A 22 13.61 12.91 7.56
N GLY A 23 13.46 11.61 7.79
CA GLY A 23 14.31 10.91 8.76
C GLY A 23 14.70 11.80 9.95
N ASP A 24 13.72 12.53 10.48
CA ASP A 24 13.94 13.42 11.62
C ASP A 24 13.84 12.66 12.94
N GLY A 25 13.48 11.38 12.86
CA GLY A 25 13.35 10.54 14.04
C GLY A 25 11.94 10.59 14.61
N THR A 26 11.08 11.38 13.98
CA THR A 26 9.69 11.51 14.43
C THR A 26 8.76 11.52 13.23
N ILE A 27 7.52 11.07 13.45
CA ILE A 27 6.51 11.08 12.41
C ILE A 27 5.73 12.39 12.48
N THR A 28 5.70 13.10 11.35
CA THR A 28 5.01 14.40 11.27
C THR A 28 3.81 14.37 10.34
N THR A 29 2.97 15.38 10.50
CA THR A 29 1.76 15.52 9.72
C THR A 29 2.04 15.55 8.21
N LYS A 30 3.15 16.16 7.84
CA LYS A 30 3.50 16.28 6.42
C LYS A 30 3.66 14.90 5.78
N GLU A 31 4.60 14.13 6.30
CA GLU A 31 4.87 12.80 5.77
C GLU A 31 3.66 11.87 5.92
N LEU A 32 2.83 12.06 6.93
CA LEU A 32 1.67 11.20 7.07
C LEU A 32 0.77 11.36 5.83
N GLY A 33 0.39 12.61 5.58
CA GLY A 33 -0.48 12.98 4.46
C GLY A 33 0.09 12.56 3.11
N THR A 34 1.39 12.70 2.89
CA THR A 34 1.94 12.29 1.59
C THR A 34 1.62 10.79 1.38
N VAL A 35 2.00 9.92 2.29
CA VAL A 35 1.76 8.49 2.08
C VAL A 35 0.28 8.20 1.81
N MET A 36 -0.65 8.73 2.58
CA MET A 36 -2.07 8.47 2.33
C MET A 36 -2.45 8.92 0.92
N ARG A 37 -1.92 10.06 0.49
CA ARG A 37 -2.20 10.59 -0.84
C ARG A 37 -1.94 9.51 -1.91
N SER A 38 -0.87 8.74 -1.68
CA SER A 38 -0.49 7.66 -2.59
C SER A 38 -1.60 6.60 -2.65
N LEU A 39 -2.45 6.62 -1.63
CA LEU A 39 -3.56 5.67 -1.58
C LEU A 39 -4.64 6.08 -2.59
N GLY A 40 -4.39 7.15 -3.33
CA GLY A 40 -5.34 7.59 -4.34
C GLY A 40 -6.44 8.47 -3.77
N GLN A 41 -6.17 9.14 -2.65
CA GLN A 41 -7.16 10.01 -2.01
C GLN A 41 -6.55 11.38 -1.73
N ASN A 42 -7.39 12.34 -1.35
CA ASN A 42 -6.93 13.70 -1.04
C ASN A 42 -7.54 14.18 0.26
N PRO A 43 -7.02 13.72 1.37
CA PRO A 43 -7.53 14.12 2.73
C PRO A 43 -7.38 15.61 2.97
N THR A 44 -8.31 16.17 3.75
CA THR A 44 -8.27 17.59 4.06
C THR A 44 -7.21 17.88 5.12
N GLU A 45 -6.86 19.14 5.28
CA GLU A 45 -5.85 19.53 6.24
C GLU A 45 -6.26 19.11 7.66
N ALA A 46 -7.52 19.35 8.00
CA ALA A 46 -8.03 18.99 9.34
C ALA A 46 -7.81 17.51 9.64
N GLU A 47 -7.70 16.69 8.61
CA GLU A 47 -7.50 15.25 8.83
C GLU A 47 -6.13 15.00 9.48
N LEU A 48 -5.12 15.75 9.05
CA LEU A 48 -3.77 15.61 9.60
C LEU A 48 -3.81 15.81 11.13
N GLN A 49 -4.60 16.80 11.55
CA GLN A 49 -4.69 17.15 12.97
C GLN A 49 -5.46 16.09 13.76
N ASP A 50 -6.68 15.82 13.33
CA ASP A 50 -7.53 14.86 14.03
C ASP A 50 -6.89 13.48 14.18
N MET A 51 -6.37 12.93 13.09
CA MET A 51 -5.76 11.61 13.11
C MET A 51 -4.52 11.56 14.00
N ILE A 52 -3.59 12.48 13.78
CA ILE A 52 -2.35 12.50 14.57
C ILE A 52 -2.68 12.64 16.06
N ASN A 53 -3.57 13.57 16.40
CA ASN A 53 -3.92 13.79 17.81
C ASN A 53 -4.42 12.52 18.50
N GLU A 54 -5.13 11.68 17.76
CA GLU A 54 -5.68 10.46 18.36
C GLU A 54 -4.57 9.49 18.77
N VAL A 55 -3.53 9.36 17.96
CA VAL A 55 -2.45 8.43 18.27
C VAL A 55 -1.40 9.09 19.17
N ASP A 56 -1.37 10.41 19.20
CA ASP A 56 -0.33 11.15 19.92
C ASP A 56 -0.52 11.25 21.43
N ALA A 57 -0.07 10.19 22.09
CA ALA A 57 -0.23 10.04 23.52
C ALA A 57 0.43 11.14 24.35
N ASP A 58 1.60 11.60 23.94
CA ASP A 58 2.30 12.63 24.70
C ASP A 58 1.86 14.04 24.33
N GLY A 59 0.96 14.18 23.36
CA GLY A 59 0.46 15.50 22.94
C GLY A 59 1.57 16.41 22.42
N ASN A 60 2.68 15.82 21.96
CA ASN A 60 3.80 16.62 21.44
C ASN A 60 3.58 16.90 19.95
N GLY A 61 2.45 16.50 19.38
CA GLY A 61 2.16 16.82 17.99
C GLY A 61 2.76 15.86 16.97
N THR A 62 3.46 14.85 17.46
CA THR A 62 4.11 13.86 16.59
C THR A 62 4.13 12.51 17.28
N ILE A 63 4.47 11.45 16.53
CA ILE A 63 4.50 10.10 17.10
C ILE A 63 5.95 9.59 17.14
N ASP A 64 6.36 9.12 18.32
CA ASP A 64 7.72 8.59 18.52
C ASP A 64 7.70 7.06 18.54
N PHE A 65 8.86 6.45 18.78
CA PHE A 65 8.97 4.99 18.77
C PHE A 65 8.01 4.31 19.76
N PRO A 66 7.92 4.77 20.98
CA PRO A 66 7.01 4.14 21.98
C PRO A 66 5.55 4.13 21.50
N GLU A 67 5.06 5.29 21.09
CA GLU A 67 3.68 5.41 20.58
C GLU A 67 3.51 4.58 19.32
N PHE A 68 4.62 4.27 18.69
CA PHE A 68 4.61 3.46 17.46
C PHE A 68 4.34 2.00 17.81
N LEU A 69 5.20 1.40 18.61
CA LEU A 69 5.07 -0.01 18.95
C LEU A 69 3.70 -0.36 19.53
N THR A 70 3.22 0.43 20.47
CA THR A 70 1.90 0.14 21.07
C THR A 70 0.90 -0.23 19.96
N MET A 71 0.79 0.59 18.91
CA MET A 71 -0.18 0.32 17.85
C MET A 71 0.12 -0.95 17.07
N MET A 72 1.37 -1.17 16.71
CA MET A 72 1.75 -2.34 15.92
C MET A 72 1.43 -3.64 16.64
N ALA A 73 1.69 -3.70 17.94
CA ALA A 73 1.46 -4.90 18.73
C ALA A 73 -0.03 -5.23 18.82
N ARG A 74 -0.87 -4.21 18.84
CA ARG A 74 -2.32 -4.41 18.93
C ARG A 74 -2.96 -4.46 17.54
N LYS A 75 -2.25 -3.93 16.55
CA LYS A 75 -2.75 -3.92 15.18
C LYS A 75 -2.57 -5.29 14.53
N MET A 76 -3.30 -6.27 15.04
CA MET A 76 -3.22 -7.64 14.52
C MET A 76 -4.48 -7.99 13.73
N LYS A 77 -5.25 -6.95 13.39
CA LYS A 77 -6.51 -7.13 12.68
C LYS A 77 -6.33 -8.06 11.48
N ASP A 78 -7.26 -8.99 11.36
CA ASP A 78 -7.23 -9.97 10.27
C ASP A 78 -7.99 -9.46 9.05
N THR A 79 -7.24 -9.11 8.00
CA THR A 79 -7.83 -8.66 6.73
C THR A 79 -7.93 -9.90 5.84
N ASP A 80 -9.17 -10.19 5.44
CA ASP A 80 -9.43 -11.27 4.49
C ASP A 80 -8.90 -10.78 3.13
N SER A 81 -7.83 -11.43 2.64
CA SER A 81 -7.23 -11.08 1.36
C SER A 81 -8.28 -10.68 0.33
N GLU A 82 -9.53 -11.09 0.54
CA GLU A 82 -10.61 -10.79 -0.40
C GLU A 82 -10.96 -9.32 -0.43
N GLU A 83 -10.90 -8.69 0.74
CA GLU A 83 -11.24 -7.27 0.84
C GLU A 83 -10.52 -6.44 -0.23
N GLU A 84 -9.28 -6.82 -0.57
CA GLU A 84 -8.51 -6.09 -1.58
C GLU A 84 -8.76 -6.62 -2.99
N ILE A 85 -9.28 -7.83 -3.07
CA ILE A 85 -9.54 -8.43 -4.39
C ILE A 85 -10.50 -7.56 -5.21
N ARG A 86 -11.79 -7.58 -4.86
CA ARG A 86 -12.79 -6.80 -5.59
C ARG A 86 -12.55 -5.30 -5.55
N GLU A 87 -12.08 -4.81 -4.40
CA GLU A 87 -11.83 -3.37 -4.24
C GLU A 87 -10.73 -2.88 -5.18
N ALA A 88 -9.69 -3.68 -5.33
CA ALA A 88 -8.57 -3.35 -6.21
C ALA A 88 -9.04 -3.21 -7.65
N PHE A 89 -10.18 -3.80 -7.96
CA PHE A 89 -10.71 -3.72 -9.31
C PHE A 89 -11.25 -2.32 -9.60
N ARG A 90 -12.11 -1.83 -8.72
CA ARG A 90 -12.72 -0.49 -8.88
C ARG A 90 -11.67 0.60 -9.07
N VAL A 91 -10.59 0.56 -8.30
CA VAL A 91 -9.54 1.58 -8.42
C VAL A 91 -8.87 1.48 -9.78
N PHE A 92 -8.57 0.26 -10.21
CA PHE A 92 -7.90 0.06 -11.49
C PHE A 92 -8.83 0.40 -12.65
N ASP A 93 -10.10 0.05 -12.52
CA ASP A 93 -11.08 0.40 -13.56
C ASP A 93 -11.64 1.78 -13.21
N LYS A 94 -10.91 2.82 -13.62
CA LYS A 94 -11.29 4.20 -13.29
C LYS A 94 -12.68 4.59 -13.79
N ASP A 95 -12.98 4.32 -15.06
CA ASP A 95 -14.29 4.68 -15.62
C ASP A 95 -15.30 3.54 -15.48
N GLY A 96 -14.89 2.47 -14.82
CA GLY A 96 -15.77 1.33 -14.61
C GLY A 96 -16.35 0.85 -15.94
N ASN A 97 -15.47 0.66 -16.93
CA ASN A 97 -15.88 0.20 -18.26
C ASN A 97 -15.82 -1.32 -18.34
N GLY A 98 -15.52 -1.97 -17.21
CA GLY A 98 -15.45 -3.43 -17.17
C GLY A 98 -14.07 -3.93 -17.59
N TYR A 99 -13.16 -3.01 -17.91
CA TYR A 99 -11.81 -3.40 -18.34
C TYR A 99 -10.74 -2.50 -17.73
N ILE A 100 -9.55 -3.08 -17.55
CA ILE A 100 -8.42 -2.33 -17.03
C ILE A 100 -7.63 -1.79 -18.21
N SER A 101 -7.55 -0.47 -18.31
CA SER A 101 -6.86 0.17 -19.43
C SER A 101 -5.39 0.42 -19.13
N ALA A 102 -4.51 0.41 -20.13
CA ALA A 102 -3.10 0.63 -19.88
C ALA A 102 -2.88 1.95 -19.15
N ALA A 103 -3.52 3.02 -19.60
CA ALA A 103 -3.36 4.32 -18.97
C ALA A 103 -3.62 4.23 -17.47
N GLU A 104 -4.63 3.45 -17.09
CA GLU A 104 -4.97 3.25 -15.69
C GLU A 104 -3.86 2.49 -14.96
N LEU A 105 -3.29 1.48 -15.59
CA LEU A 105 -2.21 0.72 -14.95
C LEU A 105 -0.98 1.60 -14.69
N ARG A 106 -0.61 2.38 -15.70
CA ARG A 106 0.56 3.26 -15.56
C ARG A 106 0.59 3.98 -14.21
N HIS A 107 -0.57 4.47 -13.77
CA HIS A 107 -0.66 5.18 -12.49
C HIS A 107 -0.36 4.23 -11.32
N VAL A 108 -0.66 2.96 -11.48
CA VAL A 108 -0.43 2.00 -10.41
C VAL A 108 1.03 1.99 -9.98
N MET A 109 1.95 2.03 -10.94
CA MET A 109 3.38 1.97 -10.64
C MET A 109 3.78 3.00 -9.58
N THR A 110 3.27 4.22 -9.79
CA THR A 110 3.57 5.35 -8.93
C THR A 110 3.22 5.04 -7.48
N ASN A 111 2.12 4.35 -7.29
CA ASN A 111 1.70 3.99 -5.95
C ASN A 111 2.68 3.00 -5.31
N LEU A 112 3.17 2.04 -6.09
CA LEU A 112 4.09 1.04 -5.56
C LEU A 112 5.53 1.55 -5.52
N GLY A 113 5.79 2.66 -6.18
CA GLY A 113 7.15 3.21 -6.22
C GLY A 113 8.03 2.37 -7.12
N GLU A 114 7.53 1.72 -8.17
CA GLU A 114 8.42 0.88 -9.00
C GLU A 114 9.11 1.71 -10.07
N LYS A 115 8.52 2.85 -10.43
CA LYS A 115 9.12 3.69 -11.47
C LYS A 115 9.56 2.82 -12.67
N LEU A 116 8.56 2.18 -13.26
CA LEU A 116 8.77 1.31 -14.42
C LEU A 116 8.88 2.10 -15.73
N THR A 117 9.67 1.55 -16.65
CA THR A 117 9.87 2.17 -17.96
C THR A 117 8.72 1.79 -18.90
N ASP A 118 8.77 2.35 -20.10
CA ASP A 118 7.76 2.01 -21.11
C ASP A 118 7.83 0.51 -21.37
N GLU A 119 9.06 -0.01 -21.52
CA GLU A 119 9.27 -1.42 -21.83
C GLU A 119 8.64 -2.36 -20.80
N GLU A 120 8.85 -2.07 -19.53
CA GLU A 120 8.32 -2.92 -18.47
C GLU A 120 6.80 -2.81 -18.36
N VAL A 121 6.27 -1.64 -18.69
CA VAL A 121 4.82 -1.44 -18.63
C VAL A 121 4.16 -2.36 -19.64
N ASP A 122 4.77 -2.43 -20.81
CA ASP A 122 4.28 -3.29 -21.87
C ASP A 122 4.50 -4.76 -21.52
N GLU A 123 5.62 -5.03 -20.85
CA GLU A 123 5.97 -6.40 -20.48
C GLU A 123 4.92 -7.08 -19.59
N MET A 124 4.60 -6.39 -18.49
CA MET A 124 3.60 -6.89 -17.54
C MET A 124 2.30 -7.18 -18.27
N ILE A 125 1.91 -6.26 -19.14
CA ILE A 125 0.65 -6.38 -19.89
C ILE A 125 0.64 -7.67 -20.71
N ARG A 126 1.75 -7.97 -21.37
CA ARG A 126 1.83 -9.18 -22.19
C ARG A 126 1.61 -10.44 -21.34
N GLU A 127 2.11 -10.42 -20.12
CA GLU A 127 1.99 -11.57 -19.22
C GLU A 127 0.53 -11.96 -18.96
N ALA A 128 -0.33 -10.97 -18.77
CA ALA A 128 -1.74 -11.23 -18.49
C ALA A 128 -2.59 -11.28 -19.78
N ASP A 129 -2.04 -10.71 -20.85
CA ASP A 129 -2.77 -10.64 -22.12
C ASP A 129 -2.83 -11.99 -22.82
N ILE A 130 -3.84 -12.77 -22.47
CA ILE A 130 -3.99 -14.10 -23.03
C ILE A 130 -4.39 -14.10 -24.52
N ASP A 131 -4.82 -12.90 -24.93
CA ASP A 131 -5.23 -12.62 -26.31
C ASP A 131 -4.79 -11.20 -26.68
N GLY A 132 -4.42 -11.00 -27.94
CA GLY A 132 -3.95 -9.69 -28.41
C GLY A 132 -5.07 -8.65 -28.52
N ASP A 133 -5.83 -8.46 -27.44
CA ASP A 133 -6.91 -7.46 -27.45
C ASP A 133 -6.38 -6.12 -26.95
N GLY A 134 -5.16 -6.11 -26.43
CA GLY A 134 -4.54 -4.85 -26.00
C GLY A 134 -5.06 -4.34 -24.65
N GLN A 135 -5.97 -5.08 -24.03
CA GLN A 135 -6.55 -4.66 -22.74
C GLN A 135 -6.58 -5.83 -21.77
N VAL A 136 -6.57 -5.54 -20.47
CA VAL A 136 -6.60 -6.61 -19.47
C VAL A 136 -8.01 -6.76 -18.91
N ASN A 137 -8.61 -7.93 -19.10
CA ASN A 137 -9.97 -8.18 -18.61
C ASN A 137 -9.96 -8.59 -17.15
N TYR A 138 -11.15 -8.72 -16.57
CA TYR A 138 -11.28 -9.14 -15.17
C TYR A 138 -10.68 -10.53 -14.98
N GLU A 139 -10.93 -11.42 -15.94
CA GLU A 139 -10.41 -12.77 -15.85
C GLU A 139 -8.89 -12.78 -15.82
N GLU A 140 -8.26 -11.99 -16.69
CA GLU A 140 -6.80 -11.93 -16.75
C GLU A 140 -6.25 -11.35 -15.45
N PHE A 141 -6.94 -10.35 -14.91
CA PHE A 141 -6.51 -9.70 -13.67
C PHE A 141 -6.49 -10.70 -12.52
N VAL A 142 -7.54 -11.50 -12.43
CA VAL A 142 -7.66 -12.51 -11.37
C VAL A 142 -6.56 -13.58 -11.50
N GLN A 143 -6.40 -14.08 -12.71
CA GLN A 143 -5.38 -15.11 -12.94
C GLN A 143 -4.04 -14.68 -12.34
N MET A 144 -3.68 -13.41 -12.54
CA MET A 144 -2.39 -12.88 -12.06
C MET A 144 -2.36 -12.63 -10.56
N MET A 145 -3.44 -12.12 -10.01
CA MET A 145 -3.51 -11.83 -8.58
C MET A 145 -3.61 -13.13 -7.78
N THR A 146 -4.49 -14.03 -8.20
CA THR A 146 -4.66 -15.31 -7.48
C THR A 146 -3.72 -16.38 -8.01
N ALA A 147 -2.54 -15.96 -8.46
CA ALA A 147 -1.55 -16.89 -8.99
C ALA A 147 -1.48 -18.16 -8.13
N LYS A 148 -1.68 -18.02 -6.82
CA LYS A 148 -1.62 -19.17 -5.91
C LYS A 148 -2.60 -18.99 -4.77
N LEU B 1 7.23 -15.69 -20.27
CA LEU B 1 6.98 -16.42 -18.99
C LEU B 1 8.29 -16.56 -18.22
N ARG B 2 8.47 -15.73 -17.19
CA ARG B 2 9.68 -15.76 -16.38
C ARG B 2 9.36 -15.38 -14.94
N ARG B 3 8.81 -16.32 -14.19
CA ARG B 3 8.45 -16.07 -12.80
C ARG B 3 7.72 -14.73 -12.68
N GLY B 4 6.72 -14.51 -13.54
CA GLY B 4 5.97 -13.27 -13.49
C GLY B 4 5.34 -13.07 -12.11
N GLN B 5 5.61 -14.00 -11.21
CA GLN B 5 5.05 -13.94 -9.86
C GLN B 5 5.53 -12.70 -9.11
N ILE B 6 6.82 -12.44 -9.16
CA ILE B 6 7.41 -11.30 -8.46
C ILE B 6 6.80 -9.97 -8.91
N LEU B 7 6.76 -9.75 -10.21
CA LEU B 7 6.24 -8.49 -10.74
C LEU B 7 4.80 -8.19 -10.25
N TRP B 8 3.85 -9.05 -10.62
CA TRP B 8 2.46 -8.83 -10.23
C TRP B 8 2.27 -8.87 -8.70
N PHE B 9 2.71 -9.99 -8.11
CA PHE B 9 2.50 -10.25 -6.69
C PHE B 9 3.10 -9.24 -5.74
N ARG B 10 4.36 -8.85 -5.96
CA ARG B 10 5.03 -7.93 -5.06
C ARG B 10 4.15 -6.75 -4.62
N GLY B 11 3.56 -6.11 -5.63
CA GLY B 11 2.67 -4.96 -5.39
C GLY B 11 1.47 -5.35 -4.56
N LEU B 12 0.87 -6.51 -4.84
CA LEU B 12 -0.30 -6.92 -4.07
C LEU B 12 0.05 -6.96 -2.58
N ASN B 13 1.20 -7.56 -2.28
CA ASN B 13 1.63 -7.74 -0.90
C ASN B 13 1.74 -6.45 -0.10
N ARG B 14 2.40 -5.45 -0.69
CA ARG B 14 2.59 -4.14 -0.06
C ARG B 14 1.27 -3.40 0.17
N ILE B 15 0.34 -3.52 -0.77
CA ILE B 15 -0.92 -2.80 -0.64
C ILE B 15 -1.66 -3.27 0.62
N GLN B 16 -1.69 -4.56 0.90
CA GLN B 16 -2.32 -5.00 2.13
C GLN B 16 -1.76 -4.16 3.28
N THR B 17 -0.44 -4.00 3.34
CA THR B 17 0.17 -3.23 4.43
C THR B 17 -0.27 -1.77 4.40
N GLN B 18 -0.19 -1.14 3.23
CA GLN B 18 -0.52 0.28 3.08
C GLN B 18 -1.52 0.77 4.12
N ILE B 19 -2.68 0.09 4.06
CA ILE B 19 -3.83 0.34 4.94
C ILE B 19 -3.70 -0.38 6.28
N LYS B 20 -2.80 -1.35 6.43
CA LYS B 20 -2.68 -1.97 7.76
C LYS B 20 -2.29 -0.87 8.75
N VAL B 21 -1.31 -0.04 8.42
CA VAL B 21 -0.85 1.00 9.34
C VAL B 21 -1.94 2.00 9.73
N VAL B 22 -2.64 2.51 8.72
CA VAL B 22 -3.67 3.51 8.96
C VAL B 22 -4.87 2.94 9.74
N LYS B 23 -5.24 1.68 9.51
CA LYS B 23 -6.38 1.10 10.23
C LYS B 23 -6.23 1.37 11.73
N ALA B 24 -4.99 1.29 12.19
CA ALA B 24 -4.73 1.51 13.60
C ALA B 24 -5.34 2.84 14.03
N PHE B 25 -5.13 3.88 13.22
CA PHE B 25 -5.67 5.21 13.53
C PHE B 25 -7.21 5.22 13.58
N HIS B 26 -7.85 4.68 12.55
CA HIS B 26 -9.32 4.69 12.51
C HIS B 26 -9.94 3.78 13.59
N SER B 27 -9.36 2.60 13.79
CA SER B 27 -9.93 1.67 14.74
C SER B 27 -11.28 1.18 14.17
N SER B 28 -11.42 0.57 12.99
CA SER B 28 -12.77 0.15 12.56
C SER B 28 -13.79 1.27 12.70
CA CA C . 9.92 11.23 9.76
CA CA D . 4.79 11.55 20.68
CA CA E . -11.01 1.28 -17.54
CA CA F . -6.91 -9.43 -22.80
N ALA A 1 6.55 -5.87 23.85
CA ALA A 1 6.16 -7.12 24.56
C ALA A 1 6.15 -8.28 23.56
N ASP A 2 5.37 -8.12 22.49
CA ASP A 2 5.26 -9.16 21.48
C ASP A 2 6.60 -9.37 20.77
N GLN A 3 7.33 -8.28 20.55
CA GLN A 3 8.63 -8.33 19.90
C GLN A 3 9.73 -8.30 20.95
N LEU A 4 10.22 -9.50 21.31
CA LEU A 4 11.28 -9.63 22.29
C LEU A 4 12.59 -10.07 21.63
N THR A 5 12.54 -10.74 20.47
CA THR A 5 13.78 -11.16 19.82
C THR A 5 14.42 -9.98 19.10
N GLU A 6 15.75 -9.90 19.18
CA GLU A 6 16.47 -8.80 18.53
C GLU A 6 16.03 -8.66 17.07
N GLU A 7 16.18 -9.77 16.35
CA GLU A 7 15.85 -9.86 14.93
C GLU A 7 14.64 -9.00 14.59
N GLN A 8 13.66 -8.99 15.49
CA GLN A 8 12.45 -8.19 15.27
C GLN A 8 12.77 -6.70 15.34
N ILE A 9 13.67 -6.21 16.20
CA ILE A 9 13.97 -4.78 16.12
C ILE A 9 14.49 -4.56 14.69
N ALA A 10 15.37 -5.44 14.24
CA ALA A 10 15.94 -5.27 12.90
C ALA A 10 14.85 -5.12 11.84
N GLU A 11 13.91 -6.06 11.81
CA GLU A 11 12.83 -6.06 10.81
C GLU A 11 11.99 -4.80 10.89
N PHE A 12 11.58 -4.48 12.11
CA PHE A 12 10.74 -3.30 12.36
C PHE A 12 11.47 -2.03 11.97
N LYS A 13 12.77 -1.95 12.23
CA LYS A 13 13.54 -0.76 11.88
C LYS A 13 13.32 -0.39 10.41
N GLU A 14 13.58 -1.33 9.51
CA GLU A 14 13.41 -1.04 8.10
C GLU A 14 12.04 -0.41 7.85
N ALA A 15 11.04 -0.94 8.52
CA ALA A 15 9.67 -0.45 8.36
C ALA A 15 9.55 1.05 8.66
N PHE A 16 10.29 1.53 9.65
CA PHE A 16 10.21 2.94 10.00
C PHE A 16 10.55 3.87 8.84
N SER A 17 11.59 3.50 8.07
CA SER A 17 12.03 4.29 6.92
C SER A 17 10.95 4.35 5.84
N LEU A 18 9.96 3.47 5.93
CA LEU A 18 8.88 3.42 4.93
C LEU A 18 8.03 4.70 4.93
N PHE A 19 7.70 5.22 6.13
CA PHE A 19 6.86 6.43 6.22
C PHE A 19 7.66 7.66 6.62
N ASP A 20 8.88 7.46 7.10
CA ASP A 20 9.71 8.59 7.50
C ASP A 20 10.21 9.36 6.28
N LYS A 21 9.46 10.38 5.89
CA LYS A 21 9.81 11.19 4.73
C LYS A 21 11.10 11.99 4.97
N ASP A 22 11.20 12.71 6.09
CA ASP A 22 12.38 13.54 6.37
C ASP A 22 13.33 12.89 7.37
N GLY A 23 13.15 11.59 7.61
CA GLY A 23 14.02 10.88 8.55
C GLY A 23 14.42 11.75 9.74
N ASP A 24 13.46 12.48 10.30
CA ASP A 24 13.72 13.37 11.44
C ASP A 24 13.65 12.60 12.75
N GLY A 25 13.29 11.32 12.66
CA GLY A 25 13.19 10.47 13.85
C GLY A 25 11.79 10.52 14.46
N THR A 26 10.91 11.32 13.86
CA THR A 26 9.54 11.46 14.33
C THR A 26 8.57 11.47 13.16
N ILE A 27 7.34 11.03 13.41
CA ILE A 27 6.31 11.06 12.38
C ILE A 27 5.55 12.37 12.49
N THR A 28 5.51 13.11 11.38
CA THR A 28 4.86 14.42 11.33
C THR A 28 3.64 14.44 10.42
N THR A 29 2.85 15.49 10.59
CA THR A 29 1.61 15.65 9.84
C THR A 29 1.87 15.67 8.34
N LYS A 30 2.98 16.27 7.93
CA LYS A 30 3.33 16.38 6.51
C LYS A 30 3.47 15.00 5.87
N GLU A 31 4.41 14.22 6.37
CA GLU A 31 4.66 12.88 5.85
C GLU A 31 3.44 11.97 6.00
N LEU A 32 2.63 12.18 7.03
CA LEU A 32 1.45 11.34 7.18
C LEU A 32 0.53 11.50 5.96
N GLY A 33 0.20 12.76 5.70
CA GLY A 33 -0.70 13.14 4.61
C GLY A 33 -0.17 12.71 3.24
N THR A 34 1.13 12.79 3.01
CA THR A 34 1.64 12.35 1.70
C THR A 34 1.26 10.88 1.50
N VAL A 35 1.61 9.99 2.44
CA VAL A 35 1.32 8.57 2.23
C VAL A 35 -0.17 8.34 2.00
N MET A 36 -1.07 8.91 2.78
CA MET A 36 -2.50 8.68 2.59
C MET A 36 -2.90 9.13 1.19
N ARG A 37 -2.36 10.25 0.75
CA ARG A 37 -2.68 10.78 -0.58
C ARG A 37 -2.46 9.69 -1.63
N SER A 38 -1.44 8.86 -1.37
CA SER A 38 -1.09 7.75 -2.27
C SER A 38 -2.24 6.73 -2.34
N LEU A 39 -3.10 6.78 -1.33
CA LEU A 39 -4.24 5.85 -1.32
C LEU A 39 -5.30 6.31 -2.32
N GLY A 40 -5.01 7.39 -3.04
CA GLY A 40 -5.94 7.88 -4.05
C GLY A 40 -7.06 8.71 -3.43
N GLN A 41 -6.87 9.17 -2.19
CA GLN A 41 -7.89 9.99 -1.53
C GLN A 41 -7.39 11.42 -1.40
N ASN A 42 -8.33 12.35 -1.18
CA ASN A 42 -7.99 13.77 -1.03
C ASN A 42 -8.35 14.25 0.38
N PRO A 43 -7.65 13.79 1.39
CA PRO A 43 -7.94 14.19 2.81
C PRO A 43 -7.73 15.68 3.04
N THR A 44 -8.59 16.27 3.89
CA THR A 44 -8.50 17.68 4.19
C THR A 44 -7.42 17.93 5.24
N GLU A 45 -7.04 19.20 5.38
CA GLU A 45 -6.01 19.56 6.34
C GLU A 45 -6.40 19.15 7.77
N ALA A 46 -7.66 19.40 8.12
CA ALA A 46 -8.15 19.08 9.45
C ALA A 46 -7.93 17.60 9.79
N GLU A 47 -7.82 16.76 8.76
CA GLU A 47 -7.61 15.33 8.99
C GLU A 47 -6.25 15.08 9.63
N LEU A 48 -5.25 15.86 9.20
CA LEU A 48 -3.90 15.72 9.73
C LEU A 48 -3.93 15.90 11.27
N GLN A 49 -4.72 16.88 11.70
CA GLN A 49 -4.83 17.21 13.12
C GLN A 49 -5.57 16.14 13.90
N ASP A 50 -6.78 15.84 13.48
CA ASP A 50 -7.62 14.87 14.18
C ASP A 50 -6.93 13.51 14.33
N MET A 51 -6.38 12.98 13.25
CA MET A 51 -5.74 11.68 13.27
C MET A 51 -4.46 11.65 14.13
N ILE A 52 -3.58 12.60 13.88
CA ILE A 52 -2.31 12.64 14.63
C ILE A 52 -2.61 12.79 16.12
N ASN A 53 -3.48 13.73 16.48
CA ASN A 53 -3.80 13.97 17.89
C ASN A 53 -4.34 12.72 18.59
N GLU A 54 -5.07 11.88 17.86
CA GLU A 54 -5.65 10.69 18.46
C GLU A 54 -4.57 9.69 18.87
N VAL A 55 -3.54 9.52 18.04
CA VAL A 55 -2.47 8.57 18.35
C VAL A 55 -1.39 9.20 19.24
N ASP A 56 -1.32 10.53 19.26
CA ASP A 56 -0.27 11.22 19.98
C ASP A 56 -0.46 11.33 21.50
N ALA A 57 0.01 10.27 22.16
CA ALA A 57 -0.17 10.12 23.60
C ALA A 57 0.51 11.19 24.42
N ASP A 58 1.69 11.65 24.00
CA ASP A 58 2.42 12.66 24.76
C ASP A 58 2.00 14.08 24.40
N GLY A 59 1.10 14.25 23.43
CA GLY A 59 0.64 15.58 23.04
C GLY A 59 1.76 16.47 22.50
N ASN A 60 2.84 15.85 22.01
CA ASN A 60 3.96 16.62 21.46
C ASN A 60 3.74 16.90 19.98
N GLY A 61 2.60 16.49 19.43
CA GLY A 61 2.29 16.82 18.04
C GLY A 61 2.85 15.85 17.01
N THR A 62 3.55 14.82 17.51
CA THR A 62 4.16 13.81 16.64
C THR A 62 4.18 12.47 17.33
N ILE A 63 4.52 11.41 16.60
CA ILE A 63 4.56 10.06 17.19
C ILE A 63 6.00 9.54 17.20
N ASP A 64 6.44 9.05 18.36
CA ASP A 64 7.79 8.51 18.51
C ASP A 64 7.76 6.98 18.56
N PHE A 65 8.93 6.37 18.79
CA PHE A 65 9.01 4.90 18.77
C PHE A 65 8.10 4.24 19.81
N PRO A 66 8.05 4.68 21.03
CA PRO A 66 7.17 4.04 22.06
C PRO A 66 5.70 3.99 21.61
N GLU A 67 5.18 5.14 21.20
CA GLU A 67 3.80 5.23 20.72
C GLU A 67 3.59 4.33 19.48
N PHE A 68 4.71 3.98 18.86
CA PHE A 68 4.68 3.11 17.69
C PHE A 68 4.41 1.66 18.09
N LEU A 69 5.28 1.10 18.94
CA LEU A 69 5.17 -0.29 19.33
C LEU A 69 3.82 -0.64 19.98
N THR A 70 3.35 0.18 20.91
CA THR A 70 2.06 -0.12 21.55
C THR A 70 1.04 -0.51 20.46
N MET A 71 0.93 0.28 19.40
CA MET A 71 -0.05 -0.01 18.36
C MET A 71 0.26 -1.29 17.59
N MET A 72 1.53 -1.47 17.23
CA MET A 72 1.95 -2.65 16.47
C MET A 72 1.63 -3.96 17.18
N ALA A 73 1.87 -4.00 18.48
CA ALA A 73 1.63 -5.21 19.26
C ALA A 73 0.16 -5.59 19.29
N ARG A 74 -0.73 -4.58 19.28
CA ARG A 74 -2.16 -4.85 19.32
C ARG A 74 -2.77 -4.86 17.91
N LYS A 75 -1.97 -4.46 16.92
CA LYS A 75 -2.47 -4.45 15.53
C LYS A 75 -2.38 -5.84 14.90
N MET A 76 -3.22 -6.75 15.38
CA MET A 76 -3.26 -8.12 14.87
C MET A 76 -4.52 -8.34 14.04
N LYS A 77 -5.12 -7.23 13.61
CA LYS A 77 -6.36 -7.29 12.83
C LYS A 77 -6.20 -8.24 11.65
N ASP A 78 -7.17 -9.13 11.52
CA ASP A 78 -7.16 -10.11 10.44
C ASP A 78 -7.87 -9.57 9.20
N THR A 79 -7.09 -9.28 8.16
CA THR A 79 -7.65 -8.82 6.88
C THR A 79 -7.83 -10.05 6.01
N ASP A 80 -9.08 -10.30 5.63
CA ASP A 80 -9.38 -11.38 4.67
C ASP A 80 -8.83 -10.92 3.32
N SER A 81 -7.78 -11.60 2.85
CA SER A 81 -7.15 -11.28 1.57
C SER A 81 -8.17 -10.86 0.52
N GLU A 82 -9.44 -11.24 0.73
CA GLU A 82 -10.51 -10.92 -0.23
C GLU A 82 -10.83 -9.42 -0.23
N GLU A 83 -10.75 -8.80 0.93
CA GLU A 83 -11.06 -7.37 1.04
C GLU A 83 -10.34 -6.56 -0.04
N GLU A 84 -9.11 -6.93 -0.37
CA GLU A 84 -8.32 -6.21 -1.38
C GLU A 84 -8.55 -6.75 -2.80
N ILE A 85 -9.17 -7.91 -2.88
CA ILE A 85 -9.43 -8.52 -4.20
C ILE A 85 -10.36 -7.63 -5.03
N ARG A 86 -11.64 -7.63 -4.70
CA ARG A 86 -12.61 -6.86 -5.46
C ARG A 86 -12.34 -5.35 -5.43
N GLU A 87 -11.94 -4.87 -4.26
CA GLU A 87 -11.67 -3.43 -4.09
C GLU A 87 -10.52 -2.96 -4.98
N ALA A 88 -9.49 -3.79 -5.09
CA ALA A 88 -8.33 -3.45 -5.91
C ALA A 88 -8.74 -3.30 -7.38
N PHE A 89 -9.89 -3.85 -7.73
CA PHE A 89 -10.38 -3.75 -9.10
C PHE A 89 -10.90 -2.35 -9.41
N ARG A 90 -11.75 -1.83 -8.51
CA ARG A 90 -12.36 -0.51 -8.70
C ARG A 90 -11.30 0.57 -8.91
N VAL A 91 -10.21 0.53 -8.15
CA VAL A 91 -9.16 1.53 -8.30
C VAL A 91 -8.52 1.41 -9.68
N PHE A 92 -8.25 0.19 -10.11
CA PHE A 92 -7.61 -0.02 -11.40
C PHE A 92 -8.55 0.34 -12.55
N ASP A 93 -9.82 0.01 -12.40
CA ASP A 93 -10.82 0.39 -13.41
C ASP A 93 -11.28 1.81 -13.09
N LYS A 94 -10.49 2.79 -13.50
CA LYS A 94 -10.78 4.19 -13.21
C LYS A 94 -12.14 4.66 -13.72
N ASP A 95 -12.45 4.40 -14.98
CA ASP A 95 -13.72 4.85 -15.56
C ASP A 95 -14.80 3.78 -15.40
N GLY A 96 -14.48 2.71 -14.70
CA GLY A 96 -15.44 1.63 -14.48
C GLY A 96 -16.04 1.18 -15.81
N ASN A 97 -15.18 0.94 -16.80
CA ASN A 97 -15.62 0.49 -18.11
C ASN A 97 -15.66 -1.03 -18.18
N GLY A 98 -15.43 -1.69 -17.04
CA GLY A 98 -15.44 -3.15 -16.98
C GLY A 98 -14.09 -3.74 -17.39
N TYR A 99 -13.12 -2.88 -17.70
CA TYR A 99 -11.81 -3.36 -18.13
C TYR A 99 -10.68 -2.51 -17.54
N ILE A 100 -9.51 -3.12 -17.41
CA ILE A 100 -8.33 -2.42 -16.91
C ILE A 100 -7.55 -1.90 -18.10
N SER A 101 -7.47 -0.58 -18.24
CA SER A 101 -6.78 0.04 -19.37
C SER A 101 -5.30 0.27 -19.10
N ALA A 102 -4.45 0.27 -20.12
CA ALA A 102 -3.03 0.48 -19.90
C ALA A 102 -2.77 1.80 -19.19
N ALA A 103 -3.40 2.87 -19.66
CA ALA A 103 -3.21 4.19 -19.06
C ALA A 103 -3.50 4.13 -17.56
N GLU A 104 -4.47 3.32 -17.18
CA GLU A 104 -4.81 3.15 -15.76
C GLU A 104 -3.69 2.40 -15.04
N LEU A 105 -3.11 1.38 -15.67
CA LEU A 105 -2.05 0.60 -15.04
C LEU A 105 -0.77 1.44 -14.79
N ARG A 106 -0.35 2.17 -15.81
CA ARG A 106 0.86 2.98 -15.71
C ARG A 106 0.94 3.77 -14.39
N HIS A 107 -0.21 4.20 -13.89
CA HIS A 107 -0.27 4.96 -12.63
C HIS A 107 0.01 4.04 -11.45
N VAL A 108 -0.33 2.77 -11.58
CA VAL A 108 -0.13 1.83 -10.49
C VAL A 108 1.34 1.78 -10.08
N MET A 109 2.24 1.80 -11.05
CA MET A 109 3.66 1.69 -10.77
C MET A 109 4.13 2.72 -9.75
N THR A 110 3.68 3.96 -10.03
CA THR A 110 4.07 5.12 -9.25
C THR A 110 3.74 4.92 -7.78
N ASN A 111 2.64 4.23 -7.53
CA ASN A 111 2.24 3.97 -6.15
C ASN A 111 3.25 3.03 -5.48
N LEU A 112 3.79 2.08 -6.24
CA LEU A 112 4.74 1.10 -5.68
C LEU A 112 6.17 1.65 -5.68
N GLY A 113 6.39 2.77 -6.36
CA GLY A 113 7.73 3.36 -6.45
C GLY A 113 8.61 2.54 -7.40
N GLU A 114 8.09 1.98 -8.49
CA GLU A 114 8.96 1.16 -9.37
C GLU A 114 9.65 2.04 -10.42
N LYS A 115 9.08 3.19 -10.72
CA LYS A 115 9.69 4.07 -11.73
C LYS A 115 10.11 3.24 -12.96
N LEU A 116 9.10 2.62 -13.53
CA LEU A 116 9.24 1.76 -14.71
C LEU A 116 9.42 2.53 -16.02
N THR A 117 10.12 1.93 -16.98
CA THR A 117 10.33 2.56 -18.28
C THR A 117 9.14 2.28 -19.20
N ASP A 118 9.16 2.88 -20.40
CA ASP A 118 8.08 2.65 -21.37
C ASP A 118 7.99 1.14 -21.63
N GLU A 119 9.15 0.52 -21.81
CA GLU A 119 9.21 -0.91 -22.14
C GLU A 119 8.47 -1.76 -21.13
N GLU A 120 8.61 -1.42 -19.87
CA GLU A 120 7.95 -2.19 -18.81
C GLU A 120 6.43 -2.03 -18.84
N VAL A 121 5.96 -0.87 -19.29
CA VAL A 121 4.52 -0.64 -19.37
C VAL A 121 3.89 -1.61 -20.35
N ASP A 122 4.56 -1.78 -21.47
CA ASP A 122 4.10 -2.69 -22.51
C ASP A 122 4.34 -4.14 -22.10
N GLU A 123 5.44 -4.38 -21.40
CA GLU A 123 5.80 -5.74 -21.00
C GLU A 123 4.76 -6.39 -20.09
N MET A 124 4.47 -5.70 -18.99
CA MET A 124 3.51 -6.17 -17.99
C MET A 124 2.22 -6.63 -18.67
N ILE A 125 1.57 -5.72 -19.36
CA ILE A 125 0.30 -6.04 -20.01
C ILE A 125 0.41 -7.31 -20.85
N ARG A 126 1.51 -7.49 -21.57
CA ARG A 126 1.67 -8.68 -22.41
C ARG A 126 1.66 -9.96 -21.58
N GLU A 127 2.23 -9.89 -20.38
CA GLU A 127 2.30 -11.08 -19.52
C GLU A 127 0.91 -11.66 -19.25
N ALA A 128 -0.08 -10.79 -19.03
CA ALA A 128 -1.45 -11.26 -18.73
C ALA A 128 -2.32 -11.32 -20.00
N ASP A 129 -1.84 -10.70 -21.07
CA ASP A 129 -2.61 -10.63 -22.31
C ASP A 129 -2.65 -11.96 -23.04
N ILE A 130 -3.62 -12.77 -22.66
CA ILE A 130 -3.75 -14.11 -23.24
C ILE A 130 -4.21 -14.11 -24.69
N ASP A 131 -4.66 -12.89 -25.08
CA ASP A 131 -5.14 -12.59 -26.42
C ASP A 131 -4.71 -11.17 -26.81
N GLY A 132 -4.35 -10.98 -28.07
CA GLY A 132 -3.89 -9.67 -28.55
C GLY A 132 -4.99 -8.62 -28.61
N ASP A 133 -5.72 -8.43 -27.50
CA ASP A 133 -6.79 -7.42 -27.46
C ASP A 133 -6.22 -6.08 -26.95
N GLY A 134 -5.00 -6.10 -26.44
CA GLY A 134 -4.34 -4.88 -25.99
C GLY A 134 -4.86 -4.34 -24.65
N GLN A 135 -5.79 -5.06 -24.03
CA GLN A 135 -6.36 -4.61 -22.75
C GLN A 135 -6.42 -5.77 -21.77
N VAL A 136 -6.38 -5.47 -20.48
CA VAL A 136 -6.42 -6.54 -19.46
C VAL A 136 -7.82 -6.68 -18.90
N ASN A 137 -8.43 -7.86 -19.09
CA ASN A 137 -9.78 -8.10 -18.61
C ASN A 137 -9.76 -8.53 -17.14
N TYR A 138 -10.94 -8.66 -16.55
CA TYR A 138 -11.06 -9.09 -15.16
C TYR A 138 -10.47 -10.48 -14.99
N GLU A 139 -10.72 -11.36 -15.96
CA GLU A 139 -10.20 -12.73 -15.88
C GLU A 139 -8.67 -12.73 -15.87
N GLU A 140 -8.05 -11.95 -16.74
CA GLU A 140 -6.59 -11.89 -16.79
C GLU A 140 -6.03 -11.36 -15.47
N PHE A 141 -6.72 -10.38 -14.89
CA PHE A 141 -6.30 -9.79 -13.63
C PHE A 141 -6.28 -10.83 -12.52
N VAL A 142 -7.33 -11.63 -12.45
CA VAL A 142 -7.43 -12.67 -11.42
C VAL A 142 -6.37 -13.74 -11.59
N GLN A 143 -6.23 -14.25 -12.81
CA GLN A 143 -5.26 -15.30 -13.07
C GLN A 143 -3.90 -14.90 -12.49
N MET A 144 -3.49 -13.66 -12.73
CA MET A 144 -2.19 -13.19 -12.27
C MET A 144 -2.13 -12.96 -10.76
N MET A 145 -3.20 -12.43 -10.19
CA MET A 145 -3.26 -12.17 -8.75
C MET A 145 -3.45 -13.46 -7.95
N THR A 146 -4.37 -14.31 -8.39
CA THR A 146 -4.65 -15.57 -7.68
C THR A 146 -3.80 -16.72 -8.21
N ALA A 147 -2.59 -16.40 -8.67
CA ALA A 147 -1.70 -17.44 -9.20
C ALA A 147 -0.94 -18.15 -8.08
N LYS A 148 -1.54 -19.22 -7.55
CA LYS A 148 -0.90 -19.97 -6.48
C LYS A 148 -1.44 -21.39 -6.43
N LEU B 1 5.95 -21.92 -16.43
CA LEU B 1 6.03 -21.64 -14.98
C LEU B 1 5.59 -20.21 -14.71
N ARG B 2 5.67 -19.37 -15.74
CA ARG B 2 5.27 -17.98 -15.61
C ARG B 2 5.85 -17.39 -14.31
N ARG B 3 7.17 -17.25 -14.26
CA ARG B 3 7.82 -16.71 -13.08
C ARG B 3 7.51 -15.21 -12.98
N GLY B 4 6.62 -14.72 -13.84
CA GLY B 4 6.23 -13.31 -13.79
C GLY B 4 5.57 -12.98 -12.45
N GLN B 5 5.63 -13.93 -11.52
CA GLN B 5 5.02 -13.76 -10.20
C GLN B 5 5.56 -12.55 -9.46
N ILE B 6 6.86 -12.38 -9.48
CA ILE B 6 7.50 -11.27 -8.76
C ILE B 6 6.92 -9.91 -9.14
N LEU B 7 6.88 -9.62 -10.43
CA LEU B 7 6.40 -8.30 -10.87
C LEU B 7 4.96 -8.02 -10.39
N TRP B 8 4.03 -8.90 -10.76
CA TRP B 8 2.62 -8.70 -10.39
C TRP B 8 2.40 -8.67 -8.87
N PHE B 9 2.73 -9.80 -8.24
CA PHE B 9 2.48 -9.97 -6.81
C PHE B 9 3.11 -8.96 -5.88
N ARG B 10 4.38 -8.64 -6.11
CA ARG B 10 5.11 -7.71 -5.26
C ARG B 10 4.24 -6.53 -4.81
N GLY B 11 3.62 -5.87 -5.79
CA GLY B 11 2.76 -4.72 -5.53
C GLY B 11 1.55 -5.12 -4.69
N LEU B 12 0.95 -6.26 -4.95
CA LEU B 12 -0.22 -6.67 -4.18
C LEU B 12 0.15 -6.71 -2.69
N ASN B 13 1.31 -7.30 -2.42
CA ASN B 13 1.76 -7.50 -1.06
C ASN B 13 1.91 -6.19 -0.27
N ARG B 14 2.56 -5.21 -0.89
CA ARG B 14 2.78 -3.91 -0.26
C ARG B 14 1.47 -3.16 -0.01
N ILE B 15 0.53 -3.26 -0.94
CA ILE B 15 -0.73 -2.54 -0.79
C ILE B 15 -1.44 -3.00 0.48
N GLN B 16 -1.46 -4.30 0.75
CA GLN B 16 -2.09 -4.75 1.99
C GLN B 16 -1.50 -3.93 3.14
N THR B 17 -0.17 -3.76 3.18
CA THR B 17 0.46 -3.00 4.26
C THR B 17 0.02 -1.54 4.26
N GLN B 18 0.07 -0.91 3.07
CA GLN B 18 -0.25 0.52 2.93
C GLN B 18 -1.24 1.00 3.99
N ILE B 19 -2.38 0.31 3.97
CA ILE B 19 -3.51 0.55 4.87
C ILE B 19 -3.36 -0.18 6.21
N LYS B 20 -2.45 -1.13 6.34
CA LYS B 20 -2.28 -1.74 7.67
C LYS B 20 -1.89 -0.63 8.65
N VAL B 21 -0.98 0.25 8.27
CA VAL B 21 -0.51 1.29 9.19
C VAL B 21 -1.62 2.25 9.63
N VAL B 22 -2.36 2.74 8.64
CA VAL B 22 -3.43 3.70 8.90
C VAL B 22 -4.58 3.09 9.72
N LYS B 23 -4.91 1.82 9.50
CA LYS B 23 -6.01 1.20 10.25
C LYS B 23 -5.82 1.46 11.74
N ALA B 24 -4.56 1.42 12.17
CA ALA B 24 -4.26 1.63 13.58
C ALA B 24 -4.93 2.92 14.04
N PHE B 25 -4.82 3.97 13.24
CA PHE B 25 -5.42 5.26 13.59
C PHE B 25 -6.95 5.20 13.67
N HIS B 26 -7.61 4.65 12.67
CA HIS B 26 -9.07 4.60 12.67
C HIS B 26 -9.63 3.67 13.76
N SER B 27 -9.02 2.50 13.94
CA SER B 27 -9.53 1.54 14.91
C SER B 27 -10.87 1.03 14.38
N SER B 28 -11.01 0.40 13.21
CA SER B 28 -12.36 -0.06 12.83
C SER B 28 -13.41 1.06 12.96
CA CA C . 9.74 11.22 9.65
CA CA D . 4.88 11.47 20.70
CA CA E . -10.91 1.24 -17.59
CA CA F . -6.80 -9.39 -22.82
N ALA A 1 4.46 -6.03 22.40
CA ALA A 1 5.42 -6.55 23.42
C ALA A 1 5.59 -8.05 23.25
N ASP A 2 5.08 -8.58 22.13
CA ASP A 2 5.18 -10.00 21.86
C ASP A 2 6.49 -10.33 21.15
N GLN A 3 7.31 -9.30 20.91
CA GLN A 3 8.59 -9.48 20.22
C GLN A 3 9.73 -9.32 21.24
N LEU A 4 10.40 -10.44 21.53
CA LEU A 4 11.52 -10.44 22.47
C LEU A 4 12.84 -10.72 21.74
N THR A 5 12.81 -11.25 20.52
CA THR A 5 14.06 -11.50 19.81
C THR A 5 14.58 -10.20 19.20
N GLU A 6 15.89 -9.99 19.31
CA GLU A 6 16.51 -8.78 18.77
C GLU A 6 16.16 -8.64 17.28
N GLU A 7 16.38 -9.73 16.57
CA GLU A 7 16.15 -9.80 15.13
C GLU A 7 14.94 -8.95 14.72
N GLN A 8 13.93 -8.91 15.57
CA GLN A 8 12.73 -8.12 15.28
C GLN A 8 13.05 -6.63 15.34
N ILE A 9 13.92 -6.14 16.23
CA ILE A 9 14.23 -4.70 16.17
C ILE A 9 14.81 -4.47 14.76
N ALA A 10 15.67 -5.36 14.33
CA ALA A 10 16.32 -5.20 13.03
C ALA A 10 15.27 -5.00 11.92
N GLU A 11 14.28 -5.90 11.88
CA GLU A 11 13.25 -5.85 10.85
C GLU A 11 12.41 -4.57 10.93
N PHE A 12 12.01 -4.24 12.15
CA PHE A 12 11.18 -3.06 12.39
C PHE A 12 11.93 -1.78 12.00
N LYS A 13 13.22 -1.71 12.30
CA LYS A 13 13.99 -0.52 11.97
C LYS A 13 13.79 -0.14 10.51
N GLU A 14 14.07 -1.06 9.59
CA GLU A 14 13.92 -0.75 8.18
C GLU A 14 12.55 -0.15 7.92
N ALA A 15 11.53 -0.69 8.59
CA ALA A 15 10.16 -0.23 8.42
C ALA A 15 10.02 1.26 8.72
N PHE A 16 10.74 1.75 9.71
CA PHE A 16 10.63 3.16 10.08
C PHE A 16 10.96 4.10 8.93
N SER A 17 11.99 3.76 8.16
CA SER A 17 12.41 4.57 7.03
C SER A 17 11.32 4.61 5.94
N LEU A 18 10.37 3.69 6.01
CA LEU A 18 9.30 3.61 5.01
C LEU A 18 8.42 4.87 5.00
N PHE A 19 8.05 5.37 6.19
CA PHE A 19 7.17 6.55 6.29
C PHE A 19 7.94 7.81 6.70
N ASP A 20 9.16 7.64 7.20
CA ASP A 20 9.95 8.80 7.62
C ASP A 20 10.47 9.55 6.39
N LYS A 21 9.74 10.59 6.00
CA LYS A 21 10.12 11.38 4.84
C LYS A 21 11.41 12.19 5.10
N ASP A 22 11.45 12.96 6.20
CA ASP A 22 12.62 13.78 6.52
C ASP A 22 13.54 13.14 7.55
N GLY A 23 13.35 11.85 7.80
CA GLY A 23 14.20 11.14 8.77
C GLY A 23 14.57 12.03 9.96
N ASP A 24 13.59 12.74 10.50
CA ASP A 24 13.81 13.62 11.64
C ASP A 24 13.73 12.85 12.96
N GLY A 25 13.39 11.57 12.86
CA GLY A 25 13.28 10.72 14.06
C GLY A 25 11.87 10.74 14.62
N THR A 26 10.98 11.50 13.99
CA THR A 26 9.59 11.61 14.44
C THR A 26 8.65 11.62 13.25
N ILE A 27 7.41 11.19 13.48
CA ILE A 27 6.39 11.19 12.43
C ILE A 27 5.60 12.49 12.53
N THR A 28 5.55 13.23 11.42
CA THR A 28 4.86 14.53 11.38
C THR A 28 3.63 14.50 10.49
N THR A 29 2.80 15.52 10.66
CA THR A 29 1.55 15.65 9.92
C THR A 29 1.80 15.69 8.42
N LYS A 30 2.90 16.33 8.02
CA LYS A 30 3.24 16.46 6.61
C LYS A 30 3.44 15.10 5.94
N GLU A 31 4.43 14.36 6.41
CA GLU A 31 4.73 13.05 5.85
C GLU A 31 3.55 12.08 6.00
N LEU A 32 2.75 12.23 7.03
CA LEU A 32 1.59 11.33 7.18
C LEU A 32 0.66 11.47 5.96
N GLY A 33 0.29 12.73 5.72
CA GLY A 33 -0.65 13.06 4.65
C GLY A 33 -0.12 12.65 3.27
N THR A 34 1.17 12.77 3.03
CA THR A 34 1.70 12.37 1.71
C THR A 34 1.37 10.89 1.49
N VAL A 35 1.70 10.01 2.42
CA VAL A 35 1.47 8.60 2.21
C VAL A 35 0.00 8.30 1.97
N MET A 36 -0.91 8.86 2.76
CA MET A 36 -2.33 8.61 2.56
C MET A 36 -2.74 9.05 1.15
N ARG A 37 -2.23 10.19 0.73
CA ARG A 37 -2.54 10.70 -0.60
C ARG A 37 -2.28 9.62 -1.66
N SER A 38 -1.22 8.87 -1.42
CA SER A 38 -0.83 7.78 -2.33
C SER A 38 -1.93 6.71 -2.40
N LEU A 39 -2.79 6.70 -1.38
CA LEU A 39 -3.88 5.72 -1.35
C LEU A 39 -4.97 6.13 -2.32
N GLY A 40 -4.76 7.23 -3.03
CA GLY A 40 -5.72 7.71 -4.02
C GLY A 40 -6.84 8.51 -3.40
N GLN A 41 -6.65 8.98 -2.16
CA GLN A 41 -7.67 9.78 -1.48
C GLN A 41 -7.23 11.24 -1.38
N ASN A 42 -8.19 12.13 -1.20
CA ASN A 42 -7.89 13.57 -1.08
C ASN A 42 -8.24 14.07 0.32
N PRO A 43 -7.55 13.60 1.34
CA PRO A 43 -7.82 14.02 2.74
C PRO A 43 -7.59 15.52 2.96
N THR A 44 -8.46 16.13 3.77
CA THR A 44 -8.34 17.55 4.06
C THR A 44 -7.28 17.79 5.12
N GLU A 45 -6.87 19.04 5.27
CA GLU A 45 -5.84 19.39 6.24
C GLU A 45 -6.27 19.00 7.66
N ALA A 46 -7.53 19.28 7.98
CA ALA A 46 -8.05 18.97 9.32
C ALA A 46 -7.89 17.49 9.64
N GLU A 47 -7.83 16.65 8.62
CA GLU A 47 -7.68 15.21 8.84
C GLU A 47 -6.34 14.91 9.51
N LEU A 48 -5.30 15.60 9.07
CA LEU A 48 -3.96 15.39 9.63
C LEU A 48 -4.01 15.58 11.16
N GLN A 49 -4.81 16.56 11.58
CA GLN A 49 -4.93 16.89 13.00
C GLN A 49 -5.70 15.83 13.77
N ASP A 50 -6.91 15.55 13.33
CA ASP A 50 -7.77 14.59 14.02
C ASP A 50 -7.08 13.23 14.22
N MET A 51 -6.51 12.70 13.16
CA MET A 51 -5.86 11.39 13.24
C MET A 51 -4.58 11.39 14.09
N ILE A 52 -3.70 12.35 13.85
CA ILE A 52 -2.43 12.42 14.60
C ILE A 52 -2.74 12.55 16.10
N ASN A 53 -3.63 13.47 16.44
CA ASN A 53 -3.96 13.70 17.85
C ASN A 53 -4.48 12.44 18.55
N GLU A 54 -5.19 11.60 17.82
CA GLU A 54 -5.75 10.39 18.41
C GLU A 54 -4.65 9.42 18.84
N VAL A 55 -3.61 9.29 18.03
CA VAL A 55 -2.50 8.35 18.34
C VAL A 55 -1.46 9.02 19.23
N ASP A 56 -1.43 10.34 19.25
CA ASP A 56 -0.40 11.06 19.99
C ASP A 56 -0.61 11.16 21.50
N ALA A 57 -0.11 10.12 22.16
CA ALA A 57 -0.28 9.96 23.60
C ALA A 57 0.37 11.06 24.44
N ASP A 58 1.53 11.54 24.01
CA ASP A 58 2.24 12.57 24.77
C ASP A 58 1.79 13.98 24.42
N GLY A 59 0.88 14.13 23.47
CA GLY A 59 0.37 15.45 23.09
C GLY A 59 1.46 16.37 22.56
N ASN A 60 2.56 15.81 22.06
CA ASN A 60 3.66 16.62 21.53
C ASN A 60 3.44 16.92 20.05
N GLY A 61 2.31 16.50 19.49
CA GLY A 61 1.98 16.83 18.11
C GLY A 61 2.59 15.90 17.07
N THR A 62 3.32 14.90 17.55
CA THR A 62 3.97 13.93 16.67
C THR A 62 4.04 12.57 17.35
N ILE A 63 4.42 11.53 16.59
CA ILE A 63 4.50 10.17 17.15
C ILE A 63 5.95 9.69 17.15
N ASP A 64 6.42 9.21 18.31
CA ASP A 64 7.78 8.70 18.45
C ASP A 64 7.79 7.18 18.48
N PHE A 65 8.96 6.59 18.73
CA PHE A 65 9.10 5.13 18.72
C PHE A 65 8.18 4.43 19.73
N PRO A 66 8.09 4.88 20.96
CA PRO A 66 7.21 4.21 21.97
C PRO A 66 5.75 4.17 21.51
N GLU A 67 5.23 5.32 21.10
CA GLU A 67 3.85 5.41 20.62
C GLU A 67 3.66 4.56 19.36
N PHE A 68 4.79 4.25 18.73
CA PHE A 68 4.76 3.45 17.50
C PHE A 68 4.49 1.99 17.84
N LEU A 69 5.33 1.39 18.66
CA LEU A 69 5.21 -0.03 18.98
C LEU A 69 3.85 -0.40 19.59
N THR A 70 3.36 0.43 20.50
CA THR A 70 2.05 0.12 21.11
C THR A 70 1.06 -0.29 20.01
N MET A 71 0.96 0.51 18.95
CA MET A 71 0.00 0.23 17.88
C MET A 71 0.34 -1.03 17.10
N MET A 72 1.61 -1.19 16.73
CA MET A 72 2.02 -2.35 15.93
C MET A 72 1.76 -3.67 16.63
N ALA A 73 2.01 -3.71 17.93
CA ALA A 73 1.82 -4.92 18.72
C ALA A 73 0.35 -5.33 18.76
N ARG A 74 -0.54 -4.36 18.77
CA ARG A 74 -1.99 -4.64 18.81
C ARG A 74 -2.59 -4.66 17.40
N LYS A 75 -1.82 -4.22 16.43
CA LYS A 75 -2.30 -4.20 15.03
C LYS A 75 -2.16 -5.57 14.39
N MET A 76 -2.94 -6.53 14.89
CA MET A 76 -2.92 -7.90 14.38
C MET A 76 -4.18 -8.21 13.60
N LYS A 77 -4.91 -7.15 13.25
CA LYS A 77 -6.17 -7.30 12.52
C LYS A 77 -6.01 -8.22 11.32
N ASP A 78 -6.95 -9.14 11.19
CA ASP A 78 -6.93 -10.12 10.09
C ASP A 78 -7.75 -9.61 8.90
N THR A 79 -7.04 -9.17 7.86
CA THR A 79 -7.69 -8.71 6.63
C THR A 79 -7.87 -9.95 5.75
N ASP A 80 -9.13 -10.20 5.37
CA ASP A 80 -9.42 -11.27 4.43
C ASP A 80 -8.89 -10.80 3.07
N SER A 81 -7.83 -11.46 2.58
CA SER A 81 -7.23 -11.12 1.29
C SER A 81 -8.28 -10.71 0.26
N GLU A 82 -9.52 -11.12 0.47
CA GLU A 82 -10.62 -10.81 -0.45
C GLU A 82 -10.97 -9.32 -0.44
N GLU A 83 -10.90 -8.70 0.73
CA GLU A 83 -11.25 -7.29 0.84
C GLU A 83 -10.55 -6.45 -0.23
N GLU A 84 -9.32 -6.81 -0.56
CA GLU A 84 -8.55 -6.06 -1.57
C GLU A 84 -8.79 -6.59 -2.99
N ILE A 85 -9.38 -7.76 -3.09
CA ILE A 85 -9.64 -8.35 -4.42
C ILE A 85 -10.60 -7.48 -5.24
N ARG A 86 -11.88 -7.50 -4.88
CA ARG A 86 -12.89 -6.73 -5.62
C ARG A 86 -12.64 -5.22 -5.55
N GLU A 87 -12.25 -4.74 -4.39
CA GLU A 87 -12.02 -3.31 -4.21
C GLU A 87 -10.89 -2.81 -5.10
N ALA A 88 -9.83 -3.60 -5.21
CA ALA A 88 -8.70 -3.22 -6.04
C ALA A 88 -9.10 -3.07 -7.50
N PHE A 89 -10.26 -3.63 -7.85
CA PHE A 89 -10.75 -3.53 -9.23
C PHE A 89 -11.26 -2.13 -9.54
N ARG A 90 -12.10 -1.61 -8.66
CA ARG A 90 -12.70 -0.29 -8.85
C ARG A 90 -11.64 0.79 -9.05
N VAL A 91 -10.56 0.73 -8.28
CA VAL A 91 -9.50 1.72 -8.41
C VAL A 91 -8.84 1.58 -9.77
N PHE A 92 -8.56 0.36 -10.19
CA PHE A 92 -7.90 0.13 -11.47
C PHE A 92 -8.81 0.50 -12.64
N ASP A 93 -10.09 0.17 -12.52
CA ASP A 93 -11.05 0.57 -13.55
C ASP A 93 -11.52 1.99 -13.25
N LYS A 94 -10.71 2.96 -13.67
CA LYS A 94 -10.99 4.37 -13.38
C LYS A 94 -12.33 4.86 -13.92
N ASP A 95 -12.63 4.60 -15.19
CA ASP A 95 -13.88 5.06 -15.78
C ASP A 95 -14.97 4.00 -15.64
N GLY A 96 -14.67 2.92 -14.93
CA GLY A 96 -15.65 1.87 -14.73
C GLY A 96 -16.24 1.43 -16.07
N ASN A 97 -15.38 1.18 -17.04
CA ASN A 97 -15.82 0.75 -18.37
C ASN A 97 -15.91 -0.77 -18.45
N GLY A 98 -15.71 -1.43 -17.31
CA GLY A 98 -15.79 -2.89 -17.24
C GLY A 98 -14.46 -3.53 -17.59
N TYR A 99 -13.42 -2.72 -17.82
CA TYR A 99 -12.09 -3.23 -18.17
C TYR A 99 -10.98 -2.38 -17.57
N ILE A 100 -9.81 -2.98 -17.43
CA ILE A 100 -8.64 -2.28 -16.92
C ILE A 100 -7.85 -1.78 -18.12
N SER A 101 -7.77 -0.47 -18.26
CA SER A 101 -7.05 0.13 -19.39
C SER A 101 -5.58 0.33 -19.10
N ALA A 102 -4.71 0.32 -20.11
CA ALA A 102 -3.29 0.48 -19.89
C ALA A 102 -3.00 1.80 -19.17
N ALA A 103 -3.56 2.88 -19.66
CA ALA A 103 -3.33 4.18 -19.05
C ALA A 103 -3.65 4.13 -17.56
N GLU A 104 -4.72 3.43 -17.22
CA GLU A 104 -5.13 3.28 -15.81
C GLU A 104 -4.09 2.48 -15.03
N LEU A 105 -3.61 1.39 -15.61
CA LEU A 105 -2.63 0.54 -14.93
C LEU A 105 -1.32 1.29 -14.67
N ARG A 106 -0.82 1.97 -15.69
CA ARG A 106 0.45 2.71 -15.55
C ARG A 106 0.55 3.44 -14.21
N HIS A 107 -0.53 4.12 -13.80
CA HIS A 107 -0.53 4.85 -12.54
C HIS A 107 -0.20 3.91 -11.38
N VAL A 108 -0.50 2.64 -11.52
CA VAL A 108 -0.24 1.69 -10.43
C VAL A 108 1.23 1.72 -10.01
N MET A 109 2.15 1.79 -10.99
CA MET A 109 3.57 1.76 -10.70
C MET A 109 3.94 2.80 -9.64
N THR A 110 3.47 4.00 -9.89
CA THR A 110 3.76 5.14 -9.02
C THR A 110 3.45 4.80 -7.57
N ASN A 111 2.33 4.11 -7.37
CA ASN A 111 1.93 3.73 -6.01
C ASN A 111 2.94 2.75 -5.40
N LEU A 112 3.42 1.79 -6.20
CA LEU A 112 4.35 0.78 -5.68
C LEU A 112 5.80 1.29 -5.68
N GLY A 113 6.05 2.40 -6.38
CA GLY A 113 7.40 2.96 -6.45
C GLY A 113 8.29 2.10 -7.35
N GLU A 114 7.79 1.51 -8.43
CA GLU A 114 8.64 0.66 -9.28
C GLU A 114 9.37 1.51 -10.32
N LYS A 115 8.84 2.68 -10.64
CA LYS A 115 9.48 3.54 -11.65
C LYS A 115 9.92 2.70 -12.87
N LEU A 116 8.93 2.07 -13.46
CA LEU A 116 9.14 1.20 -14.64
C LEU A 116 9.27 2.00 -15.94
N THR A 117 10.05 1.46 -16.87
CA THR A 117 10.26 2.09 -18.17
C THR A 117 9.11 1.71 -19.11
N ASP A 118 9.13 2.29 -20.29
CA ASP A 118 8.12 1.96 -21.31
C ASP A 118 8.19 0.46 -21.57
N GLU A 119 9.42 -0.05 -21.70
CA GLU A 119 9.65 -1.46 -22.02
C GLU A 119 9.03 -2.39 -20.98
N GLU A 120 9.29 -2.11 -19.71
CA GLU A 120 8.76 -2.96 -18.65
C GLU A 120 7.25 -2.82 -18.50
N VAL A 121 6.72 -1.64 -18.79
CA VAL A 121 5.28 -1.42 -18.72
C VAL A 121 4.59 -2.33 -19.73
N ASP A 122 5.18 -2.40 -20.91
CA ASP A 122 4.66 -3.24 -21.98
C ASP A 122 4.82 -4.72 -21.63
N GLU A 123 5.92 -5.04 -20.97
CA GLU A 123 6.22 -6.43 -20.60
C GLU A 123 5.13 -7.06 -19.74
N MET A 124 4.79 -6.34 -18.67
CA MET A 124 3.76 -6.80 -17.73
C MET A 124 2.44 -7.04 -18.46
N ILE A 125 2.12 -6.12 -19.34
CA ILE A 125 0.86 -6.21 -20.08
C ILE A 125 0.82 -7.50 -20.89
N ARG A 126 1.91 -7.83 -21.55
CA ARG A 126 1.98 -9.05 -22.35
C ARG A 126 1.72 -10.30 -21.50
N GLU A 127 2.25 -10.29 -20.27
CA GLU A 127 2.09 -11.43 -19.38
C GLU A 127 0.62 -11.75 -19.10
N ALA A 128 -0.20 -10.73 -18.90
CA ALA A 128 -1.63 -10.94 -18.59
C ALA A 128 -2.49 -11.00 -19.86
N ASP A 129 -2.02 -10.37 -20.91
CA ASP A 129 -2.77 -10.31 -22.17
C ASP A 129 -2.80 -11.67 -22.87
N ILE A 130 -3.79 -12.46 -22.52
CA ILE A 130 -3.93 -13.80 -23.08
C ILE A 130 -4.34 -13.78 -24.57
N ASP A 131 -4.79 -12.59 -24.97
CA ASP A 131 -5.22 -12.31 -26.34
C ASP A 131 -4.75 -10.90 -26.73
N GLY A 132 -4.38 -10.73 -27.99
CA GLY A 132 -3.89 -9.43 -28.46
C GLY A 132 -4.98 -8.38 -28.56
N ASP A 133 -5.74 -8.18 -27.48
CA ASP A 133 -6.80 -7.16 -27.48
C ASP A 133 -6.26 -5.83 -26.96
N GLY A 134 -5.04 -5.86 -26.42
CA GLY A 134 -4.38 -4.63 -25.96
C GLY A 134 -4.91 -4.11 -24.62
N GLN A 135 -5.83 -4.85 -24.01
CA GLN A 135 -6.41 -4.42 -22.72
C GLN A 135 -6.47 -5.60 -21.76
N VAL A 136 -6.47 -5.31 -20.45
CA VAL A 136 -6.50 -6.38 -19.45
C VAL A 136 -7.91 -6.53 -18.88
N ASN A 137 -8.51 -7.70 -19.08
CA ASN A 137 -9.86 -7.95 -18.58
C ASN A 137 -9.84 -8.39 -17.12
N TYR A 138 -11.03 -8.51 -16.53
CA TYR A 138 -11.15 -8.92 -15.13
C TYR A 138 -10.56 -10.31 -14.95
N GLU A 139 -10.81 -11.20 -15.90
CA GLU A 139 -10.31 -12.57 -15.80
C GLU A 139 -8.78 -12.59 -15.77
N GLU A 140 -8.14 -11.81 -16.64
CA GLU A 140 -6.69 -11.76 -16.67
C GLU A 140 -6.14 -11.19 -15.37
N PHE A 141 -6.82 -10.19 -14.83
CA PHE A 141 -6.40 -9.55 -13.59
C PHE A 141 -6.39 -10.56 -12.43
N VAL A 142 -7.46 -11.34 -12.34
CA VAL A 142 -7.58 -12.35 -11.28
C VAL A 142 -6.50 -13.43 -11.41
N GLN A 143 -6.33 -13.93 -12.62
CA GLN A 143 -5.34 -14.99 -12.84
C GLN A 143 -4.00 -14.57 -12.26
N MET A 144 -3.62 -13.32 -12.48
CA MET A 144 -2.33 -12.81 -12.02
C MET A 144 -2.29 -12.54 -10.51
N MET A 145 -3.37 -12.00 -9.96
CA MET A 145 -3.41 -11.69 -8.54
C MET A 145 -3.49 -12.96 -7.70
N THR A 146 -4.39 -13.87 -8.07
CA THR A 146 -4.56 -15.14 -7.32
C THR A 146 -3.60 -16.20 -7.84
N ALA A 147 -2.41 -15.79 -8.25
CA ALA A 147 -1.44 -16.74 -8.78
C ALA A 147 -1.34 -17.97 -7.89
N LYS A 148 -1.14 -17.76 -6.59
CA LYS A 148 -1.03 -18.87 -5.64
C LYS A 148 -2.41 -19.21 -5.07
N LEU B 1 7.53 -17.23 -18.43
CA LEU B 1 6.73 -16.12 -17.86
C LEU B 1 6.01 -16.61 -16.60
N ARG B 2 6.10 -17.91 -16.35
CA ARG B 2 5.45 -18.50 -15.17
C ARG B 2 6.00 -17.87 -13.89
N ARG B 3 7.31 -17.69 -13.84
CA ARG B 3 7.94 -17.10 -12.66
C ARG B 3 7.51 -15.64 -12.54
N GLY B 4 6.59 -15.21 -13.39
CA GLY B 4 6.10 -13.83 -13.32
C GLY B 4 5.44 -13.54 -11.97
N GLN B 5 5.62 -14.46 -11.03
CA GLN B 5 5.03 -14.33 -9.69
C GLN B 5 5.55 -13.08 -8.98
N ILE B 6 6.85 -12.87 -9.04
CA ILE B 6 7.48 -11.73 -8.37
C ILE B 6 6.94 -10.40 -8.88
N LEU B 7 6.89 -10.24 -10.19
CA LEU B 7 6.44 -8.97 -10.78
C LEU B 7 5.03 -8.57 -10.31
N TRP B 8 4.03 -9.33 -10.72
CA TRP B 8 2.63 -9.01 -10.37
C TRP B 8 2.38 -9.03 -8.86
N PHE B 9 2.71 -10.17 -8.27
CA PHE B 9 2.41 -10.44 -6.86
C PHE B 9 3.06 -9.46 -5.88
N ARG B 10 4.34 -9.19 -6.05
CA ARG B 10 5.04 -8.32 -5.13
C ARG B 10 4.22 -7.11 -4.70
N GLY B 11 3.67 -6.41 -5.69
CA GLY B 11 2.86 -5.22 -5.44
C GLY B 11 1.60 -5.56 -4.63
N LEU B 12 0.97 -6.69 -4.92
CA LEU B 12 -0.25 -7.05 -4.18
C LEU B 12 0.05 -7.10 -2.68
N ASN B 13 1.17 -7.73 -2.37
CA ASN B 13 1.57 -7.94 -0.99
C ASN B 13 1.74 -6.65 -0.20
N ARG B 14 2.44 -5.69 -0.80
CA ARG B 14 2.68 -4.40 -0.15
C ARG B 14 1.40 -3.59 0.06
N ILE B 15 0.50 -3.65 -0.90
CA ILE B 15 -0.73 -2.88 -0.78
C ILE B 15 -1.52 -3.32 0.46
N GLN B 16 -1.60 -4.61 0.71
CA GLN B 16 -2.31 -5.05 1.92
C GLN B 16 -1.72 -4.28 3.12
N THR B 17 -0.39 -4.22 3.21
CA THR B 17 0.23 -3.52 4.33
C THR B 17 -0.10 -2.03 4.33
N GLN B 18 0.06 -1.39 3.17
CA GLN B 18 -0.17 0.06 3.06
C GLN B 18 -1.18 0.58 4.08
N ILE B 19 -2.34 -0.07 4.01
CA ILE B 19 -3.50 0.26 4.84
C ILE B 19 -3.44 -0.45 6.21
N LYS B 20 -2.61 -1.45 6.42
CA LYS B 20 -2.55 -2.03 7.78
C LYS B 20 -2.13 -0.93 8.77
N VAL B 21 -1.16 -0.11 8.40
CA VAL B 21 -0.69 0.92 9.32
C VAL B 21 -1.77 1.93 9.70
N VAL B 22 -2.46 2.43 8.69
CA VAL B 22 -3.50 3.45 8.89
C VAL B 22 -4.71 2.88 9.67
N LYS B 23 -5.08 1.62 9.43
CA LYS B 23 -6.24 1.06 10.13
C LYS B 23 -6.10 1.31 11.63
N ALA B 24 -4.88 1.20 12.10
CA ALA B 24 -4.61 1.41 13.52
C ALA B 24 -5.21 2.75 13.95
N PHE B 25 -5.00 3.78 13.14
CA PHE B 25 -5.52 5.12 13.45
C PHE B 25 -7.04 5.16 13.48
N HIS B 26 -7.71 4.65 12.44
CA HIS B 26 -9.17 4.71 12.37
C HIS B 26 -9.85 3.84 13.43
N SER B 27 -9.34 2.62 13.64
CA SER B 27 -9.96 1.72 14.59
C SER B 27 -11.31 1.29 14.03
N SER B 28 -11.45 0.69 12.86
CA SER B 28 -12.78 0.31 12.41
C SER B 28 -13.77 1.47 12.54
CA CA C . 9.87 11.44 9.78
CA CA D . 4.74 11.51 20.72
CA CA E . -11.10 1.33 -17.91
CA CA F . -6.69 -9.26 -22.64
N ALA A 1 8.36 -14.23 17.34
CA ALA A 1 8.69 -12.84 16.93
C ALA A 1 7.62 -11.90 17.47
N ASP A 2 7.56 -11.79 18.79
CA ASP A 2 6.57 -10.93 19.43
C ASP A 2 7.12 -9.53 19.68
N GLN A 3 8.34 -9.28 19.16
CA GLN A 3 9.04 -7.97 19.28
C GLN A 3 10.09 -8.02 20.38
N LEU A 4 10.48 -9.24 20.76
CA LEU A 4 11.50 -9.46 21.79
C LEU A 4 12.81 -9.95 21.15
N THR A 5 12.77 -10.65 20.03
CA THR A 5 14.01 -11.13 19.42
C THR A 5 14.69 -9.97 18.68
N GLU A 6 16.01 -9.92 18.80
CA GLU A 6 16.77 -8.85 18.14
C GLU A 6 16.32 -8.70 16.69
N GLU A 7 16.56 -9.78 15.94
CA GLU A 7 16.23 -9.85 14.52
C GLU A 7 14.96 -9.05 14.20
N GLN A 8 13.99 -9.10 15.11
CA GLN A 8 12.74 -8.38 14.90
C GLN A 8 12.96 -6.87 14.99
N ILE A 9 13.82 -6.35 15.86
CA ILE A 9 14.06 -4.91 15.83
C ILE A 9 14.57 -4.62 14.42
N ALA A 10 15.48 -5.44 13.93
CA ALA A 10 16.07 -5.21 12.62
C ALA A 10 14.98 -5.02 11.55
N GLU A 11 14.02 -5.95 11.52
CA GLU A 11 12.96 -5.90 10.52
C GLU A 11 12.09 -4.65 10.66
N PHE A 12 11.73 -4.36 11.90
CA PHE A 12 10.87 -3.22 12.22
C PHE A 12 11.56 -1.91 11.84
N LYS A 13 12.86 -1.79 12.12
CA LYS A 13 13.58 -0.58 11.80
C LYS A 13 13.38 -0.20 10.34
N GLU A 14 13.72 -1.10 9.43
CA GLU A 14 13.58 -0.80 8.01
C GLU A 14 12.20 -0.17 7.74
N ALA A 15 11.18 -0.73 8.38
CA ALA A 15 9.81 -0.26 8.20
C ALA A 15 9.67 1.23 8.50
N PHE A 16 10.41 1.73 9.49
CA PHE A 16 10.30 3.14 9.84
C PHE A 16 10.61 4.09 8.68
N SER A 17 11.63 3.74 7.89
CA SER A 17 12.04 4.56 6.75
C SER A 17 10.94 4.63 5.67
N LEU A 18 9.96 3.72 5.74
CA LEU A 18 8.88 3.68 4.74
C LEU A 18 8.01 4.95 4.79
N PHE A 19 7.70 5.43 6.00
CA PHE A 19 6.85 6.63 6.14
C PHE A 19 7.64 7.88 6.55
N ASP A 20 8.87 7.68 7.01
CA ASP A 20 9.69 8.82 7.41
C ASP A 20 10.15 9.60 6.18
N LYS A 21 9.38 10.62 5.80
CA LYS A 21 9.71 11.43 4.65
C LYS A 21 10.98 12.26 4.88
N ASP A 22 11.07 12.98 6.01
CA ASP A 22 12.23 13.84 6.29
C ASP A 22 13.19 13.19 7.29
N GLY A 23 13.05 11.91 7.53
CA GLY A 23 13.94 11.20 8.47
C GLY A 23 14.32 12.08 9.66
N ASP A 24 13.35 12.79 10.22
CA ASP A 24 13.59 13.67 11.36
C ASP A 24 13.52 12.89 12.67
N GLY A 25 13.17 11.62 12.59
CA GLY A 25 13.08 10.77 13.78
C GLY A 25 11.68 10.80 14.38
N THR A 26 10.79 11.60 13.78
CA THR A 26 9.41 11.71 14.28
C THR A 26 8.45 11.73 13.10
N ILE A 27 7.23 11.25 13.35
CA ILE A 27 6.20 11.25 12.32
C ILE A 27 5.40 12.55 12.43
N THR A 28 5.34 13.28 11.32
CA THR A 28 4.65 14.58 11.28
C THR A 28 3.41 14.56 10.40
N THR A 29 2.58 15.57 10.59
CA THR A 29 1.32 15.69 9.87
C THR A 29 1.55 15.75 8.37
N LYS A 30 2.63 16.39 7.96
CA LYS A 30 2.94 16.53 6.54
C LYS A 30 3.17 15.17 5.89
N GLU A 31 4.17 14.44 6.35
CA GLU A 31 4.48 13.13 5.80
C GLU A 31 3.31 12.16 5.96
N LEU A 32 2.51 12.30 7.00
CA LEU A 32 1.37 11.39 7.16
C LEU A 32 0.43 11.54 5.94
N GLY A 33 0.04 12.78 5.72
CA GLY A 33 -0.90 13.13 4.64
C GLY A 33 -0.37 12.74 3.26
N THR A 34 0.92 12.92 3.00
CA THR A 34 1.44 12.54 1.68
C THR A 34 1.15 11.05 1.45
N VAL A 35 1.56 10.16 2.36
CA VAL A 35 1.36 8.74 2.13
C VAL A 35 -0.10 8.41 1.90
N MET A 36 -1.03 8.91 2.71
CA MET A 36 -2.43 8.60 2.50
C MET A 36 -2.87 9.07 1.11
N ARG A 37 -2.39 10.23 0.71
CA ARG A 37 -2.73 10.78 -0.60
C ARG A 37 -2.42 9.75 -1.71
N SER A 38 -1.28 9.10 -1.55
CA SER A 38 -0.84 8.07 -2.49
C SER A 38 -1.83 6.90 -2.49
N LEU A 39 -2.57 6.79 -1.40
CA LEU A 39 -3.56 5.71 -1.30
C LEU A 39 -4.76 6.02 -2.19
N GLY A 40 -4.73 7.18 -2.84
CA GLY A 40 -5.81 7.54 -3.77
C GLY A 40 -6.94 8.28 -3.07
N GLN A 41 -6.71 8.75 -1.84
CA GLN A 41 -7.74 9.50 -1.11
C GLN A 41 -7.38 10.98 -1.06
N ASN A 42 -8.39 11.83 -0.89
CA ASN A 42 -8.18 13.28 -0.81
C ASN A 42 -8.57 13.80 0.57
N PRO A 43 -7.89 13.38 1.61
CA PRO A 43 -8.20 13.82 3.01
C PRO A 43 -8.00 15.32 3.19
N THR A 44 -8.86 15.92 4.01
CA THR A 44 -8.79 17.34 4.28
C THR A 44 -7.71 17.62 5.33
N GLU A 45 -7.35 18.88 5.48
CA GLU A 45 -6.32 19.27 6.44
C GLU A 45 -6.70 18.84 7.86
N ALA A 46 -7.96 19.07 8.23
CA ALA A 46 -8.42 18.74 9.57
C ALA A 46 -8.20 17.25 9.87
N GLU A 47 -8.11 16.43 8.84
CA GLU A 47 -7.89 15.00 9.03
C GLU A 47 -6.51 14.76 9.67
N LEU A 48 -5.52 15.53 9.22
CA LEU A 48 -4.16 15.38 9.75
C LEU A 48 -4.18 15.57 11.27
N GLN A 49 -4.97 16.56 11.71
CA GLN A 49 -5.06 16.90 13.13
C GLN A 49 -5.79 15.82 13.93
N ASP A 50 -7.01 15.53 13.54
CA ASP A 50 -7.82 14.56 14.26
C ASP A 50 -7.10 13.22 14.42
N MET A 51 -6.55 12.70 13.34
CA MET A 51 -5.88 11.40 13.37
C MET A 51 -4.59 11.41 14.22
N ILE A 52 -3.73 12.38 13.98
CA ILE A 52 -2.46 12.46 14.73
C ILE A 52 -2.76 12.57 16.22
N ASN A 53 -3.66 13.48 16.59
CA ASN A 53 -3.98 13.69 18.01
C ASN A 53 -4.45 12.41 18.70
N GLU A 54 -5.16 11.56 17.97
CA GLU A 54 -5.66 10.33 18.58
C GLU A 54 -4.53 9.38 18.96
N VAL A 55 -3.50 9.28 18.12
CA VAL A 55 -2.38 8.38 18.40
C VAL A 55 -1.32 9.05 19.28
N ASP A 56 -1.33 10.37 19.32
CA ASP A 56 -0.30 11.13 20.04
C ASP A 56 -0.49 11.21 21.56
N ALA A 57 0.01 10.17 22.21
CA ALA A 57 -0.13 9.99 23.64
C ALA A 57 0.52 11.09 24.48
N ASP A 58 1.68 11.59 24.04
CA ASP A 58 2.40 12.61 24.79
C ASP A 58 1.92 14.02 24.46
N GLY A 59 1.01 14.18 23.51
CA GLY A 59 0.49 15.50 23.15
C GLY A 59 1.58 16.42 22.58
N ASN A 60 2.66 15.84 22.05
CA ASN A 60 3.74 16.65 21.48
C ASN A 60 3.47 16.95 20.01
N GLY A 61 2.34 16.51 19.47
CA GLY A 61 1.97 16.85 18.10
C GLY A 61 2.55 15.92 17.04
N THR A 62 3.29 14.90 17.50
CA THR A 62 3.92 13.94 16.59
C THR A 62 3.95 12.57 17.24
N ILE A 63 4.24 11.54 16.45
CA ILE A 63 4.28 10.16 16.98
C ILE A 63 5.72 9.66 17.02
N ASP A 64 6.15 9.19 18.20
CA ASP A 64 7.51 8.69 18.39
C ASP A 64 7.53 7.16 18.40
N PHE A 65 8.70 6.56 18.63
CA PHE A 65 8.83 5.11 18.61
C PHE A 65 7.92 4.41 19.63
N PRO A 66 7.86 4.85 20.86
CA PRO A 66 6.98 4.18 21.88
C PRO A 66 5.52 4.14 21.41
N GLU A 67 5.00 5.29 21.02
CA GLU A 67 3.62 5.38 20.54
C GLU A 67 3.43 4.52 19.28
N PHE A 68 4.56 4.20 18.66
CA PHE A 68 4.54 3.38 17.45
C PHE A 68 4.28 1.92 17.81
N LEU A 69 5.15 1.33 18.62
CA LEU A 69 5.03 -0.08 18.97
C LEU A 69 3.69 -0.45 19.60
N THR A 70 3.20 0.36 20.53
CA THR A 70 1.92 0.05 21.15
C THR A 70 0.91 -0.33 20.06
N MET A 71 0.81 0.47 18.99
CA MET A 71 -0.16 0.20 17.93
C MET A 71 0.15 -1.08 17.15
N MET A 72 1.41 -1.27 16.79
CA MET A 72 1.80 -2.43 15.98
C MET A 72 1.51 -3.75 16.70
N ALA A 73 1.78 -3.80 17.99
CA ALA A 73 1.58 -5.01 18.77
C ALA A 73 0.10 -5.37 18.88
N ARG A 74 -0.76 -4.35 18.96
CA ARG A 74 -2.21 -4.59 19.07
C ARG A 74 -2.87 -4.61 17.68
N LYS A 75 -2.16 -4.11 16.68
CA LYS A 75 -2.71 -4.07 15.32
C LYS A 75 -2.57 -5.44 14.65
N MET A 76 -3.38 -6.39 15.11
CA MET A 76 -3.35 -7.75 14.55
C MET A 76 -4.61 -7.99 13.72
N LYS A 77 -5.24 -6.90 13.31
CA LYS A 77 -6.46 -6.99 12.53
C LYS A 77 -6.30 -7.94 11.35
N ASP A 78 -7.25 -8.85 11.22
CA ASP A 78 -7.23 -9.84 10.14
C ASP A 78 -7.97 -9.32 8.92
N THR A 79 -7.22 -9.01 7.86
CA THR A 79 -7.81 -8.58 6.58
C THR A 79 -7.80 -9.82 5.68
N ASP A 80 -9.01 -10.30 5.40
CA ASP A 80 -9.16 -11.41 4.46
C ASP A 80 -8.61 -10.93 3.11
N SER A 81 -7.56 -11.61 2.64
CA SER A 81 -6.90 -11.27 1.37
C SER A 81 -7.93 -10.82 0.31
N GLU A 82 -9.20 -11.19 0.51
CA GLU A 82 -10.26 -10.83 -0.44
C GLU A 82 -10.54 -9.33 -0.44
N GLU A 83 -10.44 -8.71 0.73
CA GLU A 83 -10.72 -7.28 0.84
C GLU A 83 -9.95 -6.48 -0.22
N GLU A 84 -8.71 -6.87 -0.50
CA GLU A 84 -7.89 -6.16 -1.48
C GLU A 84 -8.12 -6.69 -2.91
N ILE A 85 -8.66 -7.89 -3.00
CA ILE A 85 -8.91 -8.48 -4.32
C ILE A 85 -9.87 -7.61 -5.13
N ARG A 86 -11.16 -7.65 -4.77
CA ARG A 86 -12.17 -6.89 -5.51
C ARG A 86 -11.93 -5.38 -5.46
N GLU A 87 -11.56 -4.89 -4.29
CA GLU A 87 -11.34 -3.46 -4.10
C GLU A 87 -10.22 -2.95 -5.02
N ALA A 88 -9.17 -3.74 -5.15
CA ALA A 88 -8.05 -3.36 -6.00
C ALA A 88 -8.49 -3.18 -7.45
N PHE A 89 -9.65 -3.71 -7.77
CA PHE A 89 -10.17 -3.59 -9.14
C PHE A 89 -10.70 -2.18 -9.40
N ARG A 90 -11.52 -1.69 -8.49
CA ARG A 90 -12.13 -0.36 -8.64
C ARG A 90 -11.06 0.73 -8.82
N VAL A 91 -9.98 0.66 -8.05
CA VAL A 91 -8.92 1.67 -8.17
C VAL A 91 -8.26 1.53 -9.54
N PHE A 92 -7.98 0.31 -9.95
CA PHE A 92 -7.32 0.09 -11.24
C PHE A 92 -8.22 0.46 -12.40
N ASP A 93 -9.50 0.15 -12.29
CA ASP A 93 -10.47 0.54 -13.32
C ASP A 93 -10.94 1.96 -12.99
N LYS A 94 -10.15 2.94 -13.39
CA LYS A 94 -10.44 4.34 -13.09
C LYS A 94 -11.80 4.83 -13.59
N ASP A 95 -12.11 4.58 -14.87
CA ASP A 95 -13.38 5.02 -15.43
C ASP A 95 -14.46 3.96 -15.28
N GLY A 96 -14.13 2.88 -14.59
CA GLY A 96 -15.08 1.80 -14.39
C GLY A 96 -15.70 1.36 -15.72
N ASN A 97 -14.84 1.14 -16.71
CA ASN A 97 -15.27 0.72 -18.04
C ASN A 97 -15.32 -0.80 -18.13
N GLY A 98 -15.12 -1.48 -17.00
CA GLY A 98 -15.15 -2.93 -16.96
C GLY A 98 -13.80 -3.53 -17.35
N TYR A 99 -12.81 -2.67 -17.63
CA TYR A 99 -11.48 -3.15 -18.03
C TYR A 99 -10.37 -2.31 -17.41
N ILE A 100 -9.21 -2.94 -17.26
CA ILE A 100 -8.03 -2.25 -16.74
C ILE A 100 -7.20 -1.79 -17.92
N SER A 101 -7.05 -0.48 -18.06
CA SER A 101 -6.29 0.09 -19.18
C SER A 101 -4.81 0.29 -18.86
N ALA A 102 -3.93 0.26 -19.84
CA ALA A 102 -2.51 0.43 -19.58
C ALA A 102 -2.24 1.75 -18.86
N ALA A 103 -2.83 2.84 -19.33
CA ALA A 103 -2.62 4.14 -18.71
C ALA A 103 -2.92 4.07 -17.20
N GLU A 104 -3.99 3.36 -16.85
CA GLU A 104 -4.38 3.20 -15.45
C GLU A 104 -3.31 2.41 -14.69
N LEU A 105 -2.79 1.35 -15.28
CA LEU A 105 -1.75 0.55 -14.61
C LEU A 105 -0.48 1.37 -14.35
N ARG A 106 -0.06 2.12 -15.36
CA ARG A 106 1.16 2.92 -15.24
C ARG A 106 1.23 3.63 -13.88
N HIS A 107 0.12 4.19 -13.43
CA HIS A 107 0.08 4.90 -12.15
C HIS A 107 0.39 3.95 -10.99
N VAL A 108 0.08 2.67 -11.16
CA VAL A 108 0.30 1.70 -10.08
C VAL A 108 1.76 1.68 -9.67
N MET A 109 2.68 1.72 -10.63
CA MET A 109 4.10 1.66 -10.33
C MET A 109 4.50 2.70 -9.28
N THR A 110 3.96 3.89 -9.50
CA THR A 110 4.25 5.04 -8.66
C THR A 110 3.94 4.74 -7.20
N ASN A 111 2.84 4.04 -6.97
CA ASN A 111 2.46 3.68 -5.61
C ASN A 111 3.49 2.72 -5.00
N LEU A 112 3.98 1.78 -5.81
CA LEU A 112 4.95 0.79 -5.31
C LEU A 112 6.37 1.33 -5.33
N GLY A 113 6.58 2.45 -6.01
CA GLY A 113 7.92 3.04 -6.12
C GLY A 113 8.80 2.23 -7.08
N GLU A 114 8.27 1.66 -8.17
CA GLU A 114 9.12 0.87 -9.07
C GLU A 114 9.74 1.77 -10.16
N LYS A 115 9.08 2.89 -10.47
CA LYS A 115 9.61 3.77 -11.52
C LYS A 115 10.02 2.94 -12.75
N LEU A 116 9.00 2.31 -13.31
CA LEU A 116 9.13 1.44 -14.50
C LEU A 116 9.29 2.26 -15.81
N THR A 117 9.98 1.67 -16.79
CA THR A 117 10.18 2.31 -18.09
C THR A 117 9.00 2.00 -19.01
N ASP A 118 8.99 2.62 -20.19
CA ASP A 118 7.95 2.35 -21.17
C ASP A 118 7.91 0.83 -21.42
N GLU A 119 9.09 0.25 -21.57
CA GLU A 119 9.21 -1.18 -21.87
C GLU A 119 8.49 -2.05 -20.85
N GLU A 120 8.61 -1.71 -19.58
CA GLU A 120 7.98 -2.50 -18.54
C GLU A 120 6.45 -2.39 -18.58
N VAL A 121 5.95 -1.26 -19.06
CA VAL A 121 4.50 -1.08 -19.16
C VAL A 121 3.92 -2.09 -20.14
N ASP A 122 4.60 -2.25 -21.26
CA ASP A 122 4.19 -3.17 -22.30
C ASP A 122 4.46 -4.61 -21.89
N GLU A 123 5.57 -4.83 -21.20
CA GLU A 123 5.97 -6.17 -20.80
C GLU A 123 4.93 -6.87 -19.92
N MET A 124 4.58 -6.19 -18.83
CA MET A 124 3.60 -6.71 -17.88
C MET A 124 2.29 -7.01 -18.60
N ILE A 125 1.89 -6.09 -19.45
CA ILE A 125 0.62 -6.23 -20.17
C ILE A 125 0.61 -7.52 -20.98
N ARG A 126 1.71 -7.81 -21.67
CA ARG A 126 1.79 -9.03 -22.47
C ARG A 126 1.62 -10.28 -21.62
N GLU A 127 2.13 -10.24 -20.39
CA GLU A 127 2.06 -11.39 -19.50
C GLU A 127 0.60 -11.81 -19.22
N ALA A 128 -0.28 -10.84 -19.00
CA ALA A 128 -1.69 -11.15 -18.69
C ALA A 128 -2.56 -11.20 -19.96
N ASP A 129 -2.08 -10.58 -21.02
CA ASP A 129 -2.84 -10.50 -22.26
C ASP A 129 -2.94 -11.86 -22.96
N ILE A 130 -3.98 -12.58 -22.61
CA ILE A 130 -4.21 -13.92 -23.16
C ILE A 130 -4.62 -13.91 -24.63
N ASP A 131 -5.02 -12.69 -25.04
CA ASP A 131 -5.45 -12.40 -26.41
C ASP A 131 -5.00 -10.99 -26.78
N GLY A 132 -4.64 -10.79 -28.04
CA GLY A 132 -4.16 -9.48 -28.50
C GLY A 132 -5.27 -8.43 -28.58
N ASP A 133 -6.02 -8.25 -27.49
CA ASP A 133 -7.09 -7.24 -27.47
C ASP A 133 -6.54 -5.91 -26.96
N GLY A 134 -5.31 -5.92 -26.46
CA GLY A 134 -4.67 -4.68 -26.01
C GLY A 134 -5.16 -4.17 -24.66
N GLN A 135 -6.08 -4.91 -24.02
CA GLN A 135 -6.63 -4.50 -22.72
C GLN A 135 -6.64 -5.68 -21.76
N VAL A 136 -6.57 -5.40 -20.46
CA VAL A 136 -6.58 -6.48 -19.47
C VAL A 136 -7.97 -6.64 -18.88
N ASN A 137 -8.57 -7.82 -19.08
CA ASN A 137 -9.91 -8.07 -18.57
C ASN A 137 -9.88 -8.51 -17.11
N TYR A 138 -11.06 -8.65 -16.51
CA TYR A 138 -11.15 -9.08 -15.11
C TYR A 138 -10.55 -10.47 -14.95
N GLU A 139 -10.79 -11.33 -15.93
CA GLU A 139 -10.26 -12.70 -15.86
C GLU A 139 -8.74 -12.71 -15.88
N GLU A 140 -8.15 -11.91 -16.76
CA GLU A 140 -6.69 -11.85 -16.85
C GLU A 140 -6.10 -11.27 -15.56
N PHE A 141 -6.77 -10.28 -15.01
CA PHE A 141 -6.32 -9.64 -13.78
C PHE A 141 -6.26 -10.65 -12.63
N VAL A 142 -7.31 -11.46 -12.53
CA VAL A 142 -7.39 -12.47 -11.46
C VAL A 142 -6.31 -13.54 -11.63
N GLN A 143 -6.18 -14.03 -12.85
CA GLN A 143 -5.18 -15.08 -13.10
C GLN A 143 -3.84 -14.69 -12.51
N MET A 144 -3.43 -13.44 -12.73
CA MET A 144 -2.14 -12.96 -12.27
C MET A 144 -2.10 -12.68 -10.76
N MET A 145 -3.16 -12.11 -10.22
CA MET A 145 -3.21 -11.79 -8.79
C MET A 145 -3.44 -13.05 -7.95
N THR A 146 -4.41 -13.87 -8.36
CA THR A 146 -4.73 -15.09 -7.61
C THR A 146 -3.94 -16.29 -8.14
N ALA A 147 -2.71 -16.06 -8.58
CA ALA A 147 -1.90 -17.13 -9.13
C ALA A 147 -1.96 -18.37 -8.24
N LYS A 148 -1.96 -18.16 -6.92
CA LYS A 148 -2.01 -19.28 -5.98
C LYS A 148 -2.71 -18.85 -4.69
N LEU B 1 1.52 -19.52 -14.64
CA LEU B 1 1.83 -19.67 -16.08
C LEU B 1 3.33 -19.51 -16.29
N ARG B 2 3.90 -18.49 -15.65
CA ARG B 2 5.33 -18.22 -15.77
C ARG B 2 5.87 -17.63 -14.47
N ARG B 3 7.20 -17.60 -14.35
CA ARG B 3 7.83 -17.07 -13.15
C ARG B 3 7.50 -15.58 -13.02
N GLY B 4 6.62 -15.08 -13.88
CA GLY B 4 6.22 -13.67 -13.80
C GLY B 4 5.55 -13.36 -12.45
N GLN B 5 5.62 -14.32 -11.54
CA GLN B 5 5.01 -14.17 -10.21
C GLN B 5 5.58 -12.98 -9.45
N ILE B 6 6.89 -12.88 -9.46
CA ILE B 6 7.56 -11.80 -8.72
C ILE B 6 7.04 -10.43 -9.13
N LEU B 7 7.07 -10.13 -10.41
CA LEU B 7 6.66 -8.80 -10.86
C LEU B 7 5.23 -8.44 -10.42
N TRP B 8 4.26 -9.22 -10.86
CA TRP B 8 2.85 -8.95 -10.55
C TRP B 8 2.59 -8.92 -9.05
N PHE B 9 2.87 -10.06 -8.43
CA PHE B 9 2.57 -10.27 -7.01
C PHE B 9 3.20 -9.28 -6.04
N ARG B 10 4.49 -9.00 -6.23
CA ARG B 10 5.21 -8.10 -5.34
C ARG B 10 4.35 -6.93 -4.86
N GLY B 11 3.74 -6.24 -5.83
CA GLY B 11 2.90 -5.09 -5.53
C GLY B 11 1.69 -5.49 -4.68
N LEU B 12 1.10 -6.64 -4.95
CA LEU B 12 -0.07 -7.05 -4.15
C LEU B 12 0.32 -7.10 -2.68
N ASN B 13 1.49 -7.68 -2.42
CA ASN B 13 1.97 -7.89 -1.07
C ASN B 13 2.11 -6.59 -0.26
N ARG B 14 2.78 -5.61 -0.85
CA ARG B 14 3.00 -4.33 -0.20
C ARG B 14 1.70 -3.56 0.04
N ILE B 15 0.79 -3.61 -0.92
CA ILE B 15 -0.45 -2.86 -0.78
C ILE B 15 -1.23 -3.33 0.44
N GLN B 16 -1.31 -4.64 0.65
CA GLN B 16 -2.01 -5.14 1.84
C GLN B 16 -1.37 -4.49 3.07
N THR B 17 -0.05 -4.43 3.15
CA THR B 17 0.58 -3.82 4.31
C THR B 17 0.17 -2.36 4.41
N GLN B 18 0.25 -1.59 3.32
CA GLN B 18 -0.03 -0.15 3.41
C GLN B 18 -1.03 0.19 4.54
N ILE B 19 -2.27 0.31 4.08
CA ILE B 19 -3.44 0.63 4.90
C ILE B 19 -3.39 -0.09 6.25
N LYS B 20 -2.55 -1.10 6.42
CA LYS B 20 -2.47 -1.71 7.75
C LYS B 20 -2.06 -0.62 8.74
N VAL B 21 -1.06 0.19 8.39
CA VAL B 21 -0.57 1.21 9.31
C VAL B 21 -1.64 2.24 9.70
N VAL B 22 -2.30 2.77 8.67
CA VAL B 22 -3.32 3.80 8.87
C VAL B 22 -4.54 3.26 9.63
N LYS B 23 -4.96 2.03 9.36
CA LYS B 23 -6.14 1.49 10.06
C LYS B 23 -5.99 1.71 11.56
N ALA B 24 -4.77 1.53 12.03
CA ALA B 24 -4.50 1.71 13.45
C ALA B 24 -5.05 3.06 13.90
N PHE B 25 -4.80 4.10 13.11
CA PHE B 25 -5.27 5.44 13.45
C PHE B 25 -6.81 5.54 13.48
N HIS B 26 -7.48 5.03 12.46
CA HIS B 26 -8.94 5.12 12.39
C HIS B 26 -9.64 4.26 13.45
N SER B 27 -9.16 3.04 13.66
CA SER B 27 -9.80 2.15 14.62
C SER B 27 -11.16 1.75 14.04
N SER B 28 -11.33 1.16 12.85
CA SER B 28 -12.68 0.84 12.42
C SER B 28 -13.18 -0.44 13.11
CA CA C . 9.60 11.50 9.61
CA CA D . 4.73 11.56 20.64
CA CA E . -10.47 1.44 -17.49
CA CA F . -6.85 -9.27 -22.84
N ALA A 1 5.58 -6.51 25.04
CA ALA A 1 6.08 -6.38 23.64
C ALA A 1 6.20 -7.76 23.01
N ASP A 2 5.45 -7.99 21.94
CA ASP A 2 5.48 -9.27 21.26
C ASP A 2 6.82 -9.48 20.55
N GLN A 3 7.54 -8.37 20.34
CA GLN A 3 8.85 -8.43 19.68
C GLN A 3 9.96 -8.35 20.73
N LEU A 4 10.52 -9.52 21.05
CA LEU A 4 11.60 -9.62 22.03
C LEU A 4 12.91 -10.00 21.34
N THR A 5 12.88 -10.58 20.13
CA THR A 5 14.12 -10.94 19.46
C THR A 5 14.75 -9.72 18.80
N GLU A 6 16.07 -9.60 18.88
CA GLU A 6 16.76 -8.46 18.28
C GLU A 6 16.34 -8.29 16.81
N GLU A 7 16.51 -9.40 16.07
CA GLU A 7 16.19 -9.45 14.64
C GLU A 7 14.95 -8.59 14.32
N GLN A 8 13.98 -8.60 15.22
CA GLN A 8 12.76 -7.82 15.01
C GLN A 8 13.05 -6.34 15.11
N ILE A 9 13.93 -5.86 15.98
CA ILE A 9 14.21 -4.43 15.94
C ILE A 9 14.72 -4.17 14.54
N ALA A 10 15.63 -5.01 14.05
CA ALA A 10 16.19 -4.78 12.73
C ALA A 10 15.09 -4.62 11.66
N GLU A 11 14.16 -5.57 11.61
CA GLU A 11 13.08 -5.54 10.61
C GLU A 11 12.20 -4.30 10.74
N PHE A 12 11.78 -4.02 11.97
CA PHE A 12 10.93 -2.88 12.27
C PHE A 12 11.63 -1.57 11.93
N LYS A 13 12.94 -1.49 12.16
CA LYS A 13 13.67 -0.28 11.86
C LYS A 13 13.47 0.13 10.41
N GLU A 14 13.69 -0.79 9.47
CA GLU A 14 13.52 -0.45 8.07
C GLU A 14 12.15 0.19 7.84
N ALA A 15 11.13 -0.37 8.48
CA ALA A 15 9.76 0.15 8.34
C ALA A 15 9.66 1.63 8.68
N PHE A 16 10.39 2.09 9.69
CA PHE A 16 10.32 3.49 10.09
C PHE A 16 10.66 4.46 8.93
N SER A 17 11.68 4.11 8.15
CA SER A 17 12.09 4.92 7.01
C SER A 17 11.01 4.98 5.93
N LEU A 18 10.03 4.08 6.02
CA LEU A 18 8.95 4.03 5.02
C LEU A 18 8.12 5.31 5.00
N PHE A 19 7.76 5.83 6.18
CA PHE A 19 6.92 7.05 6.25
C PHE A 19 7.73 8.27 6.68
N ASP A 20 8.94 8.05 7.19
CA ASP A 20 9.77 9.16 7.62
C ASP A 20 10.39 9.85 6.40
N LYS A 21 9.73 10.91 5.94
CA LYS A 21 10.21 11.65 4.78
C LYS A 21 11.52 12.39 5.06
N ASP A 22 11.60 13.11 6.18
CA ASP A 22 12.79 13.88 6.52
C ASP A 22 13.68 13.19 7.55
N GLY A 23 13.44 11.89 7.78
CA GLY A 23 14.22 11.14 8.76
C GLY A 23 14.62 12.00 9.97
N ASP A 24 13.67 12.75 10.52
CA ASP A 24 13.92 13.61 11.66
C ASP A 24 13.82 12.83 12.98
N GLY A 25 13.47 11.55 12.87
CA GLY A 25 13.35 10.69 14.05
C GLY A 25 11.94 10.76 14.63
N THR A 26 11.08 11.58 14.02
CA THR A 26 9.70 11.70 14.49
C THR A 26 8.74 11.72 13.31
N ILE A 27 7.51 11.26 13.56
CA ILE A 27 6.48 11.28 12.51
C ILE A 27 5.67 12.58 12.64
N THR A 28 5.60 13.32 11.53
CA THR A 28 4.88 14.62 11.50
C THR A 28 3.68 14.61 10.59
N THR A 29 2.83 15.62 10.77
CA THR A 29 1.59 15.75 10.01
C THR A 29 1.85 15.81 8.51
N LYS A 30 2.96 16.46 8.13
CA LYS A 30 3.28 16.61 6.72
C LYS A 30 3.47 15.24 6.02
N GLU A 31 4.40 14.44 6.52
CA GLU A 31 4.67 13.13 5.93
C GLU A 31 3.47 12.18 6.07
N LEU A 32 2.65 12.35 7.09
CA LEU A 32 1.50 11.47 7.22
C LEU A 32 0.59 11.66 5.99
N GLY A 33 0.19 12.91 5.77
CA GLY A 33 -0.70 13.29 4.68
C GLY A 33 -0.12 12.91 3.32
N THR A 34 1.18 13.03 3.12
CA THR A 34 1.72 12.65 1.79
C THR A 34 1.34 11.19 1.54
N VAL A 35 1.67 10.28 2.44
CA VAL A 35 1.37 8.86 2.19
C VAL A 35 -0.12 8.65 1.93
N MET A 36 -1.02 9.22 2.72
CA MET A 36 -2.44 9.05 2.48
C MET A 36 -2.82 9.53 1.09
N ARG A 37 -2.25 10.66 0.68
CA ARG A 37 -2.53 11.21 -0.64
C ARG A 37 -2.23 10.18 -1.74
N SER A 38 -1.12 9.47 -1.55
CA SER A 38 -0.70 8.42 -2.49
C SER A 38 -1.74 7.29 -2.51
N LEU A 39 -2.52 7.23 -1.45
CA LEU A 39 -3.56 6.21 -1.37
C LEU A 39 -4.72 6.57 -2.30
N GLY A 40 -4.62 7.72 -2.95
CA GLY A 40 -5.66 8.14 -3.90
C GLY A 40 -6.78 8.91 -3.21
N GLN A 41 -6.55 9.36 -1.98
CA GLN A 41 -7.58 10.12 -1.25
C GLN A 41 -7.14 11.58 -1.14
N ASN A 42 -8.10 12.47 -0.95
CA ASN A 42 -7.81 13.90 -0.82
C ASN A 42 -8.28 14.41 0.54
N PRO A 43 -7.69 13.96 1.62
CA PRO A 43 -8.09 14.39 2.99
C PRO A 43 -7.79 15.86 3.24
N THR A 44 -8.66 16.51 4.02
CA THR A 44 -8.48 17.92 4.34
C THR A 44 -7.43 18.10 5.42
N GLU A 45 -6.86 19.29 5.53
CA GLU A 45 -5.83 19.55 6.51
C GLU A 45 -6.30 19.15 7.91
N ALA A 46 -7.55 19.46 8.24
CA ALA A 46 -8.09 19.11 9.55
C ALA A 46 -7.94 17.62 9.87
N GLU A 47 -7.86 16.79 8.83
CA GLU A 47 -7.71 15.36 9.04
C GLU A 47 -6.36 15.05 9.69
N LEU A 48 -5.31 15.76 9.27
CA LEU A 48 -3.98 15.57 9.83
C LEU A 48 -4.01 15.75 11.35
N GLN A 49 -4.76 16.77 11.77
CA GLN A 49 -4.84 17.12 13.20
C GLN A 49 -5.57 16.02 13.98
N ASP A 50 -6.79 15.73 13.57
CA ASP A 50 -7.60 14.74 14.27
C ASP A 50 -6.91 13.37 14.40
N MET A 51 -6.38 12.87 13.30
CA MET A 51 -5.72 11.57 13.30
C MET A 51 -4.46 11.54 14.18
N ILE A 52 -3.56 12.50 13.96
CA ILE A 52 -2.32 12.54 14.74
C ILE A 52 -2.66 12.68 16.23
N ASN A 53 -3.51 13.62 16.58
CA ASN A 53 -3.85 13.84 18.01
C ASN A 53 -4.39 12.59 18.68
N GLU A 54 -5.11 11.77 17.94
CA GLU A 54 -5.70 10.55 18.52
C GLU A 54 -4.62 9.55 18.93
N VAL A 55 -3.59 9.40 18.11
CA VAL A 55 -2.52 8.45 18.41
C VAL A 55 -1.45 9.07 19.31
N ASP A 56 -1.38 10.40 19.34
CA ASP A 56 -0.34 11.09 20.09
C ASP A 56 -0.53 11.17 21.59
N ALA A 57 -0.11 10.10 22.24
CA ALA A 57 -0.26 9.93 23.68
C ALA A 57 0.42 11.02 24.51
N ASP A 58 1.60 11.47 24.09
CA ASP A 58 2.31 12.49 24.87
C ASP A 58 1.86 13.91 24.53
N GLY A 59 0.94 14.07 23.57
CA GLY A 59 0.43 15.38 23.19
C GLY A 59 1.53 16.30 22.66
N ASN A 60 2.63 15.72 22.18
CA ASN A 60 3.74 16.53 21.63
C ASN A 60 3.50 16.84 20.16
N GLY A 61 2.36 16.43 19.60
CA GLY A 61 2.03 16.77 18.23
C GLY A 61 2.64 15.86 17.17
N THR A 62 3.36 14.84 17.63
CA THR A 62 4.02 13.90 16.75
C THR A 62 4.05 12.52 17.38
N ILE A 63 4.36 11.49 16.59
CA ILE A 63 4.40 10.13 17.13
C ILE A 63 5.84 9.63 17.20
N ASP A 64 6.25 9.16 18.38
CA ASP A 64 7.61 8.67 18.59
C ASP A 64 7.64 7.14 18.61
N PHE A 65 8.82 6.58 18.85
CA PHE A 65 8.99 5.13 18.86
C PHE A 65 8.06 4.42 19.87
N PRO A 66 8.11 4.73 21.13
CA PRO A 66 7.22 4.05 22.13
C PRO A 66 5.76 4.02 21.65
N GLU A 67 5.25 5.19 21.26
CA GLU A 67 3.87 5.29 20.75
C GLU A 67 3.69 4.43 19.50
N PHE A 68 4.82 4.12 18.87
CA PHE A 68 4.78 3.28 17.65
C PHE A 68 4.54 1.82 18.04
N LEU A 69 5.40 1.24 18.86
CA LEU A 69 5.28 -0.16 19.23
C LEU A 69 3.93 -0.51 19.84
N THR A 70 3.45 0.28 20.80
CA THR A 70 2.14 -0.01 21.40
C THR A 70 1.14 -0.36 20.30
N MET A 71 1.08 0.45 19.24
CA MET A 71 0.14 0.23 18.16
C MET A 71 0.42 -1.07 17.38
N MET A 72 1.69 -1.29 17.06
CA MET A 72 2.08 -2.47 16.28
C MET A 72 1.71 -3.77 16.98
N ALA A 73 1.91 -3.82 18.30
CA ALA A 73 1.63 -5.02 19.08
C ALA A 73 0.13 -5.34 19.10
N ARG A 74 -0.70 -4.29 19.09
CA ARG A 74 -2.15 -4.49 19.11
C ARG A 74 -2.74 -4.47 17.69
N LYS A 75 -1.94 -4.03 16.72
CA LYS A 75 -2.42 -3.97 15.33
C LYS A 75 -2.35 -5.35 14.68
N MET A 76 -3.19 -6.26 15.15
CA MET A 76 -3.23 -7.62 14.61
C MET A 76 -4.49 -7.84 13.79
N LYS A 77 -5.16 -6.74 13.44
CA LYS A 77 -6.41 -6.80 12.69
C LYS A 77 -6.26 -7.65 11.43
N ASP A 78 -7.21 -8.58 11.29
CA ASP A 78 -7.22 -9.49 10.14
C ASP A 78 -8.33 -9.10 9.16
N THR A 79 -8.06 -9.32 7.88
CA THR A 79 -9.01 -9.03 6.80
C THR A 79 -9.05 -10.25 5.89
N ASP A 80 -10.27 -10.66 5.54
CA ASP A 80 -10.45 -11.77 4.60
C ASP A 80 -9.81 -11.34 3.28
N SER A 81 -8.75 -12.05 2.87
CA SER A 81 -8.03 -11.74 1.63
C SER A 81 -8.97 -11.26 0.51
N GLU A 82 -10.27 -11.57 0.66
CA GLU A 82 -11.26 -11.19 -0.37
C GLU A 82 -11.49 -9.68 -0.38
N GLU A 83 -11.39 -9.06 0.79
CA GLU A 83 -11.62 -7.63 0.90
C GLU A 83 -10.82 -6.84 -0.13
N GLU A 84 -9.56 -7.22 -0.35
CA GLU A 84 -8.69 -6.51 -1.29
C GLU A 84 -8.91 -6.98 -2.74
N ILE A 85 -9.53 -8.13 -2.88
CA ILE A 85 -9.77 -8.69 -4.22
C ILE A 85 -10.62 -7.74 -5.07
N ARG A 86 -11.91 -7.64 -4.77
CA ARG A 86 -12.83 -6.80 -5.54
C ARG A 86 -12.44 -5.32 -5.58
N GLU A 87 -12.29 -4.74 -4.40
CA GLU A 87 -11.97 -3.31 -4.29
C GLU A 87 -10.74 -2.95 -5.14
N ALA A 88 -9.77 -3.87 -5.18
CA ALA A 88 -8.56 -3.64 -5.98
C ALA A 88 -8.90 -3.48 -7.45
N PHE A 89 -10.05 -4.00 -7.85
CA PHE A 89 -10.46 -3.88 -9.25
C PHE A 89 -10.89 -2.45 -9.54
N ARG A 90 -11.75 -1.89 -8.69
CA ARG A 90 -12.24 -0.53 -8.88
C ARG A 90 -11.12 0.49 -9.04
N VAL A 91 -10.06 0.37 -8.24
CA VAL A 91 -8.95 1.32 -8.32
C VAL A 91 -8.29 1.19 -9.69
N PHE A 92 -8.04 -0.03 -10.13
CA PHE A 92 -7.38 -0.25 -11.42
C PHE A 92 -8.30 0.14 -12.57
N ASP A 93 -9.59 -0.17 -12.44
CA ASP A 93 -10.55 0.23 -13.46
C ASP A 93 -11.07 1.61 -13.10
N LYS A 94 -10.30 2.63 -13.47
CA LYS A 94 -10.63 4.03 -13.14
C LYS A 94 -11.99 4.49 -13.66
N ASP A 95 -12.29 4.24 -14.93
CA ASP A 95 -13.57 4.67 -15.52
C ASP A 95 -14.63 3.59 -15.38
N GLY A 96 -14.30 2.51 -14.69
CA GLY A 96 -15.25 1.41 -14.50
C GLY A 96 -15.85 0.97 -15.83
N ASN A 97 -15.00 0.77 -16.82
CA ASN A 97 -15.43 0.34 -18.16
C ASN A 97 -15.44 -1.18 -18.25
N GLY A 98 -15.17 -1.85 -17.13
CA GLY A 98 -15.16 -3.32 -17.10
C GLY A 98 -13.80 -3.87 -17.52
N TYR A 99 -12.85 -2.99 -17.81
CA TYR A 99 -11.51 -3.42 -18.24
C TYR A 99 -10.41 -2.57 -17.62
N ILE A 100 -9.24 -3.18 -17.46
CA ILE A 100 -8.09 -2.47 -16.93
C ILE A 100 -7.27 -1.94 -18.10
N SER A 101 -7.15 -0.62 -18.20
CA SER A 101 -6.42 0.00 -19.31
C SER A 101 -4.95 0.21 -19.01
N ALA A 102 -4.07 0.18 -20.00
CA ALA A 102 -2.66 0.36 -19.74
C ALA A 102 -2.41 1.67 -19.00
N ALA A 103 -3.04 2.75 -19.45
CA ALA A 103 -2.86 4.06 -18.81
C ALA A 103 -3.12 3.96 -17.30
N GLU A 104 -4.15 3.20 -16.93
CA GLU A 104 -4.50 3.00 -15.52
C GLU A 104 -3.38 2.24 -14.80
N LEU A 105 -2.81 1.23 -15.44
CA LEU A 105 -1.74 0.45 -14.82
C LEU A 105 -0.53 1.35 -14.54
N ARG A 106 -0.14 2.14 -15.54
CA ARG A 106 1.01 3.02 -15.40
C ARG A 106 1.03 3.73 -14.03
N HIS A 107 -0.13 4.22 -13.60
CA HIS A 107 -0.23 4.92 -12.30
C HIS A 107 0.08 3.96 -11.15
N VAL A 108 -0.23 2.69 -11.31
CA VAL A 108 0.01 1.72 -10.24
C VAL A 108 1.48 1.73 -9.82
N MET A 109 2.38 1.79 -10.80
CA MET A 109 3.81 1.75 -10.52
C MET A 109 4.20 2.78 -9.44
N THR A 110 3.63 3.97 -9.61
CA THR A 110 3.91 5.10 -8.72
C THR A 110 3.57 4.74 -7.28
N ASN A 111 2.46 4.06 -7.09
CA ASN A 111 2.05 3.66 -5.75
C ASN A 111 3.05 2.68 -5.16
N LEU A 112 3.51 1.72 -5.97
CA LEU A 112 4.43 0.70 -5.49
C LEU A 112 5.88 1.21 -5.46
N GLY A 113 6.14 2.33 -6.11
CA GLY A 113 7.49 2.89 -6.15
C GLY A 113 8.36 2.08 -7.11
N GLU A 114 7.84 1.50 -8.19
CA GLU A 114 8.71 0.71 -9.08
C GLU A 114 9.41 1.59 -10.12
N LYS A 115 8.86 2.78 -10.39
CA LYS A 115 9.49 3.65 -11.39
C LYS A 115 9.92 2.85 -12.62
N LEU A 116 8.91 2.24 -13.23
CA LEU A 116 9.10 1.40 -14.43
C LEU A 116 9.21 2.23 -15.71
N THR A 117 10.00 1.73 -16.66
CA THR A 117 10.18 2.39 -17.94
C THR A 117 9.02 2.06 -18.88
N ASP A 118 9.03 2.68 -20.06
CA ASP A 118 8.01 2.38 -21.06
C ASP A 118 8.09 0.87 -21.36
N GLU A 119 9.32 0.38 -21.55
CA GLU A 119 9.54 -1.02 -21.90
C GLU A 119 8.93 -1.96 -20.88
N GLU A 120 9.19 -1.71 -19.60
CA GLU A 120 8.66 -2.58 -18.56
C GLU A 120 7.16 -2.42 -18.37
N VAL A 121 6.65 -1.23 -18.63
CA VAL A 121 5.21 -0.97 -18.50
C VAL A 121 4.46 -1.84 -19.51
N ASP A 122 5.01 -1.91 -20.70
CA ASP A 122 4.43 -2.70 -21.77
C ASP A 122 4.63 -4.18 -21.48
N GLU A 123 5.75 -4.49 -20.84
CA GLU A 123 6.08 -5.88 -20.56
C GLU A 123 5.05 -6.57 -19.66
N MET A 124 4.74 -5.91 -18.56
CA MET A 124 3.77 -6.42 -17.59
C MET A 124 2.47 -6.77 -18.31
N ILE A 125 1.99 -5.85 -19.13
CA ILE A 125 0.72 -6.04 -19.84
C ILE A 125 0.77 -7.30 -20.71
N ARG A 126 1.87 -7.53 -21.41
CA ARG A 126 1.98 -8.71 -22.26
C ARG A 126 1.90 -10.01 -21.44
N GLU A 127 2.45 -9.99 -20.23
CA GLU A 127 2.47 -11.18 -19.37
C GLU A 127 1.06 -11.70 -19.12
N ALA A 128 0.10 -10.80 -18.89
CA ALA A 128 -1.28 -11.22 -18.61
C ALA A 128 -2.13 -11.25 -19.89
N ASP A 129 -1.60 -10.67 -20.96
CA ASP A 129 -2.34 -10.59 -22.21
C ASP A 129 -2.39 -11.94 -22.92
N ILE A 130 -3.41 -12.70 -22.58
CA ILE A 130 -3.59 -14.03 -23.15
C ILE A 130 -4.00 -14.01 -24.64
N ASP A 131 -4.50 -12.82 -25.01
CA ASP A 131 -4.95 -12.53 -26.39
C ASP A 131 -4.50 -11.11 -26.74
N GLY A 132 -4.17 -10.90 -28.01
CA GLY A 132 -3.69 -9.59 -28.46
C GLY A 132 -4.81 -8.53 -28.54
N ASP A 133 -5.56 -8.38 -27.45
CA ASP A 133 -6.64 -7.38 -27.41
C ASP A 133 -6.11 -6.04 -26.89
N GLY A 134 -4.87 -6.05 -26.39
CA GLY A 134 -4.24 -4.79 -25.95
C GLY A 134 -4.75 -4.29 -24.59
N GLN A 135 -5.66 -5.05 -23.97
CA GLN A 135 -6.22 -4.66 -22.67
C GLN A 135 -6.26 -5.85 -21.73
N VAL A 136 -6.24 -5.59 -20.43
CA VAL A 136 -6.28 -6.68 -19.45
C VAL A 136 -7.69 -6.83 -18.88
N ASN A 137 -8.29 -8.00 -19.09
CA ASN A 137 -9.65 -8.23 -18.60
C ASN A 137 -9.64 -8.68 -17.14
N TYR A 138 -10.84 -8.80 -16.58
CA TYR A 138 -10.97 -9.23 -15.18
C TYR A 138 -10.40 -10.63 -15.01
N GLU A 139 -10.67 -11.50 -15.97
CA GLU A 139 -10.18 -12.87 -15.89
C GLU A 139 -8.65 -12.90 -15.86
N GLU A 140 -8.02 -12.12 -16.72
CA GLU A 140 -6.56 -12.08 -16.75
C GLU A 140 -6.00 -11.53 -15.45
N PHE A 141 -6.66 -10.51 -14.91
CA PHE A 141 -6.22 -9.90 -13.65
C PHE A 141 -6.24 -10.91 -12.50
N VAL A 142 -7.33 -11.65 -12.41
CA VAL A 142 -7.48 -12.65 -11.35
C VAL A 142 -6.46 -13.77 -11.49
N GLN A 143 -6.31 -14.28 -12.70
CA GLN A 143 -5.38 -15.37 -12.93
C GLN A 143 -3.99 -15.05 -12.31
N MET A 144 -3.49 -13.85 -12.57
CA MET A 144 -2.16 -13.45 -12.09
C MET A 144 -2.11 -13.23 -10.59
N MET A 145 -3.19 -12.70 -10.02
CA MET A 145 -3.23 -12.43 -8.58
C MET A 145 -3.52 -13.70 -7.78
N THR A 146 -4.51 -14.49 -8.18
CA THR A 146 -4.87 -15.72 -7.45
C THR A 146 -4.08 -16.94 -7.92
N ALA A 147 -3.88 -17.08 -9.23
CA ALA A 147 -3.17 -18.24 -9.76
C ALA A 147 -1.66 -18.07 -9.56
N LYS A 148 -1.25 -17.55 -8.40
CA LYS A 148 0.16 -17.34 -8.11
C LYS A 148 0.83 -18.67 -7.74
N LEU B 1 6.16 -16.27 -19.90
CA LEU B 1 6.17 -17.48 -19.04
C LEU B 1 5.04 -17.39 -18.01
N ARG B 2 4.44 -18.52 -17.69
CA ARG B 2 3.34 -18.56 -16.73
C ARG B 2 3.82 -18.11 -15.35
N ARG B 3 5.07 -18.44 -15.04
CA ARG B 3 5.66 -18.07 -13.75
C ARG B 3 5.80 -16.55 -13.68
N GLY B 4 5.22 -15.82 -14.62
CA GLY B 4 5.30 -14.36 -14.60
C GLY B 4 4.58 -13.81 -13.36
N GLN B 5 4.19 -14.72 -12.47
CA GLN B 5 3.47 -14.36 -11.25
C GLN B 5 4.32 -13.48 -10.33
N ILE B 6 5.54 -13.93 -10.06
CA ILE B 6 6.47 -13.23 -9.18
C ILE B 6 6.23 -11.72 -9.18
N LEU B 7 6.68 -11.03 -10.23
CA LEU B 7 6.53 -9.59 -10.30
C LEU B 7 5.09 -9.14 -10.04
N TRP B 8 4.11 -9.84 -10.61
CA TRP B 8 2.72 -9.45 -10.41
C TRP B 8 2.37 -9.36 -8.91
N PHE B 9 2.49 -10.51 -8.26
CA PHE B 9 2.10 -10.67 -6.85
C PHE B 9 2.79 -9.72 -5.88
N ARG B 10 4.11 -9.53 -6.03
CA ARG B 10 4.87 -8.70 -5.12
C ARG B 10 4.14 -7.41 -4.70
N GLY B 11 3.70 -6.66 -5.71
CA GLY B 11 2.97 -5.41 -5.48
C GLY B 11 1.69 -5.66 -4.70
N LEU B 12 0.98 -6.75 -4.98
CA LEU B 12 -0.26 -7.00 -4.23
C LEU B 12 0.05 -7.06 -2.73
N ASN B 13 1.13 -7.75 -2.39
CA ASN B 13 1.51 -7.96 -0.99
C ASN B 13 1.71 -6.67 -0.19
N ARG B 14 2.46 -5.73 -0.77
CA ARG B 14 2.75 -4.44 -0.12
C ARG B 14 1.49 -3.59 0.07
N ILE B 15 0.58 -3.63 -0.89
CA ILE B 15 -0.64 -2.82 -0.79
C ILE B 15 -1.43 -3.24 0.45
N GLN B 16 -1.55 -4.53 0.71
CA GLN B 16 -2.26 -4.93 1.93
C GLN B 16 -1.66 -4.16 3.10
N THR B 17 -0.33 -4.11 3.19
CA THR B 17 0.32 -3.41 4.30
C THR B 17 -0.02 -1.91 4.30
N GLN B 18 0.11 -1.26 3.14
CA GLN B 18 -0.11 0.19 3.01
C GLN B 18 -1.11 0.71 4.05
N ILE B 19 -2.30 0.13 3.95
CA ILE B 19 -3.45 0.44 4.82
C ILE B 19 -3.37 -0.30 6.17
N LYS B 20 -2.52 -1.29 6.32
CA LYS B 20 -2.43 -1.92 7.66
C LYS B 20 -2.02 -0.84 8.66
N VAL B 21 -1.03 -0.02 8.33
CA VAL B 21 -0.54 1.00 9.26
C VAL B 21 -1.62 2.02 9.66
N VAL B 22 -2.30 2.56 8.66
CA VAL B 22 -3.32 3.58 8.89
C VAL B 22 -4.52 3.01 9.69
N LYS B 23 -4.91 1.76 9.44
CA LYS B 23 -6.05 1.19 10.17
C LYS B 23 -5.88 1.44 11.67
N ALA B 24 -4.65 1.35 12.11
CA ALA B 24 -4.36 1.55 13.53
C ALA B 24 -4.99 2.86 13.99
N PHE B 25 -4.81 3.92 13.19
CA PHE B 25 -5.37 5.23 13.55
C PHE B 25 -6.90 5.22 13.61
N HIS B 26 -7.55 4.68 12.58
CA HIS B 26 -9.01 4.67 12.56
C HIS B 26 -9.60 3.74 13.63
N SER B 27 -9.00 2.57 13.81
CA SER B 27 -9.54 1.61 14.77
C SER B 27 -10.90 1.12 14.20
N SER B 28 -11.05 0.52 13.02
CA SER B 28 -12.39 0.09 12.61
C SER B 28 -13.42 1.21 12.76
CA CA C . 9.65 11.86 9.70
CA CA D . 4.78 11.51 20.77
CA CA E . -10.45 1.20 -17.56
CA CA F . -6.40 -9.45 -22.76
N ALA A 1 4.16 -13.16 22.93
CA ALA A 1 5.16 -12.07 22.83
C ALA A 1 5.86 -12.17 21.47
N ASP A 2 5.24 -11.61 20.43
CA ASP A 2 5.83 -11.63 19.09
C ASP A 2 7.10 -10.79 19.08
N GLN A 3 7.10 -9.66 19.78
CA GLN A 3 8.27 -8.77 19.79
C GLN A 3 9.12 -9.03 21.03
N LEU A 4 10.41 -9.33 20.78
CA LEU A 4 11.38 -9.64 21.83
C LEU A 4 12.72 -10.06 21.21
N THR A 5 12.71 -10.75 20.07
CA THR A 5 13.97 -11.17 19.44
C THR A 5 14.65 -10.01 18.74
N GLU A 6 15.97 -9.94 18.86
CA GLU A 6 16.74 -8.87 18.22
C GLU A 6 16.33 -8.73 16.75
N GLU A 7 16.54 -9.81 16.03
CA GLU A 7 16.25 -9.89 14.59
C GLU A 7 15.00 -9.07 14.25
N GLN A 8 14.02 -9.08 15.14
CA GLN A 8 12.78 -8.35 14.91
C GLN A 8 13.04 -6.85 14.99
N ILE A 9 13.91 -6.34 15.84
CA ILE A 9 14.17 -4.91 15.78
C ILE A 9 14.70 -4.65 14.37
N ALA A 10 15.60 -5.51 13.91
CA ALA A 10 16.19 -5.29 12.59
C ALA A 10 15.11 -5.11 11.52
N GLU A 11 14.14 -6.03 11.49
CA GLU A 11 13.08 -5.98 10.49
C GLU A 11 12.22 -4.72 10.61
N PHE A 12 11.86 -4.41 11.85
CA PHE A 12 11.02 -3.24 12.13
C PHE A 12 11.72 -1.94 11.75
N LYS A 13 13.02 -1.86 11.99
CA LYS A 13 13.76 -0.65 11.65
C LYS A 13 13.51 -0.27 10.20
N GLU A 14 13.75 -1.20 9.28
CA GLU A 14 13.56 -0.89 7.87
C GLU A 14 12.18 -0.27 7.65
N ALA A 15 11.18 -0.83 8.31
CA ALA A 15 9.81 -0.36 8.19
C ALA A 15 9.70 1.15 8.48
N PHE A 16 10.43 1.63 9.48
CA PHE A 16 10.35 3.04 9.85
C PHE A 16 10.69 3.98 8.69
N SER A 17 11.72 3.62 7.91
CA SER A 17 12.14 4.42 6.78
C SER A 17 11.04 4.48 5.69
N LEU A 18 10.08 3.58 5.79
CA LEU A 18 9.00 3.51 4.80
C LEU A 18 8.12 4.78 4.82
N PHE A 19 7.80 5.28 6.02
CA PHE A 19 6.93 6.47 6.13
C PHE A 19 7.72 7.71 6.54
N ASP A 20 8.94 7.53 7.01
CA ASP A 20 9.76 8.67 7.40
C ASP A 20 10.24 9.43 6.18
N LYS A 21 9.49 10.46 5.80
CA LYS A 21 9.83 11.27 4.64
C LYS A 21 11.11 12.08 4.88
N ASP A 22 11.21 12.79 6.00
CA ASP A 22 12.39 13.63 6.28
C ASP A 22 13.34 12.98 7.28
N GLY A 23 13.19 11.69 7.52
CA GLY A 23 14.05 10.98 8.47
C GLY A 23 14.46 11.86 9.65
N ASP A 24 13.48 12.57 10.22
CA ASP A 24 13.73 13.45 11.36
C ASP A 24 13.65 12.69 12.68
N GLY A 25 13.29 11.41 12.59
CA GLY A 25 13.18 10.56 13.78
C GLY A 25 11.77 10.62 14.38
N THR A 26 10.90 11.41 13.77
CA THR A 26 9.52 11.54 14.24
C THR A 26 8.55 11.55 13.06
N ILE A 27 7.32 11.10 13.31
CA ILE A 27 6.29 11.11 12.28
C ILE A 27 5.52 12.43 12.37
N THR A 28 5.48 13.15 11.25
CA THR A 28 4.82 14.47 11.20
C THR A 28 3.58 14.46 10.31
N THR A 29 2.75 15.49 10.50
CA THR A 29 1.51 15.64 9.76
C THR A 29 1.74 15.68 8.25
N LYS A 30 2.83 16.31 7.85
CA LYS A 30 3.14 16.45 6.43
C LYS A 30 3.31 15.07 5.77
N GLU A 31 4.30 14.33 6.22
CA GLU A 31 4.58 13.00 5.69
C GLU A 31 3.38 12.06 5.86
N LEU A 32 2.57 12.24 6.89
CA LEU A 32 1.42 11.37 7.05
C LEU A 32 0.50 11.53 5.83
N GLY A 33 0.12 12.79 5.59
CA GLY A 33 -0.79 13.16 4.50
C GLY A 33 -0.25 12.75 3.13
N THR A 34 1.05 12.90 2.88
CA THR A 34 1.56 12.51 1.56
C THR A 34 1.24 11.03 1.33
N VAL A 35 1.65 10.14 2.24
CA VAL A 35 1.41 8.72 2.02
C VAL A 35 -0.06 8.40 1.80
N MET A 36 -0.98 8.92 2.61
CA MET A 36 -2.39 8.64 2.43
C MET A 36 -2.83 9.10 1.03
N ARG A 37 -2.36 10.26 0.61
CA ARG A 37 -2.70 10.79 -0.70
C ARG A 37 -2.43 9.75 -1.79
N SER A 38 -1.35 9.01 -1.60
CA SER A 38 -0.95 7.95 -2.53
C SER A 38 -2.03 6.86 -2.57
N LEU A 39 -2.83 6.83 -1.51
CA LEU A 39 -3.92 5.84 -1.44
C LEU A 39 -5.04 6.25 -2.39
N GLY A 40 -4.88 7.36 -3.09
CA GLY A 40 -5.88 7.79 -4.06
C GLY A 40 -7.00 8.58 -3.40
N GLN A 41 -6.80 9.03 -2.16
CA GLN A 41 -7.83 9.80 -1.46
C GLN A 41 -7.39 11.26 -1.37
N ASN A 42 -8.36 12.15 -1.16
CA ASN A 42 -8.08 13.58 -1.05
C ASN A 42 -8.46 14.09 0.34
N PRO A 43 -7.77 13.64 1.37
CA PRO A 43 -8.07 14.06 2.78
C PRO A 43 -7.84 15.56 2.99
N THR A 44 -8.69 16.17 3.81
CA THR A 44 -8.57 17.58 4.11
C THR A 44 -7.49 17.84 5.15
N GLU A 45 -7.09 19.09 5.29
CA GLU A 45 -6.05 19.46 6.25
C GLU A 45 -6.46 19.05 7.67
N ALA A 46 -7.70 19.33 8.03
CA ALA A 46 -8.20 19.01 9.36
C ALA A 46 -8.02 17.53 9.68
N GLU A 47 -7.95 16.69 8.65
CA GLU A 47 -7.79 15.25 8.88
C GLU A 47 -6.43 14.97 9.52
N LEU A 48 -5.39 15.69 9.06
CA LEU A 48 -4.04 15.50 9.60
C LEU A 48 -4.06 15.70 11.12
N GLN A 49 -4.82 16.70 11.55
CA GLN A 49 -4.90 17.06 12.97
C GLN A 49 -5.67 16.01 13.78
N ASP A 50 -6.90 15.75 13.37
CA ASP A 50 -7.75 14.81 14.08
C ASP A 50 -7.12 13.43 14.26
N MET A 51 -6.58 12.87 13.19
CA MET A 51 -5.98 11.53 13.25
C MET A 51 -4.71 11.50 14.10
N ILE A 52 -3.80 12.44 13.85
CA ILE A 52 -2.54 12.47 14.61
C ILE A 52 -2.84 12.60 16.10
N ASN A 53 -3.73 13.51 16.47
CA ASN A 53 -4.06 13.72 17.89
C ASN A 53 -4.50 12.43 18.59
N GLU A 54 -5.23 11.58 17.87
CA GLU A 54 -5.73 10.34 18.48
C GLU A 54 -4.60 9.38 18.84
N VAL A 55 -3.60 9.27 17.98
CA VAL A 55 -2.49 8.34 18.23
C VAL A 55 -1.41 9.00 19.11
N ASP A 56 -1.38 10.33 19.14
CA ASP A 56 -0.34 11.06 19.86
C ASP A 56 -0.52 11.16 21.37
N ALA A 57 -0.06 10.10 22.04
CA ALA A 57 -0.21 9.95 23.48
C ALA A 57 0.47 11.04 24.29
N ASP A 58 1.64 11.51 23.84
CA ASP A 58 2.36 12.53 24.61
C ASP A 58 1.91 13.95 24.26
N GLY A 59 0.98 14.11 23.31
CA GLY A 59 0.48 15.42 22.92
C GLY A 59 1.59 16.33 22.38
N ASN A 60 2.68 15.75 21.90
CA ASN A 60 3.79 16.54 21.34
C ASN A 60 3.56 16.83 19.86
N GLY A 61 2.41 16.43 19.31
CA GLY A 61 2.08 16.75 17.93
C GLY A 61 2.67 15.80 16.89
N THR A 62 3.38 14.78 17.37
CA THR A 62 4.02 13.80 16.49
C THR A 62 4.05 12.45 17.19
N ILE A 63 4.39 11.40 16.42
CA ILE A 63 4.45 10.04 17.00
C ILE A 63 5.89 9.53 17.01
N ASP A 64 6.34 9.06 18.18
CA ASP A 64 7.70 8.53 18.33
C ASP A 64 7.69 6.99 18.37
N PHE A 65 8.85 6.38 18.60
CA PHE A 65 8.97 4.93 18.59
C PHE A 65 8.04 4.24 19.61
N PRO A 66 8.00 4.68 20.84
CA PRO A 66 7.12 4.03 21.87
C PRO A 66 5.65 4.01 21.42
N GLU A 67 5.13 5.16 21.02
CA GLU A 67 3.74 5.26 20.54
C GLU A 67 3.55 4.39 19.30
N PHE A 68 4.66 4.06 18.66
CA PHE A 68 4.61 3.24 17.45
C PHE A 68 4.35 1.78 17.82
N LEU A 69 5.22 1.17 18.61
CA LEU A 69 5.09 -0.23 18.96
C LEU A 69 3.75 -0.59 19.59
N THR A 70 3.29 0.22 20.54
CA THR A 70 1.98 -0.08 21.17
C THR A 70 0.97 -0.44 20.08
N MET A 71 0.90 0.36 19.02
CA MET A 71 -0.07 0.13 17.95
C MET A 71 0.18 -1.14 17.15
N MET A 72 1.43 -1.34 16.74
CA MET A 72 1.77 -2.51 15.91
C MET A 72 1.49 -3.83 16.63
N ALA A 73 1.79 -3.88 17.92
CA ALA A 73 1.60 -5.08 18.71
C ALA A 73 0.12 -5.47 18.79
N ARG A 74 -0.76 -4.47 18.82
CA ARG A 74 -2.20 -4.74 18.90
C ARG A 74 -2.83 -4.75 17.51
N LYS A 75 -2.10 -4.27 16.51
CA LYS A 75 -2.62 -4.22 15.14
C LYS A 75 -2.46 -5.58 14.47
N MET A 76 -3.21 -6.57 14.98
CA MET A 76 -3.17 -7.92 14.42
C MET A 76 -4.45 -8.22 13.64
N LYS A 77 -5.17 -7.14 13.29
CA LYS A 77 -6.43 -7.28 12.57
C LYS A 77 -6.29 -8.19 11.36
N ASP A 78 -7.24 -9.12 11.24
CA ASP A 78 -7.24 -10.09 10.15
C ASP A 78 -8.07 -9.59 8.97
N THR A 79 -7.39 -9.21 7.89
CA THR A 79 -8.05 -8.76 6.66
C THR A 79 -8.18 -9.99 5.77
N ASP A 80 -9.43 -10.31 5.42
CA ASP A 80 -9.71 -11.39 4.46
C ASP A 80 -9.22 -10.90 3.09
N SER A 81 -8.17 -11.55 2.57
CA SER A 81 -7.62 -11.19 1.26
C SER A 81 -8.71 -10.80 0.26
N GLU A 82 -9.95 -11.20 0.53
CA GLU A 82 -11.06 -10.92 -0.38
C GLU A 82 -11.36 -9.42 -0.43
N GLU A 83 -11.33 -8.78 0.72
CA GLU A 83 -11.61 -7.35 0.79
C GLU A 83 -10.67 -6.57 -0.13
N GLU A 84 -9.39 -6.94 -0.17
CA GLU A 84 -8.42 -6.22 -0.99
C GLU A 84 -8.63 -6.49 -2.48
N ILE A 85 -8.13 -7.63 -2.96
CA ILE A 85 -8.21 -7.99 -4.39
C ILE A 85 -9.32 -7.20 -5.12
N ARG A 86 -10.56 -7.38 -4.67
CA ARG A 86 -11.70 -6.68 -5.29
C ARG A 86 -11.59 -5.15 -5.19
N GLU A 87 -11.16 -4.66 -4.04
CA GLU A 87 -11.03 -3.20 -3.85
C GLU A 87 -10.01 -2.60 -4.82
N ALA A 88 -8.92 -3.33 -5.04
CA ALA A 88 -7.87 -2.88 -5.96
C ALA A 88 -8.41 -2.78 -7.38
N PHE A 89 -9.55 -3.42 -7.64
CA PHE A 89 -10.14 -3.37 -8.97
C PHE A 89 -10.73 -2.00 -9.26
N ARG A 90 -11.58 -1.53 -8.36
CA ARG A 90 -12.23 -0.20 -8.52
C ARG A 90 -11.20 0.92 -8.72
N VAL A 91 -10.10 0.89 -7.97
CA VAL A 91 -9.08 1.92 -8.12
C VAL A 91 -8.44 1.81 -9.50
N PHE A 92 -8.15 0.58 -9.92
CA PHE A 92 -7.51 0.38 -11.22
C PHE A 92 -8.43 0.75 -12.37
N ASP A 93 -9.71 0.44 -12.23
CA ASP A 93 -10.69 0.84 -13.24
C ASP A 93 -11.21 2.23 -12.87
N LYS A 94 -10.46 3.26 -13.27
CA LYS A 94 -10.81 4.64 -12.91
C LYS A 94 -12.18 5.10 -13.42
N ASP A 95 -12.48 4.84 -14.69
CA ASP A 95 -13.76 5.26 -15.26
C ASP A 95 -14.82 4.17 -15.12
N GLY A 96 -14.47 3.09 -14.44
CA GLY A 96 -15.42 2.00 -14.25
C GLY A 96 -16.04 1.58 -15.58
N ASN A 97 -15.19 1.36 -16.58
CA ASN A 97 -15.65 0.95 -17.91
C ASN A 97 -15.72 -0.57 -18.00
N GLY A 98 -15.51 -1.25 -16.87
CA GLY A 98 -15.55 -2.71 -16.84
C GLY A 98 -14.21 -3.32 -17.28
N TYR A 99 -13.23 -2.48 -17.59
CA TYR A 99 -11.92 -2.97 -18.04
C TYR A 99 -10.78 -2.15 -17.44
N ILE A 100 -9.64 -2.81 -17.30
CA ILE A 100 -8.43 -2.13 -16.79
C ILE A 100 -7.60 -1.71 -17.98
N SER A 101 -7.42 -0.39 -18.14
CA SER A 101 -6.65 0.13 -19.28
C SER A 101 -5.18 0.28 -18.98
N ALA A 102 -4.30 0.21 -19.97
CA ALA A 102 -2.86 0.35 -19.72
C ALA A 102 -2.55 1.66 -19.01
N ALA A 103 -3.11 2.76 -19.51
CA ALA A 103 -2.86 4.07 -18.90
C ALA A 103 -3.14 4.04 -17.40
N GLU A 104 -4.22 3.36 -17.02
CA GLU A 104 -4.59 3.23 -15.62
C GLU A 104 -3.53 2.42 -14.85
N LEU A 105 -3.04 1.35 -15.44
CA LEU A 105 -2.03 0.53 -14.77
C LEU A 105 -0.73 1.32 -14.52
N ARG A 106 -0.30 2.05 -15.55
CA ARG A 106 0.94 2.84 -15.44
C ARG A 106 1.05 3.55 -14.08
N HIS A 107 -0.04 4.17 -13.64
CA HIS A 107 -0.03 4.89 -12.37
C HIS A 107 0.31 3.94 -11.22
N VAL A 108 0.02 2.66 -11.38
CA VAL A 108 0.27 1.69 -10.31
C VAL A 108 1.74 1.69 -9.92
N MET A 109 2.63 1.72 -10.92
CA MET A 109 4.08 1.66 -10.66
C MET A 109 4.49 2.70 -9.61
N THR A 110 3.95 3.91 -9.81
CA THR A 110 4.27 5.05 -8.96
C THR A 110 3.93 4.76 -7.50
N ASN A 111 2.82 4.08 -7.29
CA ASN A 111 2.41 3.75 -5.94
C ASN A 111 3.38 2.74 -5.31
N LEU A 112 3.82 1.76 -6.09
CA LEU A 112 4.71 0.72 -5.58
C LEU A 112 6.17 1.20 -5.55
N GLY A 113 6.46 2.31 -6.22
CA GLY A 113 7.82 2.83 -6.25
C GLY A 113 8.67 2.00 -7.19
N GLU A 114 8.14 1.38 -8.25
CA GLU A 114 9.00 0.56 -9.12
C GLU A 114 9.66 1.41 -10.19
N LYS A 115 9.09 2.57 -10.50
CA LYS A 115 9.68 3.42 -11.54
C LYS A 115 10.07 2.57 -12.76
N LEU A 116 9.05 1.96 -13.34
CA LEU A 116 9.20 1.10 -14.52
C LEU A 116 9.29 1.91 -15.81
N THR A 117 10.06 1.38 -16.77
CA THR A 117 10.24 2.01 -18.07
C THR A 117 9.05 1.66 -18.97
N ASP A 118 9.05 2.26 -20.16
CA ASP A 118 8.00 1.95 -21.14
C ASP A 118 8.05 0.44 -21.40
N GLU A 119 9.26 -0.09 -21.57
CA GLU A 119 9.45 -1.51 -21.89
C GLU A 119 8.83 -2.43 -20.85
N GLU A 120 9.11 -2.17 -19.58
CA GLU A 120 8.58 -3.00 -18.51
C GLU A 120 7.08 -2.81 -18.30
N VAL A 121 6.61 -1.60 -18.57
CA VAL A 121 5.17 -1.30 -18.42
C VAL A 121 4.39 -2.13 -19.44
N ASP A 122 4.91 -2.17 -20.65
CA ASP A 122 4.29 -2.93 -21.74
C ASP A 122 4.41 -4.42 -21.46
N GLU A 123 5.52 -4.80 -20.86
CA GLU A 123 5.79 -6.20 -20.60
C GLU A 123 4.73 -6.86 -19.71
N MET A 124 4.42 -6.16 -18.62
CA MET A 124 3.43 -6.64 -17.66
C MET A 124 2.10 -6.92 -18.38
N ILE A 125 1.71 -6.00 -19.24
CA ILE A 125 0.44 -6.14 -19.98
C ILE A 125 0.44 -7.44 -20.79
N ARG A 126 1.53 -7.73 -21.47
CA ARG A 126 1.62 -8.95 -22.27
C ARG A 126 1.39 -10.20 -21.41
N GLU A 127 1.93 -10.19 -20.20
CA GLU A 127 1.82 -11.33 -19.30
C GLU A 127 0.35 -11.69 -19.01
N ALA A 128 -0.49 -10.69 -18.78
CA ALA A 128 -1.90 -10.93 -18.47
C ALA A 128 -2.78 -10.99 -19.72
N ASP A 129 -2.31 -10.37 -20.80
CA ASP A 129 -3.09 -10.31 -22.04
C ASP A 129 -3.13 -11.66 -22.74
N ILE A 130 -4.11 -12.46 -22.37
CA ILE A 130 -4.28 -13.80 -22.93
C ILE A 130 -4.71 -13.79 -24.40
N ASP A 131 -5.18 -12.60 -24.80
CA ASP A 131 -5.64 -12.31 -26.16
C ASP A 131 -5.20 -10.91 -26.55
N GLY A 132 -4.87 -10.71 -27.82
CA GLY A 132 -4.39 -9.40 -28.29
C GLY A 132 -5.51 -8.36 -28.39
N ASP A 133 -6.26 -8.17 -27.31
CA ASP A 133 -7.33 -7.17 -27.30
C ASP A 133 -6.79 -5.82 -26.79
N GLY A 134 -5.57 -5.83 -26.29
CA GLY A 134 -4.93 -4.59 -25.85
C GLY A 134 -5.41 -4.08 -24.49
N GLN A 135 -6.31 -4.83 -23.85
CA GLN A 135 -6.86 -4.44 -22.54
C GLN A 135 -6.87 -5.61 -21.58
N VAL A 136 -6.82 -5.34 -20.28
CA VAL A 136 -6.82 -6.40 -19.29
C VAL A 136 -8.22 -6.56 -18.68
N ASN A 137 -8.82 -7.73 -18.86
CA ASN A 137 -10.16 -7.98 -18.33
C ASN A 137 -10.11 -8.40 -16.86
N TYR A 138 -11.28 -8.51 -16.24
CA TYR A 138 -11.37 -8.91 -14.84
C TYR A 138 -10.79 -10.31 -14.66
N GLU A 139 -11.08 -11.19 -15.62
CA GLU A 139 -10.59 -12.56 -15.53
C GLU A 139 -9.07 -12.59 -15.52
N GLU A 140 -8.44 -11.82 -16.39
CA GLU A 140 -6.98 -11.79 -16.45
C GLU A 140 -6.40 -11.23 -15.15
N PHE A 141 -7.09 -10.24 -14.59
CA PHE A 141 -6.65 -9.63 -13.34
C PHE A 141 -6.62 -10.65 -12.21
N VAL A 142 -7.68 -11.45 -12.13
CA VAL A 142 -7.78 -12.48 -11.08
C VAL A 142 -6.70 -13.55 -11.25
N GLN A 143 -6.54 -14.04 -12.47
CA GLN A 143 -5.55 -15.08 -12.73
C GLN A 143 -4.19 -14.66 -12.16
N MET A 144 -3.80 -13.40 -12.38
CA MET A 144 -2.50 -12.89 -11.94
C MET A 144 -2.42 -12.65 -10.43
N MET A 145 -3.50 -12.17 -9.84
CA MET A 145 -3.53 -11.90 -8.41
C MET A 145 -3.66 -13.19 -7.60
N THR A 146 -4.58 -14.06 -8.00
CA THR A 146 -4.79 -15.33 -7.29
C THR A 146 -3.89 -16.44 -7.83
N ALA A 147 -2.73 -16.07 -8.32
CA ALA A 147 -1.80 -17.06 -8.88
C ALA A 147 -1.04 -17.79 -7.77
N LYS A 148 -1.63 -18.86 -7.26
CA LYS A 148 -0.99 -19.65 -6.21
C LYS A 148 -1.53 -21.08 -6.21
N LEU B 1 12.43 -20.68 -16.12
CA LEU B 1 11.84 -19.57 -16.91
C LEU B 1 11.44 -18.45 -15.96
N ARG B 2 10.87 -17.39 -16.53
CA ARG B 2 10.44 -16.24 -15.72
C ARG B 2 9.13 -16.56 -15.01
N ARG B 3 9.02 -16.08 -13.77
CA ARG B 3 7.80 -16.30 -12.97
C ARG B 3 6.99 -15.01 -12.84
N GLY B 4 6.00 -14.85 -13.70
CA GLY B 4 5.17 -13.64 -13.67
C GLY B 4 4.57 -13.43 -12.29
N GLN B 5 4.82 -14.38 -11.40
CA GLN B 5 4.31 -14.33 -10.03
C GLN B 5 4.87 -13.14 -9.25
N ILE B 6 6.20 -13.03 -9.25
CA ILE B 6 6.87 -11.96 -8.50
C ILE B 6 6.43 -10.57 -8.96
N LEU B 7 6.46 -10.33 -10.26
CA LEU B 7 6.10 -9.02 -10.79
C LEU B 7 4.70 -8.57 -10.34
N TRP B 8 3.68 -9.32 -10.73
CA TRP B 8 2.30 -8.96 -10.37
C TRP B 8 2.09 -8.96 -8.85
N PHE B 9 2.45 -10.09 -8.23
CA PHE B 9 2.20 -10.31 -6.81
C PHE B 9 2.84 -9.30 -5.87
N ARG B 10 4.11 -8.97 -6.11
CA ARG B 10 4.82 -8.05 -5.24
C ARG B 10 3.97 -6.86 -4.78
N GLY B 11 3.38 -6.20 -5.77
CA GLY B 11 2.53 -5.03 -5.51
C GLY B 11 1.32 -5.41 -4.68
N LEU B 12 0.70 -6.54 -4.97
CA LEU B 12 -0.49 -6.94 -4.19
C LEU B 12 -0.13 -6.98 -2.70
N ASN B 13 1.01 -7.61 -2.42
CA ASN B 13 1.45 -7.80 -1.04
C ASN B 13 1.61 -6.50 -0.24
N ARG B 14 2.31 -5.54 -0.85
CA ARG B 14 2.54 -4.23 -0.22
C ARG B 14 1.25 -3.45 0.00
N ILE B 15 0.33 -3.52 -0.95
CA ILE B 15 -0.91 -2.75 -0.82
C ILE B 15 -1.67 -3.20 0.43
N GLN B 16 -1.74 -4.49 0.71
CA GLN B 16 -2.40 -4.93 1.94
C GLN B 16 -1.81 -4.12 3.10
N THR B 17 -0.48 -3.99 3.15
CA THR B 17 0.15 -3.25 4.23
C THR B 17 -0.26 -1.78 4.23
N GLN B 18 -0.19 -1.14 3.06
CA GLN B 18 -0.49 0.29 2.94
C GLN B 18 -1.47 0.78 4.00
N ILE B 19 -2.64 0.13 3.95
CA ILE B 19 -3.78 0.38 4.83
C ILE B 19 -3.64 -0.35 6.18
N LYS B 20 -2.75 -1.32 6.31
CA LYS B 20 -2.61 -1.94 7.65
C LYS B 20 -2.22 -0.84 8.63
N VAL B 21 -1.26 0.01 8.26
CA VAL B 21 -0.80 1.06 9.18
C VAL B 21 -1.90 2.04 9.59
N VAL B 22 -2.62 2.53 8.59
CA VAL B 22 -3.67 3.53 8.84
C VAL B 22 -4.83 2.94 9.66
N LYS B 23 -5.20 1.68 9.44
CA LYS B 23 -6.31 1.09 10.19
C LYS B 23 -6.12 1.35 11.68
N ALA B 24 -4.87 1.29 12.09
CA ALA B 24 -4.55 1.51 13.49
C ALA B 24 -5.18 2.83 13.96
N PHE B 25 -5.03 3.87 13.15
CA PHE B 25 -5.59 5.19 13.49
C PHE B 25 -7.12 5.16 13.57
N HIS B 26 -7.79 4.62 12.56
CA HIS B 26 -9.25 4.61 12.57
C HIS B 26 -9.82 3.69 13.65
N SER B 27 -9.22 2.51 13.82
CA SER B 27 -9.75 1.55 14.78
C SER B 27 -11.11 1.06 14.24
N SER B 28 -11.27 0.43 13.06
CA SER B 28 -12.62 -0.01 12.69
C SER B 28 -13.63 1.13 12.83
CA CA C . 9.73 11.35 9.54
CA CA D . 4.73 11.41 20.55
CA CA E . -10.84 1.62 -17.39
CA CA F . -7.01 -9.26 -22.43
N ALA A 1 5.95 -5.64 23.55
CA ALA A 1 6.31 -6.89 24.29
C ALA A 1 6.26 -8.08 23.32
N ASP A 2 5.50 -7.92 22.25
CA ASP A 2 5.37 -8.99 21.26
C ASP A 2 6.71 -9.25 20.58
N GLN A 3 7.48 -8.18 20.37
CA GLN A 3 8.79 -8.29 19.73
C GLN A 3 9.90 -8.24 20.78
N LEU A 4 10.45 -9.42 21.10
CA LEU A 4 11.53 -9.54 22.08
C LEU A 4 12.83 -9.96 21.41
N THR A 5 12.77 -10.56 20.22
CA THR A 5 14.01 -10.97 19.55
C THR A 5 14.66 -9.77 18.85
N GLU A 6 15.99 -9.68 18.94
CA GLU A 6 16.71 -8.58 18.31
C GLU A 6 16.28 -8.42 16.85
N GLU A 7 16.47 -9.53 16.11
CA GLU A 7 16.16 -9.60 14.68
C GLU A 7 14.92 -8.76 14.35
N GLN A 8 13.95 -8.78 15.25
CA GLN A 8 12.71 -8.02 15.04
C GLN A 8 12.98 -6.52 15.15
N ILE A 9 13.84 -6.05 16.05
CA ILE A 9 14.11 -4.61 16.03
C ILE A 9 14.67 -4.33 14.64
N ALA A 10 15.60 -5.17 14.19
CA ALA A 10 16.22 -4.93 12.90
C ALA A 10 15.17 -4.73 11.80
N GLU A 11 14.20 -5.62 11.75
CA GLU A 11 13.15 -5.55 10.72
C GLU A 11 12.30 -4.28 10.83
N PHE A 12 11.93 -3.98 12.08
CA PHE A 12 11.09 -2.82 12.36
C PHE A 12 11.80 -1.52 12.00
N LYS A 13 13.10 -1.45 12.27
CA LYS A 13 13.84 -0.24 11.96
C LYS A 13 13.60 0.18 10.52
N GLU A 14 13.81 -0.72 9.57
CA GLU A 14 13.60 -0.36 8.18
C GLU A 14 12.23 0.27 7.98
N ALA A 15 11.24 -0.28 8.68
CA ALA A 15 9.87 0.21 8.57
C ALA A 15 9.76 1.71 8.89
N PHE A 16 10.49 2.17 9.89
CA PHE A 16 10.42 3.58 10.29
C PHE A 16 10.72 4.54 9.13
N SER A 17 11.73 4.19 8.34
CA SER A 17 12.12 5.01 7.18
C SER A 17 11.00 5.06 6.13
N LEU A 18 10.04 4.14 6.23
CA LEU A 18 8.94 4.07 5.26
C LEU A 18 8.07 5.34 5.30
N PHE A 19 7.74 5.82 6.51
CA PHE A 19 6.89 7.02 6.65
C PHE A 19 7.70 8.25 7.03
N ASP A 20 8.92 8.05 7.49
CA ASP A 20 9.77 9.18 7.85
C ASP A 20 10.34 9.84 6.60
N LYS A 21 9.64 10.86 6.12
CA LYS A 21 10.07 11.59 4.92
C LYS A 21 11.37 12.37 5.18
N ASP A 22 11.46 13.09 6.29
CA ASP A 22 12.64 13.91 6.60
C ASP A 22 13.55 13.23 7.63
N GLY A 23 13.36 11.95 7.87
CA GLY A 23 14.19 11.23 8.83
C GLY A 23 14.48 12.07 10.06
N ASP A 24 13.44 12.64 10.67
CA ASP A 24 13.62 13.48 11.87
C ASP A 24 13.55 12.66 13.16
N GLY A 25 13.22 11.37 13.01
CA GLY A 25 13.12 10.46 14.15
C GLY A 25 11.69 10.41 14.70
N THR A 26 10.79 11.15 14.07
CA THR A 26 9.37 11.16 14.50
C THR A 26 8.47 11.22 13.28
N ILE A 27 7.21 10.82 13.47
CA ILE A 27 6.22 10.89 12.39
C ILE A 27 5.49 12.23 12.48
N THR A 28 5.51 12.97 11.36
CA THR A 28 4.89 14.31 11.31
C THR A 28 3.66 14.33 10.42
N THR A 29 2.86 15.37 10.61
CA THR A 29 1.61 15.55 9.88
C THR A 29 1.84 15.64 8.38
N LYS A 30 2.93 16.29 7.99
CA LYS A 30 3.23 16.47 6.56
C LYS A 30 3.46 15.13 5.86
N GLU A 31 4.44 14.38 6.35
CA GLU A 31 4.76 13.08 5.75
C GLU A 31 3.59 12.10 5.88
N LEU A 32 2.76 12.22 6.91
CA LEU A 32 1.65 11.30 7.04
C LEU A 32 0.73 11.45 5.82
N GLY A 33 0.35 12.71 5.58
CA GLY A 33 -0.58 13.07 4.50
C GLY A 33 -0.02 12.69 3.13
N THR A 34 1.27 12.84 2.90
CA THR A 34 1.83 12.46 1.59
C THR A 34 1.52 10.98 1.35
N VAL A 35 1.91 10.10 2.26
CA VAL A 35 1.70 8.67 2.01
C VAL A 35 0.23 8.35 1.75
N MET A 36 -0.70 8.86 2.55
CA MET A 36 -2.11 8.57 2.33
C MET A 36 -2.52 9.04 0.94
N ARG A 37 -2.03 10.20 0.54
CA ARG A 37 -2.33 10.76 -0.77
C ARG A 37 -2.04 9.73 -1.88
N SER A 38 -0.90 9.05 -1.70
CA SER A 38 -0.48 8.01 -2.65
C SER A 38 -1.48 6.86 -2.66
N LEU A 39 -2.24 6.76 -1.57
CA LEU A 39 -3.25 5.70 -1.48
C LEU A 39 -4.43 6.03 -2.39
N GLY A 40 -4.38 7.20 -3.02
CA GLY A 40 -5.44 7.57 -3.96
C GLY A 40 -6.57 8.32 -3.28
N GLN A 41 -6.35 8.77 -2.04
CA GLN A 41 -7.37 9.52 -1.31
C GLN A 41 -6.99 10.99 -1.23
N ASN A 42 -8.00 11.86 -1.08
CA ASN A 42 -7.76 13.30 -0.99
C ASN A 42 -8.20 13.83 0.38
N PRO A 43 -7.57 13.38 1.44
CA PRO A 43 -7.92 13.83 2.82
C PRO A 43 -7.69 15.32 3.03
N THR A 44 -8.54 15.94 3.84
CA THR A 44 -8.42 17.37 4.11
C THR A 44 -7.36 17.62 5.18
N GLU A 45 -6.98 18.88 5.34
CA GLU A 45 -5.95 19.25 6.31
C GLU A 45 -6.36 18.80 7.71
N ALA A 46 -7.61 19.05 8.07
CA ALA A 46 -8.11 18.70 9.40
C ALA A 46 -7.90 17.21 9.70
N GLU A 47 -7.78 16.39 8.66
CA GLU A 47 -7.57 14.95 8.86
C GLU A 47 -6.21 14.72 9.51
N LEU A 48 -5.21 15.49 9.09
CA LEU A 48 -3.86 15.34 9.64
C LEU A 48 -3.90 15.52 11.17
N GLN A 49 -4.67 16.51 11.61
CA GLN A 49 -4.77 16.85 13.03
C GLN A 49 -5.50 15.75 13.81
N ASP A 50 -6.71 15.46 13.38
CA ASP A 50 -7.53 14.46 14.07
C ASP A 50 -6.82 13.11 14.22
N MET A 51 -6.27 12.61 13.12
CA MET A 51 -5.60 11.31 13.13
C MET A 51 -4.34 11.31 14.00
N ILE A 52 -3.46 12.27 13.78
CA ILE A 52 -2.20 12.32 14.55
C ILE A 52 -2.53 12.45 16.04
N ASN A 53 -3.40 13.39 16.39
CA ASN A 53 -3.73 13.61 17.80
C ASN A 53 -4.28 12.36 18.48
N GLU A 54 -5.00 11.55 17.74
CA GLU A 54 -5.58 10.33 18.31
C GLU A 54 -4.50 9.35 18.77
N VAL A 55 -3.43 9.22 17.98
CA VAL A 55 -2.37 8.27 18.33
C VAL A 55 -1.32 8.93 19.23
N ASP A 56 -1.30 10.27 19.26
CA ASP A 56 -0.27 10.99 20.00
C ASP A 56 -0.46 11.07 21.51
N ALA A 57 0.03 10.01 22.16
CA ALA A 57 -0.15 9.83 23.59
C ALA A 57 0.49 10.92 24.43
N ASP A 58 1.67 11.39 24.02
CA ASP A 58 2.37 12.40 24.80
C ASP A 58 1.92 13.82 24.45
N GLY A 59 1.01 13.97 23.48
CA GLY A 59 0.52 15.29 23.09
C GLY A 59 1.62 16.22 22.59
N ASN A 60 2.73 15.66 22.10
CA ASN A 60 3.83 16.46 21.57
C ASN A 60 3.60 16.77 20.10
N GLY A 61 2.48 16.36 19.53
CA GLY A 61 2.15 16.72 18.16
C GLY A 61 2.75 15.78 17.12
N THR A 62 3.47 14.77 17.59
CA THR A 62 4.10 13.79 16.70
C THR A 62 4.16 12.43 17.39
N ILE A 63 4.54 11.39 16.65
CA ILE A 63 4.62 10.03 17.22
C ILE A 63 6.08 9.57 17.26
N ASP A 64 6.52 9.11 18.43
CA ASP A 64 7.90 8.63 18.60
C ASP A 64 7.94 7.10 18.64
N PHE A 65 9.11 6.53 18.93
CA PHE A 65 9.27 5.08 18.95
C PHE A 65 8.32 4.39 19.96
N PRO A 66 8.20 4.88 21.17
CA PRO A 66 7.31 4.24 22.18
C PRO A 66 5.87 4.14 21.66
N GLU A 67 5.32 5.27 21.22
CA GLU A 67 3.96 5.31 20.68
C GLU A 67 3.85 4.48 19.40
N PHE A 68 4.99 4.25 18.76
CA PHE A 68 5.04 3.45 17.53
C PHE A 68 4.71 2.00 17.88
N LEU A 69 5.52 1.37 18.70
CA LEU A 69 5.33 -0.04 19.02
C LEU A 69 3.94 -0.35 19.61
N THR A 70 3.47 0.46 20.55
CA THR A 70 2.14 0.22 21.15
C THR A 70 1.14 -0.24 20.09
N MET A 71 0.92 0.59 19.07
CA MET A 71 -0.10 0.26 18.05
C MET A 71 0.28 -0.98 17.25
N MET A 72 1.56 -1.09 16.89
CA MET A 72 2.02 -2.23 16.09
C MET A 72 1.75 -3.58 16.77
N ALA A 73 1.98 -3.63 18.08
CA ALA A 73 1.79 -4.85 18.85
C ALA A 73 0.31 -5.27 18.89
N ARG A 74 -0.58 -4.28 18.91
CA ARG A 74 -2.01 -4.56 18.96
C ARG A 74 -2.62 -4.58 17.55
N LYS A 75 -1.88 -4.08 16.57
CA LYS A 75 -2.37 -4.04 15.19
C LYS A 75 -2.18 -5.40 14.52
N MET A 76 -2.92 -6.39 15.02
CA MET A 76 -2.84 -7.75 14.48
C MET A 76 -4.11 -8.10 13.70
N LYS A 77 -4.88 -7.06 13.38
CA LYS A 77 -6.14 -7.25 12.67
C LYS A 77 -5.98 -8.14 11.46
N ASP A 78 -6.91 -9.08 11.32
CA ASP A 78 -6.88 -10.03 10.21
C ASP A 78 -7.65 -9.49 9.00
N THR A 79 -6.90 -9.13 7.95
CA THR A 79 -7.51 -8.65 6.70
C THR A 79 -7.65 -9.88 5.79
N ASP A 80 -8.89 -10.14 5.39
CA ASP A 80 -9.16 -11.20 4.43
C ASP A 80 -8.60 -10.74 3.09
N SER A 81 -7.55 -11.41 2.61
CA SER A 81 -6.90 -11.08 1.35
C SER A 81 -7.92 -10.65 0.29
N GLU A 82 -9.17 -11.07 0.48
CA GLU A 82 -10.24 -10.75 -0.48
C GLU A 82 -10.59 -9.27 -0.47
N GLU A 83 -10.55 -8.66 0.70
CA GLU A 83 -10.90 -7.25 0.84
C GLU A 83 -10.19 -6.40 -0.23
N GLU A 84 -8.96 -6.75 -0.59
CA GLU A 84 -8.19 -5.97 -1.58
C GLU A 84 -8.41 -6.51 -3.00
N ILE A 85 -8.93 -7.72 -3.11
CA ILE A 85 -9.16 -8.31 -4.43
C ILE A 85 -10.12 -7.44 -5.24
N ARG A 86 -11.41 -7.50 -4.92
CA ARG A 86 -12.42 -6.75 -5.66
C ARG A 86 -12.20 -5.24 -5.58
N GLU A 87 -11.85 -4.74 -4.41
CA GLU A 87 -11.65 -3.31 -4.23
C GLU A 87 -10.53 -2.78 -5.12
N ALA A 88 -9.47 -3.56 -5.25
CA ALA A 88 -8.33 -3.18 -6.09
C ALA A 88 -8.75 -3.03 -7.55
N PHE A 89 -9.85 -3.66 -7.90
CA PHE A 89 -10.36 -3.58 -9.28
C PHE A 89 -10.90 -2.18 -9.58
N ARG A 90 -11.76 -1.68 -8.69
CA ARG A 90 -12.38 -0.36 -8.88
C ARG A 90 -11.34 0.74 -9.07
N VAL A 91 -10.26 0.70 -8.30
CA VAL A 91 -9.21 1.71 -8.43
C VAL A 91 -8.55 1.60 -9.79
N PHE A 92 -8.25 0.38 -10.23
CA PHE A 92 -7.59 0.17 -11.51
C PHE A 92 -8.51 0.54 -12.67
N ASP A 93 -9.79 0.19 -12.54
CA ASP A 93 -10.77 0.57 -13.57
C ASP A 93 -11.30 1.96 -13.23
N LYS A 94 -10.55 2.99 -13.63
CA LYS A 94 -10.89 4.37 -13.31
C LYS A 94 -12.27 4.80 -13.81
N ASP A 95 -12.58 4.54 -15.07
CA ASP A 95 -13.87 4.93 -15.63
C ASP A 95 -14.90 3.81 -15.51
N GLY A 96 -14.52 2.72 -14.84
CA GLY A 96 -15.43 1.61 -14.65
C GLY A 96 -16.02 1.15 -15.99
N ASN A 97 -15.15 0.95 -16.98
CA ASN A 97 -15.57 0.51 -18.30
C ASN A 97 -15.56 -1.00 -18.40
N GLY A 98 -15.30 -1.68 -17.28
CA GLY A 98 -15.28 -3.13 -17.24
C GLY A 98 -13.92 -3.68 -17.66
N TYR A 99 -12.97 -2.81 -17.96
CA TYR A 99 -11.63 -3.25 -18.39
C TYR A 99 -10.53 -2.39 -17.77
N ILE A 100 -9.35 -3.00 -17.62
CA ILE A 100 -8.19 -2.28 -17.09
C ILE A 100 -7.40 -1.75 -18.27
N SER A 101 -7.33 -0.42 -18.36
CA SER A 101 -6.62 0.24 -19.46
C SER A 101 -5.14 0.47 -19.18
N ALA A 102 -4.28 0.48 -20.17
CA ALA A 102 -2.85 0.68 -19.92
C ALA A 102 -2.62 1.99 -19.19
N ALA A 103 -3.26 3.06 -19.61
CA ALA A 103 -3.08 4.36 -18.98
C ALA A 103 -3.33 4.26 -17.47
N GLU A 104 -4.34 3.48 -17.11
CA GLU A 104 -4.68 3.27 -15.69
C GLU A 104 -3.56 2.51 -14.99
N LEU A 105 -2.99 1.49 -15.63
CA LEU A 105 -1.92 0.71 -15.02
C LEU A 105 -0.68 1.59 -14.75
N ARG A 106 -0.32 2.39 -15.74
CA ARG A 106 0.86 3.25 -15.61
C ARG A 106 0.90 3.95 -14.23
N HIS A 107 -0.25 4.45 -13.78
CA HIS A 107 -0.32 5.15 -12.49
C HIS A 107 -0.03 4.19 -11.33
N VAL A 108 -0.34 2.91 -11.52
CA VAL A 108 -0.14 1.94 -10.44
C VAL A 108 1.33 1.92 -10.01
N MET A 109 2.25 1.95 -10.97
CA MET A 109 3.67 1.87 -10.66
C MET A 109 4.06 2.90 -9.59
N THR A 110 3.51 4.09 -9.78
CA THR A 110 3.80 5.23 -8.91
C THR A 110 3.46 4.91 -7.46
N ASN A 111 2.32 4.25 -7.27
CA ASN A 111 1.89 3.88 -5.94
C ASN A 111 2.82 2.81 -5.35
N LEU A 112 3.22 1.84 -6.15
CA LEU A 112 4.08 0.77 -5.64
C LEU A 112 5.55 1.21 -5.57
N GLY A 113 5.88 2.31 -6.25
CA GLY A 113 7.25 2.81 -6.25
C GLY A 113 8.13 1.95 -7.17
N GLU A 114 7.60 1.34 -8.22
CA GLU A 114 8.46 0.50 -9.08
C GLU A 114 9.18 1.36 -10.11
N LYS A 115 8.61 2.52 -10.41
CA LYS A 115 9.22 3.41 -11.42
C LYS A 115 9.68 2.60 -12.64
N LEU A 116 8.71 1.92 -13.23
CA LEU A 116 8.94 1.07 -14.41
C LEU A 116 9.03 1.89 -15.71
N THR A 117 9.82 1.37 -16.65
CA THR A 117 9.99 2.01 -17.96
C THR A 117 8.83 1.61 -18.87
N ASP A 118 8.82 2.21 -20.07
CA ASP A 118 7.81 1.88 -21.07
C ASP A 118 7.93 0.37 -21.34
N GLU A 119 9.17 -0.10 -21.49
CA GLU A 119 9.43 -1.51 -21.82
C GLU A 119 8.82 -2.46 -20.80
N GLU A 120 9.07 -2.20 -19.53
CA GLU A 120 8.56 -3.08 -18.47
C GLU A 120 7.05 -2.96 -18.32
N VAL A 121 6.51 -1.77 -18.60
CA VAL A 121 5.07 -1.56 -18.50
C VAL A 121 4.37 -2.46 -19.53
N ASP A 122 4.95 -2.50 -20.71
CA ASP A 122 4.42 -3.33 -21.79
C ASP A 122 4.65 -4.80 -21.48
N GLU A 123 5.78 -5.09 -20.84
CA GLU A 123 6.12 -6.48 -20.53
C GLU A 123 5.08 -7.17 -19.64
N MET A 124 4.74 -6.50 -18.54
CA MET A 124 3.76 -7.02 -17.59
C MET A 124 2.44 -7.29 -18.32
N ILE A 125 2.06 -6.35 -19.18
CA ILE A 125 0.79 -6.44 -19.91
C ILE A 125 0.76 -7.71 -20.76
N ARG A 126 1.86 -7.99 -21.44
CA ARG A 126 1.94 -9.18 -22.30
C ARG A 126 1.73 -10.45 -21.49
N GLU A 127 2.28 -10.47 -20.28
CA GLU A 127 2.19 -11.65 -19.43
C GLU A 127 0.73 -12.05 -19.16
N ALA A 128 -0.14 -11.07 -18.95
CA ALA A 128 -1.56 -11.35 -18.67
C ALA A 128 -2.39 -11.37 -19.94
N ASP A 129 -1.87 -10.76 -21.00
CA ASP A 129 -2.60 -10.66 -22.27
C ASP A 129 -2.60 -11.97 -23.03
N ILE A 130 -3.56 -12.81 -22.69
CA ILE A 130 -3.65 -14.13 -23.29
C ILE A 130 -4.10 -14.11 -24.74
N ASP A 131 -4.58 -12.90 -25.11
CA ASP A 131 -5.07 -12.57 -26.45
C ASP A 131 -4.61 -11.17 -26.82
N GLY A 132 -4.25 -10.96 -28.07
CA GLY A 132 -3.76 -9.65 -28.53
C GLY A 132 -4.85 -8.59 -28.65
N ASP A 133 -5.63 -8.40 -27.58
CA ASP A 133 -6.69 -7.39 -27.59
C ASP A 133 -6.15 -6.06 -27.07
N GLY A 134 -4.93 -6.07 -26.56
CA GLY A 134 -4.29 -4.84 -26.10
C GLY A 134 -4.81 -4.32 -24.76
N GLN A 135 -5.75 -5.03 -24.15
CA GLN A 135 -6.33 -4.60 -22.86
C GLN A 135 -6.41 -5.77 -21.90
N VAL A 136 -6.40 -5.49 -20.60
CA VAL A 136 -6.47 -6.57 -19.60
C VAL A 136 -7.88 -6.67 -19.04
N ASN A 137 -8.52 -7.83 -19.24
CA ASN A 137 -9.88 -8.03 -18.76
C ASN A 137 -9.87 -8.47 -17.29
N TYR A 138 -11.07 -8.58 -16.71
CA TYR A 138 -11.21 -8.99 -15.32
C TYR A 138 -10.66 -10.41 -15.13
N GLU A 139 -10.94 -11.28 -16.10
CA GLU A 139 -10.46 -12.67 -16.01
C GLU A 139 -8.93 -12.72 -15.95
N GLU A 140 -8.27 -11.94 -16.79
CA GLU A 140 -6.81 -11.94 -16.78
C GLU A 140 -6.28 -11.41 -15.45
N PHE A 141 -6.96 -10.40 -14.91
CA PHE A 141 -6.55 -9.80 -13.65
C PHE A 141 -6.58 -10.84 -12.53
N VAL A 142 -7.65 -11.62 -12.49
CA VAL A 142 -7.81 -12.66 -11.47
C VAL A 142 -6.75 -13.76 -11.63
N GLN A 143 -6.59 -14.24 -12.85
CA GLN A 143 -5.63 -15.31 -13.09
C GLN A 143 -4.26 -14.94 -12.48
N MET A 144 -3.81 -13.71 -12.74
CA MET A 144 -2.50 -13.26 -12.27
C MET A 144 -2.44 -13.03 -10.76
N MET A 145 -3.51 -12.47 -10.22
CA MET A 145 -3.57 -12.19 -8.79
C MET A 145 -3.83 -13.45 -7.97
N THR A 146 -4.82 -14.26 -8.39
CA THR A 146 -5.14 -15.49 -7.66
C THR A 146 -4.40 -16.70 -8.20
N ALA A 147 -3.17 -16.50 -8.65
CA ALA A 147 -2.39 -17.58 -9.22
C ALA A 147 -2.45 -18.83 -8.34
N LYS A 148 -2.39 -18.64 -7.02
CA LYS A 148 -2.44 -19.76 -6.09
C LYS A 148 -3.36 -19.39 -4.92
N LEU B 1 7.24 -16.37 -19.62
CA LEU B 1 7.44 -17.19 -18.40
C LEU B 1 6.31 -16.92 -17.40
N ARG B 2 5.83 -17.98 -16.76
CA ARG B 2 4.74 -17.84 -15.79
C ARG B 2 5.27 -17.31 -14.46
N ARG B 3 6.59 -17.30 -14.31
CA ARG B 3 7.22 -16.82 -13.09
C ARG B 3 6.99 -15.30 -12.98
N GLY B 4 6.17 -14.74 -13.85
CA GLY B 4 5.88 -13.31 -13.79
C GLY B 4 5.19 -12.96 -12.47
N GLN B 5 5.13 -13.93 -11.56
CA GLN B 5 4.46 -13.73 -10.27
C GLN B 5 5.08 -12.59 -9.48
N ILE B 6 6.39 -12.53 -9.45
CA ILE B 6 7.10 -11.50 -8.70
C ILE B 6 6.52 -10.11 -8.96
N LEU B 7 6.60 -9.66 -10.19
CA LEU B 7 6.14 -8.30 -10.51
C LEU B 7 4.69 -8.06 -10.09
N TRP B 8 3.77 -8.93 -10.51
CA TRP B 8 2.35 -8.76 -10.18
C TRP B 8 2.11 -8.76 -8.67
N PHE B 9 2.42 -9.88 -8.04
CA PHE B 9 2.15 -10.11 -6.63
C PHE B 9 2.76 -9.09 -5.67
N ARG B 10 4.02 -8.72 -5.92
CA ARG B 10 4.71 -7.79 -5.03
C ARG B 10 3.82 -6.66 -4.56
N GLY B 11 3.17 -6.00 -5.54
CA GLY B 11 2.28 -4.89 -5.27
C GLY B 11 1.09 -5.33 -4.42
N LEU B 12 0.52 -6.49 -4.71
CA LEU B 12 -0.63 -6.95 -3.93
C LEU B 12 -0.26 -7.02 -2.45
N ASN B 13 0.91 -7.60 -2.19
CA ASN B 13 1.36 -7.81 -0.82
C ASN B 13 1.50 -6.52 -0.02
N ARG B 14 2.17 -5.53 -0.61
CA ARG B 14 2.39 -4.24 0.03
C ARG B 14 1.09 -3.48 0.26
N ILE B 15 0.17 -3.55 -0.68
CA ILE B 15 -1.09 -2.82 -0.54
C ILE B 15 -1.83 -3.29 0.71
N GLN B 16 -1.87 -4.59 0.95
CA GLN B 16 -2.52 -5.05 2.18
C GLN B 16 -1.96 -4.26 3.36
N THR B 17 -0.64 -4.13 3.42
CA THR B 17 -0.01 -3.40 4.53
C THR B 17 -0.42 -1.92 4.54
N GLN B 18 -0.32 -1.28 3.37
CA GLN B 18 -0.60 0.15 3.24
C GLN B 18 -1.61 0.65 4.28
N ILE B 19 -2.76 -0.01 4.22
CA ILE B 19 -3.92 0.24 5.08
C ILE B 19 -3.83 -0.51 6.42
N LYS B 20 -2.96 -1.49 6.57
CA LYS B 20 -2.85 -2.13 7.89
C LYS B 20 -2.43 -1.06 8.89
N VAL B 21 -1.43 -0.25 8.57
CA VAL B 21 -0.94 0.75 9.52
C VAL B 21 -1.99 1.79 9.91
N VAL B 22 -2.65 2.34 8.89
CA VAL B 22 -3.67 3.37 9.11
C VAL B 22 -4.88 2.83 9.87
N LYS B 23 -5.29 1.59 9.63
CA LYS B 23 -6.45 1.04 10.35
C LYS B 23 -6.30 1.29 11.84
N ALA B 24 -5.07 1.21 12.30
CA ALA B 24 -4.80 1.41 13.72
C ALA B 24 -5.38 2.74 14.16
N PHE B 25 -5.15 3.78 13.35
CA PHE B 25 -5.64 5.12 13.66
C PHE B 25 -7.18 5.18 13.71
N HIS B 26 -7.84 4.66 12.68
CA HIS B 26 -9.30 4.70 12.64
C HIS B 26 -9.95 3.80 13.69
N SER B 27 -9.41 2.61 13.88
CA SER B 27 -9.99 1.66 14.82
C SER B 27 -11.35 1.23 14.25
N SER B 28 -11.49 0.64 13.06
CA SER B 28 -12.85 0.25 12.61
C SER B 28 -13.85 1.40 12.72
CA CA C . 9.92 11.86 9.83
CA CA D . 4.83 11.34 20.75
CA CA E . -10.71 1.43 -17.60
CA CA F . -6.53 -9.44 -22.74
N ALA A 1 5.49 -7.85 24.54
CA ALA A 1 5.40 -9.14 25.27
C ALA A 1 5.47 -10.29 24.27
N ASP A 2 4.75 -10.16 23.17
CA ASP A 2 4.73 -11.19 22.14
C ASP A 2 6.12 -11.36 21.50
N GLN A 3 6.82 -10.25 21.33
CA GLN A 3 8.16 -10.23 20.74
C GLN A 3 9.19 -10.29 21.89
N LEU A 4 10.48 -10.19 21.52
CA LEU A 4 11.58 -10.24 22.50
C LEU A 4 12.90 -10.55 21.76
N THR A 5 12.88 -11.18 20.60
CA THR A 5 14.13 -11.46 19.90
C THR A 5 14.65 -10.20 19.23
N GLU A 6 15.96 -10.00 19.29
CA GLU A 6 16.58 -8.83 18.68
C GLU A 6 16.13 -8.68 17.22
N GLU A 7 16.22 -9.81 16.53
CA GLU A 7 15.87 -9.92 15.11
C GLU A 7 14.64 -9.06 14.78
N GLN A 8 13.67 -9.04 15.70
CA GLN A 8 12.47 -8.25 15.50
C GLN A 8 12.78 -6.75 15.55
N ILE A 9 13.67 -6.26 16.42
CA ILE A 9 13.98 -4.83 16.35
C ILE A 9 14.55 -4.61 14.94
N ALA A 10 15.42 -5.50 14.51
CA ALA A 10 16.04 -5.34 13.20
C ALA A 10 14.98 -5.14 12.12
N GLU A 11 13.97 -6.00 12.11
CA GLU A 11 12.91 -5.93 11.11
C GLU A 11 12.16 -4.59 11.18
N PHE A 12 11.79 -4.21 12.40
CA PHE A 12 11.06 -2.96 12.61
C PHE A 12 11.87 -1.76 12.11
N LYS A 13 13.17 -1.74 12.37
CA LYS A 13 14.01 -0.63 11.92
C LYS A 13 13.78 -0.36 10.44
N GLU A 14 13.99 -1.37 9.59
CA GLU A 14 13.82 -1.16 8.16
C GLU A 14 12.46 -0.53 7.88
N ALA A 15 11.44 -1.06 8.54
CA ALA A 15 10.08 -0.58 8.36
C ALA A 15 9.96 0.92 8.64
N PHE A 16 10.67 1.41 9.65
CA PHE A 16 10.58 2.81 9.99
C PHE A 16 10.96 3.74 8.84
N SER A 17 11.99 3.37 8.09
CA SER A 17 12.45 4.16 6.95
C SER A 17 11.39 4.20 5.83
N LEU A 18 10.41 3.31 5.90
CA LEU A 18 9.36 3.25 4.89
C LEU A 18 8.50 4.52 4.87
N PHE A 19 8.14 5.03 6.05
CA PHE A 19 7.28 6.24 6.13
C PHE A 19 8.06 7.49 6.54
N ASP A 20 9.28 7.30 7.04
CA ASP A 20 10.08 8.44 7.44
C ASP A 20 10.59 9.22 6.22
N LYS A 21 9.83 10.24 5.84
CA LYS A 21 10.19 11.05 4.69
C LYS A 21 11.46 11.86 4.93
N ASP A 22 11.56 12.58 6.06
CA ASP A 22 12.73 13.41 6.36
C ASP A 22 13.67 12.77 7.38
N GLY A 23 13.50 11.48 7.64
CA GLY A 23 14.35 10.78 8.60
C GLY A 23 14.73 11.67 9.78
N ASP A 24 13.75 12.39 10.34
CA ASP A 24 13.98 13.29 11.47
C ASP A 24 13.90 12.51 12.78
N GLY A 25 13.58 11.22 12.70
CA GLY A 25 13.48 10.38 13.89
C GLY A 25 12.06 10.40 14.47
N THR A 26 11.18 11.15 13.82
CA THR A 26 9.79 11.25 14.28
C THR A 26 8.84 11.27 13.08
N ILE A 27 7.61 10.85 13.31
CA ILE A 27 6.59 10.87 12.26
C ILE A 27 5.84 12.20 12.34
N THR A 28 5.84 12.91 11.22
CA THR A 28 5.20 14.23 11.14
C THR A 28 3.97 14.22 10.26
N THR A 29 3.16 15.25 10.42
CA THR A 29 1.91 15.40 9.71
C THR A 29 2.14 15.44 8.20
N LYS A 30 3.22 16.09 7.80
CA LYS A 30 3.52 16.25 6.37
C LYS A 30 3.71 14.89 5.69
N GLU A 31 4.63 14.09 6.20
CA GLU A 31 4.90 12.78 5.64
C GLU A 31 3.69 11.85 5.78
N LEU A 32 2.87 12.04 6.79
CA LEU A 32 1.69 11.18 6.93
C LEU A 32 0.78 11.32 5.70
N GLY A 33 0.44 12.58 5.43
CA GLY A 33 -0.46 12.93 4.33
C GLY A 33 0.10 12.51 2.97
N THR A 34 1.40 12.60 2.75
CA THR A 34 1.95 12.18 1.46
C THR A 34 1.61 10.70 1.24
N VAL A 35 1.91 9.81 2.18
CA VAL A 35 1.66 8.40 1.95
C VAL A 35 0.18 8.14 1.66
N MET A 36 -0.75 8.72 2.41
CA MET A 36 -2.16 8.50 2.14
C MET A 36 -2.50 8.94 0.72
N ARG A 37 -1.90 10.03 0.29
CA ARG A 37 -2.14 10.56 -1.06
C ARG A 37 -1.92 9.45 -2.11
N SER A 38 -0.92 8.62 -1.84
CA SER A 38 -0.58 7.49 -2.72
C SER A 38 -1.74 6.49 -2.76
N LEU A 39 -2.58 6.54 -1.74
CA LEU A 39 -3.74 5.64 -1.68
C LEU A 39 -4.79 6.08 -2.71
N GLY A 40 -4.50 7.14 -3.45
CA GLY A 40 -5.42 7.62 -4.47
C GLY A 40 -6.52 8.51 -3.90
N GLN A 41 -6.23 9.19 -2.78
CA GLN A 41 -7.22 10.07 -2.16
C GLN A 41 -6.58 11.43 -1.87
N ASN A 42 -7.42 12.40 -1.49
CA ASN A 42 -6.94 13.75 -1.18
C ASN A 42 -7.56 14.25 0.12
N PRO A 43 -7.08 13.76 1.24
CA PRO A 43 -7.58 14.17 2.58
C PRO A 43 -7.41 15.67 2.83
N THR A 44 -8.34 16.25 3.58
CA THR A 44 -8.26 17.68 3.90
C THR A 44 -7.21 17.93 4.96
N GLU A 45 -6.82 19.19 5.10
CA GLU A 45 -5.80 19.56 6.07
C GLU A 45 -6.21 19.16 7.48
N ALA A 46 -7.47 19.40 7.82
CA ALA A 46 -7.97 19.07 9.15
C ALA A 46 -7.77 17.58 9.47
N GLU A 47 -7.67 16.75 8.44
CA GLU A 47 -7.48 15.32 8.67
C GLU A 47 -6.12 15.06 9.31
N LEU A 48 -5.11 15.81 8.89
CA LEU A 48 -3.76 15.66 9.44
C LEU A 48 -3.81 15.85 10.96
N GLN A 49 -4.60 16.83 11.39
CA GLN A 49 -4.72 17.18 12.81
C GLN A 49 -5.47 16.10 13.60
N ASP A 50 -6.68 15.81 13.15
CA ASP A 50 -7.52 14.83 13.84
C ASP A 50 -6.85 13.47 14.01
N MET A 51 -6.32 12.93 12.91
CA MET A 51 -5.68 11.62 12.94
C MET A 51 -4.41 11.59 13.81
N ILE A 52 -3.51 12.52 13.57
CA ILE A 52 -2.25 12.55 14.35
C ILE A 52 -2.56 12.72 15.84
N ASN A 53 -3.42 13.66 16.18
CA ASN A 53 -3.75 13.92 17.58
C ASN A 53 -4.33 12.69 18.28
N GLU A 54 -5.07 11.86 17.56
CA GLU A 54 -5.68 10.68 18.16
C GLU A 54 -4.60 9.69 18.61
N VAL A 55 -3.55 9.52 17.82
CA VAL A 55 -2.50 8.56 18.17
C VAL A 55 -1.44 9.20 19.06
N ASP A 56 -1.38 10.53 19.07
CA ASP A 56 -0.33 11.24 19.80
C ASP A 56 -0.54 11.35 21.30
N ALA A 57 -0.06 10.31 21.97
CA ALA A 57 -0.25 10.15 23.40
C ALA A 57 0.41 11.25 24.23
N ASP A 58 1.60 11.68 23.82
CA ASP A 58 2.33 12.70 24.58
C ASP A 58 1.93 14.12 24.19
N GLY A 59 1.04 14.29 23.21
CA GLY A 59 0.58 15.61 22.80
C GLY A 59 1.71 16.50 22.28
N ASN A 60 2.81 15.88 21.81
CA ASN A 60 3.94 16.64 21.27
C ASN A 60 3.73 16.93 19.79
N GLY A 61 2.60 16.53 19.22
CA GLY A 61 2.31 16.86 17.83
C GLY A 61 2.88 15.89 16.81
N THR A 62 3.57 14.86 17.31
CA THR A 62 4.19 13.85 16.45
C THR A 62 4.17 12.50 17.15
N ILE A 63 4.49 11.44 16.40
CA ILE A 63 4.51 10.08 16.99
C ILE A 63 5.92 9.54 17.05
N ASP A 64 6.33 9.07 18.23
CA ASP A 64 7.67 8.51 18.43
C ASP A 64 7.63 6.98 18.46
N PHE A 65 8.77 6.34 18.70
CA PHE A 65 8.85 4.88 18.68
C PHE A 65 7.86 4.21 19.67
N PRO A 66 7.78 4.63 20.90
CA PRO A 66 6.85 4.00 21.88
C PRO A 66 5.40 4.02 21.38
N GLU A 67 4.94 5.20 20.94
CA GLU A 67 3.58 5.34 20.43
C GLU A 67 3.39 4.49 19.15
N PHE A 68 4.51 4.13 18.54
CA PHE A 68 4.47 3.31 17.32
C PHE A 68 4.13 1.88 17.68
N LEU A 69 4.93 1.24 18.51
CA LEU A 69 4.72 -0.17 18.85
C LEU A 69 3.34 -0.46 19.43
N THR A 70 2.87 0.39 20.34
CA THR A 70 1.55 0.16 20.92
C THR A 70 0.55 -0.18 19.79
N MET A 71 0.53 0.61 18.72
CA MET A 71 -0.43 0.37 17.64
C MET A 71 -0.18 -0.92 16.88
N MET A 72 1.07 -1.18 16.54
CA MET A 72 1.40 -2.37 15.76
C MET A 72 1.04 -3.67 16.48
N ALA A 73 1.26 -3.69 17.79
CA ALA A 73 0.98 -4.88 18.59
C ALA A 73 -0.51 -5.21 18.62
N ARG A 74 -1.36 -4.17 18.61
CA ARG A 74 -2.81 -4.38 18.64
C ARG A 74 -3.39 -4.40 17.22
N LYS A 75 -2.61 -3.94 16.25
CA LYS A 75 -3.07 -3.92 14.86
C LYS A 75 -2.88 -5.29 14.20
N MET A 76 -3.58 -6.29 14.72
CA MET A 76 -3.49 -7.66 14.19
C MET A 76 -4.74 -8.03 13.41
N LYS A 77 -5.52 -7.02 13.05
CA LYS A 77 -6.77 -7.22 12.33
C LYS A 77 -6.65 -8.34 11.30
N ASP A 78 -7.71 -9.13 11.19
CA ASP A 78 -7.71 -10.25 10.26
C ASP A 78 -7.53 -9.79 8.81
N THR A 79 -8.54 -9.12 8.23
CA THR A 79 -8.45 -8.65 6.85
C THR A 79 -8.23 -9.85 5.95
N ASP A 80 -9.33 -10.58 5.73
CA ASP A 80 -9.28 -11.71 4.80
C ASP A 80 -8.81 -11.18 3.45
N SER A 81 -7.76 -11.80 2.90
CA SER A 81 -7.20 -11.38 1.61
C SER A 81 -8.30 -10.98 0.61
N GLU A 82 -9.53 -11.41 0.88
CA GLU A 82 -10.65 -11.12 -0.03
C GLU A 82 -11.01 -9.63 -0.02
N GLU A 83 -10.89 -9.01 1.14
CA GLU A 83 -11.23 -7.58 1.25
C GLU A 83 -10.52 -6.74 0.18
N GLU A 84 -9.27 -7.08 -0.10
CA GLU A 84 -8.47 -6.33 -1.09
C GLU A 84 -8.68 -6.84 -2.52
N ILE A 85 -9.45 -7.90 -2.66
CA ILE A 85 -9.72 -8.46 -3.99
C ILE A 85 -10.61 -7.53 -4.84
N ARG A 86 -11.89 -7.46 -4.50
CA ARG A 86 -12.84 -6.64 -5.27
C ARG A 86 -12.47 -5.16 -5.28
N GLU A 87 -12.25 -4.59 -4.10
CA GLU A 87 -11.94 -3.17 -4.00
C GLU A 87 -10.75 -2.80 -4.86
N ALA A 88 -9.76 -3.69 -4.92
CA ALA A 88 -8.57 -3.44 -5.73
C ALA A 88 -8.94 -3.28 -7.21
N PHE A 89 -10.10 -3.82 -7.59
CA PHE A 89 -10.56 -3.71 -8.97
C PHE A 89 -11.04 -2.30 -9.28
N ARG A 90 -11.88 -1.76 -8.42
CA ARG A 90 -12.45 -0.42 -8.61
C ARG A 90 -11.36 0.64 -8.80
N VAL A 91 -10.30 0.57 -8.01
CA VAL A 91 -9.22 1.55 -8.14
C VAL A 91 -8.57 1.41 -9.51
N PHE A 92 -8.30 0.19 -9.94
CA PHE A 92 -7.65 -0.03 -11.22
C PHE A 92 -8.57 0.33 -12.38
N ASP A 93 -9.86 -0.01 -12.24
CA ASP A 93 -10.84 0.37 -13.25
C ASP A 93 -11.37 1.76 -12.90
N LYS A 94 -10.63 2.78 -13.31
CA LYS A 94 -10.98 4.17 -12.99
C LYS A 94 -12.35 4.61 -13.49
N ASP A 95 -12.65 4.34 -14.76
CA ASP A 95 -13.95 4.74 -15.33
C ASP A 95 -14.99 3.64 -15.18
N GLY A 96 -14.62 2.57 -14.48
CA GLY A 96 -15.56 1.47 -14.28
C GLY A 96 -16.16 1.01 -15.60
N ASN A 97 -15.30 0.80 -16.59
CA ASN A 97 -15.73 0.34 -17.91
C ASN A 97 -15.71 -1.18 -17.99
N GLY A 98 -15.41 -1.84 -16.87
CA GLY A 98 -15.37 -3.29 -16.82
C GLY A 98 -14.01 -3.84 -17.24
N TYR A 99 -13.07 -2.96 -17.56
CA TYR A 99 -11.73 -3.37 -17.99
C TYR A 99 -10.64 -2.50 -17.38
N ILE A 100 -9.46 -3.09 -17.22
CA ILE A 100 -8.30 -2.36 -16.70
C ILE A 100 -7.51 -1.83 -17.89
N SER A 101 -7.45 -0.51 -18.00
CA SER A 101 -6.75 0.12 -19.11
C SER A 101 -5.26 0.35 -18.82
N ALA A 102 -4.40 0.34 -19.81
CA ALA A 102 -2.97 0.53 -19.56
C ALA A 102 -2.73 1.86 -18.86
N ALA A 103 -3.36 2.92 -19.32
CA ALA A 103 -3.17 4.24 -18.70
C ALA A 103 -3.46 4.17 -17.20
N GLU A 104 -4.50 3.44 -16.84
CA GLU A 104 -4.87 3.26 -15.43
C GLU A 104 -3.76 2.51 -14.69
N LEU A 105 -3.19 1.48 -15.30
CA LEU A 105 -2.14 0.71 -14.64
C LEU A 105 -0.88 1.58 -14.39
N ARG A 106 -0.52 2.35 -15.39
CA ARG A 106 0.68 3.20 -15.29
C ARG A 106 0.71 3.95 -13.94
N HIS A 107 -0.42 4.52 -13.53
CA HIS A 107 -0.48 5.25 -12.27
C HIS A 107 -0.18 4.32 -11.09
N VAL A 108 -0.49 3.04 -11.22
CA VAL A 108 -0.26 2.10 -10.12
C VAL A 108 1.21 2.09 -9.71
N MET A 109 2.11 2.12 -10.69
CA MET A 109 3.55 2.05 -10.42
C MET A 109 3.97 3.09 -9.37
N THR A 110 3.46 4.30 -9.61
CA THR A 110 3.79 5.45 -8.77
C THR A 110 3.43 5.18 -7.32
N ASN A 111 2.29 4.55 -7.12
CA ASN A 111 1.84 4.23 -5.77
C ASN A 111 2.78 3.21 -5.13
N LEU A 112 3.22 2.21 -5.90
CA LEU A 112 4.10 1.18 -5.36
C LEU A 112 5.57 1.64 -5.31
N GLY A 113 5.88 2.73 -6.00
CA GLY A 113 7.25 3.24 -6.02
C GLY A 113 8.12 2.38 -6.94
N GLU A 114 7.60 1.76 -7.99
CA GLU A 114 8.46 0.93 -8.85
C GLU A 114 9.15 1.77 -9.92
N LYS A 115 8.57 2.92 -10.24
CA LYS A 115 9.15 3.78 -11.28
C LYS A 115 9.60 2.92 -12.49
N LEU A 116 8.60 2.27 -13.05
CA LEU A 116 8.79 1.38 -14.23
C LEU A 116 8.92 2.16 -15.54
N THR A 117 9.71 1.61 -16.46
CA THR A 117 9.90 2.22 -17.78
C THR A 117 8.73 1.84 -18.70
N ASP A 118 8.74 2.41 -19.89
CA ASP A 118 7.72 2.09 -20.90
C ASP A 118 7.80 0.58 -21.15
N GLU A 119 9.02 0.08 -21.29
CA GLU A 119 9.25 -1.34 -21.60
C GLU A 119 8.63 -2.26 -20.56
N GLU A 120 8.92 -2.01 -19.30
CA GLU A 120 8.40 -2.87 -18.25
C GLU A 120 6.88 -2.74 -18.10
N VAL A 121 6.36 -1.56 -18.40
CA VAL A 121 4.92 -1.35 -18.31
C VAL A 121 4.21 -2.24 -19.33
N ASP A 122 4.80 -2.29 -20.53
CA ASP A 122 4.27 -3.10 -21.62
C ASP A 122 4.39 -4.60 -21.28
N GLU A 123 5.49 -4.95 -20.64
CA GLU A 123 5.73 -6.35 -20.32
C GLU A 123 4.65 -6.98 -19.44
N MET A 124 4.30 -6.25 -18.38
CA MET A 124 3.29 -6.71 -17.42
C MET A 124 1.99 -7.03 -18.17
N ILE A 125 1.60 -6.12 -19.05
CA ILE A 125 0.36 -6.30 -19.81
C ILE A 125 0.41 -7.59 -20.61
N ARG A 126 1.53 -7.84 -21.28
CA ARG A 126 1.66 -9.05 -22.09
C ARG A 126 1.47 -10.32 -21.24
N GLU A 127 2.01 -10.29 -20.03
CA GLU A 127 1.92 -11.45 -19.15
C GLU A 127 0.47 -11.88 -18.90
N ALA A 128 -0.44 -10.91 -18.71
CA ALA A 128 -1.84 -11.22 -18.43
C ALA A 128 -2.69 -11.27 -19.72
N ASP A 129 -2.15 -10.70 -20.79
CA ASP A 129 -2.88 -10.63 -22.05
C ASP A 129 -2.95 -11.98 -22.75
N ILE A 130 -3.98 -12.74 -22.40
CA ILE A 130 -4.15 -14.08 -22.94
C ILE A 130 -4.55 -14.09 -24.43
N ASP A 131 -4.97 -12.88 -24.85
CA ASP A 131 -5.39 -12.58 -26.21
C ASP A 131 -4.93 -11.17 -26.59
N GLY A 132 -4.56 -10.99 -27.85
CA GLY A 132 -4.07 -9.70 -28.32
C GLY A 132 -5.17 -8.64 -28.42
N ASP A 133 -5.92 -8.44 -27.33
CA ASP A 133 -6.97 -7.42 -27.33
C ASP A 133 -6.42 -6.08 -26.84
N GLY A 134 -5.20 -6.10 -26.31
CA GLY A 134 -4.55 -4.87 -25.88
C GLY A 134 -5.06 -4.33 -24.53
N GLN A 135 -5.98 -5.05 -23.90
CA GLN A 135 -6.54 -4.61 -22.61
C GLN A 135 -6.60 -5.76 -21.63
N VAL A 136 -6.57 -5.47 -20.34
CA VAL A 136 -6.61 -6.54 -19.33
C VAL A 136 -8.02 -6.67 -18.75
N ASN A 137 -8.63 -7.83 -18.93
CA ASN A 137 -9.99 -8.05 -18.43
C ASN A 137 -9.95 -8.51 -16.97
N TYR A 138 -11.15 -8.65 -16.38
CA TYR A 138 -11.26 -9.08 -14.99
C TYR A 138 -10.66 -10.47 -14.81
N GLU A 139 -10.92 -11.35 -15.77
CA GLU A 139 -10.41 -12.73 -15.68
C GLU A 139 -8.88 -12.74 -15.67
N GLU A 140 -8.28 -11.95 -16.56
CA GLU A 140 -6.82 -11.89 -16.62
C GLU A 140 -6.24 -11.33 -15.33
N PHE A 141 -6.93 -10.34 -14.76
CA PHE A 141 -6.48 -9.72 -13.53
C PHE A 141 -6.42 -10.74 -12.40
N VAL A 142 -7.47 -11.55 -12.30
CA VAL A 142 -7.55 -12.58 -11.25
C VAL A 142 -6.47 -13.65 -11.43
N GLN A 143 -6.36 -14.15 -12.67
CA GLN A 143 -5.38 -15.20 -12.95
C GLN A 143 -4.03 -14.84 -12.36
N MET A 144 -3.56 -13.61 -12.63
CA MET A 144 -2.25 -13.18 -12.18
C MET A 144 -2.17 -12.97 -10.68
N MET A 145 -3.25 -12.49 -10.09
CA MET A 145 -3.28 -12.27 -8.65
C MET A 145 -3.32 -13.61 -7.89
N THR A 146 -4.14 -14.55 -8.35
CA THR A 146 -4.26 -15.84 -7.68
C THR A 146 -3.18 -16.83 -8.15
N ALA A 147 -2.75 -16.74 -9.40
CA ALA A 147 -1.73 -17.66 -9.90
C ALA A 147 -0.49 -17.65 -9.00
N LYS A 148 0.00 -18.83 -8.66
CA LYS A 148 1.18 -18.94 -7.80
C LYS A 148 1.92 -20.25 -8.09
N LEU B 1 7.60 -13.38 -19.15
CA LEU B 1 8.51 -14.48 -19.58
C LEU B 1 8.27 -15.70 -18.71
N ARG B 2 8.98 -15.77 -17.58
CA ARG B 2 8.84 -16.89 -16.65
C ARG B 2 8.74 -16.39 -15.21
N ARG B 3 7.86 -17.01 -14.44
CA ARG B 3 7.67 -16.62 -13.04
C ARG B 3 7.29 -15.15 -12.97
N GLY B 4 6.40 -14.72 -13.87
CA GLY B 4 5.95 -13.33 -13.89
C GLY B 4 5.26 -12.96 -12.59
N GLN B 5 5.20 -13.93 -11.66
CA GLN B 5 4.52 -13.74 -10.39
C GLN B 5 5.14 -12.61 -9.58
N ILE B 6 6.45 -12.59 -9.52
CA ILE B 6 7.15 -11.58 -8.72
C ILE B 6 6.64 -10.16 -8.99
N LEU B 7 6.72 -9.73 -10.24
CA LEU B 7 6.32 -8.37 -10.59
C LEU B 7 4.88 -8.07 -10.15
N TRP B 8 3.94 -8.92 -10.52
CA TRP B 8 2.52 -8.70 -10.18
C TRP B 8 2.30 -8.69 -8.66
N PHE B 9 2.70 -9.79 -8.03
CA PHE B 9 2.46 -10.01 -6.61
C PHE B 9 3.03 -8.96 -5.68
N ARG B 10 4.26 -8.54 -5.94
CA ARG B 10 4.93 -7.56 -5.09
C ARG B 10 3.99 -6.44 -4.64
N GLY B 11 3.31 -5.83 -5.61
CA GLY B 11 2.38 -4.75 -5.35
C GLY B 11 1.22 -5.20 -4.47
N LEU B 12 0.68 -6.39 -4.72
CA LEU B 12 -0.44 -6.87 -3.92
C LEU B 12 -0.03 -6.91 -2.44
N ASN B 13 1.17 -7.43 -2.21
CA ASN B 13 1.67 -7.61 -0.87
C ASN B 13 1.77 -6.32 -0.07
N ARG B 14 2.33 -5.28 -0.68
CA ARG B 14 2.49 -3.98 -0.04
C ARG B 14 1.15 -3.32 0.24
N ILE B 15 0.20 -3.46 -0.66
CA ILE B 15 -1.10 -2.82 -0.46
C ILE B 15 -1.76 -3.33 0.82
N GLN B 16 -1.69 -4.61 1.09
CA GLN B 16 -2.28 -5.10 2.34
C GLN B 16 -1.71 -4.27 3.50
N THR B 17 -0.39 -4.10 3.54
CA THR B 17 0.24 -3.33 4.62
C THR B 17 -0.18 -1.85 4.59
N GLN B 18 -0.09 -1.25 3.40
CA GLN B 18 -0.37 0.18 3.21
C GLN B 18 -1.37 0.71 4.23
N ILE B 19 -2.54 0.06 4.16
CA ILE B 19 -3.71 0.36 4.98
C ILE B 19 -3.65 -0.35 6.35
N LYS B 20 -2.81 -1.34 6.54
CA LYS B 20 -2.73 -1.94 7.88
C LYS B 20 -2.33 -0.84 8.86
N VAL B 21 -1.35 -0.02 8.51
CA VAL B 21 -0.88 1.02 9.43
C VAL B 21 -1.95 2.04 9.80
N VAL B 22 -2.62 2.55 8.78
CA VAL B 22 -3.65 3.57 8.97
C VAL B 22 -4.87 3.04 9.73
N LYS B 23 -5.26 1.79 9.51
CA LYS B 23 -6.43 1.25 10.21
C LYS B 23 -6.30 1.52 11.70
N ALA B 24 -5.08 1.40 12.18
CA ALA B 24 -4.82 1.61 13.60
C ALA B 24 -5.42 2.95 14.03
N PHE B 25 -5.21 3.98 13.21
CA PHE B 25 -5.73 5.31 13.51
C PHE B 25 -7.26 5.34 13.56
N HIS B 26 -7.93 4.81 12.54
CA HIS B 26 -9.39 4.84 12.50
C HIS B 26 -10.04 3.96 13.58
N SER B 27 -9.50 2.76 13.80
CA SER B 27 -10.08 1.85 14.77
C SER B 27 -11.43 1.39 14.20
N SER B 28 -11.57 0.76 13.03
CA SER B 28 -12.92 0.35 12.62
C SER B 28 -13.91 1.51 12.67
CA CA C . 9.99 11.14 9.54
CA CA D . 4.80 11.48 20.54
CA CA E . -10.82 1.27 -17.38
CA CA F . -6.93 -9.38 -22.68
N ALA A 1 3.77 -10.46 20.85
CA ALA A 1 3.00 -9.34 20.25
C ALA A 1 3.70 -8.03 20.55
N ASP A 2 4.45 -7.99 21.65
CA ASP A 2 5.18 -6.78 22.04
C ASP A 2 6.58 -6.81 21.43
N GLN A 3 6.86 -7.81 20.58
CA GLN A 3 8.19 -7.89 19.95
C GLN A 3 9.29 -7.82 21.00
N LEU A 4 9.87 -8.97 21.32
CA LEU A 4 10.95 -9.05 22.30
C LEU A 4 12.22 -9.63 21.68
N THR A 5 12.16 -10.23 20.49
CA THR A 5 13.36 -10.79 19.87
C THR A 5 14.17 -9.68 19.22
N GLU A 6 15.48 -9.69 19.43
CA GLU A 6 16.35 -8.68 18.85
C GLU A 6 16.11 -8.54 17.34
N GLU A 7 16.34 -9.66 16.66
CA GLU A 7 16.20 -9.77 15.21
C GLU A 7 15.06 -8.90 14.70
N GLN A 8 13.97 -8.83 15.46
CA GLN A 8 12.83 -8.03 15.05
C GLN A 8 13.16 -6.54 15.15
N ILE A 9 14.00 -6.06 16.06
CA ILE A 9 14.32 -4.64 16.02
C ILE A 9 14.88 -4.38 14.62
N ALA A 10 15.75 -5.27 14.17
CA ALA A 10 16.37 -5.09 12.85
C ALA A 10 15.30 -4.90 11.76
N GLU A 11 14.33 -5.80 11.70
CA GLU A 11 13.30 -5.74 10.67
C GLU A 11 12.45 -4.46 10.77
N PHE A 12 12.04 -4.16 11.99
CA PHE A 12 11.22 -2.99 12.26
C PHE A 12 11.95 -1.70 11.88
N LYS A 13 13.24 -1.63 12.18
CA LYS A 13 14.01 -0.43 11.85
C LYS A 13 13.82 -0.08 10.38
N GLU A 14 14.11 -1.00 9.48
CA GLU A 14 13.97 -0.71 8.06
C GLU A 14 12.61 -0.08 7.78
N ALA A 15 11.59 -0.64 8.41
CA ALA A 15 10.23 -0.17 8.23
C ALA A 15 10.09 1.32 8.55
N PHE A 16 10.80 1.80 9.57
CA PHE A 16 10.69 3.20 9.97
C PHE A 16 11.01 4.17 8.82
N SER A 17 12.03 3.82 8.04
CA SER A 17 12.43 4.66 6.90
C SER A 17 11.34 4.68 5.81
N LEU A 18 10.39 3.76 5.89
CA LEU A 18 9.32 3.67 4.87
C LEU A 18 8.43 4.93 4.87
N PHE A 19 8.06 5.41 6.06
CA PHE A 19 7.18 6.61 6.15
C PHE A 19 7.95 7.85 6.59
N ASP A 20 9.15 7.66 7.11
CA ASP A 20 9.95 8.80 7.56
C ASP A 20 10.54 9.52 6.35
N LYS A 21 9.86 10.58 5.93
CA LYS A 21 10.31 11.36 4.78
C LYS A 21 11.61 12.12 5.08
N ASP A 22 11.69 12.82 6.21
CA ASP A 22 12.88 13.61 6.56
C ASP A 22 13.75 12.92 7.60
N GLY A 23 13.51 11.63 7.84
CA GLY A 23 14.30 10.89 8.83
C GLY A 23 14.65 11.74 10.05
N ASP A 24 13.66 12.44 10.60
CA ASP A 24 13.87 13.29 11.76
C ASP A 24 13.77 12.50 13.07
N GLY A 25 13.42 11.22 12.96
CA GLY A 25 13.29 10.35 14.13
C GLY A 25 11.88 10.37 14.70
N THR A 26 11.00 11.17 14.08
CA THR A 26 9.61 11.27 14.54
C THR A 26 8.68 11.33 13.34
N ILE A 27 7.43 10.93 13.55
CA ILE A 27 6.42 11.00 12.49
C ILE A 27 5.67 12.33 12.61
N THR A 28 5.69 13.06 11.50
CA THR A 28 5.06 14.40 11.47
C THR A 28 3.87 14.47 10.52
N THR A 29 3.10 15.53 10.67
CA THR A 29 1.89 15.75 9.88
C THR A 29 2.19 15.76 8.39
N LYS A 30 3.31 16.37 8.02
CA LYS A 30 3.69 16.48 6.60
C LYS A 30 3.82 15.10 5.95
N GLU A 31 4.72 14.28 6.47
CA GLU A 31 4.94 12.95 5.92
C GLU A 31 3.69 12.07 6.05
N LEU A 32 2.87 12.28 7.06
CA LEU A 32 1.67 11.46 7.20
C LEU A 32 0.79 11.65 5.96
N GLY A 33 0.46 12.92 5.73
CA GLY A 33 -0.42 13.31 4.63
C GLY A 33 0.14 12.90 3.27
N THR A 34 1.45 13.01 3.05
CA THR A 34 1.98 12.60 1.75
C THR A 34 1.63 11.13 1.51
N VAL A 35 1.95 10.23 2.43
CA VAL A 35 1.68 8.81 2.19
C VAL A 35 0.21 8.55 1.92
N MET A 36 -0.71 9.11 2.71
CA MET A 36 -2.13 8.87 2.48
C MET A 36 -2.51 9.35 1.07
N ARG A 37 -1.98 10.51 0.69
CA ARG A 37 -2.26 11.08 -0.62
C ARG A 37 -1.94 10.05 -1.72
N SER A 38 -0.81 9.37 -1.53
CA SER A 38 -0.35 8.35 -2.46
C SER A 38 -1.34 7.18 -2.48
N LEU A 39 -2.09 7.07 -1.40
CA LEU A 39 -3.09 6.00 -1.31
C LEU A 39 -4.27 6.32 -2.22
N GLY A 40 -4.24 7.48 -2.86
CA GLY A 40 -5.28 7.85 -3.80
C GLY A 40 -6.41 8.63 -3.14
N GLN A 41 -6.20 9.10 -1.91
CA GLN A 41 -7.22 9.87 -1.20
C GLN A 41 -6.81 11.34 -1.13
N ASN A 42 -7.80 12.21 -1.00
CA ASN A 42 -7.54 13.66 -0.91
C ASN A 42 -7.99 14.20 0.44
N PRO A 43 -7.37 13.79 1.53
CA PRO A 43 -7.74 14.26 2.89
C PRO A 43 -7.49 15.75 3.08
N THR A 44 -8.36 16.39 3.86
CA THR A 44 -8.22 17.82 4.14
C THR A 44 -7.17 18.04 5.21
N GLU A 45 -6.76 19.29 5.37
CA GLU A 45 -5.75 19.64 6.37
C GLU A 45 -6.18 19.22 7.76
N ALA A 46 -7.44 19.49 8.10
CA ALA A 46 -7.96 19.16 9.42
C ALA A 46 -7.78 17.68 9.74
N GLU A 47 -7.64 16.85 8.71
CA GLU A 47 -7.46 15.42 8.93
C GLU A 47 -6.11 15.15 9.59
N LEU A 48 -5.10 15.89 9.18
CA LEU A 48 -3.75 15.74 9.76
C LEU A 48 -3.82 15.90 11.28
N GLN A 49 -4.63 16.89 11.71
CA GLN A 49 -4.77 17.21 13.13
C GLN A 49 -5.55 16.15 13.89
N ASP A 50 -6.76 15.90 13.45
CA ASP A 50 -7.64 14.94 14.12
C ASP A 50 -6.97 13.57 14.29
N MET A 51 -6.41 13.04 13.21
CA MET A 51 -5.78 11.72 13.25
C MET A 51 -4.52 11.67 14.13
N ILE A 52 -3.59 12.59 13.89
CA ILE A 52 -2.35 12.60 14.69
C ILE A 52 -2.69 12.73 16.18
N ASN A 53 -3.54 13.68 16.51
CA ASN A 53 -3.91 13.91 17.91
C ASN A 53 -4.46 12.66 18.59
N GLU A 54 -5.18 11.83 17.84
CA GLU A 54 -5.77 10.63 18.43
C GLU A 54 -4.69 9.63 18.86
N VAL A 55 -3.64 9.47 18.05
CA VAL A 55 -2.58 8.52 18.38
C VAL A 55 -1.52 9.14 19.29
N ASP A 56 -1.46 10.48 19.32
CA ASP A 56 -0.42 11.18 20.07
C ASP A 56 -0.63 11.26 21.58
N ALA A 57 -0.16 10.20 22.23
CA ALA A 57 -0.33 10.03 23.66
C ALA A 57 0.33 11.11 24.52
N ASP A 58 1.52 11.58 24.10
CA ASP A 58 2.23 12.59 24.89
C ASP A 58 1.81 14.01 24.53
N GLY A 59 0.93 14.20 23.56
CA GLY A 59 0.47 15.52 23.17
C GLY A 59 1.60 16.41 22.64
N ASN A 60 2.68 15.80 22.16
CA ASN A 60 3.81 16.58 21.62
C ASN A 60 3.60 16.88 20.14
N GLY A 61 2.47 16.48 19.56
CA GLY A 61 2.17 16.82 18.18
C GLY A 61 2.75 15.87 17.14
N THR A 62 3.46 14.84 17.61
CA THR A 62 4.09 13.87 16.73
C THR A 62 4.13 12.50 17.40
N ILE A 63 4.51 11.46 16.67
CA ILE A 63 4.57 10.11 17.23
C ILE A 63 6.02 9.61 17.26
N ASP A 64 6.46 9.12 18.43
CA ASP A 64 7.82 8.60 18.58
C ASP A 64 7.82 7.07 18.61
N PHE A 65 8.98 6.48 18.89
CA PHE A 65 9.10 5.02 18.88
C PHE A 65 8.16 4.35 19.91
N PRO A 66 8.12 4.79 21.14
CA PRO A 66 7.23 4.15 22.16
C PRO A 66 5.77 4.14 21.70
N GLU A 67 5.26 5.30 21.31
CA GLU A 67 3.88 5.40 20.83
C GLU A 67 3.70 4.54 19.57
N PHE A 68 4.82 4.18 18.98
CA PHE A 68 4.81 3.35 17.77
C PHE A 68 4.49 1.90 18.13
N LEU A 69 5.31 1.30 18.99
CA LEU A 69 5.14 -0.10 19.35
C LEU A 69 3.76 -0.41 19.92
N THR A 70 3.27 0.42 20.83
CA THR A 70 1.94 0.16 21.40
C THR A 70 0.97 -0.22 20.27
N MET A 71 0.94 0.57 19.20
CA MET A 71 0.02 0.30 18.09
C MET A 71 0.38 -0.97 17.32
N MET A 72 1.66 -1.15 17.02
CA MET A 72 2.10 -2.31 16.24
C MET A 72 1.73 -3.63 16.92
N ALA A 73 1.85 -3.67 18.23
CA ALA A 73 1.55 -4.86 19.01
C ALA A 73 0.06 -5.19 19.00
N ARG A 74 -0.78 -4.16 18.99
CA ARG A 74 -2.23 -4.36 18.98
C ARG A 74 -2.81 -4.34 17.57
N LYS A 75 -1.98 -3.92 16.61
CA LYS A 75 -2.43 -3.85 15.21
C LYS A 75 -2.32 -5.22 14.56
N MET A 76 -3.16 -6.15 15.02
CA MET A 76 -3.16 -7.51 14.47
C MET A 76 -4.43 -7.77 13.66
N LYS A 77 -5.12 -6.67 13.31
CA LYS A 77 -6.37 -6.76 12.58
C LYS A 77 -6.23 -7.60 11.33
N ASP A 78 -7.17 -8.51 11.16
CA ASP A 78 -7.19 -9.42 10.01
C ASP A 78 -8.28 -9.02 9.02
N THR A 79 -8.13 -9.48 7.79
CA THR A 79 -9.09 -9.21 6.71
C THR A 79 -9.14 -10.45 5.82
N ASP A 80 -10.35 -10.83 5.46
CA ASP A 80 -10.52 -11.94 4.51
C ASP A 80 -9.85 -11.50 3.20
N SER A 81 -8.81 -12.22 2.81
CA SER A 81 -8.06 -11.89 1.58
C SER A 81 -8.98 -11.40 0.46
N GLU A 82 -10.28 -11.70 0.58
CA GLU A 82 -11.25 -11.29 -0.44
C GLU A 82 -11.47 -9.78 -0.47
N GLU A 83 -11.41 -9.16 0.69
CA GLU A 83 -11.63 -7.71 0.77
C GLU A 83 -10.80 -6.96 -0.27
N GLU A 84 -9.56 -7.41 -0.51
CA GLU A 84 -8.68 -6.74 -1.48
C GLU A 84 -8.90 -7.26 -2.90
N ILE A 85 -9.53 -8.41 -3.01
CA ILE A 85 -9.78 -8.99 -4.33
C ILE A 85 -10.66 -8.07 -5.18
N ARG A 86 -11.95 -8.02 -4.87
CA ARG A 86 -12.88 -7.18 -5.64
C ARG A 86 -12.53 -5.70 -5.58
N GLU A 87 -12.15 -5.24 -4.39
CA GLU A 87 -11.82 -3.82 -4.21
C GLU A 87 -10.65 -3.38 -5.09
N ALA A 88 -9.64 -4.23 -5.18
CA ALA A 88 -8.47 -3.92 -6.00
C ALA A 88 -8.86 -3.73 -7.46
N PHE A 89 -10.02 -4.24 -7.83
CA PHE A 89 -10.50 -4.11 -9.22
C PHE A 89 -11.00 -2.69 -9.49
N ARG A 90 -11.85 -2.20 -8.60
CA ARG A 90 -12.44 -0.86 -8.76
C ARG A 90 -11.37 0.22 -8.92
N VAL A 91 -10.30 0.15 -8.12
CA VAL A 91 -9.23 1.14 -8.22
C VAL A 91 -8.56 1.03 -9.58
N PHE A 92 -8.28 -0.17 -10.03
CA PHE A 92 -7.62 -0.36 -11.31
C PHE A 92 -8.52 0.02 -12.48
N ASP A 93 -9.80 -0.31 -12.36
CA ASP A 93 -10.77 0.08 -13.38
C ASP A 93 -11.25 1.50 -13.04
N LYS A 94 -10.45 2.49 -13.42
CA LYS A 94 -10.74 3.89 -13.10
C LYS A 94 -12.09 4.38 -13.64
N ASP A 95 -12.37 4.14 -14.92
CA ASP A 95 -13.63 4.60 -15.51
C ASP A 95 -14.72 3.54 -15.39
N GLY A 96 -14.42 2.46 -14.69
CA GLY A 96 -15.40 1.39 -14.52
C GLY A 96 -15.99 0.97 -15.86
N ASN A 97 -15.11 0.73 -16.83
CA ASN A 97 -15.52 0.30 -18.17
C ASN A 97 -15.54 -1.21 -18.27
N GLY A 98 -15.34 -1.89 -17.16
CA GLY A 98 -15.34 -3.35 -17.12
C GLY A 98 -13.98 -3.93 -17.51
N TYR A 99 -13.00 -3.06 -17.78
CA TYR A 99 -11.66 -3.51 -18.17
C TYR A 99 -10.57 -2.66 -17.53
N ILE A 100 -9.39 -3.26 -17.38
CA ILE A 100 -8.24 -2.55 -16.85
C ILE A 100 -7.43 -2.06 -18.04
N SER A 101 -7.33 -0.73 -18.16
CA SER A 101 -6.61 -0.13 -19.28
C SER A 101 -5.13 0.10 -18.96
N ALA A 102 -4.26 0.13 -19.95
CA ALA A 102 -2.84 0.33 -19.68
C ALA A 102 -2.60 1.65 -18.94
N ALA A 103 -3.21 2.72 -19.41
CA ALA A 103 -3.03 4.03 -18.76
C ALA A 103 -3.36 3.94 -17.27
N GLU A 104 -4.46 3.25 -16.95
CA GLU A 104 -4.86 3.07 -15.55
C GLU A 104 -3.81 2.28 -14.77
N LEU A 105 -3.27 1.22 -15.37
CA LEU A 105 -2.26 0.42 -14.69
C LEU A 105 -0.99 1.23 -14.39
N ARG A 106 -0.53 1.97 -15.39
CA ARG A 106 0.69 2.78 -15.24
C ARG A 106 0.73 3.47 -13.88
N HIS A 107 -0.39 4.07 -13.46
CA HIS A 107 -0.43 4.77 -12.17
C HIS A 107 -0.12 3.80 -11.02
N VAL A 108 -0.39 2.52 -11.21
CA VAL A 108 -0.14 1.55 -10.14
C VAL A 108 1.32 1.57 -9.72
N MET A 109 2.24 1.64 -10.68
CA MET A 109 3.66 1.61 -10.37
C MET A 109 4.03 2.65 -9.30
N THR A 110 3.55 3.86 -9.54
CA THR A 110 3.84 5.00 -8.69
C THR A 110 3.50 4.69 -7.24
N ASN A 111 2.40 3.97 -7.04
CA ASN A 111 2.01 3.61 -5.69
C ASN A 111 3.03 2.66 -5.06
N LEU A 112 3.56 1.73 -5.86
CA LEU A 112 4.51 0.75 -5.35
C LEU A 112 5.95 1.30 -5.34
N GLY A 113 6.16 2.43 -6.01
CA GLY A 113 7.49 3.03 -6.08
C GLY A 113 8.38 2.22 -7.02
N GLU A 114 7.89 1.69 -8.14
CA GLU A 114 8.76 0.89 -9.02
C GLU A 114 9.46 1.79 -10.06
N LYS A 115 8.90 2.95 -10.35
CA LYS A 115 9.51 3.84 -11.35
C LYS A 115 9.94 3.03 -12.58
N LEU A 116 8.94 2.38 -13.14
CA LEU A 116 9.10 1.53 -14.34
C LEU A 116 9.27 2.35 -15.64
N THR A 117 10.00 1.77 -16.61
CA THR A 117 10.23 2.42 -17.90
C THR A 117 9.06 2.15 -18.85
N ASP A 118 9.09 2.78 -20.02
CA ASP A 118 8.07 2.54 -21.03
C ASP A 118 7.99 1.04 -21.30
N GLU A 119 9.17 0.42 -21.44
CA GLU A 119 9.26 -1.00 -21.78
C GLU A 119 8.49 -1.87 -20.79
N GLU A 120 8.60 -1.55 -19.51
CA GLU A 120 7.92 -2.33 -18.48
C GLU A 120 6.41 -2.14 -18.54
N VAL A 121 5.95 -0.98 -18.98
CA VAL A 121 4.52 -0.72 -19.08
C VAL A 121 3.88 -1.66 -20.08
N ASP A 122 4.57 -1.83 -21.21
CA ASP A 122 4.10 -2.71 -22.26
C ASP A 122 4.30 -4.18 -21.88
N GLU A 123 5.39 -4.45 -21.19
CA GLU A 123 5.73 -5.82 -20.82
C GLU A 123 4.67 -6.49 -19.93
N MET A 124 4.36 -5.81 -18.84
CA MET A 124 3.37 -6.31 -17.87
C MET A 124 2.09 -6.70 -18.58
N ILE A 125 1.57 -5.78 -19.37
CA ILE A 125 0.31 -6.03 -20.09
C ILE A 125 0.42 -7.28 -20.94
N ARG A 126 1.53 -7.46 -21.62
CA ARG A 126 1.72 -8.64 -22.47
C ARG A 126 1.63 -9.93 -21.66
N GLU A 127 2.14 -9.91 -20.43
CA GLU A 127 2.14 -11.10 -19.58
C GLU A 127 0.72 -11.63 -19.35
N ALA A 128 -0.25 -10.73 -19.15
CA ALA A 128 -1.63 -11.15 -18.89
C ALA A 128 -2.46 -11.20 -20.18
N ASP A 129 -1.95 -10.58 -21.22
CA ASP A 129 -2.68 -10.51 -22.49
C ASP A 129 -2.59 -11.82 -23.27
N ILE A 130 -3.46 -12.74 -22.89
CA ILE A 130 -3.48 -14.07 -23.50
C ILE A 130 -4.00 -14.06 -24.94
N ASP A 131 -4.48 -12.88 -25.31
CA ASP A 131 -5.02 -12.57 -26.64
C ASP A 131 -4.65 -11.14 -27.02
N GLY A 132 -4.36 -10.90 -28.29
CA GLY A 132 -3.96 -9.56 -28.75
C GLY A 132 -5.13 -8.57 -28.80
N ASP A 133 -5.88 -8.45 -27.70
CA ASP A 133 -7.00 -7.51 -27.67
C ASP A 133 -6.53 -6.14 -27.14
N GLY A 134 -5.30 -6.10 -26.62
CA GLY A 134 -4.70 -4.86 -26.17
C GLY A 134 -5.23 -4.35 -24.83
N GLN A 135 -6.16 -5.09 -24.22
CA GLN A 135 -6.73 -4.69 -22.93
C GLN A 135 -6.76 -5.86 -21.96
N VAL A 136 -6.72 -5.59 -20.67
CA VAL A 136 -6.73 -6.67 -19.67
C VAL A 136 -8.13 -6.85 -19.11
N ASN A 137 -8.71 -8.02 -19.31
CA ASN A 137 -10.07 -8.31 -18.83
C ASN A 137 -10.03 -8.76 -17.37
N TYR A 138 -11.22 -8.90 -16.79
CA TYR A 138 -11.33 -9.34 -15.40
C TYR A 138 -10.72 -10.73 -15.23
N GLU A 139 -10.96 -11.60 -16.21
CA GLU A 139 -10.43 -12.96 -16.15
C GLU A 139 -8.90 -12.94 -16.13
N GLU A 140 -8.28 -12.13 -16.97
CA GLU A 140 -6.83 -12.05 -17.01
C GLU A 140 -6.28 -11.51 -15.69
N PHE A 141 -7.00 -10.56 -15.11
CA PHE A 141 -6.59 -9.96 -13.84
C PHE A 141 -6.55 -11.02 -12.74
N VAL A 142 -7.58 -11.84 -12.69
CA VAL A 142 -7.66 -12.89 -11.66
C VAL A 142 -6.55 -13.93 -11.84
N GLN A 143 -6.37 -14.38 -13.08
CA GLN A 143 -5.34 -15.38 -13.35
C GLN A 143 -4.00 -14.93 -12.75
N MET A 144 -3.68 -13.66 -12.92
CA MET A 144 -2.42 -13.11 -12.45
C MET A 144 -2.36 -12.91 -10.93
N MET A 145 -3.44 -12.45 -10.35
CA MET A 145 -3.49 -12.21 -8.90
C MET A 145 -3.66 -13.52 -8.12
N THR A 146 -4.55 -14.39 -8.59
CA THR A 146 -4.80 -15.66 -7.92
C THR A 146 -3.86 -16.76 -8.44
N ALA A 147 -2.66 -16.37 -8.83
CA ALA A 147 -1.70 -17.34 -9.36
C ALA A 147 -1.66 -18.59 -8.49
N LYS A 148 -1.62 -18.41 -7.17
CA LYS A 148 -1.58 -19.54 -6.25
C LYS A 148 -2.99 -20.10 -6.03
N LEU B 1 6.44 -17.99 -20.10
CA LEU B 1 6.47 -18.27 -18.64
C LEU B 1 7.84 -17.88 -18.08
N ARG B 2 7.82 -17.13 -16.99
CA ARG B 2 9.06 -16.69 -16.36
C ARG B 2 8.80 -16.25 -14.92
N ARG B 3 8.06 -17.07 -14.19
CA ARG B 3 7.74 -16.76 -12.80
C ARG B 3 7.26 -15.32 -12.70
N GLY B 4 6.37 -14.92 -13.60
CA GLY B 4 5.82 -13.57 -13.60
C GLY B 4 5.13 -13.26 -12.28
N GLN B 5 5.15 -14.22 -11.37
CA GLN B 5 4.49 -14.05 -10.07
C GLN B 5 5.06 -12.87 -9.30
N ILE B 6 6.37 -12.72 -9.32
CA ILE B 6 7.01 -11.64 -8.59
C ILE B 6 6.49 -10.26 -9.01
N LEU B 7 6.49 -10.00 -10.30
CA LEU B 7 6.05 -8.70 -10.82
C LEU B 7 4.62 -8.34 -10.36
N TRP B 8 3.65 -9.15 -10.76
CA TRP B 8 2.26 -8.88 -10.41
C TRP B 8 2.02 -8.91 -8.90
N PHE B 9 2.37 -10.04 -8.30
CA PHE B 9 2.12 -10.30 -6.89
C PHE B 9 2.75 -9.32 -5.91
N ARG B 10 4.03 -9.04 -6.08
CA ARG B 10 4.74 -8.16 -5.17
C ARG B 10 3.91 -6.97 -4.70
N GLY B 11 3.35 -6.25 -5.68
CA GLY B 11 2.54 -5.07 -5.40
C GLY B 11 1.32 -5.43 -4.56
N LEU B 12 0.68 -6.57 -4.83
CA LEU B 12 -0.49 -6.93 -4.03
C LEU B 12 -0.11 -6.99 -2.55
N ASN B 13 1.06 -7.55 -2.30
CA ASN B 13 1.53 -7.75 -0.93
C ASN B 13 1.68 -6.47 -0.12
N ARG B 14 2.40 -5.49 -0.70
CA ARG B 14 2.64 -4.21 -0.04
C ARG B 14 1.36 -3.39 0.15
N ILE B 15 0.49 -3.41 -0.83
CA ILE B 15 -0.73 -2.63 -0.72
C ILE B 15 -1.52 -3.08 0.50
N GLN B 16 -1.60 -4.37 0.76
CA GLN B 16 -2.31 -4.81 1.97
C GLN B 16 -1.74 -3.99 3.15
N THR B 17 -0.42 -3.87 3.23
CA THR B 17 0.20 -3.13 4.33
C THR B 17 -0.19 -1.65 4.33
N GLN B 18 -0.08 -1.01 3.15
CA GLN B 18 -0.35 0.43 3.01
C GLN B 18 -1.36 0.92 4.05
N ILE B 19 -2.52 0.27 4.00
CA ILE B 19 -3.66 0.55 4.86
C ILE B 19 -3.56 -0.20 6.22
N LYS B 20 -2.69 -1.17 6.38
CA LYS B 20 -2.59 -1.79 7.71
C LYS B 20 -2.19 -0.71 8.71
N VAL B 21 -1.22 0.13 8.37
CA VAL B 21 -0.75 1.16 9.30
C VAL B 21 -1.84 2.15 9.72
N VAL B 22 -2.52 2.68 8.70
CA VAL B 22 -3.55 3.68 8.94
C VAL B 22 -4.75 3.10 9.71
N LYS B 23 -5.12 1.85 9.47
CA LYS B 23 -6.26 1.27 10.18
C LYS B 23 -6.11 1.51 11.68
N ALA B 24 -4.87 1.41 12.13
CA ALA B 24 -4.59 1.61 13.55
C ALA B 24 -5.21 2.94 14.01
N PHE B 25 -5.02 3.98 13.21
CA PHE B 25 -5.56 5.31 13.55
C PHE B 25 -7.09 5.31 13.59
N HIS B 26 -7.75 4.78 12.57
CA HIS B 26 -9.22 4.78 12.55
C HIS B 26 -9.85 3.86 13.60
N SER B 27 -9.27 2.67 13.80
CA SER B 27 -9.85 1.71 14.73
C SER B 27 -11.19 1.25 14.15
N SER B 28 -11.31 0.64 12.97
CA SER B 28 -12.67 0.23 12.56
C SER B 28 -13.66 1.37 12.70
CA CA C . 9.72 11.49 9.70
CA CA D . 4.73 11.53 20.84
CA CA E . -10.85 1.09 -17.66
CA CA F . -6.80 -9.47 -23.03
N ALA A 1 1.80 -9.14 20.99
CA ALA A 1 3.24 -9.37 20.69
C ALA A 1 3.97 -8.02 20.76
N ASP A 2 4.93 -7.92 21.69
CA ASP A 2 5.71 -6.70 21.85
C ASP A 2 7.11 -6.89 21.28
N GLN A 3 7.30 -7.95 20.48
CA GLN A 3 8.63 -8.20 19.90
C GLN A 3 9.70 -8.20 20.99
N LEU A 4 10.16 -9.40 21.34
CA LEU A 4 11.20 -9.58 22.36
C LEU A 4 12.51 -10.04 21.71
N THR A 5 12.47 -10.64 20.52
CA THR A 5 13.72 -11.08 19.89
C THR A 5 14.43 -9.89 19.24
N GLU A 6 15.74 -9.81 19.42
CA GLU A 6 16.53 -8.72 18.86
C GLU A 6 16.26 -8.55 17.37
N GLU A 7 16.47 -9.67 16.66
CA GLU A 7 16.29 -9.74 15.20
C GLU A 7 15.09 -8.91 14.76
N GLN A 8 14.04 -8.90 15.58
CA GLN A 8 12.83 -8.14 15.25
C GLN A 8 13.09 -6.64 15.35
N ILE A 9 13.95 -6.15 16.24
CA ILE A 9 14.22 -4.71 16.21
C ILE A 9 14.77 -4.44 14.81
N ALA A 10 15.69 -5.27 14.36
CA ALA A 10 16.30 -5.03 13.06
C ALA A 10 15.24 -4.84 11.97
N GLU A 11 14.28 -5.76 11.91
CA GLU A 11 13.24 -5.71 10.88
C GLU A 11 12.40 -4.44 10.99
N PHE A 12 11.99 -4.14 12.22
CA PHE A 12 11.16 -2.97 12.49
C PHE A 12 11.89 -1.68 12.13
N LYS A 13 13.19 -1.61 12.43
CA LYS A 13 13.96 -0.43 12.14
C LYS A 13 13.79 -0.02 10.68
N GLU A 14 14.03 -0.95 9.75
CA GLU A 14 13.91 -0.60 8.34
C GLU A 14 12.54 0.04 8.08
N ALA A 15 11.52 -0.50 8.73
CA ALA A 15 10.16 -0.02 8.55
C ALA A 15 10.05 1.48 8.86
N PHE A 16 10.77 1.95 9.87
CA PHE A 16 10.69 3.36 10.26
C PHE A 16 11.06 4.31 9.11
N SER A 17 12.10 3.96 8.36
CA SER A 17 12.56 4.77 7.23
C SER A 17 11.52 4.85 6.12
N LEU A 18 10.52 3.96 6.16
CA LEU A 18 9.48 3.93 5.12
C LEU A 18 8.64 5.21 5.11
N PHE A 19 8.27 5.71 6.30
CA PHE A 19 7.42 6.93 6.38
C PHE A 19 8.22 8.16 6.81
N ASP A 20 9.42 7.95 7.31
CA ASP A 20 10.25 9.08 7.73
C ASP A 20 10.82 9.80 6.51
N LYS A 21 10.10 10.84 6.07
CA LYS A 21 10.53 11.62 4.91
C LYS A 21 11.79 12.45 5.21
N ASP A 22 11.82 13.16 6.34
CA ASP A 22 12.98 14.02 6.68
C ASP A 22 13.88 13.37 7.73
N GLY A 23 13.70 12.08 7.96
CA GLY A 23 14.53 11.37 8.94
C GLY A 23 14.86 12.25 10.16
N ASP A 24 13.85 12.92 10.71
CA ASP A 24 14.04 13.80 11.86
C ASP A 24 13.94 13.01 13.17
N GLY A 25 13.62 11.72 13.05
CA GLY A 25 13.50 10.85 14.23
C GLY A 25 12.09 10.88 14.80
N THR A 26 11.22 11.69 14.19
CA THR A 26 9.83 11.81 14.66
C THR A 26 8.88 11.83 13.46
N ILE A 27 7.66 11.36 13.69
CA ILE A 27 6.64 11.37 12.65
C ILE A 27 5.83 12.67 12.78
N THR A 28 5.77 13.42 11.68
CA THR A 28 5.07 14.72 11.66
C THR A 28 3.85 14.69 10.76
N THR A 29 3.00 15.69 10.94
CA THR A 29 1.77 15.82 10.21
C THR A 29 2.01 15.90 8.70
N LYS A 30 3.07 16.60 8.33
CA LYS A 30 3.40 16.78 6.91
C LYS A 30 3.68 15.44 6.23
N GLU A 31 4.65 14.70 6.75
CA GLU A 31 5.00 13.39 6.17
C GLU A 31 3.85 12.39 6.27
N LEU A 32 3.01 12.50 7.29
CA LEU A 32 1.90 11.57 7.39
C LEU A 32 0.98 11.70 6.16
N GLY A 33 0.60 12.96 5.93
CA GLY A 33 -0.32 13.31 4.84
C GLY A 33 0.23 12.93 3.47
N THR A 34 1.54 13.02 3.25
CA THR A 34 2.09 12.61 1.94
C THR A 34 1.72 11.14 1.70
N VAL A 35 2.02 10.23 2.63
CA VAL A 35 1.73 8.82 2.38
C VAL A 35 0.25 8.60 2.08
N MET A 36 -0.68 9.17 2.84
CA MET A 36 -2.10 8.96 2.59
C MET A 36 -2.44 9.44 1.18
N ARG A 37 -1.87 10.56 0.78
CA ARG A 37 -2.13 11.11 -0.55
C ARG A 37 -1.86 10.05 -1.63
N SER A 38 -0.82 9.25 -1.37
CA SER A 38 -0.43 8.17 -2.28
C SER A 38 -1.55 7.13 -2.41
N LEU A 39 -2.44 7.12 -1.43
CA LEU A 39 -3.56 6.17 -1.47
C LEU A 39 -4.60 6.64 -2.49
N GLY A 40 -4.31 7.73 -3.18
CA GLY A 40 -5.22 8.24 -4.20
C GLY A 40 -6.36 9.05 -3.61
N GLN A 41 -6.22 9.48 -2.35
CA GLN A 41 -7.25 10.28 -1.70
C GLN A 41 -6.77 11.71 -1.52
N ASN A 42 -7.72 12.62 -1.33
CA ASN A 42 -7.41 14.04 -1.12
C ASN A 42 -7.77 14.46 0.30
N PRO A 43 -7.05 13.99 1.30
CA PRO A 43 -7.35 14.33 2.72
C PRO A 43 -7.12 15.81 3.01
N THR A 44 -7.99 16.38 3.83
CA THR A 44 -7.87 17.79 4.20
C THR A 44 -6.85 17.95 5.32
N GLU A 45 -6.29 19.15 5.45
CA GLU A 45 -5.30 19.41 6.47
C GLU A 45 -5.83 19.03 7.86
N ALA A 46 -7.09 19.36 8.11
CA ALA A 46 -7.70 19.06 9.40
C ALA A 46 -7.61 17.56 9.72
N GLU A 47 -7.53 16.72 8.69
CA GLU A 47 -7.44 15.28 8.92
C GLU A 47 -6.13 14.93 9.63
N LEU A 48 -5.07 15.61 9.24
CA LEU A 48 -3.75 15.36 9.84
C LEU A 48 -3.82 15.54 11.36
N GLN A 49 -4.56 16.58 11.76
CA GLN A 49 -4.71 16.94 13.18
C GLN A 49 -5.53 15.89 13.92
N ASP A 50 -6.75 15.66 13.45
CA ASP A 50 -7.65 14.72 14.11
C ASP A 50 -7.01 13.35 14.34
N MET A 51 -6.40 12.78 13.31
CA MET A 51 -5.79 11.46 13.42
C MET A 51 -4.52 11.46 14.28
N ILE A 52 -3.66 12.44 14.07
CA ILE A 52 -2.40 12.51 14.82
C ILE A 52 -2.70 12.59 16.32
N ASN A 53 -3.61 13.47 16.71
CA ASN A 53 -3.93 13.64 18.13
C ASN A 53 -4.39 12.34 18.79
N GLU A 54 -5.09 11.49 18.05
CA GLU A 54 -5.59 10.25 18.61
C GLU A 54 -4.45 9.30 18.98
N VAL A 55 -3.42 9.23 18.14
CA VAL A 55 -2.30 8.32 18.41
C VAL A 55 -1.26 8.97 19.33
N ASP A 56 -1.26 10.31 19.38
CA ASP A 56 -0.24 11.05 20.13
C ASP A 56 -0.45 11.11 21.63
N ALA A 57 0.06 10.06 22.28
CA ALA A 57 -0.13 9.87 23.71
C ALA A 57 0.48 10.95 24.56
N ASP A 58 1.66 11.44 24.18
CA ASP A 58 2.34 12.47 24.96
C ASP A 58 1.86 13.88 24.61
N GLY A 59 0.97 14.03 23.63
CA GLY A 59 0.46 15.33 23.24
C GLY A 59 1.55 16.29 22.76
N ASN A 60 2.67 15.74 22.29
CA ASN A 60 3.77 16.57 21.78
C ASN A 60 3.56 16.88 20.30
N GLY A 61 2.45 16.48 19.72
CA GLY A 61 2.14 16.84 18.35
C GLY A 61 2.78 15.92 17.31
N THR A 62 3.50 14.92 17.79
CA THR A 62 4.18 13.96 16.91
C THR A 62 4.23 12.60 17.57
N ILE A 63 4.58 11.57 16.80
CA ILE A 63 4.65 10.20 17.34
C ILE A 63 6.09 9.72 17.36
N ASP A 64 6.54 9.23 18.52
CA ASP A 64 7.90 8.72 18.69
C ASP A 64 7.92 7.19 18.70
N PHE A 65 9.08 6.59 18.96
CA PHE A 65 9.21 5.14 18.92
C PHE A 65 8.26 4.42 19.91
N PRO A 66 8.18 4.84 21.15
CA PRO A 66 7.28 4.18 22.13
C PRO A 66 5.82 4.14 21.64
N GLU A 67 5.32 5.31 21.23
CA GLU A 67 3.95 5.41 20.72
C GLU A 67 3.77 4.60 19.43
N PHE A 68 4.90 4.31 18.79
CA PHE A 68 4.88 3.52 17.56
C PHE A 68 4.54 2.08 17.90
N LEU A 69 5.32 1.44 18.74
CA LEU A 69 5.10 0.03 19.06
C LEU A 69 3.70 -0.25 19.64
N THR A 70 3.23 0.58 20.56
CA THR A 70 1.90 0.35 21.15
C THR A 70 0.89 -0.08 20.06
N MET A 71 0.70 0.75 19.05
CA MET A 71 -0.30 0.44 18.02
C MET A 71 0.07 -0.81 17.21
N MET A 72 1.33 -0.94 16.87
CA MET A 72 1.79 -2.09 16.08
C MET A 72 1.51 -3.43 16.77
N ALA A 73 1.69 -3.47 18.08
CA ALA A 73 1.48 -4.70 18.85
C ALA A 73 0.02 -5.13 18.83
N ARG A 74 -0.90 -4.16 18.82
CA ARG A 74 -2.34 -4.47 18.80
C ARG A 74 -2.89 -4.45 17.38
N LYS A 75 -2.08 -3.98 16.43
CA LYS A 75 -2.54 -3.91 15.03
C LYS A 75 -2.40 -5.27 14.36
N MET A 76 -3.22 -6.23 14.82
CA MET A 76 -3.20 -7.58 14.26
C MET A 76 -4.46 -7.84 13.44
N LYS A 77 -5.14 -6.77 13.09
CA LYS A 77 -6.38 -6.86 12.35
C LYS A 77 -6.23 -7.70 11.09
N ASP A 78 -7.16 -8.64 10.92
CA ASP A 78 -7.14 -9.55 9.77
C ASP A 78 -8.24 -9.16 8.78
N THR A 79 -7.96 -9.40 7.50
CA THR A 79 -8.90 -9.13 6.41
C THR A 79 -8.92 -10.35 5.52
N ASP A 80 -10.13 -10.77 5.15
CA ASP A 80 -10.29 -11.87 4.21
C ASP A 80 -9.66 -11.42 2.89
N SER A 81 -8.61 -12.13 2.47
CA SER A 81 -7.89 -11.81 1.23
C SER A 81 -8.84 -11.34 0.13
N GLU A 82 -10.13 -11.69 0.26
CA GLU A 82 -11.13 -11.33 -0.74
C GLU A 82 -11.39 -9.81 -0.76
N GLU A 83 -11.32 -9.20 0.41
CA GLU A 83 -11.58 -7.77 0.53
C GLU A 83 -10.79 -6.97 -0.51
N GLU A 84 -9.55 -7.39 -0.80
CA GLU A 84 -8.71 -6.67 -1.76
C GLU A 84 -8.94 -7.16 -3.20
N ILE A 85 -9.52 -8.34 -3.32
CA ILE A 85 -9.79 -8.91 -4.64
C ILE A 85 -10.74 -8.01 -5.43
N ARG A 86 -12.02 -8.03 -5.07
CA ARG A 86 -13.02 -7.25 -5.80
C ARG A 86 -12.75 -5.74 -5.73
N GLU A 87 -12.35 -5.28 -4.55
CA GLU A 87 -12.10 -3.84 -4.35
C GLU A 87 -10.99 -3.33 -5.25
N ALA A 88 -9.93 -4.13 -5.39
CA ALA A 88 -8.80 -3.76 -6.22
C ALA A 88 -9.22 -3.57 -7.69
N PHE A 89 -10.36 -4.16 -8.04
CA PHE A 89 -10.86 -4.04 -9.39
C PHE A 89 -11.40 -2.63 -9.66
N ARG A 90 -12.25 -2.15 -8.76
CA ARG A 90 -12.86 -0.81 -8.91
C ARG A 90 -11.81 0.28 -9.07
N VAL A 91 -10.74 0.23 -8.27
CA VAL A 91 -9.68 1.25 -8.37
C VAL A 91 -9.01 1.15 -9.72
N PHE A 92 -8.70 -0.06 -10.17
CA PHE A 92 -8.01 -0.24 -11.43
C PHE A 92 -8.90 0.14 -12.61
N ASP A 93 -10.18 -0.19 -12.50
CA ASP A 93 -11.13 0.22 -13.53
C ASP A 93 -11.60 1.64 -13.22
N LYS A 94 -10.78 2.63 -13.60
CA LYS A 94 -11.07 4.03 -13.29
C LYS A 94 -12.41 4.54 -13.85
N ASP A 95 -12.67 4.28 -15.13
CA ASP A 95 -13.92 4.74 -15.75
C ASP A 95 -15.02 3.69 -15.65
N GLY A 96 -14.73 2.60 -14.94
CA GLY A 96 -15.72 1.54 -14.78
C GLY A 96 -16.29 1.11 -16.12
N ASN A 97 -15.40 0.90 -17.10
CA ASN A 97 -15.81 0.48 -18.44
C ASN A 97 -15.84 -1.04 -18.54
N GLY A 98 -15.66 -1.70 -17.41
CA GLY A 98 -15.68 -3.17 -17.37
C GLY A 98 -14.33 -3.76 -17.76
N TYR A 99 -13.34 -2.90 -18.01
CA TYR A 99 -12.01 -3.37 -18.42
C TYR A 99 -10.90 -2.54 -17.76
N ILE A 100 -9.75 -3.18 -17.58
CA ILE A 100 -8.59 -2.49 -17.01
C ILE A 100 -7.75 -1.96 -18.15
N SER A 101 -7.65 -0.63 -18.23
CA SER A 101 -6.90 0.01 -19.31
C SER A 101 -5.43 0.19 -18.96
N ALA A 102 -4.53 0.18 -19.94
CA ALA A 102 -3.11 0.32 -19.65
C ALA A 102 -2.85 1.63 -18.91
N ALA A 103 -3.44 2.72 -19.37
CA ALA A 103 -3.23 4.02 -18.74
C ALA A 103 -3.59 3.95 -17.25
N GLU A 104 -4.67 3.26 -16.94
CA GLU A 104 -5.12 3.09 -15.55
C GLU A 104 -4.09 2.28 -14.75
N LEU A 105 -3.57 1.21 -15.35
CA LEU A 105 -2.59 0.39 -14.65
C LEU A 105 -1.31 1.18 -14.34
N ARG A 106 -0.84 1.93 -15.33
CA ARG A 106 0.38 2.73 -15.15
C ARG A 106 0.43 3.40 -13.77
N HIS A 107 -0.69 3.98 -13.34
CA HIS A 107 -0.75 4.66 -12.04
C HIS A 107 -0.44 3.69 -10.90
N VAL A 108 -0.68 2.41 -11.12
CA VAL A 108 -0.44 1.42 -10.07
C VAL A 108 1.03 1.44 -9.64
N MET A 109 1.94 1.54 -10.60
CA MET A 109 3.37 1.50 -10.32
C MET A 109 3.75 2.53 -9.25
N THR A 110 3.22 3.73 -9.44
CA THR A 110 3.50 4.86 -8.56
C THR A 110 3.05 4.59 -7.14
N ASN A 111 1.93 3.89 -7.00
CA ASN A 111 1.40 3.59 -5.69
C ASN A 111 2.35 2.66 -4.92
N LEU A 112 2.90 1.68 -5.62
CA LEU A 112 3.80 0.72 -4.97
C LEU A 112 5.27 1.18 -4.99
N GLY A 113 5.54 2.26 -5.72
CA GLY A 113 6.90 2.81 -5.84
C GLY A 113 7.76 1.93 -6.76
N GLU A 114 7.27 1.42 -7.88
CA GLU A 114 8.12 0.58 -8.73
C GLU A 114 8.87 1.42 -9.77
N LYS A 115 8.31 2.57 -10.12
CA LYS A 115 8.95 3.44 -11.11
C LYS A 115 9.41 2.63 -12.33
N LEU A 116 8.41 2.06 -12.98
CA LEU A 116 8.63 1.23 -14.19
C LEU A 116 8.79 2.07 -15.48
N THR A 117 9.61 1.55 -16.41
CA THR A 117 9.83 2.21 -17.69
C THR A 117 8.70 1.85 -18.65
N ASP A 118 8.73 2.47 -19.83
CA ASP A 118 7.75 2.16 -20.86
C ASP A 118 7.86 0.65 -21.16
N GLU A 119 9.10 0.19 -21.31
CA GLU A 119 9.36 -1.21 -21.67
C GLU A 119 8.75 -2.19 -20.66
N GLU A 120 8.99 -1.95 -19.38
CA GLU A 120 8.49 -2.84 -18.36
C GLU A 120 6.97 -2.78 -18.24
N VAL A 121 6.40 -1.61 -18.52
CA VAL A 121 4.96 -1.45 -18.46
C VAL A 121 4.30 -2.35 -19.51
N ASP A 122 4.92 -2.37 -20.68
CA ASP A 122 4.44 -3.20 -21.78
C ASP A 122 4.63 -4.68 -21.45
N GLU A 123 5.72 -4.98 -20.77
CA GLU A 123 6.02 -6.38 -20.44
C GLU A 123 4.94 -7.04 -19.59
N MET A 124 4.59 -6.36 -18.50
CA MET A 124 3.57 -6.86 -17.58
C MET A 124 2.27 -7.09 -18.35
N ILE A 125 1.93 -6.15 -19.21
CA ILE A 125 0.68 -6.22 -19.98
C ILE A 125 0.64 -7.49 -20.82
N ARG A 126 1.74 -7.81 -21.50
CA ARG A 126 1.80 -9.00 -22.34
C ARG A 126 1.58 -10.27 -21.52
N GLU A 127 2.10 -10.28 -20.29
CA GLU A 127 1.98 -11.45 -19.43
C GLU A 127 0.52 -11.84 -19.20
N ALA A 128 -0.35 -10.85 -19.01
CA ALA A 128 -1.77 -11.13 -18.74
C ALA A 128 -2.58 -11.16 -20.04
N ASP A 129 -2.04 -10.54 -21.08
CA ASP A 129 -2.75 -10.47 -22.37
C ASP A 129 -2.67 -11.77 -23.14
N ILE A 130 -3.55 -12.68 -22.79
CA ILE A 130 -3.58 -14.01 -23.41
C ILE A 130 -4.04 -13.98 -24.87
N ASP A 131 -4.55 -12.80 -25.24
CA ASP A 131 -5.06 -12.49 -26.57
C ASP A 131 -4.69 -11.05 -26.92
N GLY A 132 -4.37 -10.80 -28.20
CA GLY A 132 -3.97 -9.47 -28.66
C GLY A 132 -5.12 -8.47 -28.73
N ASP A 133 -5.89 -8.34 -27.65
CA ASP A 133 -7.01 -7.40 -27.63
C ASP A 133 -6.53 -6.04 -27.09
N GLY A 134 -5.31 -6.00 -26.58
CA GLY A 134 -4.73 -4.73 -26.12
C GLY A 134 -5.26 -4.24 -24.78
N GLN A 135 -6.17 -5.01 -24.17
CA GLN A 135 -6.76 -4.63 -22.88
C GLN A 135 -6.77 -5.80 -21.93
N VAL A 136 -6.76 -5.53 -20.62
CA VAL A 136 -6.76 -6.62 -19.63
C VAL A 136 -8.17 -6.79 -19.07
N ASN A 137 -8.76 -7.98 -19.28
CA ASN A 137 -10.11 -8.24 -18.80
C ASN A 137 -10.08 -8.71 -17.33
N TYR A 138 -11.27 -8.88 -16.76
CA TYR A 138 -11.39 -9.33 -15.37
C TYR A 138 -10.76 -10.72 -15.21
N GLU A 139 -10.99 -11.58 -16.19
CA GLU A 139 -10.45 -12.93 -16.14
C GLU A 139 -8.92 -12.91 -16.11
N GLU A 140 -8.32 -12.09 -16.96
CA GLU A 140 -6.86 -12.00 -17.00
C GLU A 140 -6.32 -11.46 -15.68
N PHE A 141 -7.05 -10.51 -15.09
CA PHE A 141 -6.64 -9.91 -13.83
C PHE A 141 -6.57 -10.96 -12.73
N VAL A 142 -7.60 -11.80 -12.67
CA VAL A 142 -7.66 -12.85 -11.65
C VAL A 142 -6.55 -13.88 -11.85
N GLN A 143 -6.38 -14.32 -13.09
CA GLN A 143 -5.35 -15.32 -13.38
C GLN A 143 -4.02 -14.90 -12.77
N MET A 144 -3.65 -13.63 -12.97
CA MET A 144 -2.37 -13.12 -12.50
C MET A 144 -2.30 -12.96 -10.97
N MET A 145 -3.41 -12.54 -10.38
CA MET A 145 -3.46 -12.36 -8.93
C MET A 145 -3.45 -13.71 -8.22
N THR A 146 -4.24 -14.65 -8.71
CA THR A 146 -4.30 -15.99 -8.08
C THR A 146 -3.17 -16.89 -8.55
N ALA A 147 -2.71 -16.71 -9.79
CA ALA A 147 -1.62 -17.55 -10.32
C ALA A 147 -0.55 -17.82 -9.25
N LYS A 148 -0.52 -19.07 -8.76
CA LYS A 148 0.45 -19.46 -7.75
C LYS A 148 0.69 -20.97 -7.80
N LEU B 1 6.80 -21.01 -16.86
CA LEU B 1 8.29 -21.00 -16.73
C LEU B 1 8.78 -19.57 -16.58
N ARG B 2 8.02 -18.63 -17.15
CA ARG B 2 8.39 -17.22 -17.08
C ARG B 2 8.34 -16.74 -15.63
N ARG B 3 7.34 -17.22 -14.89
CA ARG B 3 7.17 -16.83 -13.50
C ARG B 3 7.01 -15.31 -13.41
N GLY B 4 6.23 -14.73 -14.33
CA GLY B 4 6.01 -13.28 -14.32
C GLY B 4 5.26 -12.85 -13.07
N GLN B 5 5.03 -13.81 -12.17
CA GLN B 5 4.28 -13.54 -10.95
C GLN B 5 4.95 -12.48 -10.10
N ILE B 6 6.26 -12.54 -9.99
CA ILE B 6 7.01 -11.57 -9.17
C ILE B 6 6.43 -10.16 -9.31
N LEU B 7 6.56 -9.58 -10.48
CA LEU B 7 6.12 -8.19 -10.68
C LEU B 7 4.66 -7.98 -10.25
N TRP B 8 3.76 -8.86 -10.67
CA TRP B 8 2.34 -8.72 -10.32
C TRP B 8 2.12 -8.76 -8.80
N PHE B 9 2.55 -9.87 -8.20
CA PHE B 9 2.32 -10.14 -6.78
C PHE B 9 2.92 -9.13 -5.81
N ARG B 10 4.18 -8.76 -6.03
CA ARG B 10 4.87 -7.84 -5.14
C ARG B 10 4.00 -6.67 -4.69
N GLY B 11 3.40 -6.00 -5.69
CA GLY B 11 2.54 -4.84 -5.44
C GLY B 11 1.33 -5.26 -4.61
N LEU B 12 0.74 -6.42 -4.89
CA LEU B 12 -0.43 -6.83 -4.11
C LEU B 12 -0.07 -6.89 -2.62
N ASN B 13 1.08 -7.50 -2.35
CA ASN B 13 1.52 -7.71 -0.98
C ASN B 13 1.73 -6.43 -0.18
N ARG B 14 2.50 -5.49 -0.75
CA ARG B 14 2.80 -4.21 -0.10
C ARG B 14 1.57 -3.33 0.05
N ILE B 15 0.69 -3.33 -0.95
CA ILE B 15 -0.51 -2.49 -0.87
C ILE B 15 -1.36 -2.90 0.33
N GLN B 16 -1.52 -4.19 0.57
CA GLN B 16 -2.27 -4.59 1.76
C GLN B 16 -1.67 -3.87 2.98
N THR B 17 -0.36 -3.84 3.10
CA THR B 17 0.25 -3.18 4.25
C THR B 17 -0.05 -1.68 4.26
N GLN B 18 0.13 -1.03 3.11
CA GLN B 18 -0.05 0.43 3.00
C GLN B 18 -1.06 0.97 4.01
N ILE B 19 -2.25 0.36 3.91
CA ILE B 19 -3.43 0.65 4.74
C ILE B 19 -3.40 -0.08 6.09
N LYS B 20 -2.56 -1.09 6.27
CA LYS B 20 -2.51 -1.70 7.60
C LYS B 20 -2.10 -0.62 8.62
N VAL B 21 -1.11 0.20 8.30
CA VAL B 21 -0.65 1.21 9.25
C VAL B 21 -1.73 2.22 9.64
N VAL B 22 -2.38 2.76 8.62
CA VAL B 22 -3.41 3.77 8.83
C VAL B 22 -4.64 3.21 9.58
N LYS B 23 -5.02 1.97 9.34
CA LYS B 23 -6.20 1.40 10.03
C LYS B 23 -6.08 1.65 11.53
N ALA B 24 -4.85 1.55 12.02
CA ALA B 24 -4.62 1.74 13.45
C ALA B 24 -5.20 3.09 13.88
N PHE B 25 -4.95 4.12 13.09
CA PHE B 25 -5.46 5.47 13.40
C PHE B 25 -6.99 5.53 13.38
N HIS B 26 -7.62 5.00 12.33
CA HIS B 26 -9.07 5.03 12.21
C HIS B 26 -9.75 4.08 13.20
N SER B 27 -9.05 3.64 14.24
CA SER B 27 -9.65 2.72 15.19
C SER B 27 -9.76 1.32 14.55
N SER B 28 -8.63 0.62 14.42
CA SER B 28 -8.62 -0.71 13.82
C SER B 28 -9.31 -0.69 12.47
CA CA C . 10.13 11.66 9.99
CA CA D . 4.89 11.51 20.93
CA CA E . -11.10 1.20 -17.84
CA CA F . -7.02 -9.42 -22.99
N ALA A 1 4.45 -13.04 22.41
CA ALA A 1 5.94 -13.12 22.33
C ALA A 1 6.39 -12.78 20.91
N ASP A 2 5.52 -12.12 20.15
CA ASP A 2 5.85 -11.73 18.78
C ASP A 2 7.05 -10.80 18.79
N GLN A 3 7.07 -9.82 19.68
CA GLN A 3 8.16 -8.85 19.71
C GLN A 3 9.02 -9.05 20.96
N LEU A 4 10.31 -9.30 20.75
CA LEU A 4 11.26 -9.54 21.84
C LEU A 4 12.61 -9.98 21.26
N THR A 5 12.64 -10.77 20.18
CA THR A 5 13.92 -11.19 19.63
C THR A 5 14.60 -10.03 18.92
N GLU A 6 15.92 -9.92 19.07
CA GLU A 6 16.66 -8.85 18.42
C GLU A 6 16.21 -8.68 16.97
N GLU A 7 16.42 -9.76 16.22
CA GLU A 7 16.09 -9.82 14.79
C GLU A 7 14.84 -8.99 14.49
N GLN A 8 13.88 -9.00 15.41
CA GLN A 8 12.64 -8.24 15.23
C GLN A 8 12.92 -6.74 15.30
N ILE A 9 13.80 -6.22 16.18
CA ILE A 9 14.07 -4.79 16.11
C ILE A 9 14.62 -4.54 14.70
N ALA A 10 15.52 -5.40 14.26
CA ALA A 10 16.13 -5.21 12.95
C ALA A 10 15.07 -5.04 11.86
N GLU A 11 14.13 -5.98 11.80
CA GLU A 11 13.09 -5.96 10.78
C GLU A 11 12.21 -4.71 10.87
N PHE A 12 11.81 -4.39 12.10
CA PHE A 12 10.95 -3.24 12.36
C PHE A 12 11.64 -1.95 11.95
N LYS A 13 12.94 -1.85 12.20
CA LYS A 13 13.67 -0.64 11.85
C LYS A 13 13.44 -0.28 10.38
N GLU A 14 13.70 -1.23 9.49
CA GLU A 14 13.52 -0.95 8.06
C GLU A 14 12.16 -0.30 7.82
N ALA A 15 11.15 -0.80 8.51
CA ALA A 15 9.79 -0.29 8.36
C ALA A 15 9.71 1.21 8.64
N PHE A 16 10.44 1.69 9.64
CA PHE A 16 10.39 3.10 9.99
C PHE A 16 10.75 4.02 8.83
N SER A 17 11.79 3.64 8.09
CA SER A 17 12.24 4.43 6.94
C SER A 17 11.18 4.48 5.84
N LEU A 18 10.18 3.60 5.93
CA LEU A 18 9.13 3.55 4.90
C LEU A 18 8.30 4.84 4.86
N PHE A 19 7.94 5.38 6.02
CA PHE A 19 7.12 6.61 6.07
C PHE A 19 7.93 7.84 6.48
N ASP A 20 9.13 7.62 6.99
CA ASP A 20 9.98 8.75 7.39
C ASP A 20 10.56 9.44 6.15
N LYS A 21 9.87 10.48 5.71
CA LYS A 21 10.31 11.24 4.53
C LYS A 21 11.59 12.02 4.81
N ASP A 22 11.66 12.76 5.93
CA ASP A 22 12.84 13.57 6.25
C ASP A 22 13.73 12.92 7.32
N GLY A 23 13.50 11.64 7.59
CA GLY A 23 14.30 10.93 8.60
C GLY A 23 14.67 11.82 9.77
N ASP A 24 13.68 12.53 10.32
CA ASP A 24 13.90 13.43 11.46
C ASP A 24 13.83 12.66 12.77
N GLY A 25 13.50 11.38 12.69
CA GLY A 25 13.40 10.54 13.90
C GLY A 25 12.00 10.58 14.50
N THR A 26 11.11 11.38 13.90
CA THR A 26 9.73 11.49 14.38
C THR A 26 8.76 11.48 13.21
N ILE A 27 7.54 11.02 13.46
CA ILE A 27 6.51 11.02 12.42
C ILE A 27 5.72 12.33 12.53
N THR A 28 5.67 13.06 11.42
CA THR A 28 4.98 14.37 11.40
C THR A 28 3.75 14.36 10.50
N THR A 29 2.94 15.39 10.67
CA THR A 29 1.69 15.53 9.93
C THR A 29 1.94 15.56 8.42
N LYS A 30 3.04 16.19 8.03
CA LYS A 30 3.37 16.31 6.61
C LYS A 30 3.57 14.94 5.97
N GLU A 31 4.54 14.19 6.48
CA GLU A 31 4.83 12.86 5.94
C GLU A 31 3.63 11.93 6.08
N LEU A 32 2.80 12.11 7.10
CA LEU A 32 1.63 11.23 7.24
C LEU A 32 0.73 11.38 6.00
N GLY A 33 0.39 12.63 5.74
CA GLY A 33 -0.51 12.99 4.65
C GLY A 33 0.03 12.57 3.28
N THR A 34 1.32 12.67 3.05
CA THR A 34 1.87 12.24 1.75
C THR A 34 1.53 10.77 1.53
N VAL A 35 1.84 9.88 2.47
CA VAL A 35 1.58 8.47 2.25
C VAL A 35 0.11 8.21 1.96
N MET A 36 -0.82 8.79 2.71
CA MET A 36 -2.23 8.57 2.46
C MET A 36 -2.59 9.01 1.04
N ARG A 37 -2.00 10.12 0.62
CA ARG A 37 -2.25 10.65 -0.73
C ARG A 37 -2.02 9.55 -1.78
N SER A 38 -0.97 8.78 -1.54
CA SER A 38 -0.60 7.67 -2.43
C SER A 38 -1.73 6.64 -2.47
N LEU A 39 -2.57 6.66 -1.44
CA LEU A 39 -3.69 5.72 -1.38
C LEU A 39 -4.77 6.14 -2.39
N GLY A 40 -4.53 7.23 -3.10
CA GLY A 40 -5.48 7.69 -4.10
C GLY A 40 -6.59 8.53 -3.51
N GLN A 41 -6.34 9.17 -2.37
CA GLN A 41 -7.34 10.01 -1.72
C GLN A 41 -6.78 11.41 -1.49
N ASN A 42 -7.67 12.36 -1.20
CA ASN A 42 -7.26 13.75 -0.96
C ASN A 42 -7.78 14.23 0.39
N PRO A 43 -7.15 13.84 1.49
CA PRO A 43 -7.60 14.25 2.85
C PRO A 43 -7.38 15.74 3.10
N THR A 44 -8.27 16.33 3.90
CA THR A 44 -8.16 17.74 4.22
C THR A 44 -7.11 17.95 5.30
N GLU A 45 -6.66 19.19 5.43
CA GLU A 45 -5.64 19.54 6.41
C GLU A 45 -6.09 19.14 7.82
N ALA A 46 -7.34 19.43 8.13
CA ALA A 46 -7.88 19.12 9.46
C ALA A 46 -7.74 17.64 9.79
N GLU A 47 -7.69 16.79 8.75
CA GLU A 47 -7.57 15.35 8.98
C GLU A 47 -6.22 15.04 9.63
N LEU A 48 -5.18 15.71 9.18
CA LEU A 48 -3.83 15.48 9.72
C LEU A 48 -3.86 15.67 11.25
N GLN A 49 -4.63 16.66 11.67
CA GLN A 49 -4.73 17.01 13.09
C GLN A 49 -5.54 16.00 13.89
N ASP A 50 -6.76 15.74 13.45
CA ASP A 50 -7.65 14.82 14.14
C ASP A 50 -7.01 13.44 14.35
N MET A 51 -6.47 12.87 13.29
CA MET A 51 -5.86 11.54 13.35
C MET A 51 -4.60 11.48 14.24
N ILE A 52 -3.68 12.41 14.01
CA ILE A 52 -2.44 12.43 14.77
C ILE A 52 -2.75 12.56 16.26
N ASN A 53 -3.66 13.45 16.61
CA ASN A 53 -4.01 13.67 18.02
C ASN A 53 -4.48 12.38 18.71
N GLU A 54 -5.19 11.52 17.98
CA GLU A 54 -5.70 10.29 18.58
C GLU A 54 -4.58 9.32 18.97
N VAL A 55 -3.55 9.21 18.12
CA VAL A 55 -2.44 8.29 18.41
C VAL A 55 -1.38 8.94 19.29
N ASP A 56 -1.35 10.27 19.31
CA ASP A 56 -0.32 11.00 20.04
C ASP A 56 -0.52 11.10 21.55
N ALA A 57 -0.03 10.07 22.22
CA ALA A 57 -0.19 9.91 23.66
C ALA A 57 0.47 11.02 24.48
N ASP A 58 1.64 11.48 24.05
CA ASP A 58 2.36 12.51 24.81
C ASP A 58 1.91 13.93 24.45
N GLY A 59 1.00 14.08 23.48
CA GLY A 59 0.51 15.40 23.10
C GLY A 59 1.61 16.30 22.54
N ASN A 60 2.69 15.71 22.03
CA ASN A 60 3.80 16.49 21.47
C ASN A 60 3.55 16.77 19.99
N GLY A 61 2.42 16.34 19.44
CA GLY A 61 2.08 16.67 18.05
C GLY A 61 2.69 15.72 17.02
N THR A 62 3.42 14.72 17.50
CA THR A 62 4.07 13.75 16.62
C THR A 62 4.08 12.38 17.27
N ILE A 63 4.38 11.34 16.50
CA ILE A 63 4.40 9.98 17.05
C ILE A 63 5.84 9.47 17.13
N ASP A 64 6.25 9.02 18.32
CA ASP A 64 7.61 8.51 18.52
C ASP A 64 7.63 6.98 18.56
N PHE A 65 8.80 6.40 18.81
CA PHE A 65 8.93 4.95 18.80
C PHE A 65 8.01 4.26 19.82
N PRO A 66 7.95 4.71 21.05
CA PRO A 66 7.07 4.06 22.06
C PRO A 66 5.62 4.02 21.61
N GLU A 67 5.09 5.17 21.19
CA GLU A 67 3.72 5.25 20.70
C GLU A 67 3.53 4.36 19.46
N PHE A 68 4.66 4.00 18.87
CA PHE A 68 4.63 3.14 17.68
C PHE A 68 4.39 1.69 18.08
N LEU A 69 5.24 1.14 18.94
CA LEU A 69 5.14 -0.26 19.34
C LEU A 69 3.79 -0.60 19.97
N THR A 70 3.30 0.22 20.88
CA THR A 70 2.00 -0.07 21.50
C THR A 70 1.00 -0.44 20.40
N MET A 71 0.95 0.35 19.33
CA MET A 71 0.01 0.10 18.24
C MET A 71 0.31 -1.18 17.48
N MET A 72 1.58 -1.40 17.15
CA MET A 72 1.97 -2.58 16.38
C MET A 72 1.62 -3.88 17.10
N ALA A 73 1.79 -3.91 18.40
CA ALA A 73 1.51 -5.09 19.20
C ALA A 73 0.02 -5.41 19.19
N ARG A 74 -0.83 -4.39 19.17
CA ARG A 74 -2.28 -4.60 19.17
C ARG A 74 -2.85 -4.59 17.74
N LYS A 75 -2.03 -4.20 16.78
CA LYS A 75 -2.48 -4.15 15.38
C LYS A 75 -2.39 -5.53 14.74
N MET A 76 -3.23 -6.44 15.21
CA MET A 76 -3.26 -7.82 14.68
C MET A 76 -4.50 -8.03 13.83
N LYS A 77 -5.10 -6.93 13.39
CA LYS A 77 -6.31 -6.99 12.59
C LYS A 77 -6.15 -7.96 11.42
N ASP A 78 -7.13 -8.85 11.29
CA ASP A 78 -7.12 -9.84 10.20
C ASP A 78 -7.89 -9.33 9.00
N THR A 79 -7.17 -8.94 7.95
CA THR A 79 -7.79 -8.50 6.70
C THR A 79 -7.97 -9.73 5.82
N ASP A 80 -9.22 -10.00 5.45
CA ASP A 80 -9.51 -11.08 4.50
C ASP A 80 -8.96 -10.61 3.15
N SER A 81 -7.91 -11.29 2.67
CA SER A 81 -7.29 -10.96 1.38
C SER A 81 -8.33 -10.56 0.33
N GLU A 82 -9.58 -10.95 0.55
CA GLU A 82 -10.66 -10.64 -0.41
C GLU A 82 -11.00 -9.15 -0.41
N GLU A 83 -10.95 -8.53 0.75
CA GLU A 83 -11.29 -7.11 0.86
C GLU A 83 -10.56 -6.29 -0.23
N GLU A 84 -9.33 -6.68 -0.57
CA GLU A 84 -8.55 -5.94 -1.57
C GLU A 84 -8.80 -6.47 -2.99
N ILE A 85 -9.36 -7.66 -3.08
CA ILE A 85 -9.64 -8.25 -4.39
C ILE A 85 -10.61 -7.38 -5.19
N ARG A 86 -11.88 -7.41 -4.82
CA ARG A 86 -12.90 -6.64 -5.55
C ARG A 86 -12.64 -5.13 -5.51
N GLU A 87 -12.20 -4.65 -4.36
CA GLU A 87 -11.94 -3.21 -4.20
C GLU A 87 -10.84 -2.73 -5.14
N ALA A 88 -9.80 -3.53 -5.28
CA ALA A 88 -8.70 -3.18 -6.16
C ALA A 88 -9.16 -3.03 -7.61
N PHE A 89 -10.31 -3.62 -7.91
CA PHE A 89 -10.86 -3.53 -9.27
C PHE A 89 -11.39 -2.14 -9.57
N ARG A 90 -12.23 -1.64 -8.67
CA ARG A 90 -12.86 -0.31 -8.85
C ARG A 90 -11.80 0.79 -9.05
N VAL A 91 -10.72 0.74 -8.28
CA VAL A 91 -9.67 1.75 -8.42
C VAL A 91 -9.01 1.62 -9.79
N PHE A 92 -8.73 0.39 -10.20
CA PHE A 92 -8.07 0.17 -11.49
C PHE A 92 -8.99 0.53 -12.66
N ASP A 93 -10.27 0.21 -12.52
CA ASP A 93 -11.25 0.60 -13.54
C ASP A 93 -11.80 1.98 -13.16
N LYS A 94 -11.07 3.02 -13.55
CA LYS A 94 -11.42 4.41 -13.20
C LYS A 94 -12.79 4.84 -13.74
N ASP A 95 -13.08 4.56 -15.00
CA ASP A 95 -14.36 4.97 -15.59
C ASP A 95 -15.40 3.87 -15.46
N GLY A 96 -15.05 2.78 -14.77
CA GLY A 96 -15.98 1.68 -14.59
C GLY A 96 -16.55 1.23 -15.93
N ASN A 97 -15.68 0.98 -16.91
CA ASN A 97 -16.09 0.54 -18.23
C ASN A 97 -16.10 -0.98 -18.31
N GLY A 98 -15.86 -1.64 -17.18
CA GLY A 98 -15.84 -3.10 -17.13
C GLY A 98 -14.50 -3.66 -17.56
N TYR A 99 -13.54 -2.80 -17.87
CA TYR A 99 -12.21 -3.25 -18.32
C TYR A 99 -11.10 -2.39 -17.72
N ILE A 100 -9.93 -3.01 -17.57
CA ILE A 100 -8.75 -2.29 -17.08
C ILE A 100 -7.95 -1.80 -18.28
N SER A 101 -7.86 -0.49 -18.43
CA SER A 101 -7.14 0.09 -19.58
C SER A 101 -5.66 0.32 -19.27
N ALA A 102 -4.79 0.32 -20.28
CA ALA A 102 -3.37 0.51 -20.04
C ALA A 102 -3.11 1.83 -19.33
N ALA A 103 -3.72 2.90 -19.81
CA ALA A 103 -3.52 4.21 -19.20
C ALA A 103 -3.79 4.15 -17.69
N GLU A 104 -4.83 3.41 -17.33
CA GLU A 104 -5.19 3.24 -15.92
C GLU A 104 -4.10 2.48 -15.17
N LEU A 105 -3.55 1.43 -15.78
CA LEU A 105 -2.49 0.64 -15.13
C LEU A 105 -1.23 1.49 -14.87
N ARG A 106 -0.81 2.23 -15.88
CA ARG A 106 0.40 3.05 -15.75
C ARG A 106 0.44 3.79 -14.41
N HIS A 107 -0.71 4.25 -13.92
CA HIS A 107 -0.76 4.98 -12.66
C HIS A 107 -0.47 4.04 -11.49
N VAL A 108 -0.76 2.76 -11.65
CA VAL A 108 -0.56 1.80 -10.57
C VAL A 108 0.91 1.77 -10.15
N MET A 109 1.81 1.78 -11.11
CA MET A 109 3.24 1.68 -10.83
C MET A 109 3.69 2.71 -9.80
N THR A 110 3.29 3.94 -10.08
CA THR A 110 3.65 5.08 -9.26
C THR A 110 3.33 4.83 -7.79
N ASN A 111 2.21 4.16 -7.56
CA ASN A 111 1.80 3.85 -6.20
C ASN A 111 2.78 2.87 -5.55
N LEU A 112 3.25 1.89 -6.30
CA LEU A 112 4.16 0.88 -5.76
C LEU A 112 5.62 1.36 -5.73
N GLY A 113 5.91 2.45 -6.44
CA GLY A 113 7.27 2.98 -6.51
C GLY A 113 8.15 2.08 -7.38
N GLU A 114 7.66 1.52 -8.49
CA GLU A 114 8.51 0.64 -9.30
C GLU A 114 9.36 1.44 -10.28
N LYS A 115 8.94 2.68 -10.58
CA LYS A 115 9.70 3.51 -11.52
C LYS A 115 10.17 2.66 -12.73
N LEU A 116 9.20 1.98 -13.28
CA LEU A 116 9.39 1.07 -14.43
C LEU A 116 9.60 1.84 -15.75
N THR A 117 10.31 1.20 -16.69
CA THR A 117 10.54 1.81 -18.01
C THR A 117 9.36 1.51 -18.93
N ASP A 118 9.38 2.10 -20.12
CA ASP A 118 8.32 1.86 -21.11
C ASP A 118 8.26 0.34 -21.35
N GLU A 119 9.43 -0.28 -21.49
CA GLU A 119 9.51 -1.70 -21.80
C GLU A 119 8.77 -2.56 -20.79
N GLU A 120 8.89 -2.21 -19.52
CA GLU A 120 8.22 -2.96 -18.48
C GLU A 120 6.70 -2.79 -18.51
N VAL A 121 6.24 -1.64 -18.98
CA VAL A 121 4.80 -1.39 -19.07
C VAL A 121 4.18 -2.38 -20.05
N ASP A 122 4.86 -2.56 -21.16
CA ASP A 122 4.40 -3.49 -22.20
C ASP A 122 4.60 -4.92 -21.76
N GLU A 123 5.69 -5.18 -21.05
CA GLU A 123 6.02 -6.54 -20.62
C GLU A 123 4.93 -7.17 -19.74
N MET A 124 4.60 -6.45 -18.67
CA MET A 124 3.58 -6.91 -17.72
C MET A 124 2.27 -7.16 -18.45
N ILE A 125 1.92 -6.24 -19.34
CA ILE A 125 0.66 -6.35 -20.08
C ILE A 125 0.63 -7.64 -20.89
N ARG A 126 1.73 -7.98 -21.54
CA ARG A 126 1.80 -9.20 -22.34
C ARG A 126 1.52 -10.44 -21.47
N GLU A 127 2.05 -10.43 -20.26
CA GLU A 127 1.88 -11.58 -19.36
C GLU A 127 0.40 -11.89 -19.08
N ALA A 128 -0.41 -10.85 -18.89
CA ALA A 128 -1.84 -11.06 -18.59
C ALA A 128 -2.70 -11.12 -19.86
N ASP A 129 -2.20 -10.50 -20.92
CA ASP A 129 -2.95 -10.46 -22.18
C ASP A 129 -2.99 -11.80 -22.88
N ILE A 130 -4.01 -12.57 -22.53
CA ILE A 130 -4.17 -13.92 -23.07
C ILE A 130 -4.58 -13.92 -24.55
N ASP A 131 -5.02 -12.73 -24.96
CA ASP A 131 -5.44 -12.43 -26.32
C ASP A 131 -4.99 -11.03 -26.72
N GLY A 132 -4.61 -10.86 -27.98
CA GLY A 132 -4.13 -9.57 -28.46
C GLY A 132 -5.22 -8.51 -28.56
N ASP A 133 -5.97 -8.31 -27.49
CA ASP A 133 -7.04 -7.30 -27.48
C ASP A 133 -6.49 -5.96 -26.97
N GLY A 134 -5.28 -5.98 -26.45
CA GLY A 134 -4.62 -4.74 -26.00
C GLY A 134 -5.14 -4.21 -24.66
N GLN A 135 -6.06 -4.94 -24.03
CA GLN A 135 -6.62 -4.52 -22.74
C GLN A 135 -6.70 -5.69 -21.78
N VAL A 136 -6.67 -5.41 -20.48
CA VAL A 136 -6.72 -6.47 -19.47
C VAL A 136 -8.13 -6.60 -18.90
N ASN A 137 -8.75 -7.77 -19.08
CA ASN A 137 -10.10 -7.99 -18.58
C ASN A 137 -10.08 -8.42 -17.12
N TYR A 138 -11.26 -8.54 -16.53
CA TYR A 138 -11.38 -8.95 -15.14
C TYR A 138 -10.79 -10.35 -14.94
N GLU A 139 -11.04 -11.24 -15.89
CA GLU A 139 -10.53 -12.60 -15.80
C GLU A 139 -9.00 -12.62 -15.77
N GLU A 140 -8.37 -11.83 -16.65
CA GLU A 140 -6.92 -11.79 -16.70
C GLU A 140 -6.35 -11.20 -15.42
N PHE A 141 -7.03 -10.19 -14.88
CA PHE A 141 -6.59 -9.54 -13.66
C PHE A 141 -6.57 -10.54 -12.50
N VAL A 142 -7.63 -11.32 -12.38
CA VAL A 142 -7.74 -12.32 -11.31
C VAL A 142 -6.66 -13.40 -11.45
N GLN A 143 -6.51 -13.90 -12.67
CA GLN A 143 -5.53 -14.96 -12.90
C GLN A 143 -4.19 -14.55 -12.32
N MET A 144 -3.78 -13.31 -12.55
CA MET A 144 -2.49 -12.82 -12.09
C MET A 144 -2.42 -12.59 -10.58
N MET A 145 -3.51 -12.08 -10.00
CA MET A 145 -3.55 -11.81 -8.57
C MET A 145 -3.62 -13.11 -7.76
N THR A 146 -4.49 -14.04 -8.17
CA THR A 146 -4.62 -15.31 -7.45
C THR A 146 -3.52 -16.28 -7.85
N ALA A 147 -3.03 -16.18 -9.09
CA ALA A 147 -1.96 -17.09 -9.53
C ALA A 147 -0.92 -17.30 -8.42
N LYS A 148 -0.89 -18.51 -7.88
CA LYS A 148 0.06 -18.83 -6.81
C LYS A 148 -0.18 -17.94 -5.60
N LEU B 1 13.91 -19.17 -17.90
CA LEU B 1 12.87 -19.64 -16.95
C LEU B 1 12.65 -18.57 -15.88
N ARG B 2 11.41 -18.08 -15.79
CA ARG B 2 11.06 -17.05 -14.82
C ARG B 2 9.62 -17.22 -14.36
N ARG B 3 9.24 -16.42 -13.38
CA ARG B 3 7.89 -16.47 -12.82
C ARG B 3 7.29 -15.06 -12.73
N GLY B 4 6.35 -14.74 -13.60
CA GLY B 4 5.72 -13.42 -13.58
C GLY B 4 5.07 -13.14 -12.23
N GLN B 5 5.21 -14.09 -11.31
CA GLN B 5 4.60 -13.97 -9.99
C GLN B 5 5.15 -12.77 -9.22
N ILE B 6 6.46 -12.60 -9.25
CA ILE B 6 7.10 -11.50 -8.51
C ILE B 6 6.59 -10.13 -8.96
N LEU B 7 6.57 -9.90 -10.26
CA LEU B 7 6.13 -8.60 -10.78
C LEU B 7 4.71 -8.24 -10.32
N TRP B 8 3.73 -9.05 -10.70
CA TRP B 8 2.33 -8.77 -10.34
C TRP B 8 2.10 -8.79 -8.83
N PHE B 9 2.51 -9.91 -8.22
CA PHE B 9 2.26 -10.17 -6.82
C PHE B 9 2.86 -9.15 -5.85
N ARG B 10 4.12 -8.80 -6.07
CA ARG B 10 4.80 -7.87 -5.18
C ARG B 10 3.92 -6.71 -4.73
N GLY B 11 3.29 -6.05 -5.70
CA GLY B 11 2.44 -4.91 -5.42
C GLY B 11 1.25 -5.33 -4.54
N LEU B 12 0.69 -6.49 -4.80
CA LEU B 12 -0.45 -6.93 -3.99
C LEU B 12 -0.06 -6.96 -2.51
N ASN B 13 1.12 -7.51 -2.26
CA ASN B 13 1.61 -7.68 -0.91
C ASN B 13 1.73 -6.38 -0.12
N ARG B 14 2.38 -5.38 -0.73
CA ARG B 14 2.58 -4.09 -0.09
C ARG B 14 1.28 -3.34 0.15
N ILE B 15 0.34 -3.43 -0.79
CA ILE B 15 -0.92 -2.71 -0.65
C ILE B 15 -1.64 -3.18 0.61
N GLN B 16 -1.65 -4.47 0.89
CA GLN B 16 -2.30 -4.92 2.13
C GLN B 16 -1.71 -4.10 3.29
N THR B 17 -0.40 -3.93 3.34
CA THR B 17 0.21 -3.17 4.42
C THR B 17 -0.21 -1.70 4.40
N GLN B 18 -0.15 -1.08 3.22
CA GLN B 18 -0.47 0.35 3.08
C GLN B 18 -1.45 0.84 4.14
N ILE B 19 -2.60 0.14 4.12
CA ILE B 19 -3.73 0.40 5.00
C ILE B 19 -3.60 -0.33 6.35
N LYS B 20 -2.70 -1.29 6.50
CA LYS B 20 -2.55 -1.90 7.83
C LYS B 20 -2.14 -0.80 8.82
N VAL B 21 -1.19 0.04 8.46
CA VAL B 21 -0.72 1.08 9.38
C VAL B 21 -1.81 2.07 9.78
N VAL B 22 -2.51 2.58 8.78
CA VAL B 22 -3.55 3.59 8.99
C VAL B 22 -4.73 3.01 9.78
N LYS B 23 -5.10 1.76 9.57
CA LYS B 23 -6.24 1.19 10.30
C LYS B 23 -6.09 1.46 11.79
N ALA B 24 -4.85 1.37 12.25
CA ALA B 24 -4.57 1.61 13.66
C ALA B 24 -5.15 2.96 14.08
N PHE B 25 -4.93 3.98 13.25
CA PHE B 25 -5.44 5.33 13.54
C PHE B 25 -6.97 5.38 13.56
N HIS B 26 -7.62 4.84 12.54
CA HIS B 26 -9.09 4.87 12.45
C HIS B 26 -9.74 3.96 13.49
N SER B 27 -9.04 3.60 14.55
CA SER B 27 -9.62 2.71 15.55
C SER B 27 -9.80 1.32 14.96
N SER B 28 -8.72 0.55 14.87
CA SER B 28 -8.80 -0.79 14.30
C SER B 28 -9.45 -0.72 12.92
CA CA C . 9.93 11.39 9.59
CA CA D . 4.81 11.43 20.69
CA CA E . -11.35 1.39 -17.64
CA CA F . -6.86 -9.34 -22.68
#